data_9LQ6
#
_entry.id   9LQ6
#
_cell.length_a   1.00
_cell.length_b   1.00
_cell.length_c   1.00
_cell.angle_alpha   90.00
_cell.angle_beta   90.00
_cell.angle_gamma   90.00
#
_symmetry.space_group_name_H-M   'P 1'
#
loop_
_entity.id
_entity.type
_entity.pdbx_description
1 polymer Cmr1
2 polymer 'Type III-B CRISPR-associated protein Cas10/Cmr2'
3 polymer 'CRISPR-associated protein Cmr3'
4 polymer 'Type III-B CRISPR module RAMP protein Cmr4'
5 polymer 'CRISPR type III-B/RAMP module-associated protein Cmr5'
6 polymer 'RAMP superfamily protein'
7 polymer adTR
8 polymer crRNA
9 non-polymer "ADENOSINE-5'-TRIPHOSPHATE"
10 non-polymer S-ADENOSYLMETHIONINE
11 non-polymer 'MANGANESE (II) ION'
#
loop_
_entity_poly.entity_id
_entity_poly.type
_entity_poly.pdbx_seq_one_letter_code
_entity_poly.pdbx_strand_id
1 'polypeptide(L)'
;MNQLTAILKQHTPMIHFQHNESGATLRASEVKPLLDKFILTKLGNGDIREGRLYAKKNNWLIDNEKNYALNYKLSISLQK
KSRLEYLITSSTFPLPTERPSNFFTIQNSPYFAQEKCVGINTNSTIILKKSNSDPRKKEAEFKEKNWSQIDKKGLEWQDF
TIKIFSLKGDLINKIQTYLPAFFICHNFGTRNNKGFGSFTVEYINNQKNICNVEDTLKENFAFVYKKKIALSRQSTLDFI
YIYNQIFSTIKKDYQILKSGYNFRNEYIKSLLFCYFVSKYPNYRWEKRKMKQLIKARGYELKGDHSPISGIRENDNSWND
PNPNGYNYAYIRAILGLAEQYEFQLETPYQKAIVKIKSANNCISRYKSPLLFKIINNSIYLVGNEINTEILNKPFQYSYI
EQTKNKNMRTGKSEITERTMHINEIEMNYKNRINYHYTPTSFSLIDFMQYAMSYKKNGKNILNYIPLKQ
;
A
2 'polypeptide(L)'
;MKYIAITLGPITRTIEMAESTKELWAASYFFSYLAKKIVEPFVKKNRTFQLPLINEEMQKPHCGAGLFPDRYIFKSEPGD
LELLKQHSDQVLIEIAGHIASPSLPGTAKDVSQIYHYLKSYIKIYFIERTLESDDPHVVIPACEKYLNIIENQETFPEQE
ETMISHQKSDFLKFLITNVNGKIYRKDKNSIPRFTGSFLTRDAFGDMNGERLFESILEISASELNINIQQKALEVITANE
KNKGEKYSDQIWDAEEIILNDNKAQLRPYHKYIAIIKSDGDSMGETIKSMGAYNIPITQLSKALLSFNIESINEIVAYGG
KPIFIGGDDLLCFAPVCCNGNNVFNLVEKLSTCFDQCINQHLQQYINACSEAQRPLPSLSFGISITYHKYPMFEALHTTD
YLLEMVAKDNLFKYTLSNKNILNENMKRFILKNKLAFSLQKHSGQIYHTAMSKKGKSYVKFNMLLQKYILKNKDMSKTQE
SEKFLSSVIQMIRAHAEILQIILQNEDKRTEMLKNYFDNNFNESCHLGYTGLFEDIQTLLCLRYQENIQDYQNRNEIIQQ
NTILTSDEKEILIVSPAMDAIHTIFTALQFIHFINYNKDE
;
B
3 'polypeptide(L)'
;MSHHHHHHHHDGKPIPNPLLGLDSTGSDQTENSGENLYFQGANAMNRHYLITLTPMDWFFFGGERTLDDGKSADYISHSN
KFPQQSALLGMIRYQLLKQHNLLSQFPYTENKPTEKEIMKTLIGEQSFRMTERKAKSLGLGVIKQISPLMLIECKDDTSS
RSIYFPLPLDDGYKVSFNETSNEDKVFYNGIECPIPNVYPASEEQDSGNQKRKFFDHKTYNNYLFWCTQGNNQIKKLLSD
EIWISKMQIGITKHVEEGEDNDKSFYKQEFLQLKKSFIYAFYITLSGESELSSDIIQLGGQRSVFRMEVESIEENSDIQE
KYQTAAQFLTQSDRLLILSPTYVDNLKELSALCNFMWSDSIVFRNIQTTNASNFYGKPIKSSSKYHFLKPGSVLYFKQGK
RKEVEKLLMDYTYLRLSGYNIYI
;
C
4 'polypeptide(L)'
;MTTRMYVINTLSNMHVGSGEVNYGVIANLIQRDSVTNLPNINSSGLKGAIREYFKENEDLVRELFGSAPRDEKTLPGKVR
FFEANLLSMPVRSDKVPFLMAISDEVLQELITKMKFFNCEEATQYISHLSTLLDNIKTQAQGTDFAYVFDPLLQGAIIEE
VSIRATCPSHIPLQPSLKKLLGDRLVILSHKYFSILSDDNHLPVLSRNNLENGQSANLWYEQVLPRYSRLYFMLMDGNAQ
SEYLKKFRDTLCTPSTIIQIGANASIGYGYCQISELSPF
;
D,E,F
5 'polypeptide(L)'
;MKISKKQIEYAIEALRANNIITNDNQYPKVFKGYISSFGAAVIQSGLIPAIIFFENEDNDANADRHKIIGVLKDIINAMR
QQYTVTDATILVSSQIPANYSMAQYIIEHGNTDQLLKEITEAAVAMKLALRMYKSE
;
G,H
6 'polypeptide(L)'
;MPKNYTLQNASNLGWLFYKDYYRQEPNVDFISTQGKESDTTADFFRKTNQRITAYQLNSESPLVAAFNNHFGTPLQLKTI
YPGLITGSGLPHQTGSKGEFKLGFQFDYTTGLPYIPGSSIKGTLRSMFPFSLKDKGSTKRILPEYRKERMEYIRDLIIEV
TNINEISDTEIQALEYAIFTNSTPSGKTIEFSLEEKDVFYDAFVADSKDGVMLSDDYITPHGENPLKDPKPILFLKIRPD
VTINFYFKLCTTHLYKEKVCSSKQIEEIKKQNDFSSSDYKMITAHQKRNLFEKILLCIGIGAKTNIGYGQLKKL
;
I
7 'polyribonucleotide' CACAAGGGACGCCACUUCAUGGAAAUAAAUCACUCACGAAU K
8 'polyribonucleotide' AUUAAGACAUUCGUGAGUGAUUUAUUUCCAUGAAGUGGCGUCCCUUGUG J
#
loop_
_chem_comp.id
_chem_comp.type
_chem_comp.name
_chem_comp.formula
A RNA linking ADENOSINE-5'-MONOPHOSPHATE 'C10 H14 N5 O7 P'
ATP non-polymer ADENOSINE-5'-TRIPHOSPHATE 'C10 H16 N5 O13 P3'
C RNA linking CYTIDINE-5'-MONOPHOSPHATE 'C9 H14 N3 O8 P'
G RNA linking GUANOSINE-5'-MONOPHOSPHATE 'C10 H14 N5 O8 P'
MN non-polymer 'MANGANESE (II) ION' 'Mn 2'
SAM non-polymer S-ADENOSYLMETHIONINE 'C15 H22 N6 O5 S'
U RNA linking URIDINE-5'-MONOPHOSPHATE 'C9 H13 N2 O9 P'
#
# COMPACT_ATOMS: atom_id res chain seq x y z
N MET A 1 42.12 5.47 39.29
CA MET A 1 42.47 4.86 38.02
C MET A 1 41.41 3.87 37.59
N ASN A 2 41.63 3.22 36.45
CA ASN A 2 40.73 2.19 35.96
C ASN A 2 41.36 0.80 35.89
N GLN A 3 42.68 0.70 35.95
CA GLN A 3 43.37 -0.58 35.91
C GLN A 3 44.24 -0.72 37.16
N LEU A 4 44.07 -1.83 37.86
CA LEU A 4 44.87 -2.16 39.04
C LEU A 4 45.73 -3.36 38.71
N THR A 5 47.04 -3.21 38.83
CA THR A 5 48.00 -4.26 38.51
C THR A 5 48.73 -4.65 39.78
N ALA A 6 48.77 -5.96 40.05
CA ALA A 6 49.44 -6.47 41.23
C ALA A 6 50.31 -7.66 40.86
N ILE A 7 51.38 -7.86 41.63
CA ILE A 7 52.30 -8.97 41.45
C ILE A 7 52.17 -9.88 42.66
N LEU A 8 51.95 -11.17 42.41
CA LEU A 8 51.70 -12.15 43.46
C LEU A 8 52.89 -13.06 43.63
N LYS A 9 53.19 -13.38 44.89
CA LYS A 9 54.19 -14.37 45.24
C LYS A 9 53.50 -15.64 45.72
N GLN A 10 54.09 -16.78 45.42
CA GLN A 10 53.54 -18.08 45.80
C GLN A 10 54.38 -18.69 46.90
N HIS A 11 53.72 -19.09 47.98
CA HIS A 11 54.41 -19.68 49.12
C HIS A 11 54.32 -21.21 49.15
N THR A 12 53.19 -21.77 48.75
CA THR A 12 53.02 -23.21 48.62
C THR A 12 52.48 -23.54 47.25
N PRO A 13 52.78 -24.72 46.72
CA PRO A 13 52.32 -25.06 45.37
C PRO A 13 50.81 -25.18 45.29
N MET A 14 50.29 -24.89 44.09
CA MET A 14 48.87 -25.00 43.80
C MET A 14 48.62 -26.27 42.99
N ILE A 15 47.53 -26.96 43.30
CA ILE A 15 47.18 -28.21 42.64
C ILE A 15 46.21 -27.87 41.52
N HIS A 16 46.72 -27.83 40.29
CA HIS A 16 45.96 -27.38 39.14
C HIS A 16 45.51 -28.58 38.32
N PHE A 17 44.22 -28.60 37.97
CA PHE A 17 43.69 -29.66 37.12
C PHE A 17 43.92 -29.39 35.64
N GLN A 18 44.28 -28.17 35.27
CA GLN A 18 44.60 -27.80 33.90
C GLN A 18 46.08 -27.54 33.73
N HIS A 19 46.90 -28.37 34.37
CA HIS A 19 48.35 -28.23 34.33
C HIS A 19 48.91 -28.45 32.94
N ASN A 20 48.12 -28.99 32.01
CA ASN A 20 48.64 -29.36 30.70
C ASN A 20 49.11 -28.14 29.93
N GLU A 21 48.41 -27.03 30.05
CA GLU A 21 48.79 -25.82 29.33
C GLU A 21 49.99 -25.14 29.99
N SER A 22 50.86 -24.58 29.17
CA SER A 22 52.04 -23.90 29.70
C SER A 22 51.68 -22.57 30.35
N GLY A 23 50.54 -22.00 29.98
CA GLY A 23 50.06 -20.77 30.58
C GLY A 23 49.19 -20.95 31.80
N ALA A 24 49.12 -22.16 32.34
CA ALA A 24 48.22 -22.44 33.44
C ALA A 24 48.67 -21.71 34.70
N THR A 25 47.75 -21.02 35.35
CA THR A 25 48.03 -20.28 36.56
C THR A 25 46.75 -20.24 37.41
N LEU A 26 46.73 -19.33 38.38
CA LEU A 26 45.54 -19.14 39.19
C LEU A 26 44.36 -18.78 38.31
N ARG A 27 43.25 -19.49 38.50
CA ARG A 27 42.06 -19.26 37.69
C ARG A 27 41.23 -18.12 38.29
N ALA A 28 40.96 -17.11 37.48
CA ALA A 28 40.11 -16.01 37.91
C ALA A 28 38.66 -16.43 38.13
N SER A 29 38.27 -17.60 37.63
CA SER A 29 36.92 -18.11 37.84
C SER A 29 36.64 -18.47 39.28
N GLU A 30 37.68 -18.61 40.10
CA GLU A 30 37.49 -18.83 41.54
C GLU A 30 38.07 -17.70 42.39
N VAL A 31 38.84 -16.79 41.82
CA VAL A 31 39.34 -15.66 42.57
C VAL A 31 38.31 -14.54 42.63
N LYS A 32 37.72 -14.19 41.48
CA LYS A 32 36.73 -13.12 41.46
C LYS A 32 35.50 -13.43 42.28
N PRO A 33 34.87 -14.61 42.18
CA PRO A 33 33.71 -14.89 43.05
C PRO A 33 34.05 -14.81 44.53
N LEU A 34 35.25 -15.26 44.92
CA LEU A 34 35.64 -15.18 46.32
C LEU A 34 35.99 -13.75 46.71
N LEU A 35 36.62 -13.01 45.81
CA LEU A 35 36.98 -11.62 46.11
C LEU A 35 35.74 -10.75 46.23
N ASP A 36 34.72 -11.01 45.40
CA ASP A 36 33.48 -10.26 45.51
C ASP A 36 32.83 -10.44 46.87
N LYS A 37 32.79 -11.69 47.35
CA LYS A 37 32.26 -11.95 48.68
C LYS A 37 33.10 -11.27 49.75
N PHE A 38 34.43 -11.33 49.61
CA PHE A 38 35.31 -10.72 50.60
C PHE A 38 35.08 -9.21 50.66
N ILE A 39 35.00 -8.55 49.52
CA ILE A 39 34.84 -7.10 49.50
C ILE A 39 33.49 -6.69 50.08
N LEU A 40 32.43 -7.41 49.72
CA LEU A 40 31.12 -7.11 50.28
C LEU A 40 31.09 -7.34 51.78
N THR A 41 31.77 -8.39 52.26
CA THR A 41 31.83 -8.66 53.69
C THR A 41 32.53 -7.54 54.43
N LYS A 42 33.63 -7.03 53.87
CA LYS A 42 34.35 -5.94 54.51
C LYS A 42 33.65 -4.60 54.33
N LEU A 43 32.85 -4.45 53.28
CA LEU A 43 32.09 -3.22 53.09
C LEU A 43 30.98 -3.08 54.12
N GLY A 44 30.41 -4.19 54.60
CA GLY A 44 29.34 -4.14 55.58
C GLY A 44 29.83 -4.30 56.99
N ASN A 45 31.15 -4.20 57.19
CA ASN A 45 31.78 -4.35 58.50
C ASN A 45 31.39 -5.69 59.13
N GLY A 46 31.78 -6.77 58.47
CA GLY A 46 31.57 -8.10 58.97
C GLY A 46 30.34 -8.80 58.45
N ASP A 47 29.43 -8.09 57.80
CA ASP A 47 28.22 -8.68 57.25
C ASP A 47 28.18 -8.48 55.73
N ILE A 48 27.39 -9.32 55.07
CA ILE A 48 27.40 -9.37 53.61
C ILE A 48 26.17 -8.65 53.05
N ARG A 49 25.08 -8.62 53.82
CA ARG A 49 23.85 -8.02 53.31
C ARG A 49 23.95 -6.50 53.28
N GLU A 50 24.58 -5.91 54.30
CA GLU A 50 24.77 -4.46 54.29
C GLU A 50 25.85 -4.05 53.30
N GLY A 51 26.82 -4.93 53.04
CA GLY A 51 27.84 -4.62 52.05
C GLY A 51 27.27 -4.55 50.65
N ARG A 52 26.33 -5.43 50.33
CA ARG A 52 25.72 -5.38 49.01
C ARG A 52 24.79 -4.18 48.88
N LEU A 53 24.17 -3.74 49.98
CA LEU A 53 23.43 -2.49 49.96
C LEU A 53 24.36 -1.31 49.72
N TYR A 54 25.57 -1.36 50.28
CA TYR A 54 26.58 -0.34 50.01
C TYR A 54 26.95 -0.33 48.53
N ALA A 55 27.16 -1.52 47.95
CA ALA A 55 27.47 -1.58 46.52
C ALA A 55 26.25 -1.29 45.66
N LYS A 56 25.05 -1.62 46.17
CA LYS A 56 23.83 -1.23 45.48
C LYS A 56 23.69 0.28 45.41
N LYS A 57 24.01 0.96 46.51
CA LYS A 57 23.97 2.41 46.54
C LYS A 57 24.97 3.02 45.55
N ASN A 58 26.20 2.51 45.57
CA ASN A 58 27.28 3.07 44.76
C ASN A 58 27.29 2.54 43.33
N ASN A 59 26.32 1.71 42.95
CA ASN A 59 26.19 1.19 41.59
C ASN A 59 27.40 0.34 41.19
N TRP A 60 27.85 -0.49 42.13
CA TRP A 60 29.01 -1.34 41.92
C TRP A 60 28.64 -2.76 41.52
N LEU A 61 27.37 -3.09 41.44
CA LEU A 61 26.92 -4.46 41.17
C LEU A 61 26.52 -4.62 39.72
N ILE A 62 26.79 -5.82 39.19
CA ILE A 62 26.35 -6.12 37.83
C ILE A 62 24.83 -6.20 37.76
N ASP A 63 24.21 -6.86 38.74
CA ASP A 63 22.76 -6.88 38.88
C ASP A 63 22.42 -6.46 40.30
N ASN A 64 21.49 -5.52 40.42
CA ASN A 64 21.20 -4.90 41.72
C ASN A 64 20.35 -5.78 42.63
N GLU A 65 19.78 -6.87 42.13
CA GLU A 65 18.83 -7.65 42.90
C GLU A 65 19.19 -9.11 43.08
N LYS A 66 20.07 -9.69 42.27
CA LYS A 66 20.24 -11.14 42.25
C LYS A 66 21.51 -11.62 42.94
N ASN A 67 22.68 -11.16 42.51
CA ASN A 67 23.92 -11.81 42.88
C ASN A 67 24.86 -10.85 43.61
N TYR A 68 25.99 -11.40 44.05
CA TYR A 68 27.02 -10.65 44.74
C TYR A 68 28.09 -10.08 43.81
N ALA A 69 27.94 -10.28 42.51
CA ALA A 69 29.01 -9.96 41.56
C ALA A 69 29.20 -8.46 41.43
N LEU A 70 30.46 -8.03 41.47
CA LEU A 70 30.84 -6.64 41.28
C LEU A 70 31.34 -6.42 39.87
N ASN A 71 31.18 -5.19 39.39
CA ASN A 71 31.50 -4.84 38.01
C ASN A 71 32.98 -4.52 37.88
N TYR A 72 33.78 -5.57 37.72
CA TYR A 72 35.18 -5.43 37.36
C TYR A 72 35.60 -6.68 36.60
N LYS A 73 36.76 -6.59 35.95
CA LYS A 73 37.29 -7.68 35.14
C LYS A 73 38.58 -8.17 35.78
N LEU A 74 38.73 -9.49 35.84
CA LEU A 74 39.88 -10.12 36.46
C LEU A 74 40.67 -10.89 35.41
N SER A 75 41.98 -10.68 35.38
CA SER A 75 42.87 -11.35 34.42
C SER A 75 44.16 -11.70 35.14
N ILE A 76 44.41 -13.00 35.31
CA ILE A 76 45.61 -13.50 35.95
C ILE A 76 46.47 -14.18 34.89
N SER A 77 47.65 -13.63 34.64
CA SER A 77 48.53 -14.13 33.60
C SER A 77 49.91 -14.39 34.18
N LEU A 78 50.59 -15.39 33.62
CA LEU A 78 51.95 -15.69 34.02
C LEU A 78 52.92 -14.76 33.30
N GLN A 79 53.87 -14.20 34.05
CA GLN A 79 54.89 -13.37 33.44
C GLN A 79 56.00 -14.21 32.83
N LYS A 80 56.67 -15.01 33.65
CA LYS A 80 57.67 -15.96 33.18
C LYS A 80 57.11 -17.37 33.32
N LYS A 81 57.21 -18.15 32.24
CA LYS A 81 56.42 -19.35 32.06
C LYS A 81 57.11 -20.63 32.55
N SER A 82 58.08 -20.51 33.44
CA SER A 82 58.78 -21.67 33.95
C SER A 82 58.16 -22.10 35.27
N ARG A 83 57.88 -23.40 35.40
CA ARG A 83 57.17 -23.95 36.55
C ARG A 83 58.03 -24.96 37.29
N LEU A 84 57.70 -25.16 38.55
CA LEU A 84 58.19 -26.28 39.35
C LEU A 84 57.02 -27.22 39.59
N GLU A 85 57.14 -28.45 39.10
CA GLU A 85 56.05 -29.41 39.14
C GLU A 85 56.23 -30.36 40.32
N TYR A 86 55.21 -30.48 41.15
CA TYR A 86 55.26 -31.27 42.36
C TYR A 86 54.30 -32.45 42.26
N LEU A 87 54.73 -33.61 42.77
CA LEU A 87 53.85 -34.75 42.99
C LEU A 87 53.51 -34.79 44.48
N ILE A 88 52.23 -34.64 44.79
CA ILE A 88 51.77 -34.56 46.17
C ILE A 88 50.98 -35.82 46.49
N THR A 89 51.47 -36.61 47.43
CA THR A 89 50.81 -37.82 47.89
C THR A 89 50.81 -37.85 49.40
N SER A 90 50.17 -38.88 49.96
CA SER A 90 50.10 -39.05 51.41
C SER A 90 51.03 -40.14 51.92
N SER A 91 51.55 -40.98 51.04
CA SER A 91 52.38 -42.12 51.44
C SER A 91 53.82 -41.86 51.05
N THR A 92 54.74 -42.15 51.95
CA THR A 92 56.16 -42.02 51.66
C THR A 92 56.60 -43.11 50.68
N PHE A 93 57.48 -42.75 49.75
CA PHE A 93 57.96 -43.69 48.77
C PHE A 93 59.37 -43.31 48.36
N PRO A 94 60.20 -44.27 47.95
CA PRO A 94 61.57 -43.95 47.54
C PRO A 94 61.60 -43.07 46.30
N LEU A 95 62.60 -42.23 46.25
CA LEU A 95 62.76 -41.24 45.20
C LEU A 95 63.57 -41.80 44.05
N PRO A 96 63.08 -41.73 42.81
CA PRO A 96 63.85 -42.28 41.69
C PRO A 96 65.08 -41.43 41.40
N THR A 97 66.13 -42.11 40.96
CA THR A 97 67.32 -41.39 40.51
C THR A 97 67.29 -41.13 39.02
N GLU A 98 66.14 -40.66 38.53
CA GLU A 98 66.00 -40.20 37.16
C GLU A 98 64.74 -39.34 37.12
N ARG A 99 64.90 -38.03 37.04
CA ARG A 99 63.76 -37.13 37.08
C ARG A 99 64.03 -35.93 36.20
N PRO A 100 63.01 -35.26 35.70
CA PRO A 100 63.22 -33.94 35.10
C PRO A 100 63.64 -32.94 36.16
N SER A 101 64.30 -31.87 35.70
CA SER A 101 64.88 -30.91 36.62
C SER A 101 63.83 -30.19 37.47
N ASN A 102 62.57 -30.18 37.03
CA ASN A 102 61.52 -29.48 37.75
C ASN A 102 60.56 -30.42 38.48
N PHE A 103 60.91 -31.69 38.63
CA PHE A 103 60.05 -32.67 39.27
C PHE A 103 60.44 -32.79 40.74
N PHE A 104 59.51 -32.49 41.63
CA PHE A 104 59.73 -32.58 43.06
C PHE A 104 58.58 -33.33 43.71
N THR A 105 58.84 -33.87 44.90
CA THR A 105 57.89 -34.74 45.58
C THR A 105 57.62 -34.22 46.98
N ILE A 106 56.35 -34.15 47.35
CA ILE A 106 55.92 -33.89 48.72
C ILE A 106 55.36 -35.21 49.24
N GLN A 107 56.05 -35.80 50.22
CA GLN A 107 55.83 -37.20 50.56
C GLN A 107 54.62 -37.39 51.47
N ASN A 108 54.67 -36.84 52.67
CA ASN A 108 53.64 -37.04 53.68
C ASN A 108 52.77 -35.78 53.71
N SER A 109 51.70 -35.79 52.94
CA SER A 109 50.86 -34.62 52.77
C SER A 109 49.40 -34.96 53.04
N PRO A 110 48.57 -33.97 53.34
CA PRO A 110 47.15 -34.20 53.52
C PRO A 110 46.36 -34.40 52.24
N TYR A 111 47.03 -34.62 51.11
CA TYR A 111 46.36 -34.78 49.81
C TYR A 111 46.31 -36.26 49.47
N PHE A 112 45.24 -36.92 49.91
CA PHE A 112 45.01 -38.34 49.65
C PHE A 112 44.15 -38.57 48.40
N ALA A 113 44.46 -37.93 47.28
CA ALA A 113 43.60 -38.06 46.12
C ALA A 113 44.25 -38.77 44.95
N GLN A 114 45.56 -38.68 44.81
CA GLN A 114 46.29 -39.32 43.73
C GLN A 114 47.25 -40.36 44.30
N GLU A 115 46.77 -41.14 45.27
CA GLU A 115 47.61 -42.15 45.91
C GLU A 115 47.94 -43.29 44.96
N LYS A 116 47.09 -43.54 43.96
CA LYS A 116 47.36 -44.60 43.00
C LYS A 116 48.49 -44.25 42.05
N CYS A 117 48.98 -43.01 42.07
CA CYS A 117 50.07 -42.59 41.19
C CYS A 117 51.42 -43.10 41.63
N VAL A 118 51.51 -43.72 42.80
CA VAL A 118 52.74 -44.37 43.27
C VAL A 118 52.39 -45.79 43.67
N GLY A 119 52.98 -46.77 42.99
CA GLY A 119 52.72 -48.16 43.34
C GLY A 119 53.03 -49.16 42.24
N ILE A 120 52.21 -50.20 42.15
CA ILE A 120 52.42 -51.27 41.18
C ILE A 120 51.76 -50.98 39.84
N ASN A 121 50.66 -50.23 39.83
CA ASN A 121 49.86 -50.05 38.63
C ASN A 121 50.70 -49.49 37.49
N THR A 122 50.49 -50.04 36.29
CA THR A 122 51.24 -49.59 35.12
C THR A 122 50.91 -48.17 34.72
N ASN A 123 49.79 -47.62 35.20
CA ASN A 123 49.42 -46.24 34.94
C ASN A 123 50.04 -45.28 35.94
N SER A 124 50.83 -45.76 36.88
CA SER A 124 51.41 -44.94 37.93
C SER A 124 52.56 -44.11 37.40
N THR A 125 52.75 -42.93 38.00
CA THR A 125 53.86 -42.08 37.61
C THR A 125 55.18 -42.65 38.09
N ILE A 126 55.23 -43.10 39.34
CA ILE A 126 56.40 -43.73 39.92
C ILE A 126 56.05 -45.19 40.15
N ILE A 127 56.81 -46.09 39.51
CA ILE A 127 56.58 -47.52 39.64
C ILE A 127 57.46 -48.07 40.75
N LEU A 128 56.83 -48.60 41.79
CA LEU A 128 57.56 -49.20 42.89
C LEU A 128 57.93 -50.64 42.55
N LYS A 129 59.20 -50.98 42.74
CA LYS A 129 59.71 -52.28 42.38
C LYS A 129 60.62 -52.80 43.49
N LYS A 130 60.46 -54.08 43.83
CA LYS A 130 61.31 -54.68 44.85
C LYS A 130 62.77 -54.66 44.40
N SER A 131 63.65 -54.36 45.35
CA SER A 131 65.06 -54.16 45.02
C SER A 131 65.71 -55.45 44.58
N ASN A 132 66.49 -55.38 43.50
CA ASN A 132 67.33 -56.50 43.11
C ASN A 132 68.40 -56.77 44.17
N SER A 133 68.72 -55.78 44.98
CA SER A 133 69.57 -55.96 46.16
C SER A 133 68.73 -56.56 47.29
N ASP A 134 69.23 -56.48 48.52
CA ASP A 134 68.52 -57.01 49.67
C ASP A 134 67.05 -56.56 49.64
N PRO A 135 66.10 -57.46 49.84
CA PRO A 135 64.69 -57.10 49.70
C PRO A 135 64.20 -56.18 50.81
N ARG A 136 64.88 -55.06 51.01
CA ARG A 136 64.45 -54.04 51.95
C ARG A 136 64.20 -52.70 51.26
N LYS A 137 65.13 -52.27 50.41
CA LYS A 137 64.91 -51.05 49.64
C LYS A 137 63.89 -51.29 48.55
N LYS A 138 63.33 -50.19 48.03
CA LYS A 138 62.41 -50.25 46.90
C LYS A 138 62.89 -49.29 45.83
N GLU A 139 62.71 -49.69 44.58
CA GLU A 139 63.21 -48.93 43.44
C GLU A 139 62.07 -48.14 42.80
N ALA A 140 62.36 -46.92 42.39
CA ALA A 140 61.37 -46.03 41.80
C ALA A 140 61.77 -45.69 40.38
N GLU A 141 60.80 -45.73 39.47
CA GLU A 141 61.00 -45.40 38.06
C GLU A 141 60.03 -44.31 37.65
N PHE A 142 60.51 -43.35 36.88
CA PHE A 142 59.71 -42.22 36.43
C PHE A 142 59.13 -42.51 35.06
N LYS A 143 57.81 -42.64 34.97
CA LYS A 143 57.12 -42.88 33.72
C LYS A 143 56.61 -41.55 33.18
N GLU A 144 57.25 -41.06 32.12
CA GLU A 144 56.96 -39.72 31.63
C GLU A 144 55.55 -39.61 31.08
N LYS A 145 55.09 -40.62 30.34
CA LYS A 145 53.74 -40.59 29.78
C LYS A 145 52.69 -40.57 30.89
N ASN A 146 52.88 -41.40 31.92
CA ASN A 146 51.96 -41.39 33.05
C ASN A 146 51.99 -40.06 33.79
N TRP A 147 53.15 -39.41 33.84
CA TRP A 147 53.24 -38.08 34.44
C TRP A 147 52.40 -37.07 33.65
N SER A 148 52.46 -37.14 32.32
CA SER A 148 51.69 -36.20 31.51
C SER A 148 50.19 -36.40 31.71
N GLN A 149 49.74 -37.65 31.76
CA GLN A 149 48.32 -37.95 31.91
C GLN A 149 47.92 -38.13 33.37
N ILE A 150 48.24 -37.14 34.19
CA ILE A 150 47.79 -37.07 35.57
C ILE A 150 46.79 -35.93 35.69
N ASP A 151 45.73 -36.14 36.47
CA ASP A 151 44.66 -35.15 36.50
C ASP A 151 45.07 -33.89 37.24
N LYS A 152 45.71 -34.02 38.40
CA LYS A 152 46.10 -32.86 39.19
C LYS A 152 47.60 -32.88 39.41
N LYS A 153 48.23 -31.73 39.21
CA LYS A 153 49.65 -31.53 39.42
C LYS A 153 49.86 -30.38 40.41
N GLY A 154 50.97 -30.44 41.13
CA GLY A 154 51.35 -29.33 41.99
C GLY A 154 52.29 -28.38 41.27
N LEU A 155 51.84 -27.15 41.05
CA LEU A 155 52.58 -26.19 40.24
C LEU A 155 52.93 -24.97 41.09
N GLU A 156 54.19 -24.56 41.01
CA GLU A 156 54.67 -23.32 41.62
C GLU A 156 55.31 -22.47 40.55
N TRP A 157 54.91 -21.21 40.49
CA TRP A 157 55.34 -20.29 39.44
C TRP A 157 56.13 -19.14 40.03
N GLN A 158 56.98 -18.54 39.19
CA GLN A 158 57.59 -17.28 39.53
C GLN A 158 56.53 -16.18 39.51
N ASP A 159 56.88 -15.03 40.08
CA ASP A 159 55.89 -13.99 40.35
C ASP A 159 55.13 -13.61 39.10
N PHE A 160 53.81 -13.59 39.21
CA PHE A 160 52.91 -13.33 38.09
C PHE A 160 51.98 -12.17 38.42
N THR A 161 51.15 -11.81 37.45
CA THR A 161 50.38 -10.57 37.49
C THR A 161 48.89 -10.85 37.55
N ILE A 162 48.21 -10.13 38.44
CA ILE A 162 46.76 -10.10 38.50
C ILE A 162 46.31 -8.71 38.10
N LYS A 163 45.47 -8.63 37.08
CA LYS A 163 45.06 -7.37 36.48
C LYS A 163 43.56 -7.18 36.68
N ILE A 164 43.18 -6.06 37.28
CA ILE A 164 41.78 -5.74 37.55
C ILE A 164 41.46 -4.46 36.79
N PHE A 165 40.45 -4.52 35.94
CA PHE A 165 40.02 -3.38 35.14
C PHE A 165 38.56 -3.06 35.43
N SER A 166 38.30 -1.79 35.68
CA SER A 166 36.93 -1.32 35.86
C SER A 166 36.91 0.17 35.55
N LEU A 167 35.86 0.62 34.85
CA LEU A 167 35.69 2.03 34.62
C LEU A 167 35.20 2.77 35.87
N LYS A 168 34.81 2.04 36.91
CA LYS A 168 34.42 2.63 38.19
C LYS A 168 35.67 2.83 39.03
N GLY A 169 36.13 4.08 39.11
CA GLY A 169 37.36 4.35 39.82
C GLY A 169 37.26 4.11 41.31
N ASP A 170 36.11 4.43 41.90
CA ASP A 170 35.96 4.28 43.35
C ASP A 170 35.97 2.81 43.75
N LEU A 171 35.49 1.92 42.88
CA LEU A 171 35.56 0.49 43.18
C LEU A 171 37.00 0.01 43.20
N ILE A 172 37.84 0.51 42.30
CA ILE A 172 39.22 0.06 42.22
C ILE A 172 39.99 0.45 43.48
N ASN A 173 39.74 1.64 44.02
CA ASN A 173 40.44 2.07 45.22
C ASN A 173 40.09 1.19 46.41
N LYS A 174 38.82 0.78 46.51
CA LYS A 174 38.42 -0.14 47.57
C LYS A 174 39.03 -1.51 47.36
N ILE A 175 39.11 -1.97 46.11
CA ILE A 175 39.74 -3.26 45.83
C ILE A 175 41.21 -3.23 46.24
N GLN A 176 41.86 -2.09 46.03
CA GLN A 176 43.28 -1.97 46.36
C GLN A 176 43.52 -2.19 47.85
N THR A 177 42.65 -1.64 48.70
CA THR A 177 42.83 -1.80 50.14
C THR A 177 42.59 -3.24 50.60
N TYR A 178 41.63 -3.92 49.98
CA TYR A 178 41.24 -5.25 50.41
C TYR A 178 41.95 -6.39 49.68
N LEU A 179 42.54 -6.12 48.53
CA LEU A 179 43.23 -7.19 47.78
C LEU A 179 44.34 -7.85 48.58
N PRO A 180 45.25 -7.13 49.24
CA PRO A 180 46.28 -7.83 50.04
C PRO A 180 45.71 -8.71 51.13
N ALA A 181 44.65 -8.25 51.80
CA ALA A 181 44.04 -9.06 52.85
C ALA A 181 43.34 -10.29 52.27
N PHE A 182 42.81 -10.18 51.05
CA PHE A 182 42.10 -11.30 50.44
C PHE A 182 43.05 -12.48 50.21
N PHE A 183 44.25 -12.22 49.70
CA PHE A 183 45.17 -13.31 49.43
C PHE A 183 45.79 -13.87 50.69
N ILE A 184 45.85 -13.07 51.76
CA ILE A 184 46.32 -13.58 53.04
C ILE A 184 45.25 -14.42 53.72
N CYS A 185 43.98 -14.20 53.40
CA CYS A 185 42.89 -14.88 54.07
C CYS A 185 42.35 -16.09 53.30
N HIS A 186 42.77 -16.29 52.06
CA HIS A 186 42.22 -17.35 51.23
C HIS A 186 43.33 -18.18 50.58
N ASN A 187 43.03 -19.46 50.38
CA ASN A 187 43.89 -20.38 49.66
C ASN A 187 43.13 -20.95 48.47
N PHE A 188 43.88 -21.38 47.45
CA PHE A 188 43.28 -21.83 46.21
C PHE A 188 43.90 -23.16 45.79
N GLY A 189 43.10 -24.00 45.14
CA GLY A 189 43.50 -25.31 44.73
C GLY A 189 42.44 -26.34 45.08
N THR A 190 42.84 -27.61 45.03
CA THR A 190 41.92 -28.70 45.32
C THR A 190 42.08 -29.27 46.74
N ARG A 191 42.99 -28.69 47.52
CA ARG A 191 43.13 -29.03 48.93
C ARG A 191 43.41 -27.78 49.75
N ASN A 192 42.83 -26.64 49.34
CA ASN A 192 43.32 -25.35 49.79
C ASN A 192 43.23 -25.14 51.29
N ASN A 193 42.31 -25.81 51.97
CA ASN A 193 42.24 -25.65 53.42
C ASN A 193 43.43 -26.31 54.13
N LYS A 194 44.19 -27.15 53.43
CA LYS A 194 45.34 -27.80 54.03
C LYS A 194 46.66 -27.07 53.78
N GLY A 195 46.65 -26.02 52.98
CA GLY A 195 47.84 -25.21 52.82
C GLY A 195 48.28 -24.97 51.39
N PHE A 196 47.65 -25.66 50.45
CA PHE A 196 48.03 -25.54 49.04
C PHE A 196 47.38 -24.31 48.43
N GLY A 197 48.20 -23.50 47.77
CA GLY A 197 47.72 -22.29 47.13
C GLY A 197 47.82 -21.03 47.94
N SER A 198 48.89 -20.86 48.72
CA SER A 198 49.09 -19.66 49.52
C SER A 198 49.79 -18.61 48.67
N PHE A 199 49.09 -17.51 48.40
CA PHE A 199 49.64 -16.40 47.63
C PHE A 199 49.54 -15.12 48.44
N THR A 200 50.49 -14.22 48.21
CA THR A 200 50.48 -12.92 48.86
C THR A 200 50.79 -11.83 47.83
N VAL A 201 50.27 -10.64 48.10
CA VAL A 201 50.50 -9.50 47.23
C VAL A 201 51.83 -8.86 47.59
N GLU A 202 52.65 -8.62 46.58
CA GLU A 202 53.96 -8.00 46.76
C GLU A 202 54.03 -6.57 46.28
N TYR A 203 53.56 -6.30 45.06
CA TYR A 203 53.54 -4.95 44.51
C TYR A 203 52.17 -4.66 43.94
N ILE A 204 51.61 -3.50 44.28
CA ILE A 204 50.36 -3.02 43.73
C ILE A 204 50.65 -1.75 42.97
N ASN A 205 50.49 -1.79 41.64
CA ASN A 205 50.81 -0.67 40.76
C ASN A 205 52.26 -0.21 40.95
N ASN A 206 53.16 -1.19 40.96
CA ASN A 206 54.59 -0.95 41.13
C ASN A 206 54.91 -0.27 42.46
N GLN A 207 54.11 -0.55 43.49
CA GLN A 207 54.36 -0.05 44.84
C GLN A 207 54.36 -1.23 45.80
N LYS A 208 55.46 -1.39 46.54
CA LYS A 208 55.58 -2.50 47.46
C LYS A 208 54.58 -2.35 48.61
N ASN A 209 54.03 -3.48 49.04
CA ASN A 209 53.01 -3.50 50.07
C ASN A 209 53.61 -3.95 51.40
N ILE A 210 53.33 -3.19 52.45
CA ILE A 210 53.72 -3.56 53.81
C ILE A 210 52.43 -3.93 54.53
N CYS A 211 52.10 -5.22 54.49
CA CYS A 211 50.90 -5.74 55.12
C CYS A 211 51.32 -6.75 56.18
N ASN A 212 50.91 -6.51 57.42
CA ASN A 212 51.21 -7.43 58.51
C ASN A 212 50.26 -8.61 58.41
N VAL A 213 50.80 -9.77 58.02
CA VAL A 213 49.95 -10.94 57.81
C VAL A 213 49.36 -11.40 59.14
N GLU A 214 50.10 -11.26 60.24
CA GLU A 214 49.57 -11.66 61.53
C GLU A 214 48.38 -10.78 61.93
N ASP A 215 48.49 -9.46 61.74
CA ASP A 215 47.37 -8.58 62.03
C ASP A 215 46.22 -8.80 61.06
N THR A 216 46.54 -9.04 59.79
CA THR A 216 45.49 -9.28 58.80
C THR A 216 44.70 -10.54 59.12
N LEU A 217 45.38 -11.60 59.58
CA LEU A 217 44.69 -12.81 59.96
C LEU A 217 43.80 -12.60 61.20
N LYS A 218 44.23 -11.72 62.10
CA LYS A 218 43.49 -11.51 63.35
C LYS A 218 42.11 -10.91 63.08
N GLU A 219 42.03 -9.91 62.20
CA GLU A 219 40.74 -9.25 61.98
C GLU A 219 39.73 -10.17 61.31
N ASN A 220 40.18 -10.99 60.35
CA ASN A 220 39.26 -11.75 59.52
C ASN A 220 38.88 -13.11 60.09
N PHE A 221 39.63 -13.63 61.06
CA PHE A 221 39.39 -14.97 61.59
C PHE A 221 39.19 -14.90 63.10
N ALA A 222 38.32 -15.79 63.61
CA ALA A 222 37.97 -15.76 65.02
C ALA A 222 39.13 -16.21 65.90
N PHE A 223 39.85 -17.25 65.50
CA PHE A 223 41.03 -17.69 66.21
C PHE A 223 42.18 -17.86 65.23
N VAL A 224 43.39 -17.52 65.67
CA VAL A 224 44.59 -17.68 64.86
C VAL A 224 45.66 -18.30 65.72
N TYR A 225 46.21 -19.43 65.29
CA TYR A 225 47.29 -20.11 65.97
C TYR A 225 48.49 -20.22 65.05
N LYS A 226 49.68 -20.02 65.62
CA LYS A 226 50.92 -20.03 64.86
C LYS A 226 51.85 -21.09 65.44
N LYS A 227 52.54 -21.83 64.56
CA LYS A 227 53.37 -22.95 65.00
C LYS A 227 54.84 -22.54 64.98
N LYS A 228 55.54 -22.84 66.06
CA LYS A 228 56.98 -22.66 66.14
C LYS A 228 57.67 -23.81 65.42
N ILE A 229 57.76 -23.70 64.09
CA ILE A 229 58.36 -24.74 63.28
C ILE A 229 59.84 -24.44 63.11
N ALA A 230 60.66 -25.40 63.49
CA ALA A 230 62.09 -25.29 63.28
C ALA A 230 62.37 -25.28 61.79
N LEU A 231 63.45 -24.62 61.38
CA LEU A 231 63.68 -24.44 59.95
C LEU A 231 64.89 -25.23 59.48
N SER A 232 65.97 -25.20 60.26
CA SER A 232 67.22 -25.86 59.88
C SER A 232 67.69 -25.40 58.51
N ARG A 233 67.05 -25.91 57.46
CA ARG A 233 67.25 -25.44 56.08
C ARG A 233 68.67 -25.72 55.59
N GLN A 234 69.45 -26.48 56.35
CA GLN A 234 70.90 -26.47 56.18
C GLN A 234 71.36 -25.03 56.31
N SER A 235 71.30 -24.29 55.21
CA SER A 235 71.42 -22.82 55.27
C SER A 235 70.57 -22.26 54.13
N THR A 236 69.29 -21.97 54.42
CA THR A 236 68.26 -21.76 53.40
C THR A 236 68.12 -23.01 52.54
N LEU A 237 68.82 -23.05 51.40
CA LEU A 237 68.80 -24.22 50.51
C LEU A 237 67.39 -24.78 50.27
N ASP A 238 67.27 -26.10 50.40
CA ASP A 238 66.13 -26.87 49.93
C ASP A 238 64.78 -26.29 50.36
N PHE A 239 63.99 -25.88 49.38
CA PHE A 239 62.58 -25.63 49.62
C PHE A 239 61.81 -26.94 49.68
N ILE A 240 62.33 -27.99 49.04
CA ILE A 240 61.68 -29.29 49.10
C ILE A 240 61.71 -29.85 50.52
N TYR A 241 62.83 -29.71 51.22
CA TYR A 241 62.89 -30.06 52.63
C TYR A 241 61.92 -29.23 53.44
N ILE A 242 61.89 -27.90 53.23
CA ILE A 242 60.95 -27.05 53.94
C ILE A 242 59.51 -27.43 53.61
N TYR A 243 59.22 -27.63 52.32
CA TYR A 243 57.87 -28.01 51.92
C TYR A 243 57.48 -29.37 52.52
N ASN A 244 58.38 -30.34 52.45
CA ASN A 244 58.06 -31.66 52.96
C ASN A 244 57.85 -31.66 54.47
N GLN A 245 58.69 -30.94 55.21
CA GLN A 245 58.50 -30.85 56.66
C GLN A 245 57.22 -30.13 57.03
N ILE A 246 56.90 -29.03 56.33
CA ILE A 246 55.71 -28.25 56.68
C ILE A 246 54.45 -29.06 56.44
N PHE A 247 54.36 -29.72 55.29
CA PHE A 247 53.15 -30.47 54.95
C PHE A 247 53.05 -31.77 55.73
N SER A 248 54.20 -32.37 56.09
CA SER A 248 54.17 -33.52 57.00
C SER A 248 53.67 -33.11 58.37
N THR A 249 54.09 -31.93 58.85
CA THR A 249 53.65 -31.44 60.13
C THR A 249 52.15 -31.15 60.14
N ILE A 250 51.64 -30.56 59.07
CA ILE A 250 50.22 -30.24 58.98
C ILE A 250 49.39 -31.52 59.07
N LYS A 251 49.77 -32.54 58.30
CA LYS A 251 49.04 -33.79 58.33
C LYS A 251 49.09 -34.42 59.72
N LYS A 252 50.28 -34.41 60.34
CA LYS A 252 50.41 -34.99 61.67
C LYS A 252 49.53 -34.25 62.68
N ASP A 253 49.56 -32.92 62.65
CA ASP A 253 48.80 -32.15 63.64
C ASP A 253 47.30 -32.25 63.40
N TYR A 254 46.87 -32.18 62.14
CA TYR A 254 45.45 -32.33 61.83
C TYR A 254 44.95 -33.71 62.18
N GLN A 255 45.73 -34.74 61.87
CA GLN A 255 45.36 -36.11 62.20
C GLN A 255 45.38 -36.36 63.70
N ILE A 256 46.08 -35.53 64.46
CA ILE A 256 45.96 -35.60 65.92
C ILE A 256 44.62 -35.03 66.37
N LEU A 257 44.13 -33.99 65.67
CA LEU A 257 42.83 -33.42 66.01
C LEU A 257 41.70 -34.38 65.63
N LYS A 258 41.58 -34.68 64.35
CA LYS A 258 40.56 -35.60 63.84
C LYS A 258 41.20 -36.97 63.73
N SER A 259 40.60 -37.96 64.39
CA SER A 259 41.22 -39.27 64.62
C SER A 259 42.53 -39.08 65.39
N GLY A 260 43.33 -40.14 65.47
CA GLY A 260 44.57 -40.06 66.21
C GLY A 260 45.78 -40.50 65.42
N TYR A 261 46.91 -40.70 66.11
CA TYR A 261 48.15 -41.14 65.50
C TYR A 261 48.48 -42.51 66.07
N ASN A 262 48.69 -43.49 65.18
CA ASN A 262 48.96 -44.88 65.58
C ASN A 262 50.09 -45.43 64.71
N PHE A 263 51.33 -45.18 65.12
CA PHE A 263 52.46 -45.72 64.38
C PHE A 263 53.51 -46.49 65.16
N ARG A 264 53.92 -46.00 66.31
CA ARG A 264 55.04 -46.51 67.08
C ARG A 264 54.57 -46.77 68.49
N ASN A 265 55.53 -46.94 69.39
CA ASN A 265 55.29 -46.82 70.82
C ASN A 265 54.49 -45.56 71.13
N GLU A 266 54.52 -44.58 70.22
CA GLU A 266 53.77 -43.35 70.38
C GLU A 266 52.32 -43.55 69.95
N TYR A 267 51.41 -42.97 70.72
CA TYR A 267 49.98 -42.99 70.45
C TYR A 267 49.38 -41.70 70.98
N ILE A 268 48.67 -40.98 70.13
CA ILE A 268 48.05 -39.71 70.50
C ILE A 268 46.56 -39.81 70.22
N LYS A 269 45.75 -39.65 71.26
CA LYS A 269 44.31 -39.77 71.11
C LYS A 269 43.76 -38.59 70.32
N SER A 270 42.61 -38.82 69.69
CA SER A 270 41.93 -37.76 68.97
C SER A 270 41.50 -36.67 69.94
N LEU A 271 42.02 -35.46 69.75
CA LEU A 271 41.61 -34.35 70.60
C LEU A 271 40.14 -34.01 70.41
N LEU A 272 39.61 -34.23 69.21
CA LEU A 272 38.18 -34.11 69.00
C LEU A 272 37.42 -35.14 69.81
N PHE A 273 37.93 -36.38 69.83
CA PHE A 273 37.34 -37.40 70.70
C PHE A 273 37.48 -37.01 72.16
N CYS A 274 38.65 -36.50 72.55
CA CYS A 274 38.86 -36.09 73.93
C CYS A 274 37.93 -34.94 74.33
N TYR A 275 37.68 -34.00 73.42
CA TYR A 275 36.81 -32.87 73.74
C TYR A 275 35.41 -33.33 74.11
N PHE A 276 34.85 -34.25 73.34
CA PHE A 276 33.45 -34.60 73.50
C PHE A 276 33.20 -35.47 74.72
N VAL A 277 34.19 -36.25 75.17
CA VAL A 277 34.07 -36.95 76.45
C VAL A 277 34.04 -36.00 77.64
N SER A 278 34.76 -34.89 77.59
CA SER A 278 34.87 -34.00 78.75
C SER A 278 33.66 -33.11 78.94
N LYS A 279 32.80 -32.97 77.93
CA LYS A 279 31.61 -32.13 78.07
C LYS A 279 30.44 -32.95 78.60
N TYR A 280 29.36 -32.25 78.98
CA TYR A 280 28.27 -32.88 79.72
C TYR A 280 27.61 -34.04 78.98
N PRO A 281 27.19 -33.90 77.72
CA PRO A 281 26.55 -35.04 77.04
C PRO A 281 27.43 -36.27 76.94
N ASN A 282 28.76 -36.09 77.02
CA ASN A 282 29.71 -37.18 77.08
C ASN A 282 29.56 -38.10 75.88
N TYR A 283 29.59 -37.52 74.69
CA TYR A 283 29.51 -38.27 73.45
C TYR A 283 30.78 -39.11 73.27
N ARG A 284 30.61 -40.23 72.58
CA ARG A 284 31.74 -41.09 72.24
C ARG A 284 31.76 -41.34 70.74
N TRP A 285 32.88 -41.89 70.29
CA TRP A 285 33.12 -42.09 68.86
C TRP A 285 32.01 -42.90 68.21
N GLU A 286 31.58 -42.47 67.03
CA GLU A 286 30.80 -43.37 66.18
C GLU A 286 31.63 -44.55 65.73
N LYS A 287 32.94 -44.39 65.66
CA LYS A 287 33.85 -45.50 65.39
C LYS A 287 33.78 -46.56 66.48
N ARG A 288 33.47 -46.17 67.71
CA ARG A 288 33.31 -47.14 68.79
C ARG A 288 32.14 -48.09 68.51
N LYS A 289 31.01 -47.55 68.07
CA LYS A 289 29.84 -48.39 67.87
C LYS A 289 29.96 -49.24 66.61
N MET A 290 30.56 -48.69 65.54
CA MET A 290 30.82 -49.51 64.36
C MET A 290 31.70 -50.69 64.72
N LYS A 291 32.77 -50.45 65.47
CA LYS A 291 33.63 -51.54 65.89
C LYS A 291 32.90 -52.52 66.80
N GLN A 292 32.06 -52.00 67.70
CA GLN A 292 31.26 -52.88 68.55
C GLN A 292 30.28 -53.71 67.73
N LEU A 293 29.58 -53.08 66.79
CA LEU A 293 28.58 -53.80 65.99
C LEU A 293 29.24 -54.82 65.07
N ILE A 294 30.41 -54.48 64.50
CA ILE A 294 31.09 -55.42 63.63
C ILE A 294 31.62 -56.60 64.42
N LYS A 295 32.10 -56.35 65.64
CA LYS A 295 32.51 -57.43 66.52
C LYS A 295 31.34 -58.29 66.95
N ALA A 296 30.11 -57.73 66.95
CA ALA A 296 28.95 -58.50 67.38
C ALA A 296 28.70 -59.69 66.46
N ARG A 297 28.94 -59.53 65.16
CA ARG A 297 28.83 -60.63 64.21
C ARG A 297 30.13 -61.41 64.08
N GLY A 298 30.98 -61.37 65.09
CA GLY A 298 32.16 -62.22 65.12
C GLY A 298 33.12 -61.99 63.99
N TYR A 299 33.27 -60.73 63.56
CA TYR A 299 34.28 -60.38 62.57
C TYR A 299 35.56 -60.04 63.32
N GLU A 300 36.63 -60.78 63.03
CA GLU A 300 37.90 -60.60 63.72
C GLU A 300 38.57 -59.33 63.20
N LEU A 301 38.35 -58.23 63.89
CA LEU A 301 38.96 -56.96 63.52
C LEU A 301 40.45 -56.97 63.90
N LYS A 302 41.27 -56.41 63.04
CA LYS A 302 42.71 -56.39 63.27
C LYS A 302 43.05 -55.43 64.40
N GLY A 303 43.97 -55.83 65.27
CA GLY A 303 44.42 -55.00 66.36
C GLY A 303 44.41 -55.74 67.68
N ASP A 304 45.49 -55.60 68.43
CA ASP A 304 45.61 -56.24 69.73
C ASP A 304 45.03 -55.40 70.86
N HIS A 305 44.60 -54.18 70.59
CA HIS A 305 44.12 -53.27 71.62
C HIS A 305 42.62 -53.09 71.49
N SER A 306 41.91 -53.26 72.60
CA SER A 306 40.48 -53.01 72.60
C SER A 306 40.21 -51.52 72.41
N PRO A 307 39.06 -51.17 71.82
CA PRO A 307 38.76 -49.76 71.57
C PRO A 307 38.75 -48.94 72.85
N ILE A 308 39.27 -47.72 72.76
CA ILE A 308 39.22 -46.82 73.91
C ILE A 308 37.78 -46.38 74.17
N SER A 309 37.51 -46.04 75.43
CA SER A 309 36.16 -45.67 75.82
C SER A 309 36.10 -44.38 76.63
N GLY A 310 37.22 -43.72 76.87
CA GLY A 310 37.22 -42.52 77.67
C GLY A 310 38.45 -41.68 77.40
N ILE A 311 39.01 -41.13 78.49
CA ILE A 311 40.09 -40.17 78.38
C ILE A 311 41.32 -40.58 79.20
N ARG A 312 41.17 -41.41 80.22
CA ARG A 312 42.21 -41.63 81.22
C ARG A 312 43.41 -42.36 80.60
N GLU A 313 44.41 -42.66 81.44
CA GLU A 313 45.68 -43.18 80.95
C GLU A 313 45.48 -44.46 80.13
N ASN A 314 44.53 -45.30 80.53
CA ASN A 314 44.05 -46.36 79.65
C ASN A 314 42.62 -46.70 80.05
N ASP A 315 41.74 -46.74 79.07
CA ASP A 315 40.40 -47.29 79.19
C ASP A 315 40.19 -48.17 77.96
N ASN A 316 40.66 -49.40 78.04
CA ASN A 316 40.68 -50.33 76.91
C ASN A 316 39.59 -51.35 77.16
N SER A 317 38.37 -51.01 76.76
CA SER A 317 37.21 -51.85 77.02
C SER A 317 36.54 -52.24 75.71
N TRP A 318 35.95 -53.42 75.70
CA TRP A 318 35.07 -53.82 74.60
C TRP A 318 33.61 -53.68 74.95
N ASN A 319 33.27 -53.31 76.18
CA ASN A 319 31.89 -53.19 76.63
C ASN A 319 31.67 -51.78 77.17
N ASP A 320 30.42 -51.35 77.13
CA ASP A 320 30.03 -50.02 77.57
C ASP A 320 29.35 -50.09 78.93
N PRO A 321 30.04 -49.67 80.02
CA PRO A 321 29.58 -49.95 81.39
C PRO A 321 28.55 -51.06 81.53
N ASN A 322 27.41 -50.77 82.18
CA ASN A 322 26.37 -51.77 82.30
C ASN A 322 25.00 -51.15 82.54
N PRO A 323 24.81 -50.29 83.59
CA PRO A 323 23.46 -49.79 83.87
C PRO A 323 22.87 -49.02 82.69
N ASN A 324 23.57 -47.98 82.26
CA ASN A 324 23.21 -47.30 81.03
C ASN A 324 24.20 -47.66 79.93
N GLY A 325 24.08 -47.02 78.79
CA GLY A 325 25.04 -47.19 77.72
C GLY A 325 25.71 -45.87 77.43
N TYR A 326 26.91 -45.95 76.88
CA TYR A 326 27.62 -44.74 76.50
C TYR A 326 26.84 -43.97 75.45
N ASN A 327 26.93 -42.64 75.53
CA ASN A 327 26.20 -41.79 74.60
C ASN A 327 27.02 -41.59 73.32
N TYR A 328 26.40 -41.89 72.18
CA TYR A 328 27.11 -41.92 70.90
C TYR A 328 26.60 -40.83 69.97
N ALA A 329 27.49 -40.38 69.10
CA ALA A 329 27.15 -39.39 68.07
C ALA A 329 28.22 -39.46 66.98
N TYR A 330 27.93 -38.79 65.86
CA TYR A 330 28.88 -38.71 64.75
C TYR A 330 29.83 -37.56 65.03
N ILE A 331 30.98 -37.88 65.61
CA ILE A 331 31.88 -36.84 66.12
C ILE A 331 32.65 -36.17 64.99
N ARG A 332 33.31 -36.96 64.14
CA ARG A 332 34.23 -36.39 63.15
C ARG A 332 33.52 -35.78 61.96
N ALA A 333 32.18 -35.74 61.95
CA ALA A 333 31.47 -35.12 60.85
C ALA A 333 31.64 -33.60 60.86
N ILE A 334 31.69 -32.98 62.03
CA ILE A 334 31.79 -31.52 62.11
C ILE A 334 33.16 -31.01 61.73
N LEU A 335 34.13 -31.90 61.57
CA LEU A 335 35.49 -31.54 61.20
C LEU A 335 35.87 -32.18 59.87
N GLY A 336 34.88 -32.35 59.00
CA GLY A 336 35.08 -32.99 57.71
C GLY A 336 34.29 -34.27 57.56
N LEU A 337 33.30 -34.28 56.69
CA LEU A 337 32.42 -35.42 56.51
C LEU A 337 33.02 -36.37 55.48
N ALA A 338 33.33 -37.60 55.91
CA ALA A 338 33.92 -38.58 55.02
C ALA A 338 32.84 -39.31 54.24
N GLU A 339 33.26 -40.22 53.38
CA GLU A 339 32.34 -40.99 52.55
C GLU A 339 32.25 -42.45 52.96
N GLN A 340 33.36 -43.08 53.32
CA GLN A 340 33.32 -44.46 53.76
C GLN A 340 34.48 -44.72 54.71
N TYR A 341 34.31 -45.72 55.56
CA TYR A 341 35.30 -46.13 56.54
C TYR A 341 35.74 -47.56 56.25
N GLU A 342 37.04 -47.81 56.36
CA GLU A 342 37.61 -49.14 56.19
C GLU A 342 38.17 -49.61 57.51
N PHE A 343 38.00 -50.90 57.82
CA PHE A 343 38.32 -51.39 59.16
C PHE A 343 39.26 -52.58 59.22
N GLN A 344 39.75 -53.09 58.08
CA GLN A 344 40.91 -53.99 58.06
C GLN A 344 40.65 -55.26 58.86
N LEU A 345 39.78 -56.10 58.32
CA LEU A 345 39.53 -57.41 58.92
C LEU A 345 40.81 -58.24 59.01
N GLU A 346 40.74 -59.34 59.77
CA GLU A 346 41.93 -60.09 60.12
C GLU A 346 42.61 -60.69 58.90
N THR A 347 41.87 -61.41 58.07
CA THR A 347 42.47 -62.05 56.90
C THR A 347 42.95 -60.97 55.94
N PRO A 348 44.23 -60.94 55.58
CA PRO A 348 44.77 -59.77 54.87
C PRO A 348 44.37 -59.72 53.41
N TYR A 349 43.13 -60.08 53.11
CA TYR A 349 42.55 -59.80 51.81
C TYR A 349 41.09 -59.37 51.90
N GLN A 350 40.55 -59.22 53.10
CA GLN A 350 39.16 -58.82 53.28
C GLN A 350 39.09 -57.73 54.34
N LYS A 351 38.12 -56.84 54.19
CA LYS A 351 37.99 -55.70 55.08
C LYS A 351 36.55 -55.23 55.05
N ALA A 352 36.17 -54.48 56.08
CA ALA A 352 34.81 -53.99 56.23
C ALA A 352 34.72 -52.55 55.77
N ILE A 353 33.76 -52.26 54.91
CA ILE A 353 33.51 -50.91 54.39
C ILE A 353 32.15 -50.47 54.88
N VAL A 354 32.12 -49.40 55.66
CA VAL A 354 30.87 -48.80 56.13
C VAL A 354 30.69 -47.48 55.41
N LYS A 355 29.52 -47.30 54.81
CA LYS A 355 29.26 -46.20 53.90
C LYS A 355 28.23 -45.25 54.51
N ILE A 356 28.53 -43.96 54.46
CA ILE A 356 27.66 -42.92 55.02
C ILE A 356 26.99 -42.19 53.87
N LYS A 357 25.67 -42.01 53.96
CA LYS A 357 24.89 -41.50 52.84
C LYS A 357 23.91 -40.40 53.21
N SER A 358 23.63 -40.19 54.50
CA SER A 358 22.70 -39.16 54.99
C SER A 358 21.25 -39.56 54.75
N ALA A 359 20.48 -39.68 55.82
CA ALA A 359 19.16 -40.30 55.75
C ALA A 359 18.20 -39.49 54.88
N ASN A 360 18.08 -38.20 55.15
CA ASN A 360 17.16 -37.36 54.39
C ASN A 360 17.68 -37.02 53.00
N ASN A 361 18.93 -37.36 52.69
CA ASN A 361 19.60 -36.89 51.47
C ASN A 361 19.62 -35.37 51.43
N CYS A 362 20.15 -34.77 52.49
CA CYS A 362 20.25 -33.33 52.60
C CYS A 362 21.65 -32.82 52.92
N ILE A 363 22.57 -33.70 53.33
CA ILE A 363 23.95 -33.33 53.61
C ILE A 363 24.82 -34.24 52.75
N SER A 364 25.38 -33.67 51.67
CA SER A 364 26.22 -34.44 50.77
C SER A 364 27.70 -34.32 51.09
N ARG A 365 28.13 -33.16 51.56
CA ARG A 365 29.54 -32.91 51.82
C ARG A 365 29.68 -31.88 52.92
N TYR A 366 30.87 -31.82 53.51
CA TYR A 366 31.19 -30.77 54.46
C TYR A 366 32.68 -30.47 54.37
N LYS A 367 33.01 -29.28 53.90
CA LYS A 367 34.40 -28.82 53.91
C LYS A 367 34.87 -28.64 55.35
N SER A 368 36.15 -28.92 55.58
CA SER A 368 36.72 -28.74 56.90
C SER A 368 36.59 -27.28 57.32
N PRO A 369 36.13 -26.99 58.54
CA PRO A 369 36.06 -25.60 59.00
C PRO A 369 37.40 -25.03 59.44
N LEU A 370 38.49 -25.78 59.29
CA LEU A 370 39.80 -25.37 59.71
C LEU A 370 40.65 -25.03 58.49
N LEU A 371 41.27 -23.86 58.51
CA LEU A 371 42.10 -23.40 57.41
C LEU A 371 43.56 -23.37 57.85
N PHE A 372 44.42 -24.02 57.08
CA PHE A 372 45.86 -23.99 57.31
C PHE A 372 46.48 -23.00 56.33
N LYS A 373 47.22 -22.04 56.85
CA LYS A 373 47.86 -21.02 56.02
C LYS A 373 49.37 -21.06 56.24
N ILE A 374 50.11 -21.14 55.15
CA ILE A 374 51.57 -21.17 55.19
C ILE A 374 52.05 -19.91 54.49
N ILE A 375 52.40 -18.89 55.26
CA ILE A 375 52.96 -17.65 54.75
C ILE A 375 54.38 -17.53 55.27
N ASN A 376 55.35 -17.46 54.36
CA ASN A 376 56.76 -17.31 54.72
C ASN A 376 57.21 -18.40 55.70
N ASN A 377 56.88 -19.65 55.35
CA ASN A 377 57.29 -20.84 56.10
C ASN A 377 56.72 -20.88 57.51
N SER A 378 55.68 -20.11 57.79
CA SER A 378 55.03 -20.09 59.08
C SER A 378 53.62 -20.63 58.94
N ILE A 379 53.28 -21.62 59.75
CA ILE A 379 51.97 -22.26 59.70
C ILE A 379 51.01 -21.46 60.58
N TYR A 380 49.92 -20.98 59.99
CA TYR A 380 48.86 -20.32 60.72
C TYR A 380 47.60 -21.16 60.59
N LEU A 381 47.02 -21.53 61.73
CA LEU A 381 45.77 -22.29 61.75
C LEU A 381 44.66 -21.36 62.20
N VAL A 382 43.78 -21.02 61.27
CA VAL A 382 42.71 -20.06 61.51
C VAL A 382 41.38 -20.78 61.36
N GLY A 383 40.31 -20.05 61.68
CA GLY A 383 38.98 -20.61 61.50
C GLY A 383 37.93 -19.73 62.11
N ASN A 384 36.69 -20.03 61.74
CA ASN A 384 35.51 -19.35 62.27
C ASN A 384 34.56 -20.39 62.82
N GLU A 385 33.35 -20.00 63.18
CA GLU A 385 32.39 -20.98 63.70
C GLU A 385 31.92 -21.92 62.60
N ILE A 386 31.73 -23.19 62.96
CA ILE A 386 31.32 -24.18 61.98
C ILE A 386 29.90 -23.91 61.52
N ASN A 387 29.53 -24.54 60.40
CA ASN A 387 28.17 -24.44 59.90
C ASN A 387 27.24 -25.16 60.87
N THR A 388 26.36 -24.40 61.53
CA THR A 388 25.48 -24.98 62.53
C THR A 388 24.46 -25.93 61.92
N GLU A 389 24.30 -25.90 60.58
CA GLU A 389 23.33 -26.77 59.95
C GLU A 389 23.70 -28.24 60.08
N ILE A 390 25.00 -28.55 60.14
CA ILE A 390 25.42 -29.94 60.23
C ILE A 390 25.05 -30.55 61.57
N LEU A 391 24.85 -29.75 62.60
CA LEU A 391 24.55 -30.29 63.92
C LEU A 391 23.16 -30.91 63.96
N ASN A 392 23.03 -32.04 64.64
CA ASN A 392 21.78 -32.75 64.83
C ASN A 392 21.14 -33.12 63.49
N LYS A 393 21.84 -33.96 62.74
CA LYS A 393 21.29 -34.47 61.50
C LYS A 393 21.57 -35.96 61.37
N PRO A 394 20.65 -36.71 60.77
CA PRO A 394 20.78 -38.17 60.74
C PRO A 394 21.67 -38.66 59.60
N PHE A 395 22.29 -39.81 59.84
CA PHE A 395 23.15 -40.44 58.84
C PHE A 395 22.88 -41.93 58.82
N GLN A 396 22.85 -42.50 57.62
CA GLN A 396 22.63 -43.92 57.42
C GLN A 396 23.95 -44.60 57.10
N TYR A 397 24.22 -45.70 57.80
CA TYR A 397 25.44 -46.47 57.58
C TYR A 397 25.09 -47.79 56.90
N SER A 398 25.77 -48.08 55.80
CA SER A 398 25.64 -49.34 55.08
C SER A 398 26.90 -50.15 55.32
N TYR A 399 26.77 -51.25 56.05
CA TYR A 399 27.91 -52.10 56.40
C TYR A 399 28.13 -53.10 55.28
N ILE A 400 29.29 -53.02 54.64
CA ILE A 400 29.61 -53.82 53.46
C ILE A 400 30.90 -54.59 53.72
N GLU A 401 30.89 -55.86 53.36
CA GLU A 401 32.06 -56.72 53.52
C GLU A 401 32.76 -56.87 52.19
N GLN A 402 34.05 -56.55 52.15
CA GLN A 402 34.83 -56.54 50.92
C GLN A 402 36.01 -57.47 51.08
N THR A 403 36.10 -58.48 50.22
CA THR A 403 37.21 -59.43 50.21
C THR A 403 37.92 -59.34 48.86
N LYS A 404 39.20 -58.97 48.89
CA LYS A 404 39.96 -58.79 47.66
C LYS A 404 40.32 -60.16 47.08
N ASN A 405 39.82 -60.44 45.89
CA ASN A 405 40.01 -61.75 45.27
C ASN A 405 41.50 -62.07 45.15
N LYS A 406 41.85 -63.32 45.39
CA LYS A 406 43.26 -63.68 45.54
C LYS A 406 43.95 -63.64 44.19
N ASN A 407 44.05 -62.45 43.61
CA ASN A 407 44.61 -62.23 42.28
C ASN A 407 43.87 -63.05 41.23
N MET A 408 44.33 -62.97 39.98
CA MET A 408 43.77 -63.77 38.90
C MET A 408 44.89 -64.05 37.91
N ARG A 409 44.55 -64.76 36.84
CA ARG A 409 45.47 -64.89 35.72
C ARG A 409 45.30 -63.69 34.80
N THR A 410 45.33 -62.50 35.39
CA THR A 410 45.15 -61.23 34.70
C THR A 410 45.57 -60.10 35.64
N GLY A 411 44.63 -59.63 36.46
CA GLY A 411 44.92 -58.66 37.49
C GLY A 411 44.06 -58.90 38.70
N LYS A 412 44.05 -57.96 39.65
CA LYS A 412 43.18 -58.07 40.81
C LYS A 412 41.72 -58.05 40.36
N SER A 413 40.88 -58.77 41.11
CA SER A 413 39.50 -59.00 40.75
C SER A 413 38.57 -58.56 41.88
N GLU A 414 38.75 -57.33 42.35
CA GLU A 414 37.86 -56.82 43.38
C GLU A 414 36.48 -56.48 42.80
N ILE A 415 35.78 -57.52 42.34
CA ILE A 415 34.34 -57.51 42.18
C ILE A 415 33.67 -58.49 43.11
N THR A 416 34.45 -59.27 43.87
CA THR A 416 33.92 -60.21 44.85
C THR A 416 33.44 -59.38 46.04
N GLU A 417 32.32 -58.71 45.84
CA GLU A 417 31.69 -57.94 46.89
C GLU A 417 30.95 -58.88 47.83
N ARG A 418 30.19 -58.30 48.76
CA ARG A 418 29.30 -59.07 49.61
C ARG A 418 28.12 -58.19 49.94
N THR A 419 26.93 -58.81 49.99
CA THR A 419 25.74 -58.07 50.40
C THR A 419 25.97 -57.46 51.77
N MET A 420 25.13 -56.50 52.13
CA MET A 420 25.32 -55.82 53.40
C MET A 420 25.23 -56.84 54.53
N HIS A 421 26.36 -57.16 55.14
CA HIS A 421 26.38 -58.19 56.16
C HIS A 421 25.51 -57.75 57.33
N ILE A 422 24.73 -58.69 57.86
CA ILE A 422 23.61 -58.33 58.72
C ILE A 422 24.12 -57.77 60.05
N ASN A 423 23.56 -56.62 60.45
CA ASN A 423 23.88 -55.98 61.71
C ASN A 423 22.60 -55.55 62.39
N GLU A 424 22.59 -55.62 63.71
CA GLU A 424 21.49 -55.06 64.50
C GLU A 424 21.73 -53.56 64.59
N ILE A 425 21.01 -52.80 63.77
CA ILE A 425 21.16 -51.37 63.72
C ILE A 425 20.10 -50.71 64.59
N GLU A 426 20.33 -49.46 64.95
CA GLU A 426 19.38 -48.66 65.70
C GLU A 426 18.54 -47.84 64.74
N MET A 427 17.37 -47.40 65.22
CA MET A 427 16.49 -46.56 64.42
C MET A 427 16.31 -45.17 64.99
N ASN A 428 15.83 -45.07 66.24
CA ASN A 428 15.61 -43.78 66.90
C ASN A 428 16.01 -43.88 68.36
N TYR A 429 17.16 -44.50 68.62
CA TYR A 429 17.56 -44.83 69.98
C TYR A 429 17.77 -43.58 70.83
N LYS A 430 17.39 -43.69 72.12
CA LYS A 430 17.65 -42.65 73.11
C LYS A 430 17.11 -41.28 72.67
N ASN A 431 15.91 -41.28 72.11
CA ASN A 431 15.28 -40.05 71.62
C ASN A 431 16.21 -39.33 70.63
N ARG A 432 16.44 -40.01 69.51
CA ARG A 432 17.32 -39.57 68.43
C ARG A 432 18.67 -39.07 68.94
N ILE A 433 19.17 -39.68 70.01
CA ILE A 433 20.54 -39.47 70.47
C ILE A 433 21.28 -40.79 70.33
N ASN A 434 21.94 -40.99 69.18
CA ASN A 434 22.63 -42.24 68.90
C ASN A 434 23.79 -41.93 67.96
N TYR A 435 24.48 -42.98 67.52
CA TYR A 435 25.62 -42.79 66.62
C TYR A 435 25.18 -42.44 65.21
N HIS A 436 23.87 -42.42 64.94
CA HIS A 436 23.37 -41.91 63.66
C HIS A 436 23.44 -40.40 63.57
N TYR A 437 23.35 -39.71 64.71
CA TYR A 437 23.05 -38.28 64.73
C TYR A 437 24.28 -37.47 65.12
N THR A 438 24.51 -36.38 64.39
CA THR A 438 25.58 -35.47 64.71
C THR A 438 25.26 -34.73 66.02
N PRO A 439 26.29 -34.31 66.76
CA PRO A 439 26.03 -33.64 68.03
C PRO A 439 25.23 -32.36 67.85
N THR A 440 24.51 -31.98 68.90
CA THR A 440 23.64 -30.82 68.87
C THR A 440 24.30 -29.56 69.43
N SER A 441 25.57 -29.62 69.78
CA SER A 441 26.25 -28.47 70.35
C SER A 441 27.75 -28.59 70.08
N PHE A 442 28.30 -27.60 69.36
CA PHE A 442 29.72 -27.57 69.08
C PHE A 442 30.16 -26.15 68.78
N SER A 443 31.23 -25.71 69.43
CA SER A 443 31.84 -24.42 69.15
C SER A 443 33.29 -24.67 68.75
N LEU A 444 33.68 -24.16 67.57
CA LEU A 444 35.04 -24.42 67.10
C LEU A 444 36.06 -23.69 67.95
N ILE A 445 35.76 -22.45 68.37
CA ILE A 445 36.67 -21.72 69.23
C ILE A 445 36.89 -22.46 70.54
N ASP A 446 35.82 -22.98 71.12
CA ASP A 446 35.95 -23.77 72.35
C ASP A 446 36.78 -25.02 72.11
N PHE A 447 36.56 -25.69 70.97
CA PHE A 447 37.31 -26.91 70.66
C PHE A 447 38.80 -26.61 70.49
N MET A 448 39.13 -25.56 69.76
CA MET A 448 40.53 -25.25 69.52
C MET A 448 41.24 -24.72 70.74
N GLN A 449 40.52 -24.07 71.66
CA GLN A 449 41.11 -23.74 72.95
C GLN A 449 41.47 -25.00 73.72
N TYR A 450 40.58 -26.00 73.71
CA TYR A 450 40.88 -27.27 74.35
C TYR A 450 42.04 -27.99 73.66
N ALA A 451 42.13 -27.87 72.34
CA ALA A 451 43.12 -28.64 71.59
C ALA A 451 44.54 -28.15 71.84
N MET A 452 44.77 -26.84 71.73
CA MET A 452 46.12 -26.32 71.88
C MET A 452 46.52 -26.08 73.32
N SER A 453 45.61 -26.26 74.28
CA SER A 453 45.97 -26.25 75.69
C SER A 453 46.04 -27.66 76.27
N TYR A 454 45.97 -28.67 75.41
CA TYR A 454 46.00 -30.07 75.84
C TYR A 454 47.43 -30.54 75.98
N LYS A 455 47.74 -31.15 77.12
CA LYS A 455 49.10 -31.56 77.43
C LYS A 455 49.17 -33.06 77.70
N LYS A 456 50.22 -33.68 77.17
CA LYS A 456 50.60 -35.03 77.54
C LYS A 456 52.05 -34.99 77.99
N ASN A 457 52.32 -35.53 79.18
CA ASN A 457 53.65 -35.50 79.79
C ASN A 457 54.17 -34.07 79.94
N GLY A 458 53.26 -33.12 80.20
CA GLY A 458 53.66 -31.76 80.46
C GLY A 458 54.04 -30.95 79.24
N LYS A 459 53.81 -31.47 78.03
CA LYS A 459 54.09 -30.72 76.81
C LYS A 459 52.86 -30.71 75.93
N ASN A 460 52.67 -29.59 75.22
CA ASN A 460 51.55 -29.48 74.30
C ASN A 460 51.74 -30.41 73.12
N ILE A 461 50.71 -31.20 72.83
CA ILE A 461 50.79 -32.12 71.69
C ILE A 461 50.90 -31.33 70.38
N LEU A 462 50.06 -30.31 70.22
CA LEU A 462 50.15 -29.38 69.09
C LEU A 462 50.87 -28.14 69.59
N ASN A 463 52.15 -28.02 69.26
CA ASN A 463 52.96 -26.89 69.71
C ASN A 463 52.60 -25.67 68.89
N TYR A 464 51.70 -24.84 69.42
CA TYR A 464 51.22 -23.65 68.72
C TYR A 464 51.21 -22.46 69.67
N ILE A 465 51.37 -21.27 69.10
CA ILE A 465 51.30 -20.02 69.84
C ILE A 465 49.89 -19.45 69.67
N PRO A 466 49.16 -19.19 70.74
CA PRO A 466 47.80 -18.61 70.63
C PRO A 466 47.79 -17.12 70.33
N LEU A 467 47.92 -16.79 69.04
CA LEU A 467 47.84 -15.40 68.62
C LEU A 467 46.47 -14.81 68.91
N LYS A 468 45.41 -15.57 68.67
CA LYS A 468 44.05 -15.12 68.92
C LYS A 468 43.23 -16.33 69.33
N GLN A 469 42.63 -16.26 70.53
CA GLN A 469 41.82 -17.36 71.03
C GLN A 469 40.35 -16.94 71.12
N MET B 1 -44.44 67.28 -12.57
CA MET B 1 -44.29 67.73 -13.95
C MET B 1 -43.95 66.58 -14.89
N LYS B 2 -43.64 66.92 -16.13
CA LYS B 2 -43.52 65.91 -17.18
C LYS B 2 -42.19 65.18 -17.10
N TYR B 3 -42.24 63.86 -17.27
CA TYR B 3 -41.06 63.01 -17.35
C TYR B 3 -41.23 62.08 -18.53
N ILE B 4 -40.15 61.83 -19.25
CA ILE B 4 -40.15 60.92 -20.40
C ILE B 4 -39.10 59.84 -20.16
N ALA B 5 -39.51 58.58 -20.29
CA ALA B 5 -38.61 57.44 -20.09
C ALA B 5 -38.59 56.57 -21.33
N ILE B 6 -37.41 56.07 -21.69
CA ILE B 6 -37.19 55.36 -22.95
C ILE B 6 -36.55 54.01 -22.65
N THR B 7 -37.09 52.96 -23.26
CA THR B 7 -36.43 51.66 -23.33
C THR B 7 -36.01 51.42 -24.78
N LEU B 8 -34.83 50.82 -24.94
CA LEU B 8 -34.14 50.96 -26.22
C LEU B 8 -34.53 49.90 -27.25
N GLY B 9 -34.33 48.62 -26.96
CA GLY B 9 -34.61 47.60 -27.95
C GLY B 9 -34.31 46.17 -27.54
N PRO B 10 -34.48 45.24 -28.48
CA PRO B 10 -34.28 43.79 -28.23
C PRO B 10 -32.82 43.39 -28.20
N ILE B 11 -32.17 43.67 -27.07
CA ILE B 11 -30.74 43.43 -26.96
C ILE B 11 -30.44 41.93 -26.92
N THR B 12 -31.27 41.16 -26.20
CA THR B 12 -31.00 39.74 -26.03
C THR B 12 -31.06 38.99 -27.36
N ARG B 13 -32.09 39.26 -28.16
CA ARG B 13 -32.24 38.57 -29.43
C ARG B 13 -31.09 38.90 -30.37
N THR B 14 -30.71 40.17 -30.43
CA THR B 14 -29.62 40.59 -31.31
C THR B 14 -28.29 39.98 -30.86
N ILE B 15 -28.08 39.87 -29.55
CA ILE B 15 -26.88 39.22 -29.04
C ILE B 15 -26.88 37.74 -29.41
N GLU B 16 -28.03 37.09 -29.28
CA GLU B 16 -28.12 35.67 -29.64
C GLU B 16 -27.90 35.45 -31.13
N MET B 17 -28.26 36.43 -31.96
CA MET B 17 -28.01 36.32 -33.39
C MET B 17 -26.53 36.25 -33.72
N ALA B 18 -25.67 36.76 -32.85
CA ALA B 18 -24.24 36.79 -33.11
C ALA B 18 -23.65 35.38 -33.04
N GLU B 19 -22.44 35.24 -33.60
CA GLU B 19 -21.76 33.95 -33.62
C GLU B 19 -20.35 34.00 -33.04
N SER B 20 -19.61 35.09 -33.20
CA SER B 20 -18.29 35.23 -32.59
C SER B 20 -18.26 36.53 -31.81
N THR B 21 -17.07 36.89 -31.33
CA THR B 21 -16.95 38.06 -30.46
C THR B 21 -17.04 39.37 -31.26
N LYS B 22 -16.60 39.37 -32.52
CA LYS B 22 -16.79 40.57 -33.33
C LYS B 22 -18.26 40.87 -33.50
N GLU B 23 -19.06 39.85 -33.82
CA GLU B 23 -20.50 40.06 -33.96
C GLU B 23 -21.13 40.47 -32.64
N LEU B 24 -20.63 39.92 -31.53
CA LEU B 24 -21.16 40.28 -30.22
C LEU B 24 -20.87 41.74 -29.89
N TRP B 25 -19.62 42.17 -30.09
CA TRP B 25 -19.27 43.56 -29.83
C TRP B 25 -20.01 44.50 -30.77
N ALA B 26 -20.17 44.09 -32.03
CA ALA B 26 -20.92 44.90 -32.97
C ALA B 26 -22.38 45.03 -32.55
N ALA B 27 -22.98 43.94 -32.08
CA ALA B 27 -24.38 43.98 -31.65
C ALA B 27 -24.54 44.86 -30.42
N SER B 28 -23.62 44.78 -29.48
CA SER B 28 -23.70 45.63 -28.29
C SER B 28 -23.51 47.09 -28.64
N TYR B 29 -22.50 47.38 -29.48
CA TYR B 29 -22.26 48.76 -29.87
C TYR B 29 -23.35 49.30 -30.78
N PHE B 30 -24.10 48.44 -31.46
CA PHE B 30 -25.24 48.92 -32.24
C PHE B 30 -26.28 49.57 -31.34
N PHE B 31 -26.59 48.91 -30.21
CA PHE B 31 -27.56 49.48 -29.30
C PHE B 31 -26.99 50.66 -28.55
N SER B 32 -25.70 50.60 -28.19
CA SER B 32 -25.06 51.76 -27.58
C SER B 32 -25.11 52.97 -28.52
N TYR B 33 -24.82 52.76 -29.81
CA TYR B 33 -24.83 53.84 -30.78
C TYR B 33 -26.24 54.35 -31.04
N LEU B 34 -27.23 53.44 -31.06
CA LEU B 34 -28.61 53.86 -31.24
C LEU B 34 -29.06 54.74 -30.08
N ALA B 35 -28.73 54.35 -28.85
CA ALA B 35 -29.06 55.18 -27.70
C ALA B 35 -28.34 56.52 -27.76
N LYS B 36 -27.06 56.50 -28.15
CA LYS B 36 -26.29 57.72 -28.33
C LYS B 36 -26.99 58.68 -29.28
N LYS B 37 -27.36 58.17 -30.46
CA LYS B 37 -27.99 59.02 -31.47
C LYS B 37 -29.35 59.52 -31.01
N ILE B 38 -30.13 58.67 -30.33
CA ILE B 38 -31.44 59.09 -29.87
C ILE B 38 -31.31 60.21 -28.84
N VAL B 39 -30.41 60.05 -27.87
CA VAL B 39 -30.37 61.00 -26.77
C VAL B 39 -29.53 62.23 -27.06
N GLU B 40 -28.70 62.21 -28.11
CA GLU B 40 -27.87 63.37 -28.40
C GLU B 40 -28.66 64.66 -28.63
N PRO B 41 -29.77 64.68 -29.38
CA PRO B 41 -30.53 65.94 -29.49
C PRO B 41 -31.02 66.47 -28.17
N PHE B 42 -31.41 65.60 -27.24
CA PHE B 42 -31.85 66.08 -25.93
C PHE B 42 -30.68 66.52 -25.06
N VAL B 43 -29.55 65.83 -25.13
CA VAL B 43 -28.38 66.24 -24.37
C VAL B 43 -27.90 67.61 -24.84
N LYS B 44 -27.84 67.82 -26.15
CA LYS B 44 -27.45 69.12 -26.68
C LYS B 44 -28.48 70.21 -26.38
N LYS B 45 -29.73 69.85 -26.16
CA LYS B 45 -30.75 70.80 -25.72
C LYS B 45 -30.70 71.06 -24.22
N ASN B 46 -29.83 70.34 -23.51
CA ASN B 46 -29.60 70.52 -22.07
C ASN B 46 -30.89 70.28 -21.28
N ARG B 47 -31.42 69.06 -21.42
CA ARG B 47 -32.52 68.62 -20.59
C ARG B 47 -31.98 68.07 -19.27
N THR B 48 -32.86 68.02 -18.26
CA THR B 48 -32.50 67.51 -16.95
C THR B 48 -32.60 65.99 -17.00
N PHE B 49 -31.47 65.31 -16.86
CA PHE B 49 -31.39 63.86 -16.97
C PHE B 49 -31.42 63.25 -15.57
N GLN B 50 -32.12 62.14 -15.42
CA GLN B 50 -32.26 61.51 -14.12
C GLN B 50 -31.62 60.14 -14.02
N LEU B 51 -31.85 59.25 -14.99
CA LEU B 51 -31.32 57.90 -14.82
C LEU B 51 -29.81 57.89 -15.07
N PRO B 52 -29.31 58.31 -16.24
CA PRO B 52 -27.85 58.38 -16.41
C PRO B 52 -27.33 59.78 -16.13
N LEU B 53 -26.00 59.86 -15.99
CA LEU B 53 -25.32 61.15 -15.93
C LEU B 53 -24.57 61.30 -17.26
N ILE B 54 -25.23 61.89 -18.25
CA ILE B 54 -24.64 62.04 -19.57
C ILE B 54 -23.85 63.35 -19.54
N ASN B 55 -22.61 63.25 -19.06
CA ASN B 55 -21.68 64.37 -19.13
C ASN B 55 -20.87 64.26 -20.41
N GLU B 56 -19.82 65.10 -20.53
CA GLU B 56 -19.00 65.06 -21.74
C GLU B 56 -18.11 63.84 -21.81
N GLU B 57 -17.90 63.13 -20.70
CA GLU B 57 -16.98 62.00 -20.70
C GLU B 57 -17.52 60.80 -21.47
N MET B 58 -18.83 60.53 -21.39
CA MET B 58 -19.38 59.37 -22.08
C MET B 58 -19.34 59.54 -23.59
N GLN B 59 -19.56 60.76 -24.09
CA GLN B 59 -19.60 60.97 -25.53
C GLN B 59 -18.25 60.73 -26.20
N LYS B 60 -17.15 60.94 -25.49
CA LYS B 60 -15.84 60.67 -26.06
C LYS B 60 -15.64 59.17 -26.20
N PRO B 61 -15.16 58.70 -27.36
CA PRO B 61 -14.90 57.27 -27.53
C PRO B 61 -13.84 56.78 -26.54
N HIS B 62 -14.23 55.87 -25.68
CA HIS B 62 -13.34 55.33 -24.65
C HIS B 62 -13.04 53.87 -24.97
N CYS B 63 -11.98 53.66 -25.76
CA CYS B 63 -11.46 52.34 -26.13
C CYS B 63 -12.47 51.48 -26.86
N GLY B 64 -13.50 52.08 -27.45
CA GLY B 64 -14.45 51.33 -28.26
C GLY B 64 -15.35 50.42 -27.45
N ALA B 65 -16.08 51.00 -26.51
CA ALA B 65 -17.03 50.26 -25.69
C ALA B 65 -18.28 51.10 -25.49
N GLY B 66 -19.38 50.42 -25.21
CA GLY B 66 -20.66 51.06 -25.07
C GLY B 66 -20.94 51.43 -23.63
N LEU B 67 -20.97 52.73 -23.35
CA LEU B 67 -21.31 53.23 -22.03
C LEU B 67 -22.76 53.66 -21.92
N PHE B 68 -23.45 53.86 -23.03
CA PHE B 68 -24.80 54.38 -23.00
C PHE B 68 -25.78 53.27 -22.69
N PRO B 69 -26.54 53.34 -21.60
CA PRO B 69 -27.46 52.26 -21.25
C PRO B 69 -28.68 52.21 -22.16
N ASP B 70 -29.64 51.35 -21.84
CA ASP B 70 -30.87 51.24 -22.61
C ASP B 70 -32.05 51.97 -21.97
N ARG B 71 -31.87 52.60 -20.83
CA ARG B 71 -32.94 53.31 -20.14
C ARG B 71 -32.51 54.74 -19.86
N TYR B 72 -33.37 55.70 -20.23
CA TYR B 72 -33.15 57.11 -19.93
C TYR B 72 -34.46 57.75 -19.48
N ILE B 73 -34.36 58.67 -18.52
CA ILE B 73 -35.51 59.38 -17.97
C ILE B 73 -35.27 60.87 -18.13
N PHE B 74 -36.19 61.56 -18.79
CA PHE B 74 -36.07 62.99 -19.09
C PHE B 74 -36.84 63.81 -18.08
N LYS B 75 -36.58 65.11 -18.08
CA LYS B 75 -37.49 66.10 -17.53
C LYS B 75 -38.00 66.93 -18.70
N SER B 76 -39.28 66.77 -19.02
CA SER B 76 -39.81 67.26 -20.28
C SER B 76 -40.45 68.64 -20.14
N GLU B 77 -40.15 69.50 -21.10
CA GLU B 77 -40.86 70.75 -21.30
C GLU B 77 -41.78 70.56 -22.50
N PRO B 78 -42.96 71.17 -22.52
CA PRO B 78 -43.91 70.90 -23.60
C PRO B 78 -43.37 71.23 -24.98
N GLY B 79 -43.17 70.21 -25.81
CA GLY B 79 -42.64 70.42 -27.13
C GLY B 79 -41.52 69.48 -27.51
N ASP B 80 -41.27 68.45 -26.70
CA ASP B 80 -40.18 67.51 -26.97
C ASP B 80 -40.66 66.11 -27.32
N LEU B 81 -41.92 65.78 -27.00
CA LEU B 81 -42.45 64.48 -27.35
C LEU B 81 -42.46 64.28 -28.86
N GLU B 82 -42.96 65.27 -29.60
CA GLU B 82 -43.06 65.13 -31.04
C GLU B 82 -41.69 65.19 -31.71
N LEU B 83 -40.74 65.96 -31.19
CA LEU B 83 -39.42 65.97 -31.80
C LEU B 83 -38.68 64.67 -31.50
N LEU B 84 -38.94 64.08 -30.34
CA LEU B 84 -38.46 62.71 -30.09
C LEU B 84 -39.08 61.74 -31.09
N LYS B 85 -40.38 61.91 -31.38
CA LYS B 85 -41.03 61.06 -32.36
C LYS B 85 -40.36 61.17 -33.73
N GLN B 86 -40.08 62.39 -34.17
CA GLN B 86 -39.45 62.58 -35.48
C GLN B 86 -38.01 62.11 -35.49
N HIS B 87 -37.27 62.30 -34.38
CA HIS B 87 -35.90 61.81 -34.33
C HIS B 87 -35.87 60.29 -34.31
N SER B 88 -36.92 59.65 -33.81
CA SER B 88 -36.97 58.19 -33.78
C SER B 88 -36.86 57.59 -35.17
N ASP B 89 -37.50 58.18 -36.18
CA ASP B 89 -37.31 57.71 -37.55
C ASP B 89 -36.20 58.44 -38.28
N GLN B 90 -35.79 59.63 -37.82
CA GLN B 90 -34.59 60.24 -38.38
C GLN B 90 -33.40 59.31 -38.18
N VAL B 91 -33.26 58.75 -36.98
CA VAL B 91 -32.20 57.78 -36.70
C VAL B 91 -32.35 56.55 -37.57
N LEU B 92 -33.58 56.12 -37.83
CA LEU B 92 -33.78 54.92 -38.65
C LEU B 92 -33.34 55.16 -40.09
N ILE B 93 -33.71 56.29 -40.67
CA ILE B 93 -33.21 56.64 -42.00
C ILE B 93 -31.68 56.76 -41.99
N GLU B 94 -31.12 57.34 -40.93
CA GLU B 94 -29.67 57.48 -40.86
C GLU B 94 -28.98 56.12 -40.84
N ILE B 95 -29.48 55.19 -40.04
CA ILE B 95 -28.90 53.86 -40.00
C ILE B 95 -29.09 53.15 -41.33
N ALA B 96 -30.27 53.29 -41.93
CA ALA B 96 -30.53 52.66 -43.22
C ALA B 96 -29.55 53.16 -44.28
N GLY B 97 -29.27 54.46 -44.28
CA GLY B 97 -28.26 54.98 -45.18
C GLY B 97 -26.87 54.48 -44.85
N HIS B 98 -26.56 54.35 -43.57
CA HIS B 98 -25.24 53.86 -43.17
C HIS B 98 -25.01 52.43 -43.62
N ILE B 99 -26.01 51.56 -43.44
CA ILE B 99 -25.90 50.19 -43.92
C ILE B 99 -25.83 50.16 -45.44
N ALA B 100 -26.68 50.96 -46.09
CA ALA B 100 -26.67 51.03 -47.54
C ALA B 100 -25.48 51.84 -48.04
N SER B 101 -24.28 51.30 -47.85
CA SER B 101 -23.06 51.98 -48.26
C SER B 101 -22.05 50.97 -48.77
N PRO B 102 -21.39 51.24 -49.90
CA PRO B 102 -20.41 50.29 -50.45
C PRO B 102 -19.20 50.09 -49.56
N SER B 103 -19.04 50.88 -48.49
CA SER B 103 -17.92 50.67 -47.58
C SER B 103 -17.96 49.27 -46.96
N LEU B 104 -19.16 48.73 -46.76
CA LEU B 104 -19.43 47.37 -46.31
C LEU B 104 -19.50 46.42 -47.50
N PRO B 105 -19.11 45.16 -47.32
CA PRO B 105 -19.24 44.18 -48.40
C PRO B 105 -20.70 43.96 -48.76
N GLY B 106 -20.90 43.29 -49.90
CA GLY B 106 -22.23 42.97 -50.38
C GLY B 106 -22.42 43.40 -51.82
N THR B 107 -23.68 43.32 -52.26
CA THR B 107 -24.05 43.64 -53.63
C THR B 107 -25.32 44.49 -53.62
N ALA B 108 -25.14 45.81 -53.64
CA ALA B 108 -26.23 46.79 -53.65
C ALA B 108 -27.11 46.66 -52.42
N LYS B 109 -28.09 47.56 -52.29
CA LYS B 109 -28.91 47.67 -51.10
C LYS B 109 -30.28 48.21 -51.51
N ASP B 110 -31.06 48.58 -50.50
CA ASP B 110 -32.22 49.45 -50.69
C ASP B 110 -32.60 50.01 -49.33
N VAL B 111 -32.63 51.33 -49.21
CA VAL B 111 -32.82 51.96 -47.91
C VAL B 111 -34.23 51.70 -47.38
N SER B 112 -35.22 51.63 -48.27
CA SER B 112 -36.61 51.55 -47.83
C SER B 112 -36.89 50.27 -47.03
N GLN B 113 -36.51 49.12 -47.58
CA GLN B 113 -36.74 47.88 -46.85
C GLN B 113 -35.87 47.77 -45.61
N ILE B 114 -34.68 48.38 -45.63
CA ILE B 114 -33.87 48.41 -44.41
C ILE B 114 -34.59 49.18 -43.31
N TYR B 115 -35.16 50.33 -43.67
CA TYR B 115 -35.90 51.13 -42.69
C TYR B 115 -37.11 50.38 -42.17
N HIS B 116 -37.85 49.72 -43.06
CA HIS B 116 -39.03 48.97 -42.62
C HIS B 116 -38.64 47.82 -41.71
N TYR B 117 -37.58 47.08 -42.06
CA TYR B 117 -37.10 45.99 -41.22
C TYR B 117 -36.65 46.50 -39.86
N LEU B 118 -35.92 47.62 -39.84
CA LEU B 118 -35.46 48.16 -38.57
C LEU B 118 -36.61 48.61 -37.69
N LYS B 119 -37.61 49.28 -38.28
CA LYS B 119 -38.76 49.70 -37.48
C LYS B 119 -39.55 48.51 -36.98
N SER B 120 -39.60 47.43 -37.76
CA SER B 120 -40.28 46.23 -37.30
C SER B 120 -39.51 45.55 -36.18
N TYR B 121 -38.18 45.60 -36.22
CA TYR B 121 -37.35 44.87 -35.27
C TYR B 121 -36.97 45.71 -34.05
N ILE B 122 -36.36 46.87 -34.27
CA ILE B 122 -35.93 47.73 -33.17
C ILE B 122 -37.17 48.34 -32.53
N LYS B 123 -37.34 48.09 -31.23
CA LYS B 123 -38.52 48.55 -30.50
C LYS B 123 -38.14 49.77 -29.67
N ILE B 124 -38.43 50.95 -30.19
CA ILE B 124 -38.19 52.21 -29.48
C ILE B 124 -39.49 52.59 -28.79
N TYR B 125 -39.53 52.41 -27.48
CA TYR B 125 -40.68 52.79 -26.66
C TYR B 125 -40.29 53.95 -25.75
N PHE B 126 -41.15 54.95 -25.69
CA PHE B 126 -40.96 56.04 -24.73
C PHE B 126 -42.29 56.34 -24.04
N ILE B 127 -42.24 56.46 -22.73
CA ILE B 127 -43.40 56.69 -21.88
C ILE B 127 -43.40 58.13 -21.42
N GLU B 128 -44.59 58.73 -21.37
CA GLU B 128 -44.76 60.09 -20.88
C GLU B 128 -45.61 60.04 -19.63
N ARG B 129 -45.10 60.60 -18.53
CA ARG B 129 -45.80 60.60 -17.25
C ARG B 129 -45.76 61.99 -16.65
N THR B 130 -46.90 62.45 -16.17
CA THR B 130 -47.02 63.75 -15.51
C THR B 130 -47.29 63.47 -14.03
N LEU B 131 -46.22 63.31 -13.26
CA LEU B 131 -46.31 62.97 -11.85
C LEU B 131 -45.95 64.18 -11.00
N GLU B 132 -46.49 64.21 -9.78
CA GLU B 132 -46.28 65.32 -8.86
C GLU B 132 -45.11 64.89 -7.99
N SER B 133 -43.91 65.31 -8.41
CA SER B 133 -42.70 65.29 -7.59
C SER B 133 -41.59 66.01 -8.33
N ASP B 134 -40.77 66.77 -7.61
CA ASP B 134 -39.54 67.31 -8.17
C ASP B 134 -38.34 66.55 -7.62
N ASP B 135 -38.60 65.38 -7.05
CA ASP B 135 -37.56 64.57 -6.43
C ASP B 135 -37.25 63.38 -7.33
N PRO B 136 -36.04 63.25 -7.87
CA PRO B 136 -35.73 62.10 -8.73
C PRO B 136 -35.83 60.78 -8.02
N HIS B 137 -35.83 60.80 -6.69
CA HIS B 137 -35.63 59.57 -5.93
C HIS B 137 -36.88 58.71 -5.95
N VAL B 138 -38.06 59.33 -5.99
CA VAL B 138 -39.29 58.60 -6.28
C VAL B 138 -39.57 58.57 -7.78
N VAL B 139 -38.99 59.47 -8.55
CA VAL B 139 -39.23 59.53 -9.99
C VAL B 139 -38.71 58.28 -10.67
N ILE B 140 -37.45 57.93 -10.42
CA ILE B 140 -36.82 56.85 -11.17
C ILE B 140 -37.45 55.49 -10.89
N PRO B 141 -37.80 55.10 -9.66
CA PRO B 141 -38.46 53.79 -9.50
C PRO B 141 -39.83 53.76 -10.13
N ALA B 142 -40.57 54.87 -10.03
CA ALA B 142 -41.91 54.93 -10.59
C ALA B 142 -41.89 54.74 -12.10
N CYS B 143 -40.94 55.41 -12.77
CA CYS B 143 -40.83 55.25 -14.22
C CYS B 143 -40.28 53.89 -14.59
N GLU B 144 -39.35 53.36 -13.78
CA GLU B 144 -38.76 52.07 -14.08
C GLU B 144 -39.77 50.94 -14.00
N LYS B 145 -40.67 50.98 -13.02
CA LYS B 145 -41.62 49.87 -12.93
C LYS B 145 -42.58 49.86 -14.10
N TYR B 146 -42.92 51.03 -14.64
CA TYR B 146 -43.76 51.08 -15.83
C TYR B 146 -42.99 50.65 -17.07
N LEU B 147 -41.71 51.04 -17.15
CA LEU B 147 -40.89 50.63 -18.29
C LEU B 147 -40.75 49.11 -18.35
N ASN B 148 -40.64 48.47 -17.18
CA ASN B 148 -40.47 47.02 -17.15
C ASN B 148 -41.66 46.30 -17.75
N ILE B 149 -42.88 46.74 -17.43
CA ILE B 149 -44.05 46.11 -18.02
C ILE B 149 -44.25 46.58 -19.45
N ILE B 150 -43.79 47.78 -19.78
CA ILE B 150 -43.91 48.27 -21.15
C ILE B 150 -43.06 47.43 -22.09
N GLU B 151 -41.94 46.92 -21.58
CA GLU B 151 -41.00 46.14 -22.39
C GLU B 151 -41.66 44.95 -23.08
N ASN B 152 -42.69 44.39 -22.47
CA ASN B 152 -43.27 43.12 -22.95
C ASN B 152 -44.31 43.34 -24.05
N GLN B 153 -43.93 44.06 -25.10
CA GLN B 153 -44.75 44.20 -26.30
C GLN B 153 -43.90 43.81 -27.49
N GLU B 154 -44.36 42.82 -28.24
CA GLU B 154 -43.55 42.20 -29.29
C GLU B 154 -43.85 42.83 -30.63
N THR B 155 -42.86 43.53 -31.18
CA THR B 155 -42.91 44.00 -32.56
C THR B 155 -41.81 43.29 -33.35
N PHE B 156 -42.19 42.67 -34.45
CA PHE B 156 -41.26 41.88 -35.23
C PHE B 156 -41.56 42.02 -36.72
N PRO B 157 -40.56 41.79 -37.57
CA PRO B 157 -40.85 41.69 -39.02
C PRO B 157 -41.58 40.39 -39.32
N GLU B 158 -42.70 40.51 -40.02
CA GLU B 158 -43.52 39.35 -40.30
C GLU B 158 -42.90 38.47 -41.39
N GLN B 159 -42.68 39.02 -42.57
CA GLN B 159 -41.97 38.31 -43.63
C GLN B 159 -40.48 38.62 -43.54
N GLU B 160 -39.67 37.58 -43.54
CA GLU B 160 -38.24 37.72 -43.69
C GLU B 160 -37.79 37.04 -44.97
N GLU B 161 -37.27 37.84 -45.88
CA GLU B 161 -36.99 37.40 -47.24
C GLU B 161 -35.52 37.02 -47.31
N THR B 162 -35.25 35.72 -47.40
CA THR B 162 -33.88 35.23 -47.29
C THR B 162 -33.46 34.43 -48.53
N MET B 163 -32.28 33.81 -48.46
CA MET B 163 -31.61 33.22 -49.61
C MET B 163 -31.90 33.98 -50.90
N ILE B 164 -32.59 33.38 -51.87
CA ILE B 164 -32.80 33.92 -53.23
C ILE B 164 -31.61 34.77 -53.65
N SER B 165 -30.42 34.16 -53.64
CA SER B 165 -29.15 34.87 -53.78
C SER B 165 -29.10 36.08 -52.85
N HIS B 166 -29.49 37.26 -53.35
CA HIS B 166 -29.46 38.47 -52.56
C HIS B 166 -30.78 39.22 -52.69
N GLN B 167 -31.67 39.00 -51.73
CA GLN B 167 -32.73 39.94 -51.42
C GLN B 167 -32.78 40.04 -49.90
N LYS B 168 -31.60 40.22 -49.31
CA LYS B 168 -31.38 40.21 -47.87
C LYS B 168 -32.42 41.03 -47.12
N SER B 169 -32.85 40.51 -45.98
CA SER B 169 -33.70 41.26 -45.05
C SER B 169 -33.17 41.17 -43.62
N ASP B 170 -32.23 40.26 -43.38
CA ASP B 170 -31.59 40.09 -42.07
C ASP B 170 -30.45 41.11 -41.96
N PHE B 171 -30.83 42.38 -42.00
CA PHE B 171 -29.89 43.49 -42.09
C PHE B 171 -29.04 43.66 -40.85
N LEU B 172 -29.57 43.34 -39.67
CA LEU B 172 -28.75 43.41 -38.46
C LEU B 172 -27.68 42.32 -38.46
N LYS B 173 -28.04 41.11 -38.89
CA LYS B 173 -27.02 40.10 -39.13
C LYS B 173 -25.99 40.55 -40.16
N PHE B 174 -26.45 41.21 -41.22
CA PHE B 174 -25.54 41.74 -42.22
C PHE B 174 -24.56 42.71 -41.59
N LEU B 175 -25.06 43.62 -40.75
CA LEU B 175 -24.20 44.62 -40.12
C LEU B 175 -23.20 43.98 -39.17
N ILE B 176 -23.67 43.06 -38.32
CA ILE B 176 -22.78 42.51 -37.29
C ILE B 176 -21.73 41.59 -37.92
N THR B 177 -22.12 40.77 -38.90
CA THR B 177 -21.17 39.81 -39.45
C THR B 177 -20.15 40.50 -40.34
N ASN B 178 -20.52 41.61 -40.96
CA ASN B 178 -19.58 42.45 -41.69
C ASN B 178 -19.61 43.83 -41.04
N VAL B 179 -18.81 43.98 -39.98
CA VAL B 179 -18.72 45.24 -39.26
C VAL B 179 -17.34 45.86 -39.31
N ASN B 180 -16.32 45.10 -39.70
CA ASN B 180 -14.95 45.60 -39.72
C ASN B 180 -14.58 46.16 -41.09
N GLY B 181 -15.14 45.62 -42.16
CA GLY B 181 -14.97 46.19 -43.48
C GLY B 181 -14.46 45.21 -44.52
N LYS B 182 -13.45 45.64 -45.28
CA LYS B 182 -12.82 44.77 -46.27
C LYS B 182 -11.31 44.92 -46.13
N ILE B 183 -10.57 43.92 -46.62
CA ILE B 183 -9.12 43.92 -46.46
C ILE B 183 -8.43 45.05 -47.23
N TYR B 184 -8.97 45.46 -48.38
CA TYR B 184 -8.60 46.71 -49.03
C TYR B 184 -7.10 46.78 -49.34
N ARG B 185 -6.65 45.98 -50.31
CA ARG B 185 -5.26 45.80 -50.69
C ARG B 185 -4.42 47.10 -50.68
N LYS B 186 -5.05 48.23 -51.03
CA LYS B 186 -4.43 49.56 -51.00
C LYS B 186 -3.39 49.82 -52.09
N ASP B 187 -2.76 48.75 -52.60
CA ASP B 187 -1.73 48.84 -53.63
C ASP B 187 -1.24 47.43 -53.94
N LYS B 188 -0.06 47.33 -54.57
CA LYS B 188 0.63 46.05 -54.70
C LYS B 188 1.40 45.73 -53.42
N ASN B 189 1.91 46.76 -52.75
CA ASN B 189 2.70 46.58 -51.53
C ASN B 189 2.05 47.35 -50.39
N SER B 190 1.28 46.64 -49.56
CA SER B 190 0.66 47.24 -48.39
C SER B 190 0.66 46.30 -47.20
N ILE B 191 0.56 46.92 -46.02
CA ILE B 191 -0.01 46.27 -44.84
C ILE B 191 -1.53 46.35 -44.94
N PRO B 192 -2.24 45.22 -44.90
CA PRO B 192 -3.70 45.27 -45.06
C PRO B 192 -4.38 45.97 -43.90
N ARG B 193 -5.42 46.74 -44.21
CA ARG B 193 -6.26 47.37 -43.20
C ARG B 193 -7.73 47.25 -43.58
N PHE B 194 -8.54 47.04 -42.55
CA PHE B 194 -9.99 46.91 -42.68
C PHE B 194 -10.60 48.26 -42.98
N THR B 195 -11.74 48.24 -43.68
CA THR B 195 -12.37 49.49 -44.11
C THR B 195 -12.96 50.25 -42.92
N GLY B 196 -13.90 49.63 -42.21
CA GLY B 196 -14.56 50.28 -41.10
C GLY B 196 -16.01 50.60 -41.40
N SER B 197 -16.80 50.83 -40.36
CA SER B 197 -18.22 51.13 -40.50
C SER B 197 -18.56 52.23 -39.49
N PHE B 198 -19.85 52.56 -39.39
CA PHE B 198 -20.25 53.64 -38.49
C PHE B 198 -19.98 53.27 -37.04
N LEU B 199 -20.14 51.99 -36.69
CA LEU B 199 -19.87 51.56 -35.33
C LEU B 199 -18.39 51.67 -34.97
N THR B 200 -17.50 51.13 -35.80
CA THR B 200 -16.08 51.18 -35.47
C THR B 200 -15.46 52.53 -35.78
N ARG B 201 -16.20 53.44 -36.40
CA ARG B 201 -15.75 54.82 -36.55
C ARG B 201 -16.26 55.72 -35.43
N ASP B 202 -17.47 55.48 -34.95
CA ASP B 202 -17.92 56.11 -33.71
C ASP B 202 -17.09 55.62 -32.53
N ALA B 203 -16.59 54.39 -32.61
CA ALA B 203 -15.60 53.87 -31.68
C ALA B 203 -14.22 54.40 -32.05
N PHE B 204 -13.18 53.75 -31.54
CA PHE B 204 -11.79 54.16 -31.74
C PHE B 204 -11.55 54.65 -33.17
N GLY B 205 -10.83 55.77 -33.28
CA GLY B 205 -10.60 56.41 -34.55
C GLY B 205 -9.28 56.05 -35.21
N ASP B 206 -8.42 57.04 -35.44
CA ASP B 206 -7.17 56.86 -36.17
C ASP B 206 -6.02 57.54 -35.45
N MET B 207 -5.91 57.30 -34.15
CA MET B 207 -4.84 57.87 -33.32
C MET B 207 -3.82 56.81 -32.90
N ASN B 208 -3.48 55.93 -33.84
CA ASN B 208 -2.53 54.83 -33.63
C ASN B 208 -3.08 53.78 -32.68
N GLY B 209 -2.63 52.54 -32.81
CA GLY B 209 -3.22 51.46 -32.05
C GLY B 209 -4.67 51.23 -32.38
N GLU B 210 -5.06 51.44 -33.64
CA GLU B 210 -6.46 51.36 -34.06
C GLU B 210 -6.68 50.22 -35.05
N ARG B 211 -5.85 49.18 -35.01
CA ARG B 211 -5.95 48.07 -35.95
C ARG B 211 -7.13 47.17 -35.60
N LEU B 212 -8.30 47.81 -35.57
CA LEU B 212 -9.61 47.27 -35.22
C LEU B 212 -9.57 45.96 -34.44
N PHE B 213 -10.28 44.95 -34.92
CA PHE B 213 -10.47 43.73 -34.16
C PHE B 213 -10.85 42.60 -35.10
N GLU B 214 -10.24 41.43 -34.90
CA GLU B 214 -10.54 40.27 -35.74
C GLU B 214 -10.09 39.01 -35.03
N SER B 215 -10.92 37.98 -35.11
CA SER B 215 -10.68 36.68 -34.47
C SER B 215 -10.52 36.83 -32.96
N ILE B 216 -10.04 35.76 -32.32
CA ILE B 216 -10.01 35.70 -30.86
C ILE B 216 -8.62 35.46 -30.31
N LEU B 217 -7.72 34.87 -31.09
CA LEU B 217 -6.46 34.37 -30.56
C LEU B 217 -5.49 35.50 -30.24
N GLU B 218 -5.66 36.66 -30.87
CA GLU B 218 -4.84 37.80 -30.50
C GLU B 218 -5.30 38.40 -29.18
N ILE B 219 -6.59 38.29 -28.86
CA ILE B 219 -7.04 38.61 -27.52
C ILE B 219 -6.46 37.63 -26.52
N SER B 220 -6.60 36.33 -26.80
CA SER B 220 -6.17 35.30 -25.86
C SER B 220 -4.67 35.20 -25.73
N ALA B 221 -3.90 35.84 -26.62
CA ALA B 221 -2.46 35.78 -26.55
C ALA B 221 -1.81 37.15 -26.73
N SER B 222 -2.39 38.20 -26.16
CA SER B 222 -1.85 39.54 -26.36
C SER B 222 -0.68 39.80 -25.42
N GLU B 223 0.27 38.87 -25.38
CA GLU B 223 1.52 39.07 -24.66
C GLU B 223 2.75 38.62 -25.45
N LEU B 224 2.58 37.73 -26.43
CA LEU B 224 3.72 37.16 -27.14
C LEU B 224 4.51 38.20 -27.91
N ASN B 225 3.96 39.39 -28.11
CA ASN B 225 4.68 40.54 -28.65
C ASN B 225 5.17 40.31 -30.08
N ILE B 226 4.53 39.39 -30.81
CA ILE B 226 4.70 39.29 -32.24
C ILE B 226 3.32 39.41 -32.89
N ASN B 227 3.28 40.06 -34.04
CA ASN B 227 2.04 40.62 -34.57
C ASN B 227 1.10 39.55 -35.12
N ILE B 228 0.14 39.12 -34.32
CA ILE B 228 -0.83 38.11 -34.76
C ILE B 228 -1.55 38.59 -36.03
N GLN B 229 -2.08 39.81 -35.97
CA GLN B 229 -3.04 40.25 -36.98
C GLN B 229 -2.39 40.37 -38.35
N GLN B 230 -1.26 41.07 -38.44
CA GLN B 230 -0.61 41.26 -39.73
C GLN B 230 0.07 39.98 -40.21
N LYS B 231 0.71 39.24 -39.29
CA LYS B 231 1.33 37.98 -39.68
C LYS B 231 0.32 36.99 -40.24
N ALA B 232 -0.93 37.05 -39.80
CA ALA B 232 -1.97 36.20 -40.35
C ALA B 232 -2.70 36.82 -41.53
N LEU B 233 -2.75 38.15 -41.63
CA LEU B 233 -3.38 38.81 -42.77
C LEU B 233 -2.55 38.71 -44.02
N GLU B 234 -1.21 38.69 -43.88
CA GLU B 234 -0.36 38.46 -45.05
C GLU B 234 -0.65 37.11 -45.68
N VAL B 235 -0.90 36.08 -44.87
CA VAL B 235 -1.13 34.74 -45.41
C VAL B 235 -2.39 34.72 -46.27
N ILE B 236 -3.48 35.28 -45.76
CA ILE B 236 -4.72 35.26 -46.53
C ILE B 236 -4.63 36.20 -47.73
N THR B 237 -4.01 37.38 -47.58
CA THR B 237 -3.93 38.31 -48.70
C THR B 237 -2.96 37.84 -49.78
N ALA B 238 -2.06 36.91 -49.46
CA ALA B 238 -1.16 36.33 -50.45
C ALA B 238 -1.87 35.42 -51.44
N ASN B 239 -3.12 35.09 -51.16
CA ASN B 239 -3.96 34.26 -52.04
C ASN B 239 -5.20 35.07 -52.36
N GLU B 240 -6.19 34.41 -52.95
CA GLU B 240 -7.50 35.02 -53.20
C GLU B 240 -8.02 35.62 -51.90
N LYS B 246 -15.21 33.59 -45.34
CA LYS B 246 -14.81 34.67 -46.24
C LYS B 246 -14.03 35.74 -45.50
N TYR B 247 -14.54 36.11 -44.32
CA TYR B 247 -13.97 37.25 -43.61
C TYR B 247 -13.15 36.82 -42.41
N SER B 248 -13.71 35.96 -41.56
CA SER B 248 -13.11 35.65 -40.27
C SER B 248 -12.51 34.25 -40.21
N ASP B 249 -13.17 33.26 -40.82
CA ASP B 249 -12.75 31.88 -40.63
C ASP B 249 -11.36 31.61 -41.21
N GLN B 250 -11.03 32.19 -42.37
CA GLN B 250 -9.68 31.98 -42.89
C GLN B 250 -8.63 32.68 -42.03
N ILE B 251 -8.86 33.94 -41.67
CA ILE B 251 -7.87 34.66 -40.87
C ILE B 251 -7.75 34.05 -39.48
N TRP B 252 -8.88 33.58 -38.93
CA TRP B 252 -8.82 32.75 -37.73
C TRP B 252 -8.02 31.49 -37.98
N ASP B 253 -8.26 30.84 -39.13
CA ASP B 253 -7.50 29.66 -39.49
C ASP B 253 -6.02 29.98 -39.63
N ALA B 254 -5.71 31.11 -40.28
CA ALA B 254 -4.31 31.54 -40.39
C ALA B 254 -3.74 31.88 -39.01
N GLU B 255 -4.55 32.46 -38.13
CA GLU B 255 -4.05 32.88 -36.82
C GLU B 255 -3.64 31.69 -35.97
N GLU B 256 -4.40 30.61 -35.97
CA GLU B 256 -3.96 29.45 -35.21
C GLU B 256 -2.69 28.87 -35.80
N ILE B 257 -2.53 28.97 -37.13
CA ILE B 257 -1.31 28.50 -37.77
C ILE B 257 -0.10 29.30 -37.31
N ILE B 258 -0.21 30.64 -37.31
CA ILE B 258 0.94 31.44 -36.89
C ILE B 258 1.22 31.23 -35.41
N LEU B 259 0.17 31.18 -34.58
CA LEU B 259 0.39 30.96 -33.15
C LEU B 259 1.04 29.62 -32.88
N ASN B 260 0.58 28.56 -33.56
CA ASN B 260 1.22 27.26 -33.46
C ASN B 260 2.66 27.30 -33.92
N ASP B 261 2.97 28.13 -34.91
CA ASP B 261 4.34 28.27 -35.38
C ASP B 261 5.27 28.88 -34.34
N ASN B 262 4.73 29.59 -33.35
CA ASN B 262 5.55 30.06 -32.22
C ASN B 262 5.48 29.06 -31.07
N LYS B 263 5.93 27.84 -31.37
CA LYS B 263 5.85 26.76 -30.40
C LYS B 263 6.83 26.94 -29.25
N ALA B 264 7.95 27.62 -29.50
CA ALA B 264 9.00 27.72 -28.49
C ALA B 264 8.54 28.41 -27.22
N GLN B 265 7.72 29.44 -27.32
CA GLN B 265 7.22 30.15 -26.15
C GLN B 265 5.75 29.93 -25.88
N LEU B 266 5.08 29.09 -26.68
CA LEU B 266 3.65 28.89 -26.50
C LEU B 266 3.36 28.14 -25.22
N ARG B 267 2.31 28.58 -24.52
CA ARG B 267 1.92 28.01 -23.26
C ARG B 267 0.44 27.67 -23.42
N PRO B 268 -0.04 26.62 -22.73
CA PRO B 268 -1.40 26.13 -23.02
C PRO B 268 -2.52 27.17 -22.90
N TYR B 269 -2.38 28.13 -22.00
CA TYR B 269 -3.46 29.09 -21.78
C TYR B 269 -3.62 30.09 -22.92
N HIS B 270 -2.70 30.14 -23.87
CA HIS B 270 -2.82 31.07 -24.98
C HIS B 270 -3.95 30.73 -25.93
N LYS B 271 -4.50 29.52 -25.84
CA LYS B 271 -5.64 29.11 -26.64
C LYS B 271 -6.95 29.14 -25.86
N TYR B 272 -6.93 29.62 -24.62
CA TYR B 272 -8.10 29.66 -23.76
C TYR B 272 -8.51 31.10 -23.51
N ILE B 273 -9.82 31.36 -23.54
CA ILE B 273 -10.37 32.71 -23.52
C ILE B 273 -11.31 32.83 -22.33
N ALA B 274 -11.22 33.94 -21.61
CA ALA B 274 -12.04 34.19 -20.43
C ALA B 274 -13.13 35.20 -20.76
N ILE B 275 -14.37 34.82 -20.50
CA ILE B 275 -15.51 35.72 -20.64
C ILE B 275 -15.91 36.18 -19.24
N ILE B 276 -15.88 37.48 -19.02
CA ILE B 276 -16.13 38.07 -17.71
C ILE B 276 -17.42 38.85 -17.78
N LYS B 277 -18.39 38.48 -16.93
CA LYS B 277 -19.66 39.18 -16.82
C LYS B 277 -19.82 39.64 -15.38
N SER B 278 -20.31 40.86 -15.20
CA SER B 278 -20.51 41.43 -13.87
C SER B 278 -21.82 42.20 -13.81
N ASP B 279 -22.37 42.28 -12.60
CA ASP B 279 -23.60 43.03 -12.37
C ASP B 279 -23.55 43.60 -10.96
N GLY B 280 -24.23 44.73 -10.78
CA GLY B 280 -24.26 45.36 -9.47
C GLY B 280 -25.18 44.62 -8.52
N ASP B 281 -24.69 44.41 -7.30
CA ASP B 281 -25.40 43.60 -6.32
C ASP B 281 -26.44 44.46 -5.63
N SER B 282 -27.71 44.27 -6.01
CA SER B 282 -28.85 44.84 -5.31
C SER B 282 -28.76 46.37 -5.21
N MET B 283 -28.79 47.02 -6.38
CA MET B 283 -28.73 48.46 -6.40
C MET B 283 -30.10 49.12 -6.26
N GLY B 284 -31.20 48.39 -6.46
CA GLY B 284 -32.50 48.94 -6.14
C GLY B 284 -32.69 49.18 -4.65
N GLU B 285 -32.27 48.20 -3.84
CA GLU B 285 -32.31 48.39 -2.40
C GLU B 285 -31.29 49.44 -1.95
N THR B 286 -30.17 49.54 -2.66
CA THR B 286 -29.23 50.63 -2.38
C THR B 286 -29.89 51.98 -2.65
N ILE B 287 -30.70 52.06 -3.71
CA ILE B 287 -31.47 53.27 -3.98
C ILE B 287 -32.42 53.55 -2.82
N LYS B 288 -33.16 52.53 -2.38
CA LYS B 288 -34.12 52.73 -1.30
C LYS B 288 -33.44 53.20 -0.02
N SER B 289 -32.27 52.64 0.30
CA SER B 289 -31.54 53.03 1.50
C SER B 289 -30.90 54.40 1.34
N MET B 290 -30.54 54.77 0.11
CA MET B 290 -30.13 56.13 -0.23
C MET B 290 -31.36 57.02 -0.26
N GLY B 291 -32.49 56.39 0.02
CA GLY B 291 -33.81 56.99 0.07
C GLY B 291 -34.09 57.42 1.49
N ALA B 292 -34.62 56.50 2.29
CA ALA B 292 -34.88 56.77 3.71
C ALA B 292 -33.84 57.69 4.32
N TYR B 293 -32.57 57.46 4.02
CA TYR B 293 -31.50 58.39 4.36
C TYR B 293 -31.34 59.40 3.23
N ASN B 294 -31.43 60.68 3.55
CA ASN B 294 -31.57 61.73 2.54
C ASN B 294 -30.26 61.92 1.78
N ILE B 295 -30.12 61.23 0.65
CA ILE B 295 -28.93 61.36 -0.19
C ILE B 295 -29.36 61.34 -1.65
N PRO B 296 -28.79 62.19 -2.51
CA PRO B 296 -29.18 62.20 -3.93
C PRO B 296 -28.72 60.95 -4.66
N ILE B 297 -29.44 60.62 -5.74
CA ILE B 297 -29.10 59.46 -6.57
C ILE B 297 -28.02 59.82 -7.57
N THR B 298 -27.86 61.11 -7.88
CA THR B 298 -26.81 61.53 -8.79
C THR B 298 -25.43 61.12 -8.30
N GLN B 299 -25.24 60.94 -6.99
CA GLN B 299 -23.98 60.41 -6.50
C GLN B 299 -23.77 58.97 -6.96
N LEU B 300 -24.82 58.16 -6.93
CA LEU B 300 -24.72 56.80 -7.47
C LEU B 300 -24.42 56.83 -8.96
N SER B 301 -25.05 57.75 -9.69
CA SER B 301 -24.74 57.88 -11.11
C SER B 301 -23.27 58.25 -11.34
N LYS B 302 -22.76 59.20 -10.55
CA LYS B 302 -21.36 59.61 -10.67
C LYS B 302 -20.43 58.43 -10.38
N ALA B 303 -20.71 57.68 -9.32
CA ALA B 303 -19.86 56.57 -8.95
C ALA B 303 -19.85 55.51 -10.04
N LEU B 304 -21.02 55.20 -10.60
CA LEU B 304 -21.07 54.21 -11.66
C LEU B 304 -20.35 54.69 -12.91
N LEU B 305 -20.46 55.99 -13.23
CA LEU B 305 -19.73 56.54 -14.36
C LEU B 305 -18.22 56.38 -14.18
N SER B 306 -17.71 56.78 -13.01
CA SER B 306 -16.28 56.69 -12.77
C SER B 306 -15.82 55.24 -12.81
N PHE B 307 -16.61 54.34 -12.23
CA PHE B 307 -16.27 52.92 -12.28
C PHE B 307 -16.24 52.41 -13.71
N ASN B 308 -17.19 52.83 -14.54
CA ASN B 308 -17.22 52.37 -15.92
C ASN B 308 -15.97 52.83 -16.68
N ILE B 309 -15.61 54.09 -16.52
CA ILE B 309 -14.45 54.62 -17.23
C ILE B 309 -13.17 53.91 -16.79
N GLU B 310 -12.99 53.79 -15.47
CA GLU B 310 -11.78 53.14 -14.98
C GLU B 310 -11.78 51.65 -15.29
N SER B 311 -12.97 51.04 -15.39
CA SER B 311 -13.05 49.63 -15.76
C SER B 311 -12.62 49.43 -17.20
N ILE B 312 -13.05 50.30 -18.10
CA ILE B 312 -12.57 50.21 -19.49
C ILE B 312 -11.06 50.38 -19.53
N ASN B 313 -10.54 51.37 -18.79
CA ASN B 313 -9.10 51.59 -18.78
C ASN B 313 -8.35 50.36 -18.27
N GLU B 314 -8.82 49.78 -17.16
CA GLU B 314 -8.11 48.65 -16.56
C GLU B 314 -8.22 47.39 -17.42
N ILE B 315 -9.40 47.16 -18.02
CA ILE B 315 -9.55 46.00 -18.89
C ILE B 315 -8.63 46.11 -20.10
N VAL B 316 -8.56 47.29 -20.71
CA VAL B 316 -7.66 47.43 -21.86
C VAL B 316 -6.21 47.38 -21.42
N ALA B 317 -5.91 47.78 -20.17
CA ALA B 317 -4.55 47.65 -19.67
C ALA B 317 -4.15 46.18 -19.50
N TYR B 318 -5.07 45.36 -18.99
CA TYR B 318 -4.77 43.94 -18.83
C TYR B 318 -4.60 43.25 -20.17
N GLY B 319 -5.32 43.72 -21.20
CA GLY B 319 -5.25 43.09 -22.50
C GLY B 319 -6.60 42.55 -22.93
N GLY B 320 -7.67 43.05 -22.33
CA GLY B 320 -9.01 42.59 -22.60
C GLY B 320 -9.80 43.60 -23.42
N LYS B 321 -10.79 43.07 -24.14
CA LYS B 321 -11.66 43.88 -25.00
C LYS B 321 -13.01 44.07 -24.35
N PRO B 322 -13.34 45.28 -23.92
CA PRO B 322 -14.69 45.55 -23.42
C PRO B 322 -15.77 45.34 -24.47
N ILE B 323 -16.93 44.86 -24.06
CA ILE B 323 -18.05 44.75 -24.98
C ILE B 323 -19.18 45.70 -24.58
N PHE B 324 -19.54 45.73 -23.30
CA PHE B 324 -20.51 46.70 -22.81
C PHE B 324 -20.25 46.94 -21.33
N ILE B 325 -19.88 48.17 -20.99
CA ILE B 325 -19.77 48.60 -19.60
C ILE B 325 -20.62 49.84 -19.44
N GLY B 326 -21.73 49.71 -18.72
CA GLY B 326 -22.61 50.83 -18.51
C GLY B 326 -23.63 50.47 -17.46
N GLY B 327 -24.13 51.50 -16.78
CA GLY B 327 -25.01 51.27 -15.66
C GLY B 327 -24.30 50.47 -14.58
N ASP B 328 -24.86 49.31 -14.27
CA ASP B 328 -24.28 48.40 -13.29
C ASP B 328 -23.84 47.09 -13.94
N ASP B 329 -23.71 47.07 -15.26
CA ASP B 329 -23.51 45.83 -15.99
C ASP B 329 -22.19 45.87 -16.76
N LEU B 330 -21.54 44.71 -16.85
CA LEU B 330 -20.21 44.61 -17.43
C LEU B 330 -20.09 43.29 -18.18
N LEU B 331 -19.46 43.33 -19.36
CA LEU B 331 -19.08 42.15 -20.10
C LEU B 331 -17.78 42.41 -20.83
N CYS B 332 -16.86 41.46 -20.78
CA CYS B 332 -15.51 41.68 -21.29
C CYS B 332 -14.93 40.37 -21.79
N PHE B 333 -13.96 40.47 -22.69
CA PHE B 333 -13.22 39.33 -23.22
C PHE B 333 -11.75 39.55 -22.90
N ALA B 334 -11.20 38.67 -22.09
CA ALA B 334 -9.84 38.81 -21.57
C ALA B 334 -9.05 37.53 -21.78
N PRO B 335 -7.73 37.62 -21.88
CA PRO B 335 -6.90 36.43 -21.93
C PRO B 335 -6.83 35.77 -20.56
N VAL B 336 -6.40 34.51 -20.55
CA VAL B 336 -6.20 33.82 -19.29
C VAL B 336 -5.06 34.48 -18.50
N CYS B 337 -3.94 34.72 -19.16
CA CYS B 337 -2.80 35.41 -18.56
C CYS B 337 -2.29 36.48 -19.51
N CYS B 338 -1.73 37.55 -18.95
CA CYS B 338 -1.15 38.62 -19.76
C CYS B 338 -0.14 39.38 -18.91
N ASN B 339 1.14 39.18 -19.21
CA ASN B 339 2.23 39.96 -18.61
C ASN B 339 2.23 39.84 -17.08
N GLY B 340 2.23 38.60 -16.60
CA GLY B 340 2.33 38.34 -15.18
C GLY B 340 1.05 38.51 -14.40
N ASN B 341 -0.01 39.00 -15.04
CA ASN B 341 -1.33 39.12 -14.41
C ASN B 341 -2.24 38.04 -14.96
N ASN B 342 -2.90 37.31 -14.08
CA ASN B 342 -3.90 36.34 -14.48
C ASN B 342 -5.28 37.00 -14.44
N VAL B 343 -6.30 36.23 -14.82
CA VAL B 343 -7.64 36.79 -14.92
C VAL B 343 -8.15 37.21 -13.56
N PHE B 344 -7.81 36.45 -12.51
CA PHE B 344 -8.31 36.78 -11.18
C PHE B 344 -7.70 38.07 -10.66
N ASN B 345 -6.48 38.40 -11.10
CA ASN B 345 -5.94 39.72 -10.77
C ASN B 345 -6.78 40.82 -11.41
N LEU B 346 -7.22 40.62 -12.66
CA LEU B 346 -8.09 41.59 -13.30
C LEU B 346 -9.42 41.70 -12.55
N VAL B 347 -9.97 40.57 -12.11
CA VAL B 347 -11.22 40.60 -11.36
C VAL B 347 -11.05 41.37 -10.06
N GLU B 348 -9.95 41.13 -9.36
CA GLU B 348 -9.69 41.85 -8.12
C GLU B 348 -9.51 43.34 -8.38
N LYS B 349 -8.84 43.70 -9.46
CA LYS B 349 -8.65 45.10 -9.79
C LYS B 349 -9.96 45.79 -10.10
N LEU B 350 -10.85 45.11 -10.85
CA LEU B 350 -12.16 45.68 -11.13
C LEU B 350 -12.99 45.82 -9.86
N SER B 351 -12.91 44.84 -8.97
CA SER B 351 -13.61 44.93 -7.69
C SER B 351 -13.12 46.12 -6.89
N THR B 352 -11.80 46.29 -6.82
CA THR B 352 -11.23 47.42 -6.09
C THR B 352 -11.60 48.74 -6.74
N CYS B 353 -11.71 48.79 -8.07
CA CYS B 353 -12.20 49.98 -8.73
C CYS B 353 -13.61 50.30 -8.29
N PHE B 354 -14.46 49.26 -8.17
CA PHE B 354 -15.82 49.48 -7.69
C PHE B 354 -15.84 50.06 -6.28
N ASP B 355 -15.08 49.45 -5.38
CA ASP B 355 -15.07 49.97 -4.00
C ASP B 355 -14.49 51.37 -3.94
N GLN B 356 -13.45 51.66 -4.74
CA GLN B 356 -12.86 52.98 -4.73
C GLN B 356 -13.84 54.03 -5.22
N CYS B 357 -14.57 53.74 -6.29
CA CYS B 357 -15.54 54.71 -6.81
C CYS B 357 -16.69 54.91 -5.84
N ILE B 358 -17.18 53.82 -5.23
CA ILE B 358 -18.23 53.94 -4.23
C ILE B 358 -17.76 54.78 -3.05
N ASN B 359 -16.51 54.59 -2.64
CA ASN B 359 -15.96 55.40 -1.55
C ASN B 359 -15.87 56.87 -1.95
N GLN B 360 -15.36 57.14 -3.14
CA GLN B 360 -15.13 58.52 -3.56
C GLN B 360 -16.44 59.29 -3.68
N HIS B 361 -17.45 58.69 -4.31
CA HIS B 361 -18.65 59.46 -4.59
C HIS B 361 -19.73 59.28 -3.53
N LEU B 362 -19.90 58.09 -2.97
CA LEU B 362 -20.94 57.82 -2.00
C LEU B 362 -20.43 57.91 -0.56
N GLN B 363 -19.46 58.79 -0.30
CA GLN B 363 -18.87 58.87 1.03
C GLN B 363 -19.91 59.22 2.08
N GLN B 364 -20.89 60.05 1.74
CA GLN B 364 -21.95 60.37 2.69
C GLN B 364 -22.73 59.11 3.06
N TYR B 365 -23.10 58.31 2.07
CA TYR B 365 -23.91 57.12 2.31
C TYR B 365 -23.15 56.11 3.17
N ILE B 366 -21.90 55.83 2.82
CA ILE B 366 -21.12 54.88 3.60
C ILE B 366 -20.86 55.41 5.00
N ASN B 367 -20.58 56.71 5.11
CA ASN B 367 -20.27 57.30 6.41
C ASN B 367 -21.49 57.36 7.31
N ALA B 368 -22.69 57.40 6.73
CA ALA B 368 -23.88 57.60 7.55
C ALA B 368 -24.70 56.33 7.77
N CYS B 369 -24.61 55.35 6.87
CA CYS B 369 -25.51 54.21 6.92
C CYS B 369 -24.81 52.88 7.20
N SER B 370 -23.82 52.52 6.37
CA SER B 370 -23.29 51.16 6.39
C SER B 370 -22.61 50.84 7.71
N GLU B 371 -22.10 51.86 8.41
CA GLU B 371 -21.43 51.60 9.67
C GLU B 371 -22.41 51.11 10.74
N ALA B 372 -23.62 51.68 10.79
CA ALA B 372 -24.61 51.22 11.76
C ALA B 372 -25.01 49.78 11.48
N GLN B 373 -25.74 49.58 10.38
CA GLN B 373 -25.89 48.25 9.78
C GLN B 373 -26.49 48.39 8.39
N ARG B 374 -25.71 48.06 7.36
CA ARG B 374 -26.21 48.05 5.99
C ARG B 374 -25.16 47.43 5.08
N PRO B 375 -25.53 46.53 4.17
CA PRO B 375 -24.56 46.03 3.20
C PRO B 375 -24.16 47.12 2.21
N LEU B 376 -22.87 47.25 1.98
CA LEU B 376 -22.37 48.21 1.01
C LEU B 376 -22.73 47.72 -0.40
N PRO B 377 -22.80 48.61 -1.39
CA PRO B 377 -22.95 48.14 -2.76
C PRO B 377 -21.83 47.20 -3.16
N SER B 378 -22.17 46.17 -3.93
CA SER B 378 -21.24 45.09 -4.26
C SER B 378 -21.31 44.78 -5.73
N LEU B 379 -20.30 44.04 -6.20
CA LEU B 379 -20.20 43.62 -7.59
C LEU B 379 -19.96 42.11 -7.64
N SER B 380 -20.75 41.41 -8.44
CA SER B 380 -20.64 39.97 -8.59
C SER B 380 -20.04 39.63 -9.96
N PHE B 381 -19.18 38.61 -9.98
CA PHE B 381 -18.37 38.30 -11.16
C PHE B 381 -18.63 36.87 -11.61
N GLY B 382 -18.74 36.69 -12.94
CA GLY B 382 -18.85 35.37 -13.54
C GLY B 382 -17.84 35.17 -14.64
N ILE B 383 -16.94 34.20 -14.47
CA ILE B 383 -15.81 33.99 -15.35
C ILE B 383 -15.88 32.60 -15.96
N SER B 384 -15.70 32.51 -17.27
CA SER B 384 -15.71 31.25 -17.99
C SER B 384 -14.52 31.19 -18.93
N ILE B 385 -13.74 30.12 -18.85
CA ILE B 385 -12.54 29.95 -19.67
C ILE B 385 -12.75 28.73 -20.56
N THR B 386 -12.63 28.94 -21.87
CA THR B 386 -12.91 27.90 -22.86
C THR B 386 -11.88 27.93 -23.97
N TYR B 387 -11.82 26.84 -24.73
CA TYR B 387 -10.99 26.80 -25.94
C TYR B 387 -11.48 27.87 -26.93
N HIS B 388 -10.57 28.28 -27.81
CA HIS B 388 -10.96 29.27 -28.82
C HIS B 388 -11.93 28.66 -29.83
N LYS B 389 -11.73 27.40 -30.19
CA LYS B 389 -12.67 26.68 -31.06
C LYS B 389 -13.78 26.07 -30.20
N TYR B 390 -14.61 26.97 -29.67
CA TYR B 390 -15.76 26.60 -28.86
C TYR B 390 -16.95 27.47 -29.26
N PRO B 391 -18.16 26.95 -29.14
CA PRO B 391 -19.34 27.76 -29.45
C PRO B 391 -19.42 28.99 -28.55
N MET B 392 -19.49 30.16 -29.18
CA MET B 392 -19.59 31.41 -28.43
C MET B 392 -20.92 31.49 -27.68
N PHE B 393 -22.00 31.02 -28.31
CA PHE B 393 -23.31 31.11 -27.69
C PHE B 393 -23.36 30.31 -26.40
N GLU B 394 -22.79 29.11 -26.42
CA GLU B 394 -22.79 28.27 -25.22
C GLU B 394 -21.85 28.84 -24.16
N ALA B 395 -20.74 29.45 -24.58
CA ALA B 395 -19.86 30.10 -23.62
C ALA B 395 -20.56 31.25 -22.91
N LEU B 396 -21.30 32.06 -23.67
CA LEU B 396 -22.05 33.16 -23.06
C LEU B 396 -23.18 32.63 -22.18
N HIS B 397 -23.81 31.53 -22.57
CA HIS B 397 -24.78 30.88 -21.69
C HIS B 397 -24.15 30.44 -20.38
N THR B 398 -22.96 29.85 -20.45
CA THR B 398 -22.26 29.44 -19.23
C THR B 398 -21.94 30.65 -18.36
N THR B 399 -21.48 31.74 -18.97
CA THR B 399 -21.19 32.94 -18.20
C THR B 399 -22.44 33.50 -17.54
N ASP B 400 -23.56 33.53 -18.28
CA ASP B 400 -24.81 34.01 -17.71
C ASP B 400 -25.29 33.12 -16.58
N TYR B 401 -25.16 31.80 -16.75
CA TYR B 401 -25.52 30.86 -15.69
C TYR B 401 -24.69 31.13 -14.44
N LEU B 402 -23.37 31.25 -14.59
CA LEU B 402 -22.51 31.50 -13.45
C LEU B 402 -22.86 32.81 -12.77
N LEU B 403 -23.11 33.87 -13.55
CA LEU B 403 -23.39 35.16 -12.94
C LEU B 403 -24.73 35.15 -12.21
N GLU B 404 -25.79 34.70 -12.89
CA GLU B 404 -27.12 34.80 -12.32
C GLU B 404 -27.41 33.67 -11.33
N MET B 405 -27.38 32.43 -11.81
CA MET B 405 -27.86 31.31 -11.02
C MET B 405 -26.96 31.08 -9.81
N VAL B 406 -25.65 31.24 -9.97
CA VAL B 406 -24.70 30.88 -8.93
C VAL B 406 -24.20 32.11 -8.19
N ALA B 407 -23.59 33.05 -8.92
CA ALA B 407 -22.97 34.21 -8.27
C ALA B 407 -24.01 35.07 -7.57
N LYS B 408 -25.17 35.25 -8.19
CA LYS B 408 -26.26 36.00 -7.56
C LYS B 408 -27.18 35.10 -6.75
N ASP B 409 -26.92 33.80 -6.73
CA ASP B 409 -27.78 32.83 -6.04
C ASP B 409 -29.22 32.91 -6.53
N ASN B 410 -29.39 33.23 -7.81
CA ASN B 410 -30.73 33.25 -8.38
C ASN B 410 -31.29 31.86 -8.60
N LEU B 411 -30.47 30.81 -8.47
CA LEU B 411 -31.01 29.45 -8.47
C LEU B 411 -31.85 29.21 -7.22
N PHE B 412 -31.34 29.62 -6.06
CA PHE B 412 -32.11 29.57 -4.82
C PHE B 412 -33.43 30.33 -4.97
N LYS B 413 -33.35 31.59 -5.41
CA LYS B 413 -34.54 32.41 -5.53
C LYS B 413 -35.51 31.85 -6.56
N TYR B 414 -35.00 31.33 -7.67
CA TYR B 414 -35.87 30.86 -8.74
C TYR B 414 -36.55 29.54 -8.37
N THR B 415 -35.81 28.61 -7.76
CA THR B 415 -36.44 27.38 -7.29
C THR B 415 -37.46 27.67 -6.21
N LEU B 416 -37.20 28.65 -5.35
CA LEU B 416 -38.17 29.00 -4.32
C LEU B 416 -39.40 29.71 -4.88
N SER B 417 -39.22 30.59 -5.86
CA SER B 417 -40.32 31.38 -6.40
C SER B 417 -41.15 30.61 -7.41
N ASN B 418 -40.55 29.69 -8.15
CA ASN B 418 -41.31 28.88 -9.09
C ASN B 418 -42.38 28.08 -8.36
N LYS B 419 -42.08 27.60 -7.15
CA LYS B 419 -43.03 26.88 -6.33
C LYS B 419 -43.68 27.76 -5.26
N ASN B 420 -43.40 29.07 -5.28
CA ASN B 420 -44.07 30.05 -4.43
C ASN B 420 -43.82 29.78 -2.95
N ILE B 421 -42.54 29.79 -2.57
CA ILE B 421 -42.13 29.59 -1.18
C ILE B 421 -41.41 30.81 -0.63
N LEU B 422 -41.24 31.86 -1.44
CA LEU B 422 -40.31 32.94 -1.12
C LEU B 422 -40.90 33.83 -0.02
N ASN B 423 -40.84 33.31 1.21
CA ASN B 423 -41.19 34.11 2.37
C ASN B 423 -40.06 35.08 2.70
N GLU B 424 -40.38 36.09 3.51
CA GLU B 424 -39.40 37.11 3.84
C GLU B 424 -38.21 36.53 4.59
N ASN B 425 -38.47 35.59 5.51
CA ASN B 425 -37.38 34.97 6.25
C ASN B 425 -36.46 34.20 5.32
N MET B 426 -37.01 33.59 4.27
CA MET B 426 -36.18 32.90 3.29
C MET B 426 -35.48 33.87 2.35
N LYS B 427 -36.07 35.05 2.14
CA LYS B 427 -35.39 36.10 1.38
C LYS B 427 -34.26 36.73 2.18
N ARG B 428 -34.28 36.65 3.51
CA ARG B 428 -33.14 37.12 4.29
C ARG B 428 -31.89 36.31 4.02
N PHE B 429 -32.03 35.08 3.53
CA PHE B 429 -30.90 34.17 3.32
C PHE B 429 -30.33 34.25 1.91
N ILE B 430 -30.80 35.19 1.10
CA ILE B 430 -30.23 35.35 -0.24
C ILE B 430 -28.82 35.91 -0.13
N LEU B 431 -27.92 35.42 -0.97
CA LEU B 431 -26.52 35.75 -0.86
C LEU B 431 -26.02 36.44 -2.12
N LYS B 432 -25.12 37.40 -1.92
CA LYS B 432 -24.54 38.21 -2.99
C LYS B 432 -23.03 38.23 -2.80
N ASN B 433 -22.35 39.08 -3.57
CA ASN B 433 -20.90 39.27 -3.45
C ASN B 433 -20.14 37.96 -3.65
N LYS B 434 -20.28 37.39 -4.85
CA LYS B 434 -19.71 36.09 -5.13
C LYS B 434 -18.96 36.11 -6.46
N LEU B 435 -17.97 35.22 -6.56
CA LEU B 435 -17.17 35.03 -7.75
C LEU B 435 -17.45 33.64 -8.28
N ALA B 436 -18.10 33.55 -9.45
CA ALA B 436 -18.44 32.29 -10.08
C ALA B 436 -17.47 32.05 -11.23
N PHE B 437 -16.69 30.99 -11.13
CA PHE B 437 -15.59 30.74 -12.04
C PHE B 437 -15.67 29.31 -12.56
N SER B 438 -15.54 29.15 -13.87
CA SER B 438 -15.59 27.85 -14.51
C SER B 438 -14.55 27.78 -15.62
N LEU B 439 -14.01 26.59 -15.83
CA LEU B 439 -12.98 26.37 -16.84
C LEU B 439 -13.24 25.05 -17.54
N GLN B 440 -13.38 25.08 -18.86
CA GLN B 440 -13.60 23.89 -19.66
C GLN B 440 -12.37 23.66 -20.54
N LYS B 441 -11.79 22.47 -20.42
CA LYS B 441 -10.57 22.12 -21.15
C LYS B 441 -10.90 21.64 -22.55
N HIS B 442 -9.90 21.10 -23.25
CA HIS B 442 -10.10 20.45 -24.54
C HIS B 442 -10.16 18.95 -24.27
N SER B 443 -11.38 18.46 -24.03
CA SER B 443 -11.66 17.16 -23.42
C SER B 443 -13.04 17.22 -22.81
N GLY B 444 -13.24 18.16 -21.89
CA GLY B 444 -14.55 18.40 -21.30
C GLY B 444 -14.49 18.49 -19.80
N GLN B 445 -13.29 18.41 -19.23
CA GLN B 445 -13.18 18.45 -17.78
C GLN B 445 -13.41 19.88 -17.29
N ILE B 446 -14.38 20.03 -16.41
CA ILE B 446 -14.80 21.34 -15.91
C ILE B 446 -14.26 21.52 -14.51
N TYR B 447 -13.68 22.69 -14.27
CA TYR B 447 -13.32 23.14 -12.92
C TYR B 447 -14.15 24.36 -12.59
N HIS B 448 -15.12 24.19 -11.69
CA HIS B 448 -16.02 25.28 -11.33
C HIS B 448 -16.02 25.45 -9.81
N THR B 449 -16.11 26.71 -9.39
CA THR B 449 -16.17 27.01 -7.97
C THR B 449 -16.76 28.40 -7.77
N ALA B 450 -17.25 28.63 -6.56
CA ALA B 450 -17.86 29.90 -6.19
C ALA B 450 -17.28 30.36 -4.87
N MET B 451 -16.91 31.64 -4.80
CA MET B 451 -16.27 32.20 -3.63
C MET B 451 -16.91 33.54 -3.29
N SER B 452 -16.89 33.89 -2.02
CA SER B 452 -17.44 35.15 -1.54
C SER B 452 -16.33 36.18 -1.40
N LYS B 453 -16.52 37.34 -2.02
CA LYS B 453 -15.52 38.40 -2.00
C LYS B 453 -15.65 39.31 -0.78
N LYS B 454 -16.60 39.04 0.11
CA LYS B 454 -16.75 39.78 1.35
C LYS B 454 -15.98 39.12 2.49
N GLY B 455 -14.70 38.86 2.30
CA GLY B 455 -13.93 38.22 3.34
C GLY B 455 -12.48 38.05 2.95
N LYS B 456 -11.74 37.44 3.86
CA LYS B 456 -10.32 37.20 3.67
C LYS B 456 -10.03 35.99 2.79
N SER B 457 -11.03 35.15 2.51
CA SER B 457 -10.80 34.00 1.64
C SER B 457 -10.48 34.45 0.22
N TYR B 458 -11.17 35.47 -0.27
CA TYR B 458 -10.86 35.99 -1.60
C TYR B 458 -9.45 36.57 -1.66
N VAL B 459 -9.06 37.32 -0.61
CA VAL B 459 -7.73 37.91 -0.57
C VAL B 459 -6.67 36.82 -0.56
N LYS B 460 -6.86 35.81 0.29
CA LYS B 460 -5.87 34.73 0.38
C LYS B 460 -5.83 33.92 -0.91
N PHE B 461 -6.97 33.74 -1.56
CA PHE B 461 -7.02 33.05 -2.84
C PHE B 461 -6.22 33.80 -3.90
N ASN B 462 -6.39 35.12 -3.96
CA ASN B 462 -5.61 35.93 -4.89
C ASN B 462 -4.12 35.86 -4.59
N MET B 463 -3.76 35.95 -3.30
CA MET B 463 -2.35 35.88 -2.94
C MET B 463 -1.74 34.52 -3.26
N LEU B 464 -2.50 33.45 -3.06
CA LEU B 464 -2.00 32.11 -3.39
C LEU B 464 -1.78 31.97 -4.89
N LEU B 465 -2.75 32.43 -5.69
CA LEU B 465 -2.57 32.41 -7.14
C LEU B 465 -1.32 33.19 -7.54
N GLN B 466 -1.20 34.43 -7.07
CA GLN B 466 -0.06 35.25 -7.44
C GLN B 466 1.25 34.64 -6.96
N LYS B 467 1.24 33.93 -5.83
CA LYS B 467 2.45 33.36 -5.27
C LYS B 467 2.94 32.16 -6.07
N TYR B 468 2.03 31.26 -6.44
CA TYR B 468 2.46 29.98 -6.99
C TYR B 468 2.24 29.86 -8.49
N ILE B 469 2.06 30.97 -9.20
CA ILE B 469 1.97 30.96 -10.66
C ILE B 469 3.33 31.37 -11.23
N LEU B 470 3.85 30.56 -12.13
CA LEU B 470 5.14 30.85 -12.74
C LEU B 470 5.04 32.08 -13.63
N LYS B 471 6.03 32.96 -13.55
CA LYS B 471 6.07 34.17 -14.35
C LYS B 471 7.14 34.01 -15.41
N ASN B 472 6.70 33.71 -16.64
CA ASN B 472 7.64 33.49 -17.73
C ASN B 472 8.30 34.79 -18.18
N LYS B 473 7.62 35.93 -17.99
CA LYS B 473 8.14 37.20 -18.48
C LYS B 473 9.49 37.53 -17.84
N ASP B 474 9.66 37.22 -16.56
CA ASP B 474 10.94 37.44 -15.91
C ASP B 474 11.99 36.51 -16.50
N MET B 475 11.79 35.20 -16.35
CA MET B 475 12.47 34.20 -17.17
C MET B 475 11.66 32.91 -17.17
N GLN B 479 13.08 36.38 -10.51
CA GLN B 479 14.25 35.50 -10.40
C GLN B 479 13.83 34.08 -10.04
N GLU B 480 12.76 33.95 -9.26
CA GLU B 480 12.25 32.66 -8.83
C GLU B 480 10.92 32.87 -8.13
N SER B 481 10.14 31.80 -8.03
CA SER B 481 8.90 31.78 -7.29
C SER B 481 8.84 30.50 -6.46
N GLU B 482 8.08 30.55 -5.37
CA GLU B 482 7.96 29.40 -4.49
C GLU B 482 7.38 28.21 -5.25
N LYS B 483 8.01 27.05 -5.10
CA LYS B 483 7.71 25.91 -5.96
C LYS B 483 6.38 25.28 -5.56
N PHE B 484 5.88 24.44 -6.47
CA PHE B 484 4.54 23.88 -6.36
C PHE B 484 4.61 22.36 -6.31
N LEU B 485 3.80 21.75 -5.46
CA LEU B 485 3.70 20.31 -5.32
C LEU B 485 2.40 19.86 -5.98
N SER B 486 2.52 19.12 -7.08
CA SER B 486 1.33 18.67 -7.80
C SER B 486 0.62 17.52 -7.09
N SER B 487 1.27 16.85 -6.15
CA SER B 487 0.63 15.76 -5.44
C SER B 487 -0.37 16.25 -4.41
N VAL B 488 -0.32 17.54 -4.04
CA VAL B 488 -1.31 18.06 -3.11
C VAL B 488 -2.68 18.11 -3.75
N ILE B 489 -2.74 18.28 -5.08
CA ILE B 489 -4.02 18.33 -5.77
C ILE B 489 -4.78 17.02 -5.61
N GLN B 490 -4.08 15.89 -5.83
CA GLN B 490 -4.72 14.60 -5.70
C GLN B 490 -4.99 14.25 -4.24
N MET B 491 -4.16 14.76 -3.33
CA MET B 491 -4.41 14.55 -1.91
C MET B 491 -5.72 15.20 -1.47
N ILE B 492 -5.97 16.43 -1.94
CA ILE B 492 -7.20 17.12 -1.58
C ILE B 492 -8.42 16.35 -2.08
N ARG B 493 -8.34 15.84 -3.30
CA ARG B 493 -9.48 15.10 -3.86
C ARG B 493 -9.69 13.77 -3.14
N ALA B 494 -8.62 13.01 -2.94
CA ALA B 494 -8.76 11.67 -2.37
C ALA B 494 -9.09 11.73 -0.88
N HIS B 495 -8.46 12.64 -0.15
CA HIS B 495 -8.62 12.75 1.29
C HIS B 495 -9.72 13.72 1.68
N ALA B 496 -10.69 13.95 0.79
CA ALA B 496 -11.69 14.99 1.01
C ALA B 496 -12.57 14.67 2.21
N GLU B 497 -12.93 13.41 2.42
CA GLU B 497 -13.78 13.06 3.56
C GLU B 497 -13.05 13.29 4.88
N ILE B 498 -11.77 12.92 4.96
CA ILE B 498 -11.00 13.15 6.18
C ILE B 498 -10.84 14.64 6.42
N LEU B 499 -10.62 15.41 5.34
CA LEU B 499 -10.52 16.85 5.47
C LEU B 499 -11.82 17.45 5.96
N GLN B 500 -12.95 16.89 5.50
CA GLN B 500 -14.26 17.34 5.99
C GLN B 500 -14.41 17.03 7.47
N ILE B 501 -13.94 15.87 7.91
CA ILE B 501 -13.97 15.53 9.33
C ILE B 501 -13.16 16.54 10.13
N ILE B 502 -11.97 16.90 9.62
CA ILE B 502 -11.12 17.87 10.31
C ILE B 502 -11.82 19.22 10.37
N LEU B 503 -12.41 19.65 9.25
CA LEU B 503 -13.06 20.96 9.21
C LEU B 503 -14.25 21.03 10.14
N GLN B 504 -15.04 19.96 10.22
CA GLN B 504 -16.20 19.94 11.09
C GLN B 504 -15.83 19.87 12.57
N ASN B 505 -14.57 19.62 12.90
CA ASN B 505 -14.13 19.66 14.29
C ASN B 505 -14.06 21.10 14.77
N GLU B 506 -14.49 21.33 16.00
CA GLU B 506 -14.53 22.65 16.59
C GLU B 506 -13.29 22.89 17.45
N ASP B 507 -12.75 24.10 17.36
CA ASP B 507 -11.67 24.66 18.18
C ASP B 507 -10.42 23.80 18.22
N LYS B 508 -10.30 22.82 17.32
CA LYS B 508 -9.07 22.09 17.13
C LYS B 508 -8.73 21.89 15.65
N ARG B 509 -9.48 22.54 14.75
CA ARG B 509 -9.32 22.25 13.32
C ARG B 509 -8.01 22.77 12.76
N THR B 510 -7.48 23.87 13.29
CA THR B 510 -6.22 24.40 12.77
C THR B 510 -5.06 23.47 13.06
N GLU B 511 -4.92 23.06 14.32
CA GLU B 511 -3.87 22.12 14.69
C GLU B 511 -4.05 20.79 13.99
N MET B 512 -5.29 20.31 13.89
CA MET B 512 -5.55 19.04 13.21
C MET B 512 -5.16 19.11 11.74
N LEU B 513 -5.49 20.21 11.07
CA LEU B 513 -5.14 20.38 9.66
C LEU B 513 -3.62 20.41 9.48
N LYS B 514 -2.93 21.16 10.34
CA LYS B 514 -1.47 21.21 10.28
C LYS B 514 -0.88 19.82 10.49
N ASN B 515 -1.39 19.09 11.49
CA ASN B 515 -0.89 17.75 11.76
C ASN B 515 -1.15 16.82 10.59
N TYR B 516 -2.32 16.89 9.97
CA TYR B 516 -2.64 16.02 8.85
C TYR B 516 -1.70 16.29 7.69
N PHE B 517 -1.50 17.55 7.34
CA PHE B 517 -0.62 17.85 6.21
C PHE B 517 0.83 17.50 6.51
N ASP B 518 1.29 17.69 7.74
CA ASP B 518 2.64 17.29 8.09
C ASP B 518 2.81 15.78 8.06
N ASN B 519 1.82 15.04 8.57
CA ASN B 519 1.93 13.59 8.67
C ASN B 519 1.70 12.88 7.34
N ASN B 520 1.00 13.53 6.40
CA ASN B 520 0.84 12.93 5.08
C ASN B 520 2.05 13.22 4.21
N PHE B 521 2.55 14.45 4.24
CA PHE B 521 3.76 14.82 3.52
C PHE B 521 4.95 14.86 4.48
N ASN B 522 5.42 13.66 4.83
CA ASN B 522 6.45 13.49 5.85
C ASN B 522 7.83 13.21 5.28
N GLU B 523 8.04 13.44 3.99
CA GLU B 523 9.32 13.12 3.38
C GLU B 523 10.23 14.35 3.33
N SER B 524 11.51 14.10 3.05
CA SER B 524 12.49 15.18 2.99
C SER B 524 12.25 16.11 1.80
N CYS B 525 11.58 15.62 0.76
CA CYS B 525 11.30 16.47 -0.39
C CYS B 525 10.21 17.49 -0.09
N HIS B 526 9.40 17.26 0.93
CA HIS B 526 8.32 18.15 1.32
C HIS B 526 8.76 19.27 2.24
N LEU B 527 10.04 19.32 2.61
CA LEU B 527 10.53 20.41 3.45
C LEU B 527 10.49 21.75 2.71
N GLY B 528 10.48 21.72 1.37
CA GLY B 528 10.41 22.95 0.61
C GLY B 528 9.02 23.50 0.40
N TYR B 529 7.98 22.71 0.65
CA TYR B 529 6.61 23.07 0.36
C TYR B 529 5.79 23.38 1.60
N THR B 530 6.48 23.70 2.71
CA THR B 530 5.79 24.07 3.93
C THR B 530 4.97 25.34 3.75
N GLY B 531 5.50 26.31 2.99
CA GLY B 531 4.73 27.51 2.72
C GLY B 531 3.44 27.23 1.98
N LEU B 532 3.51 26.36 0.96
CA LEU B 532 2.30 25.99 0.23
C LEU B 532 1.30 25.30 1.14
N PHE B 533 1.77 24.37 1.96
CA PHE B 533 0.86 23.68 2.87
C PHE B 533 0.19 24.66 3.84
N GLU B 534 0.98 25.60 4.38
CA GLU B 534 0.42 26.59 5.30
C GLU B 534 -0.62 27.46 4.63
N ASP B 535 -0.33 27.92 3.40
CA ASP B 535 -1.30 28.75 2.68
C ASP B 535 -2.58 27.98 2.39
N ILE B 536 -2.45 26.71 1.99
CA ILE B 536 -3.63 25.89 1.74
C ILE B 536 -4.46 25.73 3.01
N GLN B 537 -3.80 25.48 4.14
CA GLN B 537 -4.54 25.31 5.40
C GLN B 537 -5.28 26.59 5.78
N THR B 538 -4.60 27.73 5.68
CA THR B 538 -5.23 29.00 6.04
C THR B 538 -6.43 29.28 5.15
N LEU B 539 -6.26 29.11 3.84
CA LEU B 539 -7.36 29.37 2.92
C LEU B 539 -8.53 28.43 3.17
N LEU B 540 -8.25 27.16 3.44
CA LEU B 540 -9.30 26.19 3.66
C LEU B 540 -10.09 26.52 4.93
N CYS B 541 -9.39 26.88 6.00
CA CYS B 541 -10.08 27.26 7.23
C CYS B 541 -10.94 28.50 7.03
N LEU B 542 -10.40 29.51 6.35
CA LEU B 542 -11.17 30.73 6.10
C LEU B 542 -12.41 30.43 5.28
N ARG B 543 -12.28 29.60 4.24
CA ARG B 543 -13.42 29.28 3.40
C ARG B 543 -14.47 28.48 4.18
N TYR B 544 -14.04 27.57 5.04
CA TYR B 544 -15.01 26.83 5.85
C TYR B 544 -15.77 27.76 6.79
N GLN B 545 -15.06 28.70 7.41
CA GLN B 545 -15.75 29.65 8.29
C GLN B 545 -16.75 30.50 7.52
N GLU B 546 -16.34 31.01 6.36
CA GLU B 546 -17.26 31.78 5.54
C GLU B 546 -18.47 30.96 5.14
N ASN B 547 -18.24 29.70 4.75
CA ASN B 547 -19.33 28.86 4.27
C ASN B 547 -20.31 28.53 5.38
N ILE B 548 -19.83 28.23 6.59
CA ILE B 548 -20.76 27.95 7.67
C ILE B 548 -21.56 29.21 8.01
N GLN B 549 -20.87 30.35 8.12
CA GLN B 549 -21.57 31.60 8.45
C GLN B 549 -22.55 32.02 7.37
N ASP B 550 -22.35 31.58 6.14
CA ASP B 550 -23.27 31.91 5.06
C ASP B 550 -24.39 30.90 4.90
N TYR B 551 -24.16 29.63 5.25
CA TYR B 551 -25.04 28.57 4.79
C TYR B 551 -25.67 27.70 5.87
N GLN B 552 -25.21 27.76 7.13
CA GLN B 552 -25.73 26.79 8.10
C GLN B 552 -27.22 26.98 8.35
N ASN B 553 -27.63 28.20 8.67
CA ASN B 553 -29.04 28.45 8.93
C ASN B 553 -29.88 28.28 7.66
N ARG B 554 -29.34 28.69 6.51
CA ARG B 554 -30.05 28.52 5.26
C ARG B 554 -30.33 27.05 4.98
N ASN B 555 -29.33 26.19 5.20
CA ASN B 555 -29.54 24.76 4.98
C ASN B 555 -30.50 24.18 5.99
N GLU B 556 -30.45 24.62 7.25
CA GLU B 556 -31.34 23.98 8.22
C GLU B 556 -32.78 24.46 8.04
N ILE B 557 -33.00 25.62 7.40
CA ILE B 557 -34.37 25.97 7.06
C ILE B 557 -34.80 25.31 5.75
N ILE B 558 -33.87 25.06 4.82
CA ILE B 558 -34.24 24.35 3.60
C ILE B 558 -34.60 22.90 3.92
N GLN B 559 -33.89 22.28 4.86
CA GLN B 559 -34.04 20.85 5.10
C GLN B 559 -35.44 20.50 5.57
N GLN B 560 -36.03 21.30 6.46
CA GLN B 560 -37.36 21.01 6.98
C GLN B 560 -38.43 21.92 6.39
N ASN B 561 -38.29 22.29 5.12
CA ASN B 561 -39.31 23.06 4.40
C ASN B 561 -40.06 22.07 3.52
N THR B 562 -41.20 21.59 4.03
CA THR B 562 -41.92 20.47 3.44
C THR B 562 -42.82 20.95 2.29
N ILE B 563 -42.22 21.69 1.37
CA ILE B 563 -42.91 22.07 0.16
C ILE B 563 -42.05 21.63 -1.02
N LEU B 564 -40.75 21.50 -0.78
CA LEU B 564 -39.80 21.10 -1.81
C LEU B 564 -39.54 19.60 -1.74
N THR B 565 -39.36 18.99 -2.90
CA THR B 565 -39.04 17.58 -2.95
C THR B 565 -37.56 17.37 -2.61
N SER B 566 -37.15 16.10 -2.51
CA SER B 566 -35.79 15.80 -2.09
C SER B 566 -34.77 16.24 -3.14
N ASP B 567 -35.13 16.15 -4.42
CA ASP B 567 -34.18 16.49 -5.47
C ASP B 567 -33.81 17.98 -5.44
N GLU B 568 -34.82 18.85 -5.36
CA GLU B 568 -34.52 20.27 -5.31
C GLU B 568 -33.86 20.66 -4.00
N LYS B 569 -34.23 20.00 -2.90
CA LYS B 569 -33.55 20.24 -1.63
C LYS B 569 -32.08 19.89 -1.73
N GLU B 570 -31.76 18.75 -2.35
CA GLU B 570 -30.36 18.35 -2.49
C GLU B 570 -29.61 19.28 -3.45
N ILE B 571 -30.29 19.77 -4.49
CA ILE B 571 -29.64 20.73 -5.38
C ILE B 571 -29.50 22.10 -4.72
N LEU B 572 -30.25 22.36 -3.65
CA LEU B 572 -30.15 23.61 -2.93
C LEU B 572 -29.26 23.56 -1.70
N ILE B 573 -29.09 22.39 -1.10
CA ILE B 573 -28.32 22.26 0.13
C ILE B 573 -26.84 22.21 -0.22
N VAL B 574 -26.06 23.12 0.35
CA VAL B 574 -24.62 23.20 0.10
C VAL B 574 -23.90 22.80 1.37
N SER B 575 -22.98 21.85 1.25
CA SER B 575 -22.15 21.44 2.37
C SER B 575 -20.99 22.41 2.53
N PRO B 576 -20.84 23.06 3.69
CA PRO B 576 -19.79 24.09 3.81
C PRO B 576 -18.38 23.56 3.64
N ALA B 577 -18.04 22.51 4.40
CA ALA B 577 -16.68 21.96 4.32
C ALA B 577 -16.38 21.41 2.94
N MET B 578 -17.34 20.70 2.34
CA MET B 578 -17.12 20.13 1.02
C MET B 578 -16.95 21.21 -0.04
N ASP B 579 -17.72 22.29 0.07
CA ASP B 579 -17.57 23.40 -0.86
C ASP B 579 -16.20 24.07 -0.70
N ALA B 580 -15.73 24.20 0.55
CA ALA B 580 -14.40 24.77 0.76
C ALA B 580 -13.32 23.88 0.15
N ILE B 581 -13.44 22.56 0.33
CA ILE B 581 -12.50 21.63 -0.27
C ILE B 581 -12.52 21.75 -1.78
N HIS B 582 -13.71 21.84 -2.37
CA HIS B 582 -13.83 21.97 -3.82
C HIS B 582 -13.21 23.26 -4.31
N THR B 583 -13.40 24.36 -3.58
CA THR B 583 -12.83 25.64 -3.98
C THR B 583 -11.31 25.59 -3.96
N ILE B 584 -10.73 25.04 -2.89
CA ILE B 584 -9.27 24.94 -2.82
C ILE B 584 -8.76 24.04 -3.93
N PHE B 585 -9.47 22.93 -4.19
CA PHE B 585 -9.06 22.00 -5.24
C PHE B 585 -9.08 22.69 -6.61
N THR B 586 -10.14 23.44 -6.89
CA THR B 586 -10.26 24.13 -8.17
C THR B 586 -9.18 25.19 -8.32
N ALA B 587 -8.88 25.92 -7.25
CA ALA B 587 -7.80 26.91 -7.31
C ALA B 587 -6.45 26.25 -7.60
N LEU B 588 -6.17 25.13 -6.93
CA LEU B 588 -4.92 24.43 -7.16
C LEU B 588 -4.85 23.91 -8.59
N GLN B 589 -5.97 23.41 -9.11
CA GLN B 589 -6.00 22.94 -10.50
C GLN B 589 -5.77 24.09 -11.47
N PHE B 590 -6.31 25.27 -11.17
CA PHE B 590 -6.04 26.43 -12.03
C PHE B 590 -4.57 26.79 -12.00
N ILE B 591 -3.95 26.76 -10.82
CA ILE B 591 -2.52 27.04 -10.71
C ILE B 591 -1.72 26.06 -11.56
N HIS B 592 -2.04 24.76 -11.42
CA HIS B 592 -1.33 23.74 -12.18
C HIS B 592 -1.54 23.90 -13.68
N PHE B 593 -2.76 24.23 -14.08
CA PHE B 593 -3.08 24.40 -15.49
C PHE B 593 -2.30 25.56 -16.09
N ILE B 594 -2.17 26.66 -15.36
CA ILE B 594 -1.38 27.78 -15.86
C ILE B 594 0.11 27.42 -15.89
N ASN B 595 0.58 26.71 -14.87
CA ASN B 595 2.01 26.44 -14.74
C ASN B 595 2.51 25.39 -15.73
N TYR B 596 1.70 24.37 -16.04
CA TYR B 596 2.20 23.19 -16.72
C TYR B 596 2.26 23.41 -18.22
N ASN B 597 3.43 23.19 -18.80
CA ASN B 597 3.62 23.16 -20.24
C ASN B 597 4.13 21.79 -20.65
N LYS B 598 4.00 21.49 -21.94
CA LYS B 598 4.19 20.13 -22.42
C LYS B 598 5.38 20.03 -23.37
N ASP B 599 6.49 20.65 -23.01
CA ASP B 599 7.68 20.67 -23.86
C ASP B 599 8.19 19.25 -24.15
N MET C 45 -70.46 11.99 -46.16
CA MET C 45 -70.26 13.43 -46.12
C MET C 45 -68.83 13.67 -45.66
N ASN C 46 -68.65 14.44 -44.60
CA ASN C 46 -67.34 14.61 -43.97
C ASN C 46 -67.23 13.67 -42.78
N ARG C 47 -65.99 13.29 -42.48
CA ARG C 47 -65.72 12.36 -41.39
C ARG C 47 -64.66 12.94 -40.47
N HIS C 48 -64.93 12.92 -39.17
CA HIS C 48 -64.09 13.57 -38.17
C HIS C 48 -63.36 12.53 -37.34
N TYR C 49 -62.05 12.70 -37.21
CA TYR C 49 -61.22 11.81 -36.40
C TYR C 49 -60.49 12.59 -35.32
N LEU C 50 -60.18 11.89 -34.24
CA LEU C 50 -59.20 12.33 -33.26
C LEU C 50 -57.98 11.44 -33.37
N ILE C 51 -56.81 12.06 -33.55
CA ILE C 51 -55.58 11.36 -33.87
C ILE C 51 -54.61 11.58 -32.71
N THR C 52 -54.29 10.51 -31.99
CA THR C 52 -53.35 10.56 -30.87
C THR C 52 -52.00 10.03 -31.32
N LEU C 53 -50.94 10.76 -31.00
CA LEU C 53 -49.58 10.37 -31.32
C LEU C 53 -48.84 10.08 -30.03
N THR C 54 -48.25 8.89 -29.95
CA THR C 54 -47.47 8.48 -28.80
C THR C 54 -46.00 8.34 -29.18
N PRO C 55 -45.09 9.01 -28.48
CA PRO C 55 -43.66 8.91 -28.84
C PRO C 55 -43.10 7.54 -28.51
N MET C 56 -42.63 6.83 -29.53
CA MET C 56 -41.97 5.56 -29.31
C MET C 56 -40.55 5.71 -28.79
N ASP C 57 -39.89 6.82 -29.11
CA ASP C 57 -38.51 7.05 -28.71
C ASP C 57 -38.32 8.55 -28.51
N TRP C 58 -37.05 8.97 -28.43
CA TRP C 58 -36.74 10.38 -28.31
C TRP C 58 -36.95 11.06 -29.66
N PHE C 59 -37.81 12.07 -29.69
CA PHE C 59 -38.17 12.73 -30.93
C PHE C 59 -37.37 14.03 -31.11
N PHE C 60 -37.34 14.51 -32.34
CA PHE C 60 -36.62 15.74 -32.69
C PHE C 60 -37.49 16.56 -33.63
N PHE C 61 -38.15 17.57 -33.09
CA PHE C 61 -38.84 18.59 -33.89
C PHE C 61 -37.90 19.78 -33.95
N GLY C 62 -37.20 19.95 -35.07
CA GLY C 62 -36.16 20.95 -35.16
C GLY C 62 -36.43 21.93 -36.27
N GLY C 63 -35.62 22.98 -36.29
CA GLY C 63 -35.65 23.90 -37.41
C GLY C 63 -35.47 25.37 -37.05
N GLU C 64 -34.55 26.01 -37.78
CA GLU C 64 -34.33 27.45 -37.90
C GLU C 64 -32.89 27.67 -38.33
N ARG C 65 -31.97 27.54 -37.39
CA ARG C 65 -30.53 27.56 -37.65
C ARG C 65 -29.98 26.15 -37.58
N THR C 66 -30.77 25.19 -38.06
CA THR C 66 -30.47 23.78 -37.87
C THR C 66 -29.22 23.38 -38.65
N LEU C 67 -28.84 22.13 -38.51
CA LEU C 67 -27.63 21.61 -39.14
C LEU C 67 -27.78 21.61 -40.66
N ASP C 68 -26.64 21.64 -41.33
CA ASP C 68 -26.54 21.68 -42.79
C ASP C 68 -27.21 22.91 -43.39
N ASP C 69 -27.41 23.96 -42.59
CA ASP C 69 -27.92 25.22 -43.09
C ASP C 69 -26.86 26.07 -43.75
N GLY C 70 -25.58 25.73 -43.59
CA GLY C 70 -24.52 26.58 -44.08
C GLY C 70 -24.37 27.80 -43.20
N LYS C 71 -23.49 28.70 -43.64
CA LYS C 71 -23.19 29.95 -42.93
C LYS C 71 -22.95 29.67 -41.44
N SER C 72 -21.85 28.95 -41.17
CA SER C 72 -21.58 28.43 -39.84
C SER C 72 -22.71 27.50 -39.41
N ALA C 73 -22.78 26.34 -40.05
CA ALA C 73 -23.92 25.41 -39.98
C ALA C 73 -24.39 25.11 -38.56
N ASP C 74 -23.56 25.41 -37.56
CA ASP C 74 -24.00 25.38 -36.16
C ASP C 74 -24.47 23.98 -35.75
N TYR C 75 -23.49 23.07 -35.70
CA TYR C 75 -23.75 21.67 -35.40
C TYR C 75 -24.70 21.47 -34.22
N ILE C 76 -24.73 22.39 -33.27
CA ILE C 76 -25.59 22.28 -32.10
C ILE C 76 -27.00 22.66 -32.51
N SER C 77 -27.91 21.70 -32.50
CA SER C 77 -29.29 21.89 -32.94
C SER C 77 -30.24 21.57 -31.81
N HIS C 78 -31.14 22.51 -31.53
CA HIS C 78 -32.11 22.37 -30.44
C HIS C 78 -33.48 22.04 -31.01
N SER C 79 -34.21 21.18 -30.32
CA SER C 79 -35.48 20.69 -30.81
C SER C 79 -36.62 21.61 -30.36
N ASN C 80 -37.46 22.00 -31.31
CA ASN C 80 -38.69 22.70 -30.98
C ASN C 80 -39.63 21.73 -30.25
N LYS C 81 -40.39 22.27 -29.31
CA LYS C 81 -41.24 21.42 -28.50
C LYS C 81 -42.39 20.82 -29.31
N PHE C 82 -42.85 21.53 -30.33
CA PHE C 82 -43.94 21.06 -31.17
C PHE C 82 -43.54 21.06 -32.63
N PRO C 83 -44.12 20.19 -33.44
CA PRO C 83 -43.95 20.29 -34.89
C PRO C 83 -44.85 21.38 -35.46
N GLN C 84 -44.44 21.89 -36.62
CA GLN C 84 -45.30 22.81 -37.34
C GLN C 84 -46.51 22.06 -37.87
N GLN C 85 -47.61 22.79 -38.07
CA GLN C 85 -48.80 22.17 -38.64
C GLN C 85 -48.54 21.64 -40.03
N SER C 86 -47.56 22.20 -40.74
CA SER C 86 -47.18 21.66 -42.04
C SER C 86 -46.69 20.21 -41.91
N ALA C 87 -45.97 19.91 -40.83
CA ALA C 87 -45.54 18.54 -40.59
C ALA C 87 -46.74 17.62 -40.40
N LEU C 88 -47.77 18.10 -39.69
CA LEU C 88 -48.98 17.33 -39.52
C LEU C 88 -49.66 17.07 -40.87
N LEU C 89 -49.77 18.11 -41.70
CA LEU C 89 -50.39 17.95 -43.01
C LEU C 89 -49.61 16.92 -43.83
N GLY C 90 -48.29 17.05 -43.84
CA GLY C 90 -47.46 16.15 -44.64
C GLY C 90 -47.52 14.72 -44.14
N MET C 91 -47.56 14.53 -42.82
CA MET C 91 -47.69 13.18 -42.29
C MET C 91 -49.01 12.56 -42.70
N ILE C 92 -50.10 13.34 -42.62
CA ILE C 92 -51.40 12.83 -43.04
C ILE C 92 -51.38 12.45 -44.52
N ARG C 93 -50.78 13.29 -45.36
CA ARG C 93 -50.72 13.00 -46.79
C ARG C 93 -49.86 11.76 -47.07
N TYR C 94 -48.73 11.65 -46.38
CA TYR C 94 -47.84 10.50 -46.56
C TYR C 94 -48.54 9.21 -46.18
N GLN C 95 -49.24 9.21 -45.05
CA GLN C 95 -49.95 8.00 -44.65
C GLN C 95 -51.13 7.70 -45.57
N LEU C 96 -51.79 8.74 -46.09
CA LEU C 96 -52.87 8.54 -47.05
C LEU C 96 -52.36 7.85 -48.30
N LEU C 97 -51.20 8.27 -48.80
CA LEU C 97 -50.60 7.56 -49.93
C LEU C 97 -50.13 6.16 -49.56
N LYS C 98 -49.65 5.97 -48.33
CA LYS C 98 -49.21 4.63 -47.92
C LYS C 98 -50.38 3.65 -47.93
N GLN C 99 -51.54 4.07 -47.42
CA GLN C 99 -52.69 3.16 -47.36
C GLN C 99 -53.13 2.72 -48.75
N HIS C 100 -52.99 3.60 -49.75
CA HIS C 100 -53.40 3.29 -51.10
C HIS C 100 -52.25 2.88 -52.00
N ASN C 101 -51.07 2.65 -51.43
CA ASN C 101 -49.91 2.14 -52.16
C ASN C 101 -49.54 3.04 -53.34
N LEU C 102 -49.36 4.32 -53.07
CA LEU C 102 -49.11 5.33 -54.10
C LEU C 102 -47.87 6.15 -53.81
N LEU C 103 -46.86 5.57 -53.16
CA LEU C 103 -45.65 6.28 -52.79
C LEU C 103 -44.63 6.21 -53.92
N SER C 104 -43.65 7.11 -53.84
CA SER C 104 -42.55 7.12 -54.78
C SER C 104 -41.37 6.34 -54.21
N GLN C 105 -40.87 5.40 -54.98
CA GLN C 105 -39.71 4.59 -54.60
C GLN C 105 -38.63 4.76 -55.64
N PHE C 106 -37.39 4.36 -55.29
CA PHE C 106 -36.31 4.18 -56.26
C PHE C 106 -35.88 5.56 -56.77
N PRO C 107 -34.69 5.70 -57.39
CA PRO C 107 -34.27 7.03 -57.88
C PRO C 107 -35.25 7.66 -58.86
N TYR C 108 -34.97 8.90 -59.25
CA TYR C 108 -35.94 9.80 -59.88
C TYR C 108 -36.81 9.05 -60.88
N THR C 109 -38.11 9.33 -60.85
CA THR C 109 -39.08 8.45 -61.48
C THR C 109 -40.11 9.33 -62.21
N GLU C 110 -41.21 8.73 -62.65
CA GLU C 110 -42.25 9.42 -63.42
C GLU C 110 -43.61 9.13 -62.81
N ASN C 111 -44.68 9.57 -63.47
CA ASN C 111 -46.03 9.30 -62.98
C ASN C 111 -46.99 9.16 -64.15
N LYS C 112 -47.84 8.14 -64.12
CA LYS C 112 -48.84 8.02 -65.16
C LYS C 112 -50.04 8.92 -64.82
N PRO C 113 -50.79 9.37 -65.83
CA PRO C 113 -51.83 10.38 -65.55
C PRO C 113 -52.87 9.95 -64.52
N THR C 114 -53.29 8.69 -64.52
CA THR C 114 -54.41 8.32 -63.65
C THR C 114 -53.99 8.29 -62.18
N GLU C 115 -52.78 7.83 -61.88
CA GLU C 115 -52.33 7.97 -60.50
C GLU C 115 -52.08 9.42 -60.14
N LYS C 116 -51.70 10.26 -61.11
CA LYS C 116 -51.60 11.69 -60.84
C LYS C 116 -52.95 12.25 -60.42
N GLU C 117 -54.02 11.87 -61.12
CA GLU C 117 -55.34 12.38 -60.78
C GLU C 117 -55.84 11.81 -59.45
N ILE C 118 -55.51 10.55 -59.14
CA ILE C 118 -55.94 10.02 -57.85
C ILE C 118 -55.16 10.67 -56.72
N MET C 119 -53.89 11.01 -56.92
CA MET C 119 -53.18 11.81 -55.94
C MET C 119 -53.78 13.20 -55.81
N LYS C 120 -54.23 13.76 -56.93
CA LYS C 120 -54.95 15.04 -56.88
C LYS C 120 -56.17 14.94 -55.97
N THR C 121 -56.99 13.90 -56.18
CA THR C 121 -58.22 13.77 -55.41
C THR C 121 -57.97 13.33 -53.98
N LEU C 122 -56.80 12.77 -53.68
CA LEU C 122 -56.52 12.27 -52.33
C LEU C 122 -55.78 13.30 -51.47
N ILE C 123 -54.68 13.85 -51.96
CA ILE C 123 -53.81 14.71 -51.16
C ILE C 123 -53.79 16.14 -51.67
N GLY C 124 -53.84 16.34 -52.98
CA GLY C 124 -53.69 17.65 -53.57
C GLY C 124 -52.40 17.76 -54.37
N GLU C 125 -52.34 18.81 -55.19
CA GLU C 125 -51.23 19.00 -56.11
C GLU C 125 -50.04 19.70 -55.48
N GLN C 126 -50.16 20.17 -54.25
CA GLN C 126 -49.17 21.09 -53.71
C GLN C 126 -49.22 21.04 -52.19
N SER C 127 -48.05 21.17 -51.57
CA SER C 127 -47.95 21.09 -50.13
C SER C 127 -48.49 22.36 -49.47
N PHE C 128 -48.54 22.35 -48.15
CA PHE C 128 -48.93 23.52 -47.38
C PHE C 128 -48.02 24.69 -47.72
N ARG C 129 -48.60 25.75 -48.26
CA ARG C 129 -47.82 26.87 -48.76
C ARG C 129 -48.27 28.16 -48.08
N MET C 130 -47.29 28.99 -47.72
CA MET C 130 -47.60 30.28 -47.08
C MET C 130 -48.25 31.26 -48.05
N THR C 131 -47.93 31.17 -49.34
CA THR C 131 -48.50 32.11 -50.30
C THR C 131 -50.02 32.00 -50.35
N GLU C 132 -50.56 30.80 -50.16
CA GLU C 132 -52.00 30.62 -50.07
C GLU C 132 -52.51 30.86 -48.65
N ARG C 133 -52.16 31.99 -48.07
CA ARG C 133 -52.61 32.28 -46.71
C ARG C 133 -54.01 32.87 -46.65
N LYS C 134 -54.54 33.35 -47.77
CA LYS C 134 -55.87 33.97 -47.79
C LYS C 134 -56.80 33.21 -48.73
N ALA C 135 -56.49 31.96 -49.03
CA ALA C 135 -57.35 31.13 -49.86
C ALA C 135 -58.45 30.54 -48.99
N LYS C 136 -59.68 30.58 -49.50
CA LYS C 136 -60.84 30.13 -48.74
C LYS C 136 -60.96 28.61 -48.68
N SER C 137 -60.14 27.89 -49.42
CA SER C 137 -60.15 26.43 -49.42
C SER C 137 -58.75 25.91 -49.13
N LEU C 138 -58.69 24.74 -48.50
CA LEU C 138 -57.43 24.17 -48.06
C LEU C 138 -56.52 23.77 -49.22
N GLY C 139 -57.06 23.67 -50.43
CA GLY C 139 -56.23 23.34 -51.56
C GLY C 139 -55.57 21.98 -51.51
N LEU C 140 -56.04 21.10 -50.63
CA LEU C 140 -55.53 19.75 -50.50
C LEU C 140 -56.62 18.75 -50.87
N GLY C 141 -56.40 17.49 -50.57
CA GLY C 141 -57.31 16.45 -51.00
C GLY C 141 -58.44 16.24 -50.01
N VAL C 142 -58.58 15.02 -49.49
CA VAL C 142 -59.65 14.74 -48.53
C VAL C 142 -59.52 15.55 -47.26
N ILE C 143 -58.34 16.09 -46.97
CA ILE C 143 -58.12 16.87 -45.75
C ILE C 143 -58.85 18.19 -45.87
N LYS C 144 -59.65 18.54 -44.86
CA LYS C 144 -60.36 19.80 -44.83
C LYS C 144 -59.86 20.72 -43.72
N GLN C 145 -59.85 20.28 -42.47
CA GLN C 145 -59.37 21.08 -41.35
C GLN C 145 -58.65 20.18 -40.35
N ILE C 146 -57.61 20.70 -39.72
CA ILE C 146 -57.00 20.06 -38.57
C ILE C 146 -56.94 21.06 -37.42
N SER C 147 -57.21 20.58 -36.21
CA SER C 147 -57.03 21.39 -35.03
C SER C 147 -55.55 21.60 -34.78
N PRO C 148 -55.18 22.67 -34.08
CA PRO C 148 -53.79 22.81 -33.64
C PRO C 148 -53.41 21.62 -32.76
N LEU C 149 -52.15 21.22 -32.86
CA LEU C 149 -51.67 20.11 -32.04
C LEU C 149 -51.87 20.43 -30.57
N MET C 150 -52.43 19.48 -29.83
CA MET C 150 -52.77 19.66 -28.43
C MET C 150 -52.03 18.65 -27.58
N LEU C 151 -51.60 19.09 -26.40
CA LEU C 151 -50.92 18.22 -25.45
C LEU C 151 -51.97 17.57 -24.57
N ILE C 152 -51.93 16.25 -24.48
CA ILE C 152 -52.97 15.47 -23.81
C ILE C 152 -52.29 14.58 -22.78
N GLU C 153 -52.85 14.53 -21.58
CA GLU C 153 -52.38 13.66 -20.51
C GLU C 153 -53.35 12.50 -20.34
N CYS C 154 -52.81 11.28 -20.34
CA CYS C 154 -53.60 10.05 -20.32
C CYS C 154 -53.36 9.34 -19.00
N LYS C 155 -54.20 9.63 -18.00
CA LYS C 155 -54.10 8.92 -16.75
C LYS C 155 -54.52 7.47 -16.91
N ASP C 156 -54.04 6.61 -16.01
CA ASP C 156 -54.37 5.20 -16.07
C ASP C 156 -55.81 4.98 -15.62
N ASP C 157 -56.75 5.37 -16.48
CA ASP C 157 -58.17 5.32 -16.13
C ASP C 157 -58.97 5.42 -17.42
N THR C 158 -60.21 4.96 -17.35
CA THR C 158 -61.19 5.29 -18.38
C THR C 158 -61.56 6.77 -18.34
N SER C 159 -61.23 7.46 -17.25
CA SER C 159 -61.41 8.90 -17.13
C SER C 159 -60.84 9.61 -18.34
N SER C 160 -61.49 10.70 -18.74
CA SER C 160 -61.16 11.38 -19.98
C SER C 160 -59.73 11.94 -19.90
N ARG C 161 -59.27 12.49 -21.01
CA ARG C 161 -57.91 12.99 -21.11
C ARG C 161 -57.88 14.48 -20.77
N SER C 162 -56.93 14.89 -19.95
CA SER C 162 -56.77 16.30 -19.60
C SER C 162 -56.01 17.02 -20.71
N ILE C 163 -56.56 18.13 -21.17
CA ILE C 163 -55.93 18.92 -22.23
C ILE C 163 -55.09 20.01 -21.58
N TYR C 164 -53.82 20.08 -21.95
CA TYR C 164 -52.88 21.03 -21.38
C TYR C 164 -52.59 22.12 -22.41
N PHE C 165 -52.67 23.37 -21.96
CA PHE C 165 -52.43 24.54 -22.81
C PHE C 165 -51.32 25.40 -22.21
N PRO C 166 -50.60 26.15 -23.04
CA PRO C 166 -49.63 27.10 -22.50
C PRO C 166 -50.31 28.14 -21.61
N LEU C 167 -49.66 28.49 -20.53
CA LEU C 167 -50.23 29.43 -19.57
C LEU C 167 -50.32 30.82 -20.19
N PRO C 168 -51.47 31.49 -20.10
CA PRO C 168 -51.57 32.85 -20.63
C PRO C 168 -50.59 33.77 -19.95
N LEU C 169 -50.01 34.67 -20.73
CA LEU C 169 -48.99 35.58 -20.21
C LEU C 169 -49.54 36.52 -19.14
N ASP C 170 -50.85 36.78 -19.15
CA ASP C 170 -51.48 37.69 -18.21
C ASP C 170 -52.06 36.98 -16.99
N ASP C 171 -51.86 35.67 -16.87
CA ASP C 171 -52.46 34.90 -15.79
C ASP C 171 -51.72 35.24 -14.51
N GLY C 172 -52.46 35.65 -13.49
CA GLY C 172 -51.87 36.00 -12.22
C GLY C 172 -51.81 37.49 -11.98
N TYR C 173 -52.07 38.27 -13.04
CA TYR C 173 -52.04 39.72 -12.97
C TYR C 173 -53.28 40.31 -13.62
N LYS C 174 -53.60 41.52 -13.20
CA LYS C 174 -54.72 42.27 -13.76
C LYS C 174 -54.18 43.53 -14.45
N VAL C 175 -54.68 43.78 -15.65
CA VAL C 175 -54.31 44.97 -16.43
C VAL C 175 -55.50 45.90 -16.45
N SER C 176 -55.34 47.08 -15.85
CA SER C 176 -56.48 47.97 -15.61
C SER C 176 -56.72 48.97 -16.72
N PHE C 177 -55.67 49.49 -17.36
CA PHE C 177 -55.80 50.28 -18.58
C PHE C 177 -56.62 51.54 -18.36
N ASN C 178 -56.26 52.30 -17.32
CA ASN C 178 -57.00 53.51 -16.97
C ASN C 178 -56.83 54.55 -18.07
N GLU C 179 -57.92 54.92 -18.73
CA GLU C 179 -57.86 55.86 -19.84
C GLU C 179 -59.07 56.80 -19.75
N THR C 180 -58.83 57.95 -19.12
CA THR C 180 -59.77 59.07 -19.13
C THR C 180 -58.93 60.32 -19.39
N SER C 181 -58.80 60.68 -20.67
CA SER C 181 -57.93 61.78 -21.10
C SER C 181 -56.47 61.47 -20.77
N ASN C 182 -55.57 62.36 -21.17
CA ASN C 182 -54.14 62.14 -20.93
C ASN C 182 -53.83 62.11 -19.45
N GLU C 183 -53.51 60.92 -18.93
CA GLU C 183 -52.99 60.77 -17.57
C GLU C 183 -51.66 60.04 -17.60
N ASP C 184 -51.45 59.22 -18.63
CA ASP C 184 -50.22 58.49 -18.91
C ASP C 184 -50.35 57.91 -20.31
N LYS C 185 -49.24 57.74 -21.03
CA LYS C 185 -49.32 57.27 -22.40
C LYS C 185 -47.95 56.83 -22.88
N VAL C 186 -47.94 55.84 -23.76
CA VAL C 186 -46.73 55.22 -24.25
C VAL C 186 -46.82 55.09 -25.77
N PHE C 187 -45.69 55.27 -26.44
CA PHE C 187 -45.59 55.14 -27.89
C PHE C 187 -44.81 53.87 -28.21
N TYR C 188 -45.43 52.96 -28.94
CA TYR C 188 -44.77 51.73 -29.39
C TYR C 188 -44.33 51.93 -30.83
N ASN C 189 -43.09 52.38 -31.02
CA ASN C 189 -42.52 52.63 -32.33
C ASN C 189 -43.32 53.66 -33.11
N GLY C 190 -43.99 54.56 -32.41
CA GLY C 190 -44.71 55.64 -33.03
C GLY C 190 -46.21 55.49 -33.13
N ILE C 191 -46.85 54.79 -32.20
CA ILE C 191 -48.30 54.64 -32.19
C ILE C 191 -48.81 54.99 -30.80
N GLU C 192 -49.93 55.71 -30.76
CA GLU C 192 -50.53 56.12 -29.48
C GLU C 192 -51.25 54.95 -28.84
N CYS C 193 -50.97 54.69 -27.56
CA CYS C 193 -51.64 53.62 -26.84
C CYS C 193 -51.79 53.99 -25.37
N PRO C 194 -52.79 53.44 -24.68
CA PRO C 194 -52.94 53.68 -23.24
C PRO C 194 -51.80 53.11 -22.42
N ILE C 195 -51.86 53.30 -21.10
CA ILE C 195 -50.81 52.85 -20.19
C ILE C 195 -51.22 51.54 -19.54
N PRO C 196 -50.37 50.52 -19.56
CA PRO C 196 -50.66 49.20 -18.95
C PRO C 196 -50.32 49.06 -17.46
N ASN C 197 -51.24 49.46 -16.60
CA ASN C 197 -51.05 49.22 -15.17
C ASN C 197 -51.27 47.75 -14.86
N VAL C 198 -50.22 47.06 -14.44
CA VAL C 198 -50.25 45.62 -14.20
C VAL C 198 -49.95 45.38 -12.72
N TYR C 199 -50.90 44.76 -12.03
CA TYR C 199 -50.72 44.43 -10.62
C TYR C 199 -50.89 42.92 -10.43
N PRO C 200 -50.10 42.32 -9.55
CA PRO C 200 -50.33 40.91 -9.20
C PRO C 200 -51.67 40.75 -8.49
N ALA C 201 -52.57 40.01 -9.13
CA ALA C 201 -53.92 39.82 -8.59
C ALA C 201 -53.84 38.84 -7.42
N SER C 202 -53.33 39.35 -6.29
CA SER C 202 -53.18 38.55 -5.09
C SER C 202 -53.59 39.34 -3.85
N ARG C 212 -51.31 48.68 -4.16
CA ARG C 212 -50.63 47.39 -4.13
C ARG C 212 -49.24 47.50 -4.75
N LYS C 213 -48.64 46.36 -5.08
CA LYS C 213 -47.33 46.33 -5.70
C LYS C 213 -47.50 46.52 -7.20
N PHE C 214 -46.42 46.33 -7.96
CA PHE C 214 -46.47 46.42 -9.41
C PHE C 214 -45.70 45.26 -10.02
N PHE C 215 -45.74 45.19 -11.34
CA PHE C 215 -45.16 44.07 -12.08
C PHE C 215 -43.66 44.03 -11.89
N ASP C 216 -43.17 43.00 -11.20
CA ASP C 216 -41.75 42.76 -11.04
C ASP C 216 -41.35 41.68 -12.05
N HIS C 217 -40.59 42.08 -13.06
CA HIS C 217 -40.22 41.13 -14.11
C HIS C 217 -39.34 40.00 -13.59
N LYS C 218 -38.67 40.21 -12.46
CA LYS C 218 -37.92 39.11 -11.85
C LYS C 218 -38.85 38.00 -11.40
N THR C 219 -40.01 38.36 -10.82
CA THR C 219 -40.96 37.36 -10.38
C THR C 219 -41.65 36.68 -11.57
N TYR C 220 -41.71 37.34 -12.72
CA TYR C 220 -42.40 36.83 -13.89
C TYR C 220 -41.85 35.49 -14.34
N ASN C 221 -42.65 34.43 -14.21
CA ASN C 221 -42.26 33.11 -14.70
C ASN C 221 -43.40 32.41 -15.43
N ASN C 222 -44.37 33.17 -15.95
CA ASN C 222 -45.53 32.57 -16.59
C ASN C 222 -45.19 31.89 -17.90
N TYR C 223 -44.06 32.24 -18.52
CA TYR C 223 -43.65 31.60 -19.77
C TYR C 223 -43.10 30.20 -19.57
N LEU C 224 -42.88 29.77 -18.34
CA LEU C 224 -42.36 28.44 -18.06
C LEU C 224 -43.44 27.43 -17.70
N PHE C 225 -44.71 27.82 -17.74
CA PHE C 225 -45.79 27.00 -17.22
C PHE C 225 -46.79 26.64 -18.32
N TRP C 226 -47.39 25.45 -18.17
CA TRP C 226 -48.53 25.02 -18.96
C TRP C 226 -49.68 24.72 -18.00
N CYS C 227 -50.91 24.93 -18.46
CA CYS C 227 -52.08 24.90 -17.60
C CYS C 227 -53.10 23.88 -18.08
N THR C 228 -53.89 23.40 -17.13
CA THR C 228 -55.02 22.53 -17.40
C THR C 228 -56.12 22.82 -16.39
N GLN C 229 -57.29 22.26 -16.62
CA GLN C 229 -58.46 22.58 -15.82
C GLN C 229 -58.54 21.70 -14.57
N GLY C 230 -58.75 22.33 -13.42
CA GLY C 230 -59.04 21.64 -12.19
C GLY C 230 -60.50 21.72 -11.83
N ASN C 231 -60.79 21.58 -10.54
CA ASN C 231 -62.15 21.78 -10.07
C ASN C 231 -62.60 23.23 -10.26
N ASN C 232 -61.91 24.17 -9.62
CA ASN C 232 -62.02 25.59 -9.97
C ASN C 232 -60.66 26.27 -9.88
N GLN C 233 -59.58 25.50 -9.87
CA GLN C 233 -58.22 26.02 -9.80
C GLN C 233 -57.48 25.59 -11.04
N ILE C 234 -56.81 26.53 -11.70
CA ILE C 234 -56.02 26.22 -12.88
C ILE C 234 -54.76 25.50 -12.45
N LYS C 235 -54.55 24.30 -12.99
CA LYS C 235 -53.41 23.48 -12.60
C LYS C 235 -52.18 23.88 -13.41
N LYS C 236 -51.14 24.32 -12.72
CA LYS C 236 -49.92 24.80 -13.37
C LYS C 236 -48.87 23.70 -13.37
N LEU C 237 -48.30 23.42 -14.53
CA LEU C 237 -47.25 22.43 -14.68
C LEU C 237 -46.03 23.08 -15.31
N LEU C 238 -44.86 22.84 -14.71
CA LEU C 238 -43.62 23.34 -15.26
C LEU C 238 -43.30 22.63 -16.56
N SER C 239 -42.69 23.36 -17.50
CA SER C 239 -42.36 22.78 -18.80
C SER C 239 -41.39 21.61 -18.67
N ASP C 240 -40.48 21.66 -17.69
CA ASP C 240 -39.53 20.57 -17.50
C ASP C 240 -40.24 19.29 -17.09
N GLU C 241 -41.36 19.39 -16.37
CA GLU C 241 -42.13 18.22 -15.98
C GLU C 241 -42.93 17.62 -17.13
N ILE C 242 -42.83 18.19 -18.33
CA ILE C 242 -43.46 17.62 -19.52
C ILE C 242 -42.43 17.15 -20.52
N TRP C 243 -41.38 17.93 -20.76
CA TRP C 243 -40.36 17.60 -21.74
C TRP C 243 -39.01 17.47 -21.05
N ILE C 244 -38.37 16.32 -21.23
CA ILE C 244 -36.99 16.11 -20.79
C ILE C 244 -36.09 16.07 -22.02
N SER C 245 -34.91 16.67 -21.90
CA SER C 245 -34.03 16.87 -23.04
C SER C 245 -32.68 16.20 -22.78
N LYS C 246 -32.10 15.63 -23.84
CA LYS C 246 -30.76 15.09 -23.78
C LYS C 246 -29.97 15.56 -25.00
N MET C 247 -28.69 15.82 -24.78
CA MET C 247 -27.76 16.22 -25.84
C MET C 247 -27.06 14.98 -26.35
N GLN C 248 -27.08 14.78 -27.66
CA GLN C 248 -26.38 13.67 -28.28
C GLN C 248 -25.19 14.19 -29.06
N ILE C 249 -24.08 13.47 -28.97
CA ILE C 249 -22.88 13.76 -29.74
C ILE C 249 -22.75 12.70 -30.82
N GLY C 250 -22.64 13.14 -32.06
CA GLY C 250 -22.51 12.22 -33.18
C GLY C 250 -21.39 12.63 -34.10
N ILE C 251 -20.77 11.62 -34.71
CA ILE C 251 -19.63 11.81 -35.60
C ILE C 251 -19.74 10.87 -36.79
N THR C 252 -18.88 11.08 -37.76
CA THR C 252 -18.65 10.14 -38.86
C THR C 252 -17.30 9.49 -38.65
N LYS C 253 -17.28 8.16 -38.66
CA LYS C 253 -16.10 7.43 -38.19
C LYS C 253 -14.97 7.46 -39.20
N HIS C 254 -15.28 7.48 -40.49
CA HIS C 254 -14.26 7.19 -41.51
C HIS C 254 -13.19 8.27 -41.55
N VAL C 255 -13.58 9.54 -41.34
CA VAL C 255 -12.69 10.69 -41.39
C VAL C 255 -12.17 10.91 -42.81
N GLU C 256 -12.79 11.84 -43.53
CA GLU C 256 -12.29 12.27 -44.83
C GLU C 256 -12.15 13.78 -44.85
N GLU C 257 -11.91 14.35 -46.04
CA GLU C 257 -11.66 15.78 -46.17
C GLU C 257 -12.91 16.57 -45.80
N GLY C 258 -12.90 17.22 -44.64
CA GLY C 258 -14.07 17.96 -44.18
C GLY C 258 -13.69 19.18 -43.38
N GLU C 259 -14.67 20.07 -43.22
CA GLU C 259 -14.48 21.32 -42.51
C GLU C 259 -15.55 21.44 -41.43
N ASP C 260 -15.25 22.24 -40.40
CA ASP C 260 -16.07 22.26 -39.20
C ASP C 260 -17.50 22.66 -39.53
N ASN C 261 -18.44 22.15 -38.72
CA ASN C 261 -19.88 22.24 -38.91
C ASN C 261 -20.33 21.41 -40.12
N ASP C 262 -19.39 20.79 -40.83
CA ASP C 262 -19.72 20.07 -42.05
C ASP C 262 -19.03 18.72 -42.20
N LYS C 263 -18.15 18.32 -41.29
CA LYS C 263 -17.44 17.05 -41.40
C LYS C 263 -17.94 16.02 -40.39
N SER C 264 -17.90 16.34 -39.11
CA SER C 264 -18.36 15.45 -38.06
C SER C 264 -18.67 16.29 -36.83
N PHE C 265 -18.84 15.62 -35.69
CA PHE C 265 -19.03 16.28 -34.41
C PHE C 265 -20.24 17.21 -34.43
N TYR C 266 -21.42 16.61 -34.57
CA TYR C 266 -22.68 17.32 -34.43
C TYR C 266 -23.33 16.97 -33.10
N LYS C 267 -24.02 17.97 -32.53
CA LYS C 267 -24.79 17.78 -31.30
C LYS C 267 -26.25 18.09 -31.57
N GLN C 268 -27.13 17.17 -31.17
CA GLN C 268 -28.56 17.30 -31.40
C GLN C 268 -29.32 17.18 -30.08
N GLU C 269 -30.33 18.03 -29.93
CA GLU C 269 -31.20 17.97 -28.76
C GLU C 269 -32.39 17.06 -29.07
N PHE C 270 -32.50 15.96 -28.34
CA PHE C 270 -33.60 15.02 -28.48
C PHE C 270 -34.53 15.18 -27.29
N LEU C 271 -35.82 15.32 -27.55
CA LEU C 271 -36.82 15.55 -26.53
C LEU C 271 -37.57 14.26 -26.24
N GLN C 272 -37.87 14.02 -24.97
CA GLN C 272 -38.75 12.94 -24.57
C GLN C 272 -39.92 13.52 -23.79
N LEU C 273 -41.11 12.98 -24.04
CA LEU C 273 -42.34 13.48 -23.45
C LEU C 273 -42.70 12.57 -22.28
N LYS C 274 -43.07 13.18 -21.16
CA LYS C 274 -43.24 12.41 -19.93
C LYS C 274 -44.33 11.37 -20.08
N LYS C 275 -44.37 10.44 -19.13
CA LYS C 275 -45.02 9.14 -19.30
C LYS C 275 -46.41 9.22 -19.92
N SER C 276 -47.34 9.90 -19.26
CA SER C 276 -48.75 9.83 -19.62
C SER C 276 -49.17 10.92 -20.60
N PHE C 277 -48.23 11.55 -21.29
CA PHE C 277 -48.52 12.66 -22.19
C PHE C 277 -48.42 12.21 -23.64
N ILE C 278 -49.37 12.67 -24.46
CA ILE C 278 -49.38 12.37 -25.88
C ILE C 278 -49.74 13.63 -26.67
N TYR C 279 -49.40 13.62 -27.95
CA TYR C 279 -49.79 14.67 -28.89
C TYR C 279 -51.04 14.24 -29.64
N ALA C 280 -51.94 15.19 -29.88
CA ALA C 280 -53.21 14.86 -30.53
C ALA C 280 -53.66 16.02 -31.40
N PHE C 281 -54.55 15.70 -32.34
CA PHE C 281 -55.23 16.73 -33.13
C PHE C 281 -56.48 16.10 -33.75
N TYR C 282 -57.39 16.96 -34.19
CA TYR C 282 -58.62 16.55 -34.84
C TYR C 282 -58.52 16.81 -36.33
N ILE C 283 -59.04 15.88 -37.13
CA ILE C 283 -58.97 15.98 -38.58
C ILE C 283 -60.34 15.72 -39.18
N THR C 284 -60.64 16.44 -40.26
CA THR C 284 -61.83 16.22 -41.06
C THR C 284 -61.41 15.73 -42.43
N LEU C 285 -61.96 14.61 -42.85
CA LEU C 285 -61.66 14.01 -44.14
C LEU C 285 -62.90 14.03 -45.03
N SER C 286 -62.68 14.02 -46.34
CA SER C 286 -63.76 14.22 -47.31
C SER C 286 -64.77 13.07 -47.31
N GLY C 287 -64.47 11.96 -46.65
CA GLY C 287 -65.42 10.89 -46.49
C GLY C 287 -65.26 9.75 -47.46
N GLU C 288 -64.57 9.95 -48.57
CA GLU C 288 -64.28 8.87 -49.51
C GLU C 288 -62.97 8.17 -49.21
N SER C 289 -62.25 8.62 -48.19
CA SER C 289 -60.97 8.05 -47.80
C SER C 289 -61.10 7.38 -46.44
N GLU C 290 -59.97 6.88 -45.94
CA GLU C 290 -59.93 6.26 -44.63
C GLU C 290 -58.53 6.42 -44.06
N LEU C 291 -58.47 6.59 -42.75
CA LEU C 291 -57.20 6.69 -42.04
C LEU C 291 -57.06 5.51 -41.10
N SER C 292 -55.96 4.79 -41.21
CA SER C 292 -55.74 3.57 -40.45
C SER C 292 -54.60 3.78 -39.44
N SER C 293 -54.75 3.14 -38.29
CA SER C 293 -53.71 3.21 -37.27
C SER C 293 -52.41 2.59 -37.80
N ASP C 294 -51.30 3.28 -37.57
CA ASP C 294 -50.02 2.82 -38.09
C ASP C 294 -48.90 3.44 -37.26
N ILE C 295 -47.67 3.27 -37.74
CA ILE C 295 -46.47 3.82 -37.13
C ILE C 295 -45.92 4.89 -38.04
N ILE C 296 -45.69 6.08 -37.51
CA ILE C 296 -45.46 7.27 -38.32
C ILE C 296 -44.08 7.86 -38.03
N GLN C 297 -43.62 8.70 -38.95
CA GLN C 297 -42.42 9.50 -38.77
C GLN C 297 -42.84 10.96 -38.75
N LEU C 298 -42.75 11.59 -37.58
CA LEU C 298 -43.08 12.99 -37.41
C LEU C 298 -41.90 13.68 -36.75
N GLY C 299 -41.26 14.59 -37.47
CA GLY C 299 -40.11 15.30 -36.96
C GLY C 299 -38.82 14.93 -37.67
N GLY C 300 -37.72 15.33 -37.06
CA GLY C 300 -36.42 15.10 -37.66
C GLY C 300 -35.67 13.93 -37.06
N GLN C 301 -34.64 13.49 -37.76
CA GLN C 301 -33.84 12.34 -37.35
C GLN C 301 -34.71 11.10 -37.10
N ARG C 302 -35.72 10.93 -37.96
CA ARG C 302 -36.57 9.75 -37.98
C ARG C 302 -37.23 9.51 -36.62
N SER C 303 -37.90 10.55 -36.13
CA SER C 303 -38.65 10.47 -34.89
C SER C 303 -39.93 9.69 -35.16
N VAL C 304 -40.12 8.58 -34.44
CA VAL C 304 -41.16 7.62 -34.76
C VAL C 304 -42.25 7.70 -33.70
N PHE C 305 -43.50 7.73 -34.16
CA PHE C 305 -44.67 7.87 -33.30
C PHE C 305 -45.67 6.77 -33.63
N ARG C 306 -46.68 6.65 -32.78
CA ARG C 306 -47.77 5.69 -32.96
C ARG C 306 -49.07 6.45 -33.18
N MET C 307 -49.74 6.19 -34.29
CA MET C 307 -51.07 6.75 -34.52
C MET C 307 -52.12 5.85 -33.92
N GLU C 308 -52.98 6.41 -33.08
CA GLU C 308 -54.25 5.82 -32.74
C GLU C 308 -55.34 6.70 -33.34
N VAL C 309 -56.06 6.18 -34.32
CA VAL C 309 -57.10 6.92 -35.02
C VAL C 309 -58.44 6.54 -34.41
N GLU C 310 -59.12 7.52 -33.85
CA GLU C 310 -60.43 7.32 -33.25
C GLU C 310 -61.46 8.16 -33.97
N SER C 311 -62.60 7.56 -34.26
CA SER C 311 -63.68 8.25 -34.97
C SER C 311 -64.62 8.86 -33.93
N ILE C 312 -64.73 10.18 -33.96
CA ILE C 312 -65.65 10.89 -33.08
C ILE C 312 -67.00 11.00 -33.78
N GLU C 313 -68.05 11.19 -32.99
CA GLU C 313 -69.40 11.19 -33.53
C GLU C 313 -69.59 12.31 -34.53
N GLU C 314 -70.39 12.04 -35.57
CA GLU C 314 -70.49 12.89 -36.73
C GLU C 314 -71.13 14.23 -36.37
N ASN C 315 -71.14 15.13 -37.35
CA ASN C 315 -71.73 16.47 -37.19
C ASN C 315 -71.09 17.22 -36.04
N SER C 316 -69.76 17.08 -35.90
CA SER C 316 -69.02 17.70 -34.81
C SER C 316 -67.96 18.62 -35.40
N ASP C 317 -68.21 19.92 -35.34
CA ASP C 317 -67.20 20.89 -35.74
C ASP C 317 -66.02 20.83 -34.77
N ILE C 318 -64.86 20.43 -35.28
CA ILE C 318 -63.70 20.23 -34.42
C ILE C 318 -63.20 21.55 -33.85
N GLN C 319 -63.44 22.66 -34.56
CA GLN C 319 -63.08 23.97 -34.02
C GLN C 319 -63.84 24.25 -32.72
N GLU C 320 -65.14 23.94 -32.70
CA GLU C 320 -65.92 24.10 -31.48
C GLU C 320 -65.41 23.18 -30.39
N LYS C 321 -64.94 21.98 -30.74
CA LYS C 321 -64.39 21.08 -29.75
C LYS C 321 -63.12 21.65 -29.11
N TYR C 322 -62.21 22.17 -29.94
CA TYR C 322 -60.99 22.76 -29.41
C TYR C 322 -61.29 23.99 -28.56
N GLN C 323 -62.23 24.83 -29.01
CA GLN C 323 -62.55 26.02 -28.23
C GLN C 323 -63.27 25.66 -26.92
N THR C 324 -64.07 24.61 -26.92
CA THR C 324 -64.66 24.11 -25.68
C THR C 324 -63.56 23.64 -24.73
N ALA C 325 -62.54 22.98 -25.28
CA ALA C 325 -61.40 22.58 -24.45
C ALA C 325 -60.71 23.79 -23.84
N ALA C 326 -60.56 24.86 -24.61
CA ALA C 326 -59.85 26.05 -24.14
C ALA C 326 -60.75 27.04 -23.38
N GLN C 327 -62.04 26.75 -23.25
CA GLN C 327 -62.98 27.68 -22.63
C GLN C 327 -62.56 28.13 -21.24
N PHE C 328 -61.88 27.28 -20.47
CA PHE C 328 -61.59 27.62 -19.09
C PHE C 328 -60.55 28.73 -18.93
N LEU C 329 -59.88 29.13 -20.01
CA LEU C 329 -58.89 30.19 -19.96
C LEU C 329 -59.42 31.54 -20.46
N THR C 330 -60.72 31.63 -20.72
CA THR C 330 -61.28 32.84 -21.34
C THR C 330 -61.28 34.01 -20.36
N GLN C 331 -61.00 35.20 -20.90
CA GLN C 331 -61.15 36.45 -20.17
C GLN C 331 -61.79 37.47 -21.09
N SER C 332 -62.74 38.24 -20.56
CA SER C 332 -63.55 39.11 -21.39
C SER C 332 -62.78 40.28 -21.99
N ASP C 333 -61.62 40.62 -21.43
CA ASP C 333 -60.89 41.81 -21.86
C ASP C 333 -59.70 41.50 -22.75
N ARG C 334 -59.51 40.24 -23.15
CA ARG C 334 -58.33 39.90 -23.93
C ARG C 334 -58.62 38.70 -24.82
N LEU C 335 -57.85 38.60 -25.89
CA LEU C 335 -57.91 37.48 -26.83
C LEU C 335 -56.68 36.61 -26.60
N LEU C 336 -56.91 35.36 -26.25
CA LEU C 336 -55.83 34.43 -25.92
C LEU C 336 -55.45 33.65 -27.17
N ILE C 337 -54.21 33.81 -27.62
CA ILE C 337 -53.71 33.13 -28.80
C ILE C 337 -53.34 31.70 -28.40
N LEU C 338 -54.12 30.72 -28.87
CA LEU C 338 -53.86 29.33 -28.56
C LEU C 338 -52.94 28.64 -29.55
N SER C 339 -52.67 29.27 -30.70
CA SER C 339 -51.85 28.68 -31.74
C SER C 339 -51.30 29.80 -32.60
N PRO C 340 -50.17 29.58 -33.26
CA PRO C 340 -49.45 30.69 -33.92
C PRO C 340 -50.31 31.43 -34.93
N THR C 341 -50.26 32.76 -34.86
CA THR C 341 -51.05 33.65 -35.70
C THR C 341 -50.13 34.46 -36.62
N TYR C 342 -50.66 34.88 -37.77
CA TYR C 342 -49.85 35.50 -38.83
C TYR C 342 -50.54 36.75 -39.39
N VAL C 343 -50.87 37.70 -38.52
CA VAL C 343 -51.31 39.01 -39.00
C VAL C 343 -50.29 39.56 -39.99
N ASP C 344 -50.78 40.05 -41.13
CA ASP C 344 -49.88 40.51 -42.18
C ASP C 344 -49.29 41.88 -41.87
N ASN C 345 -49.90 42.63 -40.96
CA ASN C 345 -49.37 43.90 -40.50
C ASN C 345 -49.48 43.96 -38.99
N LEU C 346 -48.33 43.89 -38.31
CA LEU C 346 -48.35 43.98 -36.86
C LEU C 346 -48.60 45.40 -36.39
N LYS C 347 -48.21 46.40 -37.19
CA LYS C 347 -48.57 47.78 -36.86
C LYS C 347 -50.08 47.98 -36.95
N GLU C 348 -50.72 47.37 -37.94
CA GLU C 348 -52.18 47.45 -38.05
C GLU C 348 -52.83 46.82 -36.83
N LEU C 349 -52.35 45.65 -36.40
CA LEU C 349 -52.91 45.02 -35.22
C LEU C 349 -52.67 45.86 -33.97
N SER C 350 -51.47 46.42 -33.82
CA SER C 350 -51.16 47.28 -32.69
C SER C 350 -51.96 48.57 -32.72
N ALA C 351 -52.51 48.93 -33.88
CA ALA C 351 -53.41 50.09 -33.93
C ALA C 351 -54.65 49.86 -33.07
N LEU C 352 -55.24 48.66 -33.14
CA LEU C 352 -56.45 48.39 -32.39
C LEU C 352 -56.22 47.66 -31.08
N CYS C 353 -55.02 47.15 -30.85
CA CYS C 353 -54.64 46.56 -29.57
C CYS C 353 -53.54 47.39 -28.93
N ASN C 354 -53.69 47.65 -27.63
CA ASN C 354 -52.83 48.59 -26.93
C ASN C 354 -51.63 47.89 -26.29
N PHE C 355 -51.86 46.89 -25.46
CA PHE C 355 -50.79 46.11 -24.86
C PHE C 355 -50.87 44.71 -25.44
N MET C 356 -49.90 44.36 -26.29
CA MET C 356 -49.83 43.04 -26.90
C MET C 356 -48.79 42.25 -26.13
N TRP C 357 -49.24 41.53 -25.11
CA TRP C 357 -48.36 40.64 -24.34
C TRP C 357 -48.09 39.41 -25.18
N SER C 358 -47.17 39.58 -26.14
CA SER C 358 -46.98 38.59 -27.18
C SER C 358 -45.51 38.18 -27.27
N ASP C 359 -45.29 37.03 -27.88
CA ASP C 359 -43.96 36.56 -28.22
C ASP C 359 -43.98 36.12 -29.68
N SER C 360 -42.82 35.68 -30.18
CA SER C 360 -42.66 35.35 -31.58
C SER C 360 -42.02 33.98 -31.76
N ILE C 361 -42.51 33.24 -32.74
CA ILE C 361 -41.92 31.97 -33.16
C ILE C 361 -41.64 32.07 -34.65
N VAL C 362 -40.60 31.38 -35.09
CA VAL C 362 -40.22 31.35 -36.51
C VAL C 362 -40.91 30.17 -37.18
N PHE C 363 -41.45 30.40 -38.37
CA PHE C 363 -42.05 29.35 -39.18
C PHE C 363 -41.34 29.29 -40.52
N ARG C 364 -40.92 28.09 -40.91
CA ARG C 364 -40.37 27.85 -42.24
C ARG C 364 -40.83 26.49 -42.71
N ASN C 365 -41.25 26.41 -43.97
CA ASN C 365 -41.93 25.25 -44.50
C ASN C 365 -41.12 24.60 -45.62
N ILE C 366 -41.30 23.30 -45.76
CA ILE C 366 -40.71 22.55 -46.86
C ILE C 366 -41.75 22.50 -47.98
N GLN C 367 -41.36 22.95 -49.16
CA GLN C 367 -42.27 23.14 -50.28
C GLN C 367 -42.02 22.06 -51.32
N THR C 368 -42.97 21.14 -51.46
CA THR C 368 -42.89 20.07 -52.44
C THR C 368 -44.23 19.92 -53.15
N THR C 369 -44.17 19.38 -54.36
CA THR C 369 -45.33 19.02 -55.14
C THR C 369 -45.31 17.51 -55.40
N ASN C 370 -46.34 17.03 -56.10
CA ASN C 370 -46.43 15.60 -56.39
C ASN C 370 -45.25 15.13 -57.22
N ALA C 371 -44.71 16.00 -58.08
CA ALA C 371 -43.57 15.68 -58.93
C ALA C 371 -42.39 16.50 -58.44
N SER C 372 -41.68 15.96 -57.45
CA SER C 372 -40.49 16.61 -56.91
C SER C 372 -39.50 15.54 -56.51
N ASN C 373 -38.24 15.92 -56.42
CA ASN C 373 -37.19 15.00 -56.02
C ASN C 373 -37.35 14.71 -54.53
N PHE C 374 -37.98 13.59 -54.21
CA PHE C 374 -38.25 13.24 -52.83
C PHE C 374 -37.00 12.72 -52.11
N TYR C 375 -35.89 12.58 -52.82
CA TYR C 375 -34.61 12.19 -52.24
C TYR C 375 -33.60 13.25 -52.65
N GLY C 376 -33.55 14.32 -51.88
CA GLY C 376 -32.72 15.47 -52.19
C GLY C 376 -33.00 16.61 -51.24
N LYS C 377 -32.18 17.66 -51.29
CA LYS C 377 -32.38 18.81 -50.42
C LYS C 377 -33.72 19.45 -50.72
N PRO C 378 -34.67 19.39 -49.79
CA PRO C 378 -36.03 19.89 -50.08
C PRO C 378 -36.03 21.40 -50.26
N ILE C 379 -37.01 21.88 -51.01
CA ILE C 379 -37.15 23.30 -51.27
C ILE C 379 -37.83 23.94 -50.05
N LYS C 380 -37.11 24.82 -49.37
CA LYS C 380 -37.64 25.49 -48.19
C LYS C 380 -38.33 26.77 -48.60
N SER C 381 -39.30 27.20 -47.78
CA SER C 381 -40.02 28.44 -48.05
C SER C 381 -39.05 29.60 -48.13
N SER C 382 -39.10 30.36 -49.22
CA SER C 382 -38.14 31.42 -49.46
C SER C 382 -38.21 32.53 -48.42
N SER C 383 -39.31 32.64 -47.69
CA SER C 383 -39.50 33.68 -46.69
C SER C 383 -39.60 33.05 -45.31
N LYS C 384 -39.03 33.71 -44.32
CA LYS C 384 -39.18 33.31 -42.92
C LYS C 384 -40.36 34.07 -42.33
N TYR C 385 -41.33 33.33 -41.81
CA TYR C 385 -42.59 33.90 -41.34
C TYR C 385 -42.60 33.89 -39.82
N HIS C 386 -42.87 35.05 -39.23
CA HIS C 386 -42.87 35.20 -37.78
C HIS C 386 -44.31 35.11 -37.27
N PHE C 387 -44.53 34.24 -36.28
CA PHE C 387 -45.86 33.92 -35.81
C PHE C 387 -45.98 34.28 -34.34
N LEU C 388 -47.22 34.55 -33.92
CA LEU C 388 -47.50 34.93 -32.54
C LEU C 388 -47.51 33.69 -31.65
N LYS C 389 -46.71 33.72 -30.60
CA LYS C 389 -46.56 32.54 -29.75
C LYS C 389 -47.88 32.20 -29.08
N PRO C 390 -48.16 30.91 -28.84
CA PRO C 390 -49.33 30.55 -28.04
C PRO C 390 -49.20 31.09 -26.63
N GLY C 391 -50.33 31.41 -26.02
CA GLY C 391 -50.36 32.08 -24.75
C GLY C 391 -50.22 33.58 -24.83
N SER C 392 -50.06 34.14 -26.03
CA SER C 392 -49.98 35.57 -26.18
C SER C 392 -51.33 36.22 -25.90
N VAL C 393 -51.27 37.46 -25.43
CA VAL C 393 -52.46 38.21 -25.03
C VAL C 393 -52.55 39.47 -25.86
N LEU C 394 -53.70 39.68 -26.50
CA LEU C 394 -54.00 40.89 -27.25
C LEU C 394 -55.06 41.67 -26.48
N TYR C 395 -54.68 42.83 -25.94
CA TYR C 395 -55.59 43.67 -25.17
C TYR C 395 -56.14 44.76 -26.09
N PHE C 396 -57.43 44.70 -26.38
CA PHE C 396 -58.06 45.61 -27.32
C PHE C 396 -58.60 46.85 -26.62
N LYS C 397 -58.94 47.86 -27.43
CA LYS C 397 -59.66 49.03 -26.95
C LYS C 397 -61.07 48.66 -26.53
N GLN C 398 -61.81 49.66 -26.08
CA GLN C 398 -63.23 49.47 -25.80
C GLN C 398 -63.94 49.13 -27.10
N GLY C 399 -64.75 48.08 -27.06
CA GLY C 399 -65.27 47.57 -28.31
C GLY C 399 -64.13 47.08 -29.18
N LYS C 400 -64.31 47.22 -30.49
CA LYS C 400 -63.26 46.95 -31.47
C LYS C 400 -62.76 45.51 -31.47
N ARG C 401 -63.38 44.66 -30.66
CA ARG C 401 -63.03 43.24 -30.66
C ARG C 401 -63.40 42.59 -31.99
N LYS C 402 -64.46 43.08 -32.63
CA LYS C 402 -64.97 42.41 -33.82
C LYS C 402 -64.02 42.54 -35.00
N GLU C 403 -63.44 43.71 -35.23
CA GLU C 403 -62.62 43.82 -36.43
C GLU C 403 -61.21 43.28 -36.22
N VAL C 404 -60.72 43.25 -34.98
CA VAL C 404 -59.47 42.52 -34.75
C VAL C 404 -59.70 41.03 -34.92
N GLU C 405 -60.87 40.53 -34.48
CA GLU C 405 -61.22 39.14 -34.76
C GLU C 405 -61.33 38.92 -36.27
N LYS C 406 -61.88 39.90 -36.99
CA LYS C 406 -61.99 39.79 -38.45
C LYS C 406 -60.62 39.73 -39.11
N LEU C 407 -59.67 40.53 -38.63
CA LEU C 407 -58.32 40.46 -39.13
C LEU C 407 -57.70 39.10 -38.85
N LEU C 408 -57.94 38.56 -37.65
CA LEU C 408 -57.39 37.25 -37.32
C LEU C 408 -57.99 36.14 -38.17
N MET C 409 -59.30 36.18 -38.42
CA MET C 409 -59.97 35.12 -39.16
C MET C 409 -59.94 35.30 -40.67
N ASP C 410 -59.40 36.40 -41.17
CA ASP C 410 -59.31 36.59 -42.62
C ASP C 410 -58.32 35.65 -43.28
N TYR C 411 -57.48 34.96 -42.50
CA TYR C 411 -56.59 33.94 -43.04
C TYR C 411 -57.26 32.57 -42.87
N THR C 412 -58.29 32.36 -43.69
CA THR C 412 -59.10 31.16 -43.55
C THR C 412 -58.30 29.90 -43.85
N TYR C 413 -57.33 30.00 -44.77
CA TYR C 413 -56.46 28.87 -45.04
C TYR C 413 -55.63 28.52 -43.81
N LEU C 414 -55.10 29.54 -43.12
CA LEU C 414 -54.37 29.29 -41.89
C LEU C 414 -55.29 28.87 -40.76
N ARG C 415 -56.53 29.36 -40.76
CA ARG C 415 -57.50 28.91 -39.78
C ARG C 415 -57.82 27.43 -39.94
N LEU C 416 -57.91 26.96 -41.18
CA LEU C 416 -58.21 25.55 -41.41
C LEU C 416 -57.05 24.65 -41.02
N SER C 417 -55.81 25.12 -41.17
CA SER C 417 -54.65 24.35 -40.72
C SER C 417 -54.27 24.71 -39.30
N GLY C 418 -55.27 24.78 -38.42
CA GLY C 418 -55.10 25.00 -37.00
C GLY C 418 -54.02 25.97 -36.59
N TYR C 419 -54.02 27.19 -37.12
CA TYR C 419 -53.00 28.17 -36.77
C TYR C 419 -53.57 29.38 -36.05
N ASN C 420 -54.50 30.11 -36.65
CA ASN C 420 -54.97 31.36 -36.04
C ASN C 420 -56.17 31.12 -35.14
N ILE C 421 -55.99 30.23 -34.16
CA ILE C 421 -57.02 29.83 -33.23
C ILE C 421 -56.88 30.62 -31.94
N TYR C 422 -57.99 31.19 -31.47
CA TYR C 422 -58.00 31.94 -30.22
C TYR C 422 -59.26 31.59 -29.44
N ILE C 423 -59.38 32.14 -28.24
CA ILE C 423 -60.54 31.90 -27.41
C ILE C 423 -61.03 33.22 -26.82
N MET D 1 -41.52 -9.30 -40.17
CA MET D 1 -41.69 -8.23 -41.13
C MET D 1 -42.18 -7.05 -40.29
N THR D 2 -41.83 -7.09 -39.01
CA THR D 2 -42.37 -6.17 -38.02
C THR D 2 -41.27 -5.85 -37.00
N THR D 3 -41.67 -5.33 -35.84
CA THR D 3 -40.72 -5.05 -34.78
C THR D 3 -40.12 -6.33 -34.23
N ARG D 4 -38.80 -6.33 -34.02
CA ARG D 4 -38.09 -7.49 -33.51
C ARG D 4 -37.18 -7.09 -32.36
N MET D 5 -37.02 -8.01 -31.42
CA MET D 5 -36.14 -7.80 -30.27
C MET D 5 -34.82 -8.54 -30.49
N TYR D 6 -33.72 -7.82 -30.39
CA TYR D 6 -32.40 -8.38 -30.56
C TYR D 6 -31.62 -8.28 -29.25
N VAL D 7 -30.77 -9.26 -29.00
CA VAL D 7 -30.00 -9.37 -27.77
C VAL D 7 -28.52 -9.32 -28.11
N ILE D 8 -27.76 -8.53 -27.34
CA ILE D 8 -26.34 -8.33 -27.57
C ILE D 8 -25.59 -9.05 -26.46
N ASN D 9 -24.86 -10.10 -26.81
CA ASN D 9 -23.96 -10.78 -25.89
C ASN D 9 -22.55 -10.24 -26.15
N THR D 10 -21.98 -9.58 -25.16
CA THR D 10 -20.68 -8.93 -25.31
C THR D 10 -19.58 -9.93 -24.99
N LEU D 11 -18.64 -10.10 -25.92
CA LEU D 11 -17.57 -11.06 -25.76
C LEU D 11 -16.33 -10.46 -25.10
N SER D 12 -16.25 -9.14 -24.98
CA SER D 12 -15.15 -8.50 -24.29
C SER D 12 -15.69 -7.27 -23.56
N ASN D 13 -14.79 -6.42 -23.08
CA ASN D 13 -15.19 -5.18 -22.45
C ASN D 13 -15.73 -4.21 -23.50
N MET D 14 -16.71 -3.41 -23.10
CA MET D 14 -17.31 -2.43 -24.01
C MET D 14 -17.17 -1.03 -23.44
N HIS D 15 -16.64 -0.13 -24.24
CA HIS D 15 -16.62 1.30 -23.92
C HIS D 15 -17.31 2.05 -25.06
N VAL D 16 -18.58 2.35 -24.89
CA VAL D 16 -19.30 3.20 -25.82
C VAL D 16 -19.24 4.62 -25.26
N GLY D 17 -18.77 5.56 -26.07
CA GLY D 17 -18.36 6.84 -25.54
C GLY D 17 -19.55 7.74 -25.23
N SER D 18 -19.35 8.59 -24.23
CA SER D 18 -20.33 9.60 -23.83
C SER D 18 -19.97 10.98 -24.36
N GLY D 19 -18.70 11.37 -24.27
CA GLY D 19 -18.30 12.71 -24.64
C GLY D 19 -18.77 13.79 -23.68
N GLU D 20 -19.37 13.39 -22.57
CA GLU D 20 -19.97 14.33 -21.63
C GLU D 20 -18.88 14.94 -20.75
N VAL D 21 -19.18 16.13 -20.22
CA VAL D 21 -18.19 16.92 -19.50
C VAL D 21 -17.93 16.30 -18.13
N ASN D 22 -16.87 15.51 -18.04
CA ASN D 22 -16.60 14.75 -16.82
C ASN D 22 -16.25 15.68 -15.65
N TYR D 23 -16.67 15.28 -14.46
CA TYR D 23 -16.37 16.00 -13.24
C TYR D 23 -15.41 15.25 -12.33
N GLY D 24 -15.23 13.95 -12.51
CA GLY D 24 -14.48 13.17 -11.57
C GLY D 24 -13.17 12.63 -12.09
N VAL D 25 -12.71 11.50 -11.52
CA VAL D 25 -11.40 10.98 -11.85
C VAL D 25 -11.41 10.25 -13.20
N ILE D 26 -12.52 9.61 -13.55
CA ILE D 26 -12.58 8.85 -14.79
C ILE D 26 -12.81 9.83 -15.94
N ALA D 27 -11.91 9.78 -16.92
CA ALA D 27 -11.97 10.72 -18.04
C ALA D 27 -13.01 10.29 -19.07
N ASN D 28 -12.87 9.08 -19.60
CA ASN D 28 -13.83 8.54 -20.54
C ASN D 28 -14.85 7.71 -19.78
N LEU D 29 -16.11 8.12 -19.83
CA LEU D 29 -17.21 7.44 -19.17
C LEU D 29 -18.16 6.86 -20.21
N ILE D 30 -18.76 5.72 -19.87
CA ILE D 30 -19.63 5.00 -20.78
C ILE D 30 -21.01 5.64 -20.81
N GLN D 31 -21.81 5.26 -21.80
CA GLN D 31 -23.13 5.84 -21.99
C GLN D 31 -24.11 5.26 -21.00
N ARG D 32 -24.90 6.12 -20.37
CA ARG D 32 -25.94 5.70 -19.44
C ARG D 32 -27.27 6.32 -19.85
N ASP D 33 -28.36 5.63 -19.53
CA ASP D 33 -29.68 6.14 -19.83
C ASP D 33 -29.94 7.42 -19.04
N SER D 34 -30.58 8.38 -19.70
CA SER D 34 -30.77 9.69 -19.07
C SER D 34 -31.67 9.60 -17.85
N VAL D 35 -32.60 8.65 -17.82
CA VAL D 35 -33.55 8.56 -16.72
C VAL D 35 -33.12 7.47 -15.74
N THR D 36 -33.03 6.24 -16.24
CA THR D 36 -32.72 5.11 -15.37
C THR D 36 -31.28 5.09 -14.90
N ASN D 37 -30.38 5.78 -15.61
CA ASN D 37 -28.95 5.81 -15.32
C ASN D 37 -28.29 4.44 -15.47
N LEU D 38 -28.95 3.53 -16.07
CA LEU D 38 -28.32 2.27 -16.39
C LEU D 38 -27.55 2.39 -17.70
N PRO D 39 -26.51 1.58 -17.89
CA PRO D 39 -25.74 1.66 -19.14
C PRO D 39 -26.60 1.38 -20.35
N ASN D 40 -26.34 2.11 -21.43
CA ASN D 40 -27.12 1.96 -22.64
C ASN D 40 -26.22 2.22 -23.84
N ILE D 41 -26.69 1.79 -25.01
CA ILE D 41 -26.04 2.04 -26.29
C ILE D 41 -27.00 2.86 -27.13
N ASN D 42 -26.48 3.92 -27.75
CA ASN D 42 -27.33 4.81 -28.53
C ASN D 42 -27.73 4.13 -29.84
N SER D 43 -28.83 4.64 -30.43
CA SER D 43 -29.26 4.14 -31.72
C SER D 43 -28.21 4.42 -32.80
N SER D 44 -27.56 5.59 -32.70
CA SER D 44 -26.52 5.93 -33.66
C SER D 44 -25.37 4.95 -33.60
N GLY D 45 -24.94 4.56 -32.40
CA GLY D 45 -23.85 3.61 -32.28
C GLY D 45 -24.19 2.25 -32.85
N LEU D 46 -25.39 1.75 -32.55
CA LEU D 46 -25.81 0.47 -33.10
C LEU D 46 -25.86 0.53 -34.62
N LYS D 47 -26.46 1.58 -35.17
CA LYS D 47 -26.55 1.71 -36.61
C LYS D 47 -25.17 1.78 -37.24
N GLY D 48 -24.26 2.55 -36.64
CA GLY D 48 -22.92 2.65 -37.19
C GLY D 48 -22.17 1.34 -37.16
N ALA D 49 -22.26 0.60 -36.06
CA ALA D 49 -21.57 -0.68 -35.97
C ALA D 49 -22.11 -1.69 -36.97
N ILE D 50 -23.44 -1.78 -37.09
CA ILE D 50 -24.04 -2.73 -38.02
C ILE D 50 -23.75 -2.33 -39.46
N ARG D 51 -23.75 -1.03 -39.74
CA ARG D 51 -23.42 -0.56 -41.09
C ARG D 51 -21.96 -0.84 -41.41
N GLU D 52 -21.06 -0.69 -40.44
CA GLU D 52 -19.65 -0.97 -40.67
C GLU D 52 -19.43 -2.44 -40.94
N TYR D 53 -20.12 -3.32 -40.20
CA TYR D 53 -19.96 -4.75 -40.47
C TYR D 53 -20.43 -5.10 -41.88
N PHE D 54 -21.54 -4.52 -42.31
CA PHE D 54 -22.12 -4.80 -43.62
C PHE D 54 -21.60 -3.87 -44.71
N LYS D 55 -20.44 -3.24 -44.49
CA LYS D 55 -19.98 -2.19 -45.39
C LYS D 55 -19.72 -2.72 -46.80
N GLU D 56 -19.24 -3.95 -46.91
CA GLU D 56 -18.94 -4.51 -48.23
C GLU D 56 -20.20 -4.83 -49.03
N ASN D 57 -21.34 -5.02 -48.37
CA ASN D 57 -22.61 -5.28 -49.04
C ASN D 57 -23.27 -3.94 -49.34
N GLU D 58 -22.92 -3.36 -50.49
CA GLU D 58 -23.37 -2.01 -50.82
C GLU D 58 -24.88 -1.93 -50.99
N ASP D 59 -25.46 -2.89 -51.71
CA ASP D 59 -26.90 -2.86 -51.96
C ASP D 59 -27.70 -3.01 -50.66
N LEU D 60 -27.25 -3.92 -49.78
CA LEU D 60 -27.92 -4.08 -48.49
C LEU D 60 -27.81 -2.81 -47.66
N VAL D 61 -26.65 -2.16 -47.68
CA VAL D 61 -26.48 -0.93 -46.91
C VAL D 61 -27.40 0.17 -47.44
N ARG D 62 -27.48 0.31 -48.76
CA ARG D 62 -28.33 1.34 -49.35
C ARG D 62 -29.80 1.07 -49.06
N GLU D 63 -30.24 -0.18 -49.20
CA GLU D 63 -31.66 -0.48 -49.01
C GLU D 63 -32.05 -0.40 -47.54
N LEU D 64 -31.23 -0.92 -46.64
CA LEU D 64 -31.62 -1.06 -45.24
C LEU D 64 -31.25 0.16 -44.40
N PHE D 65 -29.99 0.59 -44.47
CA PHE D 65 -29.51 1.66 -43.61
C PHE D 65 -29.66 3.05 -44.22
N GLY D 66 -29.44 3.18 -45.53
CA GLY D 66 -29.65 4.44 -46.21
C GLY D 66 -28.43 4.82 -47.02
N SER D 67 -28.32 6.11 -47.31
CA SER D 67 -27.20 6.63 -48.07
C SER D 67 -26.05 7.00 -47.16
N ALA D 68 -24.90 7.13 -47.73
CA ALA D 68 -23.73 7.52 -46.96
C ALA D 68 -23.72 9.02 -46.73
N PRO D 69 -23.07 9.50 -45.67
CA PRO D 69 -22.88 10.94 -45.51
C PRO D 69 -21.91 11.44 -46.57
N ARG D 70 -22.05 12.73 -46.90
CA ARG D 70 -21.30 13.42 -47.96
C ARG D 70 -21.70 12.91 -49.35
N ASP D 71 -22.56 11.91 -49.43
CA ASP D 71 -23.09 11.42 -50.69
C ASP D 71 -24.14 12.38 -51.22
N GLU D 72 -24.58 12.11 -52.45
CA GLU D 72 -25.72 12.80 -53.02
C GLU D 72 -26.84 11.80 -53.27
N LYS D 73 -28.03 12.37 -53.54
CA LYS D 73 -29.28 11.65 -53.74
C LYS D 73 -29.86 11.13 -52.43
N THR D 74 -29.06 11.17 -51.36
CA THR D 74 -29.49 11.12 -49.96
C THR D 74 -30.75 10.30 -49.69
N LEU D 75 -30.74 9.02 -50.05
CA LEU D 75 -31.97 8.27 -49.81
C LEU D 75 -32.09 7.90 -48.33
N PRO D 76 -33.31 7.81 -47.82
CA PRO D 76 -33.52 7.47 -46.41
C PRO D 76 -33.30 5.99 -46.16
N GLY D 77 -33.20 5.65 -44.89
CA GLY D 77 -33.06 4.27 -44.46
C GLY D 77 -34.41 3.69 -44.09
N LYS D 78 -34.56 2.39 -44.34
CA LYS D 78 -35.83 1.73 -44.08
C LYS D 78 -35.92 1.15 -42.68
N VAL D 79 -34.83 0.66 -42.14
CA VAL D 79 -34.82 0.06 -40.82
C VAL D 79 -34.52 1.14 -39.78
N ARG D 80 -35.16 1.03 -38.63
CA ARG D 80 -34.98 2.00 -37.56
C ARG D 80 -34.46 1.30 -36.31
N PHE D 81 -33.30 1.72 -35.85
CA PHE D 81 -32.64 1.15 -34.68
C PHE D 81 -33.07 1.92 -33.44
N PHE D 82 -33.31 1.20 -32.35
CA PHE D 82 -33.68 1.82 -31.08
C PHE D 82 -32.56 1.65 -30.06
N GLU D 83 -32.74 2.31 -28.92
CA GLU D 83 -31.75 2.30 -27.86
C GLU D 83 -31.52 0.90 -27.34
N ALA D 84 -30.26 0.56 -27.11
CA ALA D 84 -29.91 -0.74 -26.54
C ALA D 84 -29.81 -0.60 -25.03
N ASN D 85 -30.62 -1.35 -24.31
CA ASN D 85 -30.76 -1.22 -22.87
C ASN D 85 -30.15 -2.42 -22.19
N LEU D 86 -29.43 -2.17 -21.10
CA LEU D 86 -28.71 -3.23 -20.41
C LEU D 86 -29.69 -4.19 -19.75
N LEU D 87 -29.62 -5.46 -20.13
CA LEU D 87 -30.49 -6.48 -19.56
C LEU D 87 -29.84 -7.20 -18.39
N SER D 88 -28.74 -7.89 -18.62
CA SER D 88 -28.09 -8.68 -17.59
C SER D 88 -26.62 -8.29 -17.49
N MET D 89 -26.08 -8.43 -16.29
CA MET D 89 -24.74 -7.97 -16.00
C MET D 89 -24.01 -9.01 -15.16
N PRO D 90 -22.71 -9.21 -15.42
CA PRO D 90 -21.94 -10.17 -14.62
C PRO D 90 -21.46 -9.53 -13.31
N VAL D 91 -21.68 -10.24 -12.20
CA VAL D 91 -21.23 -9.80 -10.89
C VAL D 91 -20.38 -10.92 -10.29
N ARG D 92 -19.50 -10.52 -9.37
CA ARG D 92 -18.53 -11.46 -8.82
C ARG D 92 -19.14 -12.31 -7.72
N SER D 93 -18.72 -13.58 -7.66
CA SER D 93 -19.19 -14.51 -6.66
C SER D 93 -18.01 -15.33 -6.14
N ASP D 94 -18.30 -16.21 -5.18
CA ASP D 94 -17.29 -17.06 -4.57
C ASP D 94 -17.41 -18.52 -4.98
N LYS D 95 -18.64 -19.04 -5.11
CA LYS D 95 -18.80 -20.42 -5.59
C LYS D 95 -18.52 -20.50 -7.08
N VAL D 96 -18.96 -19.51 -7.85
CA VAL D 96 -18.75 -19.46 -9.29
C VAL D 96 -17.94 -18.21 -9.59
N PRO D 97 -17.22 -18.18 -10.71
CA PRO D 97 -16.45 -16.97 -11.04
C PRO D 97 -17.31 -15.74 -11.13
N PHE D 98 -18.50 -15.85 -11.69
CA PHE D 98 -19.39 -14.71 -11.81
C PHE D 98 -20.83 -15.21 -11.88
N LEU D 99 -21.75 -14.35 -11.45
CA LEU D 99 -23.17 -14.54 -11.62
C LEU D 99 -23.70 -13.45 -12.54
N MET D 100 -24.73 -13.79 -13.30
CA MET D 100 -25.29 -12.86 -14.27
C MET D 100 -26.52 -12.20 -13.64
N ALA D 101 -26.45 -10.90 -13.43
CA ALA D 101 -27.38 -10.20 -12.55
C ALA D 101 -28.48 -9.52 -13.36
N ILE D 102 -29.72 -9.79 -12.98
CA ILE D 102 -30.90 -9.18 -13.57
C ILE D 102 -31.72 -8.56 -12.44
N SER D 103 -32.28 -7.40 -12.69
CA SER D 103 -33.11 -6.72 -11.71
C SER D 103 -34.58 -6.95 -12.00
N ASP D 104 -35.42 -6.73 -10.99
CA ASP D 104 -36.86 -6.82 -11.21
C ASP D 104 -37.38 -5.61 -11.97
N GLU D 105 -36.75 -4.44 -11.78
CA GLU D 105 -37.18 -3.26 -12.51
C GLU D 105 -36.77 -3.33 -13.98
N VAL D 106 -35.59 -3.88 -14.27
CA VAL D 106 -35.21 -4.04 -15.67
C VAL D 106 -36.09 -5.09 -16.34
N LEU D 107 -36.49 -6.13 -15.60
CA LEU D 107 -37.42 -7.11 -16.13
C LEU D 107 -38.78 -6.50 -16.41
N GLN D 108 -39.29 -5.69 -15.48
CA GLN D 108 -40.58 -5.03 -15.71
C GLN D 108 -40.50 -4.04 -16.86
N GLU D 109 -39.38 -3.35 -17.00
CA GLU D 109 -39.20 -2.43 -18.11
C GLU D 109 -39.15 -3.19 -19.44
N LEU D 110 -38.51 -4.36 -19.43
CA LEU D 110 -38.50 -5.19 -20.63
C LEU D 110 -39.91 -5.64 -20.99
N ILE D 111 -40.70 -6.03 -19.99
CA ILE D 111 -42.09 -6.44 -20.25
C ILE D 111 -42.89 -5.27 -20.80
N THR D 112 -42.73 -4.09 -20.20
CA THR D 112 -43.45 -2.90 -20.65
C THR D 112 -43.06 -2.51 -22.07
N LYS D 113 -41.77 -2.59 -22.39
CA LYS D 113 -41.32 -2.24 -23.74
C LYS D 113 -41.78 -3.27 -24.77
N MET D 114 -41.79 -4.55 -24.39
CA MET D 114 -42.27 -5.58 -25.30
C MET D 114 -43.76 -5.42 -25.57
N LYS D 115 -44.53 -5.03 -24.54
CA LYS D 115 -45.93 -4.71 -24.78
C LYS D 115 -46.08 -3.49 -25.66
N PHE D 116 -45.33 -2.43 -25.36
CA PHE D 116 -45.46 -1.17 -26.08
C PHE D 116 -45.02 -1.30 -27.54
N PHE D 117 -43.91 -1.99 -27.77
CA PHE D 117 -43.41 -2.17 -29.13
C PHE D 117 -44.12 -3.28 -29.88
N ASN D 118 -44.78 -4.20 -29.17
CA ASN D 118 -45.41 -5.37 -29.76
C ASN D 118 -44.41 -6.17 -30.60
N CYS D 119 -43.40 -6.69 -29.90
CA CYS D 119 -42.43 -7.54 -30.56
C CYS D 119 -43.14 -8.73 -31.20
N GLU D 120 -42.55 -9.22 -32.29
CA GLU D 120 -43.18 -10.31 -33.04
C GLU D 120 -43.51 -11.48 -32.14
N GLU D 121 -42.48 -12.12 -31.60
CA GLU D 121 -42.63 -13.33 -30.80
C GLU D 121 -42.60 -12.98 -29.31
N ALA D 122 -43.52 -12.11 -28.90
CA ALA D 122 -43.50 -11.53 -27.56
C ALA D 122 -44.64 -11.98 -26.67
N THR D 123 -45.73 -12.51 -27.22
CA THR D 123 -46.88 -12.84 -26.40
C THR D 123 -46.55 -13.92 -25.37
N GLN D 124 -45.75 -14.91 -25.77
CA GLN D 124 -45.37 -15.97 -24.84
C GLN D 124 -44.39 -15.46 -23.80
N TYR D 125 -43.40 -14.67 -24.23
CA TYR D 125 -42.39 -14.15 -23.32
C TYR D 125 -43.03 -13.24 -22.28
N ILE D 126 -43.99 -12.42 -22.68
CA ILE D 126 -44.66 -11.53 -21.73
C ILE D 126 -45.35 -12.34 -20.65
N SER D 127 -46.08 -13.38 -21.05
CA SER D 127 -46.80 -14.20 -20.08
C SER D 127 -45.84 -14.86 -19.10
N HIS D 128 -44.77 -15.47 -19.61
CA HIS D 128 -43.87 -16.20 -18.72
C HIS D 128 -43.05 -15.25 -17.85
N LEU D 129 -42.65 -14.10 -18.39
CA LEU D 129 -41.91 -13.13 -17.60
C LEU D 129 -42.80 -12.52 -16.53
N SER D 130 -44.07 -12.26 -16.85
CA SER D 130 -45.00 -11.75 -15.86
C SER D 130 -45.24 -12.76 -14.75
N THR D 131 -45.39 -14.04 -15.11
CA THR D 131 -45.55 -15.08 -14.09
C THR D 131 -44.31 -15.17 -13.21
N LEU D 132 -43.13 -15.09 -13.81
CA LEU D 132 -41.89 -15.15 -13.04
C LEU D 132 -41.78 -13.96 -12.10
N LEU D 133 -42.08 -12.76 -12.59
CA LEU D 133 -42.00 -11.56 -11.75
C LEU D 133 -43.01 -11.63 -10.61
N ASP D 134 -44.24 -12.09 -10.89
CA ASP D 134 -45.24 -12.20 -9.85
C ASP D 134 -44.86 -13.25 -8.80
N ASN D 135 -44.30 -14.37 -9.25
CA ASN D 135 -43.81 -15.38 -8.31
C ASN D 135 -42.68 -14.82 -7.45
N ILE D 136 -41.79 -14.05 -8.07
CA ILE D 136 -40.68 -13.45 -7.34
C ILE D 136 -41.18 -12.47 -6.29
N LYS D 137 -42.18 -11.66 -6.65
CA LYS D 137 -42.72 -10.71 -5.67
C LYS D 137 -43.52 -11.41 -4.58
N THR D 138 -44.20 -12.53 -4.91
CA THR D 138 -44.87 -13.30 -3.88
C THR D 138 -43.88 -13.91 -2.90
N GLN D 139 -42.74 -14.40 -3.40
CA GLN D 139 -41.75 -14.99 -2.52
C GLN D 139 -40.96 -13.93 -1.75
N ALA D 140 -40.78 -12.74 -2.33
CA ALA D 140 -39.99 -11.71 -1.68
C ALA D 140 -40.75 -11.07 -0.52
N GLN D 141 -42.05 -10.85 -0.68
CA GLN D 141 -42.89 -10.21 0.35
C GLN D 141 -42.37 -8.81 0.70
N GLY D 142 -41.88 -8.09 -0.30
CA GLY D 142 -41.44 -6.73 -0.12
C GLY D 142 -40.04 -6.56 0.43
N THR D 143 -39.33 -7.64 0.71
CA THR D 143 -37.98 -7.55 1.23
C THR D 143 -36.96 -7.67 0.10
N ASP D 144 -35.78 -7.11 0.34
CA ASP D 144 -34.72 -7.16 -0.65
C ASP D 144 -34.24 -8.60 -0.83
N PHE D 145 -34.06 -9.01 -2.07
CA PHE D 145 -33.89 -10.42 -2.40
C PHE D 145 -32.76 -10.61 -3.40
N ALA D 146 -32.25 -11.84 -3.43
CA ALA D 146 -31.32 -12.28 -4.47
C ALA D 146 -31.59 -13.75 -4.67
N TYR D 147 -32.18 -14.10 -5.82
CA TYR D 147 -32.69 -15.44 -6.06
C TYR D 147 -31.89 -16.11 -7.17
N VAL D 148 -31.33 -17.27 -6.87
CA VAL D 148 -30.69 -18.12 -7.86
C VAL D 148 -31.68 -19.19 -8.27
N PHE D 149 -31.48 -19.75 -9.46
CA PHE D 149 -32.37 -20.75 -10.01
C PHE D 149 -31.65 -22.06 -10.30
N ASP D 150 -30.42 -22.18 -9.85
CA ASP D 150 -29.66 -23.41 -9.88
C ASP D 150 -29.46 -23.88 -8.45
N PRO D 151 -29.84 -25.11 -8.10
CA PRO D 151 -29.60 -25.59 -6.73
C PRO D 151 -28.13 -25.57 -6.33
N LEU D 152 -27.21 -25.72 -7.29
CA LEU D 152 -25.79 -25.64 -7.00
C LEU D 152 -25.36 -24.23 -6.63
N LEU D 153 -26.10 -23.22 -7.08
CA LEU D 153 -25.73 -21.82 -6.87
C LEU D 153 -26.30 -21.24 -5.59
N GLN D 154 -26.98 -22.03 -4.78
CA GLN D 154 -27.49 -21.56 -3.50
C GLN D 154 -26.33 -21.26 -2.55
N GLY D 155 -26.48 -20.19 -1.78
CA GLY D 155 -25.42 -19.77 -0.89
C GLY D 155 -24.34 -18.93 -1.52
N ALA D 156 -24.52 -18.51 -2.76
CA ALA D 156 -23.53 -17.68 -3.43
C ALA D 156 -23.50 -16.29 -2.82
N ILE D 157 -22.31 -15.69 -2.82
CA ILE D 157 -22.09 -14.37 -2.26
C ILE D 157 -21.82 -13.40 -3.41
N ILE D 158 -22.63 -12.35 -3.50
CA ILE D 158 -22.33 -11.23 -4.40
C ILE D 158 -21.48 -10.25 -3.60
N GLU D 159 -20.20 -10.15 -3.95
CA GLU D 159 -19.21 -9.61 -3.04
C GLU D 159 -19.31 -8.08 -2.89
N GLU D 160 -19.59 -7.37 -3.99
CA GLU D 160 -19.63 -5.92 -3.90
C GLU D 160 -20.74 -5.44 -2.98
N VAL D 161 -21.91 -6.09 -3.04
CA VAL D 161 -23.02 -5.73 -2.17
C VAL D 161 -23.10 -6.60 -0.92
N SER D 162 -22.34 -7.69 -0.84
CA SER D 162 -22.30 -8.57 0.32
C SER D 162 -23.68 -9.17 0.60
N ILE D 163 -24.19 -9.89 -0.39
CA ILE D 163 -25.55 -10.44 -0.36
C ILE D 163 -25.47 -11.94 -0.64
N ARG D 164 -26.22 -12.72 0.13
CA ARG D 164 -26.35 -14.15 -0.08
C ARG D 164 -27.53 -14.45 -0.99
N ALA D 165 -27.32 -15.37 -1.92
CA ALA D 165 -28.34 -15.73 -2.90
C ALA D 165 -29.06 -16.99 -2.45
N THR D 166 -30.39 -16.96 -2.50
CA THR D 166 -31.24 -18.07 -2.08
C THR D 166 -31.90 -18.71 -3.29
N CYS D 167 -32.26 -19.98 -3.14
CA CYS D 167 -32.89 -20.73 -4.21
C CYS D 167 -34.35 -21.00 -3.86
N PRO D 168 -35.30 -20.26 -4.44
CA PRO D 168 -36.72 -20.62 -4.26
C PRO D 168 -37.07 -21.86 -5.07
N SER D 169 -37.35 -22.97 -4.40
CA SER D 169 -37.51 -24.24 -5.09
C SER D 169 -38.76 -24.28 -5.96
N HIS D 170 -39.71 -23.37 -5.77
CA HIS D 170 -40.96 -23.38 -6.51
C HIS D 170 -41.08 -22.22 -7.50
N ILE D 171 -39.98 -21.58 -7.85
CA ILE D 171 -40.00 -20.54 -8.87
C ILE D 171 -39.26 -21.08 -10.10
N PRO D 172 -39.97 -21.56 -11.12
CA PRO D 172 -39.30 -22.23 -12.23
C PRO D 172 -38.82 -21.23 -13.28
N LEU D 173 -37.57 -21.40 -13.71
CA LEU D 173 -37.01 -20.64 -14.82
C LEU D 173 -37.02 -21.52 -16.06
N GLN D 174 -37.82 -21.14 -17.05
CA GLN D 174 -37.94 -21.95 -18.24
C GLN D 174 -36.67 -21.85 -19.08
N PRO D 175 -36.39 -22.87 -19.91
CA PRO D 175 -35.14 -22.86 -20.68
C PRO D 175 -34.99 -21.67 -21.63
N SER D 176 -36.09 -21.20 -22.24
CA SER D 176 -35.98 -20.02 -23.10
C SER D 176 -35.68 -18.77 -22.28
N LEU D 177 -36.23 -18.69 -21.07
CA LEU D 177 -35.90 -17.57 -20.19
C LEU D 177 -34.42 -17.58 -19.81
N LYS D 178 -33.85 -18.77 -19.59
CA LYS D 178 -32.40 -18.86 -19.37
C LYS D 178 -31.63 -18.44 -20.62
N LYS D 179 -32.08 -18.88 -21.79
CA LYS D 179 -31.39 -18.54 -23.03
C LYS D 179 -31.42 -17.04 -23.29
N LEU D 180 -32.45 -16.35 -22.79
CA LEU D 180 -32.51 -14.90 -22.92
C LEU D 180 -31.69 -14.21 -21.85
N LEU D 181 -32.03 -14.44 -20.57
CA LEU D 181 -31.45 -13.66 -19.49
C LEU D 181 -29.98 -14.03 -19.24
N GLY D 182 -29.67 -15.31 -19.21
CA GLY D 182 -28.29 -15.73 -18.98
C GLY D 182 -28.24 -17.06 -18.28
N ASP D 183 -27.01 -17.57 -18.14
CA ASP D 183 -26.81 -18.94 -17.64
C ASP D 183 -26.86 -18.99 -16.12
N ARG D 184 -25.94 -18.29 -15.46
CA ARG D 184 -25.88 -18.27 -13.99
C ARG D 184 -26.58 -16.98 -13.54
N LEU D 185 -27.88 -17.09 -13.29
CA LEU D 185 -28.75 -15.92 -13.17
C LEU D 185 -29.09 -15.64 -11.72
N VAL D 186 -28.93 -14.37 -11.32
CA VAL D 186 -29.43 -13.86 -10.05
C VAL D 186 -30.45 -12.77 -10.36
N ILE D 187 -31.65 -12.91 -9.82
CA ILE D 187 -32.64 -11.84 -9.87
C ILE D 187 -32.63 -11.15 -8.51
N LEU D 188 -32.23 -9.88 -8.49
CA LEU D 188 -32.02 -9.16 -7.25
C LEU D 188 -32.74 -7.82 -7.31
N SER D 189 -32.84 -7.20 -6.14
CA SER D 189 -33.51 -5.91 -6.04
C SER D 189 -32.77 -4.86 -6.86
N HIS D 190 -33.54 -3.95 -7.46
CA HIS D 190 -32.93 -2.95 -8.35
C HIS D 190 -31.96 -2.04 -7.61
N LYS D 191 -32.09 -1.90 -6.29
CA LYS D 191 -31.12 -1.12 -5.54
C LYS D 191 -29.74 -1.79 -5.60
N TYR D 192 -29.71 -3.11 -5.42
CA TYR D 192 -28.45 -3.85 -5.53
C TYR D 192 -27.89 -3.76 -6.94
N PHE D 193 -28.75 -3.86 -7.95
CA PHE D 193 -28.30 -3.78 -9.33
C PHE D 193 -27.73 -2.41 -9.65
N SER D 194 -28.36 -1.35 -9.17
CA SER D 194 -27.87 -0.01 -9.43
C SER D 194 -26.58 0.26 -8.68
N ILE D 195 -26.42 -0.30 -7.49
CA ILE D 195 -25.13 -0.23 -6.80
C ILE D 195 -24.06 -0.98 -7.60
N LEU D 196 -24.42 -2.15 -8.14
CA LEU D 196 -23.46 -2.95 -8.88
C LEU D 196 -23.16 -2.39 -10.26
N SER D 197 -23.95 -1.44 -10.74
CA SER D 197 -23.77 -0.88 -12.07
C SER D 197 -23.46 0.62 -12.06
N ASP D 198 -23.11 1.18 -10.91
CA ASP D 198 -22.82 2.61 -10.83
C ASP D 198 -21.36 2.87 -11.21
N ASP D 199 -20.92 4.11 -11.04
CA ASP D 199 -19.58 4.49 -11.48
C ASP D 199 -18.51 3.94 -10.55
N ASN D 200 -18.81 3.80 -9.26
CA ASN D 200 -17.84 3.28 -8.31
C ASN D 200 -17.61 1.78 -8.46
N HIS D 201 -18.55 1.05 -9.05
CA HIS D 201 -18.46 -0.40 -9.12
C HIS D 201 -18.24 -0.90 -10.55
N LEU D 202 -18.21 -0.02 -11.51
CA LEU D 202 -17.86 -0.42 -12.86
C LEU D 202 -16.35 -0.58 -12.98
N PRO D 203 -15.88 -1.47 -13.86
CA PRO D 203 -14.43 -1.62 -14.03
C PRO D 203 -13.77 -0.37 -14.60
N VAL D 204 -12.89 0.24 -13.81
CA VAL D 204 -12.13 1.41 -14.22
C VAL D 204 -10.71 0.95 -14.54
N LEU D 205 -10.19 1.36 -15.69
CA LEU D 205 -8.86 0.97 -16.13
C LEU D 205 -7.97 2.20 -16.24
N SER D 206 -6.72 2.05 -15.83
CA SER D 206 -5.72 3.10 -15.95
C SER D 206 -4.99 2.96 -17.27
N ARG D 207 -4.74 4.09 -17.93
CA ARG D 207 -4.03 4.09 -19.20
C ARG D 207 -3.04 5.25 -19.21
N ASN D 208 -1.97 5.08 -19.99
CA ASN D 208 -0.97 6.13 -20.12
C ASN D 208 -0.32 6.06 -21.49
N ASN D 209 0.34 7.15 -21.86
CA ASN D 209 1.11 7.23 -23.10
C ASN D 209 2.57 7.43 -22.74
N LEU D 210 3.44 6.62 -23.32
CA LEU D 210 4.84 6.59 -22.94
C LEU D 210 5.72 7.05 -24.09
N GLU D 211 6.64 7.96 -23.80
CA GLU D 211 7.59 8.50 -24.77
C GLU D 211 9.00 8.16 -24.30
N ASN D 212 9.58 7.08 -24.83
CA ASN D 212 10.93 6.66 -24.52
C ASN D 212 11.15 6.40 -23.04
N GLY D 213 10.13 5.93 -22.32
CA GLY D 213 10.22 5.66 -20.91
C GLY D 213 9.54 6.69 -20.03
N GLN D 214 9.39 7.93 -20.49
CA GLN D 214 8.71 8.97 -19.74
C GLN D 214 7.26 9.04 -20.18
N SER D 215 6.35 9.03 -19.21
CA SER D 215 4.93 9.03 -19.52
C SER D 215 4.47 10.42 -19.92
N ALA D 216 3.81 10.52 -21.07
CA ALA D 216 3.32 11.79 -21.59
C ALA D 216 1.95 12.14 -21.05
N ASN D 217 1.05 11.16 -20.95
CA ASN D 217 -0.31 11.40 -20.52
C ASN D 217 -0.76 10.29 -19.60
N LEU D 218 -1.85 10.55 -18.88
CA LEU D 218 -2.48 9.55 -18.03
C LEU D 218 -3.97 9.82 -17.98
N TRP D 219 -4.77 8.76 -18.04
CA TRP D 219 -6.21 8.92 -17.90
C TRP D 219 -6.81 7.60 -17.42
N TYR D 220 -8.04 7.67 -16.95
CA TYR D 220 -8.78 6.51 -16.47
C TYR D 220 -10.02 6.31 -17.32
N GLU D 221 -10.31 5.06 -17.64
CA GLU D 221 -11.37 4.72 -18.57
C GLU D 221 -12.36 3.76 -17.94
N GLN D 222 -13.65 4.01 -18.17
CA GLN D 222 -14.72 3.16 -17.69
C GLN D 222 -15.14 2.20 -18.79
N VAL D 223 -15.36 0.93 -18.42
CA VAL D 223 -15.78 -0.09 -19.37
C VAL D 223 -16.96 -0.85 -18.78
N LEU D 224 -17.63 -1.58 -19.65
CA LEU D 224 -18.71 -2.46 -19.24
C LEU D 224 -18.21 -3.89 -19.24
N PRO D 225 -18.47 -4.66 -18.19
CA PRO D 225 -17.88 -6.00 -18.09
C PRO D 225 -18.32 -6.91 -19.22
N ARG D 226 -17.43 -7.82 -19.58
CA ARG D 226 -17.72 -8.78 -20.64
C ARG D 226 -18.83 -9.73 -20.21
N TYR D 227 -19.47 -10.35 -21.20
CA TYR D 227 -20.59 -11.27 -21.06
C TYR D 227 -21.89 -10.57 -20.66
N SER D 228 -21.91 -9.24 -20.66
CA SER D 228 -23.12 -8.49 -20.38
C SER D 228 -24.09 -8.57 -21.57
N ARG D 229 -25.38 -8.53 -21.27
CA ARG D 229 -26.42 -8.67 -22.28
C ARG D 229 -27.23 -7.38 -22.38
N LEU D 230 -27.41 -6.92 -23.61
CA LEU D 230 -28.17 -5.72 -23.91
C LEU D 230 -29.20 -6.04 -24.98
N TYR D 231 -30.42 -5.50 -24.82
CA TYR D 231 -31.50 -5.74 -25.76
C TYR D 231 -31.90 -4.45 -26.44
N PHE D 232 -32.17 -4.53 -27.74
CA PHE D 232 -32.64 -3.38 -28.50
C PHE D 232 -33.71 -3.82 -29.48
N MET D 233 -34.47 -2.84 -29.97
CA MET D 233 -35.61 -3.08 -30.83
C MET D 233 -35.29 -2.69 -32.27
N LEU D 234 -35.79 -3.47 -33.21
CA LEU D 234 -35.56 -3.21 -34.63
C LEU D 234 -36.89 -3.21 -35.38
N MET D 235 -37.15 -2.13 -36.10
CA MET D 235 -38.33 -2.01 -36.96
C MET D 235 -37.84 -1.87 -38.39
N ASP D 236 -38.34 -2.73 -39.28
CA ASP D 236 -38.03 -2.64 -40.70
C ASP D 236 -39.23 -2.07 -41.43
N GLY D 237 -39.02 -0.97 -42.13
CA GLY D 237 -40.12 -0.28 -42.79
C GLY D 237 -40.59 -0.98 -44.05
N ASN D 238 -41.03 -2.23 -43.92
CA ASN D 238 -41.47 -3.05 -45.05
C ASN D 238 -40.40 -3.09 -46.13
N ALA D 239 -39.17 -3.33 -45.69
CA ALA D 239 -38.02 -3.28 -46.57
C ALA D 239 -38.05 -4.45 -47.56
N GLN D 240 -37.10 -4.42 -48.50
CA GLN D 240 -36.97 -5.51 -49.45
C GLN D 240 -36.71 -6.80 -48.69
N SER D 241 -37.49 -7.83 -49.00
CA SER D 241 -37.50 -9.03 -48.17
C SER D 241 -36.18 -9.80 -48.28
N GLU D 242 -35.60 -9.86 -49.48
CA GLU D 242 -34.37 -10.65 -49.63
C GLU D 242 -33.20 -10.00 -48.92
N TYR D 243 -33.07 -8.68 -49.02
CA TYR D 243 -32.02 -7.97 -48.28
C TYR D 243 -32.22 -8.15 -46.78
N LEU D 244 -33.46 -8.06 -46.32
CA LEU D 244 -33.75 -8.24 -44.91
C LEU D 244 -33.42 -9.65 -44.45
N LYS D 245 -33.69 -10.65 -45.29
CA LYS D 245 -33.36 -12.03 -44.96
C LYS D 245 -31.86 -12.22 -44.87
N LYS D 246 -31.11 -11.63 -45.79
CA LYS D 246 -29.65 -11.67 -45.70
C LYS D 246 -29.18 -11.04 -44.40
N PHE D 247 -29.78 -9.91 -44.03
CA PHE D 247 -29.43 -9.22 -42.79
C PHE D 247 -29.64 -10.11 -41.58
N ARG D 248 -30.84 -10.70 -41.47
CA ARG D 248 -31.15 -11.56 -40.33
C ARG D 248 -30.26 -12.79 -40.30
N ASP D 249 -30.03 -13.42 -41.45
CA ASP D 249 -29.20 -14.62 -41.50
C ASP D 249 -27.77 -14.30 -41.09
N THR D 250 -27.22 -13.17 -41.54
CA THR D 250 -25.85 -12.82 -41.18
C THR D 250 -25.75 -12.45 -39.70
N LEU D 251 -26.71 -11.69 -39.19
CA LEU D 251 -26.63 -11.27 -37.79
C LEU D 251 -26.77 -12.45 -36.84
N CYS D 252 -27.67 -13.39 -37.15
CA CYS D 252 -27.97 -14.50 -36.27
C CYS D 252 -27.09 -15.72 -36.55
N THR D 253 -26.00 -15.54 -37.28
CA THR D 253 -25.14 -16.70 -37.41
C THR D 253 -24.11 -16.69 -36.28
N PRO D 254 -23.69 -17.87 -35.81
CA PRO D 254 -22.77 -17.90 -34.66
C PRO D 254 -21.42 -17.23 -34.91
N SER D 255 -20.94 -17.23 -36.16
CA SER D 255 -19.61 -16.74 -36.45
C SER D 255 -19.55 -15.22 -36.63
N THR D 256 -20.68 -14.52 -36.52
CA THR D 256 -20.68 -13.08 -36.71
C THR D 256 -20.31 -12.38 -35.41
N ILE D 257 -19.31 -11.50 -35.49
CA ILE D 257 -18.88 -10.69 -34.35
C ILE D 257 -18.91 -9.23 -34.77
N ILE D 258 -19.59 -8.40 -33.98
CA ILE D 258 -19.78 -6.99 -34.28
C ILE D 258 -18.98 -6.17 -33.28
N GLN D 259 -18.39 -5.08 -33.76
CA GLN D 259 -17.60 -4.18 -32.92
C GLN D 259 -18.42 -2.93 -32.62
N ILE D 260 -18.79 -2.76 -31.36
CA ILE D 260 -19.44 -1.56 -30.87
C ILE D 260 -18.61 -1.04 -29.71
N GLY D 261 -18.02 0.13 -29.85
CA GLY D 261 -17.27 0.72 -28.77
C GLY D 261 -16.21 1.67 -29.27
N ALA D 262 -15.32 2.04 -28.33
CA ALA D 262 -14.35 3.10 -28.53
C ALA D 262 -12.91 2.61 -28.51
N ASN D 263 -12.68 1.30 -28.60
CA ASN D 263 -11.32 0.80 -28.80
C ASN D 263 -11.43 -0.49 -29.60
N ALA D 264 -11.35 -0.36 -30.93
CA ALA D 264 -11.46 -1.54 -31.78
C ALA D 264 -10.16 -2.35 -31.78
N SER D 265 -9.02 -1.66 -31.80
CA SER D 265 -7.74 -2.34 -31.97
C SER D 265 -7.29 -3.08 -30.72
N ILE D 266 -7.85 -2.76 -29.56
CA ILE D 266 -7.54 -3.50 -28.34
C ILE D 266 -8.75 -4.32 -27.87
N GLY D 267 -9.63 -4.69 -28.78
CA GLY D 267 -10.64 -5.68 -28.50
C GLY D 267 -11.83 -5.20 -27.69
N TYR D 268 -12.05 -3.89 -27.58
CA TYR D 268 -13.14 -3.38 -26.77
C TYR D 268 -14.44 -3.42 -27.58
N GLY D 269 -15.41 -4.18 -27.11
CA GLY D 269 -16.74 -4.13 -27.63
C GLY D 269 -17.09 -5.07 -28.75
N TYR D 270 -16.53 -6.29 -28.76
CA TYR D 270 -16.89 -7.27 -29.78
C TYR D 270 -18.08 -8.08 -29.28
N CYS D 271 -19.17 -8.04 -30.02
CA CYS D 271 -20.45 -8.54 -29.56
C CYS D 271 -21.01 -9.59 -30.52
N GLN D 272 -22.04 -10.29 -30.05
CA GLN D 272 -22.80 -11.24 -30.84
C GLN D 272 -24.27 -10.90 -30.69
N ILE D 273 -24.97 -10.76 -31.82
CA ILE D 273 -26.35 -10.32 -31.84
C ILE D 273 -27.25 -11.53 -31.97
N SER D 274 -28.18 -11.68 -31.04
CA SER D 274 -29.14 -12.77 -31.04
C SER D 274 -30.55 -12.24 -31.25
N GLU D 275 -31.35 -12.98 -32.00
CA GLU D 275 -32.74 -12.64 -32.24
C GLU D 275 -33.62 -13.45 -31.29
N LEU D 276 -34.76 -12.86 -30.93
CA LEU D 276 -35.65 -13.49 -29.96
C LEU D 276 -36.16 -14.82 -30.49
N SER D 277 -35.76 -15.91 -29.86
CA SER D 277 -36.14 -17.25 -30.25
C SER D 277 -37.57 -17.56 -29.81
N PRO D 278 -38.26 -18.44 -30.54
CA PRO D 278 -39.60 -18.85 -30.11
C PRO D 278 -39.59 -19.52 -28.75
N PHE D 279 -40.62 -19.25 -27.97
CA PHE D 279 -40.75 -19.84 -26.65
C PHE D 279 -41.43 -21.20 -26.74
N MET E 1 -7.50 -17.69 -41.54
CA MET E 1 -6.20 -17.22 -41.09
C MET E 1 -6.33 -16.16 -40.00
N THR E 2 -7.58 -15.79 -39.70
CA THR E 2 -7.87 -14.78 -38.70
C THR E 2 -8.16 -15.42 -37.36
N THR E 3 -8.05 -14.61 -36.30
CA THR E 3 -8.44 -15.00 -34.95
C THR E 3 -7.66 -16.24 -34.49
N ARG E 4 -6.36 -16.04 -34.32
CA ARG E 4 -5.51 -17.08 -33.76
C ARG E 4 -5.22 -16.81 -32.28
N MET E 5 -4.89 -17.89 -31.58
CA MET E 5 -4.72 -17.86 -30.13
C MET E 5 -3.23 -17.93 -29.78
N TYR E 6 -2.80 -17.05 -28.89
CA TYR E 6 -1.41 -16.95 -28.48
C TYR E 6 -1.30 -17.18 -26.98
N VAL E 7 -0.24 -17.88 -26.56
CA VAL E 7 0.00 -18.23 -25.17
C VAL E 7 1.26 -17.52 -24.71
N ILE E 8 1.17 -16.83 -23.58
CA ILE E 8 2.27 -16.06 -23.03
C ILE E 8 2.94 -16.87 -21.93
N ASN E 9 4.22 -17.19 -22.12
CA ASN E 9 5.02 -17.87 -21.11
C ASN E 9 5.89 -16.84 -20.41
N THR E 10 5.71 -16.70 -19.10
CA THR E 10 6.33 -15.63 -18.34
C THR E 10 7.68 -16.12 -17.83
N LEU E 11 8.76 -15.50 -18.30
CA LEU E 11 10.10 -15.93 -17.93
C LEU E 11 10.59 -15.33 -16.62
N SER E 12 9.90 -14.31 -16.10
CA SER E 12 10.31 -13.65 -14.87
C SER E 12 9.06 -13.23 -14.11
N ASN E 13 9.25 -12.58 -12.96
CA ASN E 13 8.13 -12.03 -12.21
C ASN E 13 7.48 -10.92 -13.01
N MET E 14 6.17 -10.77 -12.87
CA MET E 14 5.42 -9.81 -13.67
C MET E 14 4.59 -8.90 -12.78
N HIS E 15 4.63 -7.60 -13.07
CA HIS E 15 3.82 -6.60 -12.39
C HIS E 15 3.23 -5.67 -13.45
N VAL E 16 1.95 -5.84 -13.74
CA VAL E 16 1.20 -4.89 -14.55
C VAL E 16 0.31 -4.10 -13.61
N GLY E 17 0.49 -2.78 -13.59
CA GLY E 17 -0.12 -1.97 -12.55
C GLY E 17 -1.62 -1.86 -12.71
N SER E 18 -2.28 -1.69 -11.57
CA SER E 18 -3.73 -1.56 -11.53
C SER E 18 -4.19 -0.11 -11.58
N GLY E 19 -3.35 0.84 -11.19
CA GLY E 19 -3.78 2.22 -11.11
C GLY E 19 -4.76 2.50 -10.00
N GLU E 20 -4.87 1.58 -9.04
CA GLU E 20 -5.81 1.72 -7.94
C GLU E 20 -5.07 2.21 -6.71
N VAL E 21 -5.62 3.25 -6.08
CA VAL E 21 -5.04 3.81 -4.85
C VAL E 21 -5.47 2.89 -3.72
N ASN E 22 -4.57 2.02 -3.28
CA ASN E 22 -4.84 1.08 -2.20
C ASN E 22 -4.26 1.66 -0.92
N TYR E 23 -5.14 2.08 -0.01
CA TYR E 23 -4.72 2.43 1.34
C TYR E 23 -4.69 1.12 2.12
N GLY E 24 -3.50 0.55 2.24
CA GLY E 24 -3.37 -0.77 2.82
C GLY E 24 -1.92 -1.19 2.78
N VAL E 25 -1.70 -2.49 3.03
CA VAL E 25 -0.34 -3.00 3.06
C VAL E 25 0.27 -2.98 1.67
N ILE E 26 -0.45 -3.51 0.68
CA ILE E 26 0.06 -3.62 -0.67
C ILE E 26 -0.39 -2.40 -1.45
N ALA E 27 0.54 -1.47 -1.68
CA ALA E 27 0.23 -0.26 -2.42
C ALA E 27 0.17 -0.51 -3.92
N ASN E 28 1.01 -1.40 -4.43
CA ASN E 28 1.12 -1.67 -5.86
C ASN E 28 0.49 -3.02 -6.16
N LEU E 29 -0.73 -3.01 -6.67
CA LEU E 29 -1.46 -4.24 -6.98
C LEU E 29 -1.44 -4.49 -8.49
N ILE E 30 -1.57 -5.76 -8.85
CA ILE E 30 -1.49 -6.16 -10.25
C ILE E 30 -2.87 -6.10 -10.90
N GLN E 31 -2.88 -6.10 -12.22
CA GLN E 31 -4.10 -5.96 -13.01
C GLN E 31 -4.92 -7.23 -12.92
N ARG E 32 -6.22 -7.07 -12.64
CA ARG E 32 -7.12 -8.20 -12.44
C ARG E 32 -8.32 -8.10 -13.36
N ASP E 33 -8.77 -9.24 -13.85
CA ASP E 33 -9.85 -9.29 -14.83
C ASP E 33 -11.16 -8.86 -14.20
N SER E 34 -12.01 -8.23 -15.03
CA SER E 34 -13.24 -7.63 -14.51
C SER E 34 -14.20 -8.68 -13.99
N VAL E 35 -14.48 -9.71 -14.77
CA VAL E 35 -15.51 -10.67 -14.40
C VAL E 35 -14.97 -11.73 -13.45
N THR E 36 -13.83 -12.33 -13.78
CA THR E 36 -13.31 -13.46 -13.02
C THR E 36 -12.38 -13.07 -11.89
N ASN E 37 -11.88 -11.84 -11.88
CA ASN E 37 -10.91 -11.35 -10.89
C ASN E 37 -9.60 -12.11 -10.94
N LEU E 38 -9.36 -12.86 -11.98
CA LEU E 38 -8.05 -13.48 -12.07
C LEU E 38 -7.06 -12.49 -12.68
N PRO E 39 -5.77 -12.60 -12.36
CA PRO E 39 -4.78 -11.67 -12.92
C PRO E 39 -4.78 -11.72 -14.44
N ASN E 40 -4.68 -10.54 -15.05
CA ASN E 40 -4.77 -10.40 -16.49
C ASN E 40 -3.81 -9.32 -16.97
N ILE E 41 -3.65 -9.27 -18.29
CA ILE E 41 -2.97 -8.18 -18.96
C ILE E 41 -4.03 -7.44 -19.78
N ASN E 42 -4.15 -6.14 -19.55
CA ASN E 42 -5.05 -5.35 -20.38
C ASN E 42 -4.55 -5.34 -21.82
N SER E 43 -5.50 -5.30 -22.75
CA SER E 43 -5.14 -5.32 -24.17
C SER E 43 -4.31 -4.10 -24.55
N SER E 44 -4.52 -2.97 -23.87
CA SER E 44 -3.74 -1.77 -24.14
C SER E 44 -2.27 -1.97 -23.79
N GLY E 45 -2.00 -2.59 -22.63
CA GLY E 45 -0.62 -2.85 -22.25
C GLY E 45 0.05 -3.86 -23.17
N LEU E 46 -0.69 -4.90 -23.56
CA LEU E 46 -0.15 -5.89 -24.49
C LEU E 46 0.19 -5.25 -25.83
N LYS E 47 -0.72 -4.42 -26.34
CA LYS E 47 -0.45 -3.72 -27.60
C LYS E 47 0.75 -2.79 -27.47
N GLY E 48 0.86 -2.09 -26.34
CA GLY E 48 1.99 -1.20 -26.14
C GLY E 48 3.30 -1.94 -26.10
N ALA E 49 3.35 -3.08 -25.38
CA ALA E 49 4.58 -3.85 -25.29
C ALA E 49 4.99 -4.41 -26.65
N ILE E 50 4.03 -4.96 -27.37
CA ILE E 50 4.34 -5.55 -28.68
C ILE E 50 4.73 -4.46 -29.67
N ARG E 51 4.10 -3.28 -29.59
CA ARG E 51 4.51 -2.16 -30.41
C ARG E 51 5.93 -1.71 -30.08
N GLU E 52 6.27 -1.69 -28.79
CA GLU E 52 7.61 -1.27 -28.39
C GLU E 52 8.67 -2.23 -28.88
N TYR E 53 8.39 -3.54 -28.88
CA TYR E 53 9.34 -4.48 -29.45
C TYR E 53 9.54 -4.22 -30.94
N PHE E 54 8.47 -3.97 -31.68
CA PHE E 54 8.53 -3.86 -33.12
C PHE E 54 8.81 -2.45 -33.63
N LYS E 55 9.05 -1.50 -32.73
CA LYS E 55 9.15 -0.10 -33.13
C LYS E 55 10.32 0.16 -34.07
N GLU E 56 11.27 -0.76 -34.17
CA GLU E 56 12.37 -0.59 -35.11
C GLU E 56 11.93 -0.82 -36.55
N ASN E 57 10.91 -1.65 -36.77
CA ASN E 57 10.32 -1.82 -38.10
C ASN E 57 9.15 -0.85 -38.20
N GLU E 58 9.43 0.33 -38.75
CA GLU E 58 8.44 1.41 -38.76
C GLU E 58 7.24 1.05 -39.63
N ASP E 59 7.47 0.46 -40.80
CA ASP E 59 6.37 0.17 -41.71
C ASP E 59 5.44 -0.89 -41.15
N LEU E 60 6.00 -1.92 -40.52
CA LEU E 60 5.17 -2.95 -39.90
C LEU E 60 4.32 -2.37 -38.79
N VAL E 61 4.91 -1.50 -37.96
CA VAL E 61 4.16 -0.87 -36.88
C VAL E 61 3.05 0.01 -37.43
N ARG E 62 3.36 0.81 -38.45
CA ARG E 62 2.35 1.69 -39.01
C ARG E 62 1.20 0.90 -39.63
N GLU E 63 1.51 -0.17 -40.35
CA GLU E 63 0.43 -0.90 -41.02
C GLU E 63 -0.38 -1.72 -40.02
N LEU E 64 0.27 -2.35 -39.05
CA LEU E 64 -0.45 -3.22 -38.13
C LEU E 64 -1.02 -2.47 -36.94
N PHE E 65 -0.20 -1.65 -36.29
CA PHE E 65 -0.61 -0.99 -35.05
C PHE E 65 -1.23 0.38 -35.27
N GLY E 66 -0.93 1.03 -36.38
CA GLY E 66 -1.46 2.36 -36.65
C GLY E 66 -0.42 3.43 -36.50
N SER E 67 -0.89 4.68 -36.59
CA SER E 67 0.00 5.83 -36.52
C SER E 67 0.43 6.08 -35.08
N ALA E 68 1.52 6.80 -34.94
CA ALA E 68 2.02 7.23 -33.65
C ALA E 68 1.10 8.27 -33.05
N PRO E 69 1.12 8.45 -31.72
CA PRO E 69 0.22 9.44 -31.11
C PRO E 69 0.48 10.86 -31.56
N ARG E 70 1.63 11.17 -32.13
CA ARG E 70 1.95 12.54 -32.54
C ARG E 70 1.95 12.74 -34.05
N ASP E 71 1.63 11.71 -34.84
CA ASP E 71 1.63 11.88 -36.28
C ASP E 71 0.53 12.85 -36.71
N GLU E 72 0.85 13.66 -37.72
CA GLU E 72 -0.15 14.59 -38.25
C GLU E 72 -1.28 13.83 -38.94
N LYS E 73 -1.00 12.68 -39.52
CA LYS E 73 -2.01 11.83 -40.13
C LYS E 73 -2.30 10.67 -39.20
N THR E 74 -3.59 10.38 -39.01
CA THR E 74 -4.01 9.33 -38.09
C THR E 74 -4.41 8.10 -38.90
N LEU E 75 -3.69 7.01 -38.68
CA LEU E 75 -3.97 5.76 -39.37
C LEU E 75 -4.53 4.76 -38.37
N PRO E 76 -5.74 4.24 -38.59
CA PRO E 76 -6.31 3.27 -37.64
C PRO E 76 -5.51 1.99 -37.60
N GLY E 77 -5.48 1.36 -36.43
CA GLY E 77 -4.83 0.07 -36.28
C GLY E 77 -5.64 -1.01 -36.98
N LYS E 78 -4.94 -1.94 -37.63
CA LYS E 78 -5.62 -2.99 -38.37
C LYS E 78 -5.75 -4.28 -37.58
N VAL E 79 -4.79 -4.60 -36.72
CA VAL E 79 -4.86 -5.80 -35.90
C VAL E 79 -5.63 -5.51 -34.63
N ARG E 80 -6.29 -6.52 -34.09
CA ARG E 80 -7.09 -6.41 -32.89
C ARG E 80 -6.44 -7.24 -31.79
N PHE E 81 -6.11 -6.57 -30.68
CA PHE E 81 -5.38 -7.17 -29.57
C PHE E 81 -6.38 -7.44 -28.44
N PHE E 82 -6.66 -8.71 -28.18
CA PHE E 82 -7.54 -9.02 -27.07
C PHE E 82 -6.74 -9.22 -25.79
N GLU E 83 -7.41 -8.98 -24.66
CA GLU E 83 -6.73 -9.02 -23.37
C GLU E 83 -6.30 -10.45 -23.04
N ALA E 84 -5.27 -10.55 -22.20
CA ALA E 84 -4.66 -11.83 -21.86
C ALA E 84 -5.17 -12.28 -20.50
N ASN E 85 -5.71 -13.50 -20.46
CA ASN E 85 -6.29 -14.05 -19.25
C ASN E 85 -5.41 -15.17 -18.71
N LEU E 86 -5.42 -15.32 -17.39
CA LEU E 86 -4.56 -16.30 -16.74
C LEU E 86 -4.99 -17.71 -17.12
N LEU E 87 -4.02 -18.54 -17.52
CA LEU E 87 -4.27 -19.92 -17.88
C LEU E 87 -3.71 -20.88 -16.85
N SER E 88 -2.42 -20.79 -16.55
CA SER E 88 -1.80 -21.64 -15.55
C SER E 88 -0.91 -20.78 -14.66
N MET E 89 -0.85 -21.14 -13.38
CA MET E 89 0.00 -20.46 -12.42
C MET E 89 0.77 -21.48 -11.60
N PRO E 90 2.03 -21.22 -11.29
CA PRO E 90 2.83 -22.17 -10.50
C PRO E 90 2.44 -22.13 -9.03
N VAL E 91 2.13 -23.30 -8.48
CA VAL E 91 1.87 -23.45 -7.05
C VAL E 91 3.02 -24.24 -6.45
N ARG E 92 3.36 -23.93 -5.21
CA ARG E 92 4.47 -24.59 -4.55
C ARG E 92 4.10 -25.99 -4.11
N SER E 93 5.03 -26.93 -4.25
CA SER E 93 4.80 -28.33 -3.92
C SER E 93 5.98 -28.85 -3.12
N ASP E 94 5.89 -30.13 -2.75
CA ASP E 94 6.93 -30.81 -1.98
C ASP E 94 7.64 -31.90 -2.76
N LYS E 95 6.91 -32.74 -3.50
CA LYS E 95 7.55 -33.73 -4.36
C LYS E 95 8.34 -33.05 -5.47
N VAL E 96 7.79 -31.97 -6.03
CA VAL E 96 8.43 -31.23 -7.12
C VAL E 96 8.50 -29.76 -6.71
N PRO E 97 9.40 -29.00 -7.32
CA PRO E 97 9.51 -27.57 -6.93
C PRO E 97 8.23 -26.80 -7.09
N PHE E 98 7.47 -27.05 -8.16
CA PHE E 98 6.20 -26.36 -8.36
C PHE E 98 5.32 -27.19 -9.28
N LEU E 99 4.03 -26.89 -9.24
CA LEU E 99 3.03 -27.49 -10.11
C LEU E 99 2.30 -26.39 -10.86
N MET E 100 1.86 -26.71 -12.08
CA MET E 100 1.08 -25.79 -12.88
C MET E 100 -0.39 -25.94 -12.52
N ALA E 101 -1.00 -24.86 -12.04
CA ALA E 101 -2.34 -24.91 -11.47
C ALA E 101 -3.34 -24.25 -12.40
N ILE E 102 -4.41 -24.99 -12.70
CA ILE E 102 -5.53 -24.47 -13.48
C ILE E 102 -6.82 -24.91 -12.80
N SER E 103 -7.84 -24.08 -12.88
CA SER E 103 -9.15 -24.41 -12.33
C SER E 103 -10.06 -24.95 -13.43
N ASP E 104 -11.10 -25.66 -13.01
CA ASP E 104 -12.09 -26.13 -13.97
C ASP E 104 -12.82 -24.96 -14.60
N GLU E 105 -12.99 -23.87 -13.87
CA GLU E 105 -13.64 -22.68 -14.43
C GLU E 105 -12.75 -21.99 -15.46
N VAL E 106 -11.43 -22.01 -15.26
CA VAL E 106 -10.53 -21.47 -16.27
C VAL E 106 -10.63 -22.28 -17.56
N LEU E 107 -10.71 -23.60 -17.43
CA LEU E 107 -10.88 -24.45 -18.60
C LEU E 107 -12.22 -24.20 -19.28
N GLN E 108 -13.28 -24.03 -18.49
CA GLN E 108 -14.59 -23.74 -19.06
C GLN E 108 -14.58 -22.42 -19.81
N GLU E 109 -13.93 -21.40 -19.25
CA GLU E 109 -13.85 -20.11 -19.94
C GLU E 109 -13.01 -20.21 -21.20
N LEU E 110 -11.94 -21.02 -21.17
CA LEU E 110 -11.15 -21.24 -22.38
C LEU E 110 -11.98 -21.89 -23.47
N ILE E 111 -12.77 -22.90 -23.10
CA ILE E 111 -13.64 -23.57 -24.08
C ILE E 111 -14.67 -22.60 -24.62
N THR E 112 -15.27 -21.79 -23.74
CA THR E 112 -16.27 -20.83 -24.16
C THR E 112 -15.68 -19.79 -25.10
N LYS E 113 -14.48 -19.27 -24.78
CA LYS E 113 -13.83 -18.30 -25.63
C LYS E 113 -13.46 -18.89 -26.99
N MET E 114 -12.95 -20.12 -27.00
CA MET E 114 -12.61 -20.77 -28.25
C MET E 114 -13.85 -20.99 -29.11
N LYS E 115 -14.97 -21.36 -28.48
CA LYS E 115 -16.22 -21.50 -29.22
C LYS E 115 -16.69 -20.17 -29.77
N PHE E 116 -16.59 -19.10 -28.97
CA PHE E 116 -17.10 -17.80 -29.37
C PHE E 116 -16.27 -17.17 -30.48
N PHE E 117 -14.96 -17.40 -30.48
CA PHE E 117 -14.06 -16.64 -31.34
C PHE E 117 -13.62 -17.39 -32.58
N ASN E 118 -13.75 -18.72 -32.61
CA ASN E 118 -13.28 -19.54 -33.73
C ASN E 118 -11.77 -19.35 -33.94
N CYS E 119 -11.02 -19.80 -32.95
CA CYS E 119 -9.58 -19.83 -33.07
C CYS E 119 -9.17 -20.76 -34.22
N GLU E 120 -7.90 -20.63 -34.63
CA GLU E 120 -7.45 -21.34 -35.83
C GLU E 120 -7.55 -22.86 -35.65
N GLU E 121 -7.04 -23.38 -34.54
CA GLU E 121 -7.10 -24.81 -34.25
C GLU E 121 -8.11 -25.10 -33.15
N ALA E 122 -9.21 -24.35 -33.14
CA ALA E 122 -10.10 -24.36 -31.99
C ALA E 122 -10.86 -25.67 -31.86
N THR E 123 -11.20 -26.31 -32.98
CA THR E 123 -12.16 -27.42 -32.94
C THR E 123 -11.64 -28.61 -32.12
N GLN E 124 -10.43 -29.08 -32.46
CA GLN E 124 -9.88 -30.23 -31.76
C GLN E 124 -9.63 -29.92 -30.29
N TYR E 125 -9.14 -28.71 -30.00
CA TYR E 125 -8.87 -28.32 -28.63
C TYR E 125 -10.17 -28.26 -27.83
N ILE E 126 -11.24 -27.74 -28.43
CA ILE E 126 -12.53 -27.69 -27.75
C ILE E 126 -13.01 -29.10 -27.46
N SER E 127 -12.92 -29.99 -28.45
CA SER E 127 -13.38 -31.36 -28.25
C SER E 127 -12.61 -32.05 -27.12
N HIS E 128 -11.29 -31.95 -27.14
CA HIS E 128 -10.49 -32.66 -26.15
C HIS E 128 -10.59 -32.02 -24.78
N LEU E 129 -10.67 -30.69 -24.71
CA LEU E 129 -10.83 -30.01 -23.43
C LEU E 129 -12.20 -30.28 -22.83
N SER E 130 -13.23 -30.39 -23.67
CA SER E 130 -14.55 -30.77 -23.17
C SER E 130 -14.54 -32.19 -22.64
N THR E 131 -13.87 -33.10 -23.35
CA THR E 131 -13.71 -34.47 -22.85
C THR E 131 -13.02 -34.47 -21.48
N LEU E 132 -11.92 -33.72 -21.36
CA LEU E 132 -11.18 -33.68 -20.11
C LEU E 132 -12.02 -33.08 -18.99
N LEU E 133 -12.72 -31.98 -19.26
CA LEU E 133 -13.52 -31.34 -18.23
C LEU E 133 -14.65 -32.23 -17.78
N ASP E 134 -15.31 -32.90 -18.73
CA ASP E 134 -16.39 -33.81 -18.35
C ASP E 134 -15.87 -34.99 -17.55
N ASN E 135 -14.69 -35.50 -17.92
CA ASN E 135 -14.09 -36.59 -17.14
C ASN E 135 -13.76 -36.14 -15.72
N ILE E 136 -13.22 -34.93 -15.58
CA ILE E 136 -12.89 -34.41 -14.27
C ILE E 136 -14.15 -34.24 -13.42
N LYS E 137 -15.21 -33.69 -14.02
CA LYS E 137 -16.45 -33.51 -13.28
C LYS E 137 -17.11 -34.84 -12.93
N THR E 138 -16.96 -35.85 -13.81
CA THR E 138 -17.47 -37.18 -13.50
C THR E 138 -16.72 -37.79 -12.32
N GLN E 139 -15.41 -37.58 -12.25
CA GLN E 139 -14.62 -38.14 -11.16
C GLN E 139 -14.83 -37.38 -9.86
N ALA E 140 -15.03 -36.06 -9.92
CA ALA E 140 -15.15 -35.26 -8.70
C ALA E 140 -16.52 -35.41 -8.06
N GLN E 141 -17.58 -35.19 -8.84
CA GLN E 141 -18.96 -35.26 -8.36
C GLN E 141 -19.20 -34.30 -7.20
N GLY E 142 -19.02 -33.01 -7.48
CA GLY E 142 -19.36 -31.98 -6.52
C GLY E 142 -18.44 -31.90 -5.31
N THR E 143 -17.25 -32.45 -5.38
CA THR E 143 -16.29 -32.43 -4.29
C THR E 143 -15.17 -31.46 -4.62
N ASP E 144 -14.35 -31.15 -3.61
CA ASP E 144 -13.21 -30.24 -3.76
C ASP E 144 -12.03 -31.07 -4.23
N PHE E 145 -11.83 -31.12 -5.55
CA PHE E 145 -10.87 -32.03 -6.14
C PHE E 145 -9.53 -31.36 -6.39
N ALA E 146 -8.50 -32.20 -6.55
CA ALA E 146 -7.17 -31.73 -6.93
C ALA E 146 -6.47 -32.91 -7.61
N TYR E 147 -6.43 -32.88 -8.94
CA TYR E 147 -6.06 -34.04 -9.74
C TYR E 147 -4.77 -33.79 -10.50
N VAL E 148 -3.81 -34.69 -10.35
CA VAL E 148 -2.59 -34.69 -11.15
C VAL E 148 -2.66 -35.89 -12.09
N PHE E 149 -1.98 -35.77 -13.24
CA PHE E 149 -2.06 -36.77 -14.29
C PHE E 149 -0.77 -37.53 -14.50
N ASP E 150 0.26 -37.25 -13.71
CA ASP E 150 1.46 -38.06 -13.68
C ASP E 150 1.44 -38.89 -12.41
N PRO E 151 1.45 -40.22 -12.49
CA PRO E 151 1.31 -41.03 -11.26
C PRO E 151 2.41 -40.79 -10.24
N LEU E 152 3.59 -40.34 -10.67
CA LEU E 152 4.64 -40.00 -9.73
C LEU E 152 4.29 -38.82 -8.83
N LEU E 153 3.38 -37.95 -9.28
CA LEU E 153 3.03 -36.74 -8.54
C LEU E 153 1.89 -36.95 -7.56
N GLN E 154 1.48 -38.19 -7.31
CA GLN E 154 0.41 -38.46 -6.37
C GLN E 154 0.80 -38.00 -4.97
N GLY E 155 -0.09 -37.27 -4.31
CA GLY E 155 0.16 -36.82 -2.96
C GLY E 155 1.03 -35.58 -2.85
N ALA E 156 1.34 -34.92 -3.96
CA ALA E 156 2.05 -33.65 -3.89
C ALA E 156 1.19 -32.63 -3.18
N ILE E 157 1.79 -31.87 -2.28
CA ILE E 157 1.05 -30.93 -1.46
C ILE E 157 1.09 -29.56 -2.11
N ILE E 158 -0.02 -28.85 -2.05
CA ILE E 158 -0.06 -27.43 -2.37
C ILE E 158 0.06 -26.71 -1.03
N GLU E 159 1.21 -26.07 -0.80
CA GLU E 159 1.53 -25.60 0.55
C GLU E 159 0.60 -24.49 0.99
N GLU E 160 0.15 -23.63 0.07
CA GLU E 160 -0.68 -22.50 0.45
C GLU E 160 -2.07 -22.96 0.88
N VAL E 161 -2.70 -23.83 0.11
CA VAL E 161 -3.95 -24.48 0.47
C VAL E 161 -3.59 -25.91 0.82
N SER E 162 -3.53 -26.23 2.12
CA SER E 162 -2.89 -27.47 2.57
C SER E 162 -3.75 -28.66 2.17
N ILE E 163 -3.65 -29.02 0.89
CA ILE E 163 -4.33 -30.18 0.33
C ILE E 163 -3.31 -30.99 -0.48
N ARG E 164 -3.66 -32.24 -0.74
CA ARG E 164 -2.80 -33.14 -1.49
C ARG E 164 -3.47 -33.53 -2.80
N ALA E 165 -2.65 -33.83 -3.79
CA ALA E 165 -3.14 -34.11 -5.13
C ALA E 165 -3.41 -35.59 -5.31
N THR E 166 -4.59 -35.91 -5.81
CA THR E 166 -4.96 -37.28 -6.15
C THR E 166 -4.67 -37.54 -7.63
N CYS E 167 -4.53 -38.81 -7.97
CA CYS E 167 -4.32 -39.19 -9.35
C CYS E 167 -5.55 -39.90 -9.90
N PRO E 168 -6.33 -39.27 -10.76
CA PRO E 168 -7.42 -39.97 -11.44
C PRO E 168 -6.91 -40.81 -12.61
N SER E 169 -6.49 -42.04 -12.32
CA SER E 169 -5.78 -42.85 -13.31
C SER E 169 -6.58 -43.08 -14.58
N HIS E 170 -7.91 -43.01 -14.54
CA HIS E 170 -8.74 -43.27 -15.70
C HIS E 170 -9.11 -41.98 -16.44
N ILE E 171 -8.29 -40.94 -16.33
CA ILE E 171 -8.47 -39.71 -17.09
C ILE E 171 -7.23 -39.45 -17.93
N PRO E 172 -7.31 -39.45 -19.24
CA PRO E 172 -6.13 -39.20 -20.06
C PRO E 172 -5.84 -37.71 -20.25
N LEU E 173 -4.56 -37.40 -20.28
CA LEU E 173 -4.09 -36.06 -20.59
C LEU E 173 -3.26 -36.15 -21.88
N GLN E 174 -3.76 -35.53 -22.95
CA GLN E 174 -3.10 -35.65 -24.23
C GLN E 174 -1.83 -34.79 -24.27
N PRO E 175 -0.85 -35.17 -25.09
CA PRO E 175 0.40 -34.40 -25.16
C PRO E 175 0.20 -32.94 -25.56
N SER E 176 -0.74 -32.65 -26.45
CA SER E 176 -0.97 -31.26 -26.85
C SER E 176 -1.59 -30.46 -25.70
N LEU E 177 -2.46 -31.08 -24.92
CA LEU E 177 -2.98 -30.41 -23.73
C LEU E 177 -1.86 -30.20 -22.71
N LYS E 178 -0.90 -31.12 -22.62
CA LYS E 178 0.26 -30.92 -21.78
C LYS E 178 1.08 -29.72 -22.26
N LYS E 179 1.25 -29.58 -23.57
CA LYS E 179 1.99 -28.44 -24.11
C LYS E 179 1.27 -27.13 -23.82
N LEU E 180 -0.05 -27.11 -23.97
CA LEU E 180 -0.79 -25.88 -23.77
C LEU E 180 -0.87 -25.49 -22.31
N LEU E 181 -1.35 -26.39 -21.46
CA LEU E 181 -1.57 -26.05 -20.05
C LEU E 181 -0.28 -26.01 -19.26
N GLY E 182 0.66 -26.92 -19.56
CA GLY E 182 1.94 -26.90 -18.90
C GLY E 182 2.36 -28.22 -18.29
N ASP E 183 3.65 -28.38 -18.04
CA ASP E 183 4.17 -29.60 -17.42
C ASP E 183 3.89 -29.59 -15.93
N ARG E 184 3.71 -30.79 -15.37
CA ARG E 184 3.34 -30.97 -13.97
C ARG E 184 2.04 -30.23 -13.66
N LEU E 185 0.98 -30.66 -14.33
CA LEU E 185 -0.29 -29.96 -14.30
C LEU E 185 -1.19 -30.54 -13.21
N VAL E 186 -1.74 -29.66 -12.38
CA VAL E 186 -2.75 -30.02 -11.41
C VAL E 186 -4.00 -29.19 -11.72
N ILE E 187 -5.15 -29.86 -11.75
CA ILE E 187 -6.42 -29.20 -12.02
C ILE E 187 -7.23 -29.21 -10.73
N LEU E 188 -7.49 -28.03 -10.20
CA LEU E 188 -8.10 -27.87 -8.89
C LEU E 188 -9.55 -27.41 -9.03
N SER E 189 -10.23 -27.41 -7.88
CA SER E 189 -11.55 -26.80 -7.81
C SER E 189 -11.43 -25.28 -7.90
N HIS E 190 -12.57 -24.63 -8.15
CA HIS E 190 -12.54 -23.19 -8.29
C HIS E 190 -12.13 -22.50 -7.00
N LYS E 191 -12.59 -23.01 -5.85
CA LYS E 191 -12.26 -22.37 -4.58
C LYS E 191 -10.77 -22.45 -4.29
N TYR E 192 -10.13 -23.59 -4.60
CA TYR E 192 -8.69 -23.71 -4.39
C TYR E 192 -7.93 -22.71 -5.23
N PHE E 193 -8.28 -22.58 -6.51
CA PHE E 193 -7.58 -21.65 -7.39
C PHE E 193 -7.85 -20.20 -6.98
N SER E 194 -9.07 -19.92 -6.53
CA SER E 194 -9.38 -18.58 -6.04
C SER E 194 -8.54 -18.24 -4.81
N ILE E 195 -8.39 -19.18 -3.89
CA ILE E 195 -7.55 -18.95 -2.72
C ILE E 195 -6.09 -18.77 -3.14
N LEU E 196 -5.64 -19.56 -4.12
CA LEU E 196 -4.24 -19.50 -4.53
C LEU E 196 -3.91 -18.25 -5.34
N SER E 197 -4.92 -17.59 -5.91
CA SER E 197 -4.70 -16.41 -6.75
C SER E 197 -5.15 -15.12 -6.08
N ASP E 198 -5.48 -15.15 -4.80
CA ASP E 198 -5.97 -13.97 -4.13
C ASP E 198 -4.81 -13.10 -3.65
N ASP E 199 -5.14 -11.95 -3.06
CA ASP E 199 -4.11 -10.98 -2.68
C ASP E 199 -3.25 -11.50 -1.54
N ASN E 200 -3.79 -12.35 -0.66
CA ASN E 200 -3.02 -12.84 0.46
C ASN E 200 -2.03 -13.94 0.08
N HIS E 201 -2.26 -14.63 -1.05
CA HIS E 201 -1.40 -15.75 -1.42
C HIS E 201 -0.53 -15.49 -2.64
N LEU E 202 -0.82 -14.47 -3.44
CA LEU E 202 0.08 -14.08 -4.50
C LEU E 202 1.36 -13.50 -3.90
N PRO E 203 2.52 -13.74 -4.50
CA PRO E 203 3.77 -13.28 -3.90
C PRO E 203 3.78 -11.77 -3.68
N VAL E 204 4.20 -11.36 -2.49
CA VAL E 204 4.32 -9.96 -2.11
C VAL E 204 5.78 -9.70 -1.76
N LEU E 205 6.35 -8.67 -2.36
CA LEU E 205 7.76 -8.35 -2.18
C LEU E 205 7.90 -7.03 -1.45
N SER E 206 8.89 -6.96 -0.57
CA SER E 206 9.17 -5.76 0.22
C SER E 206 10.28 -4.98 -0.47
N ARG E 207 10.08 -3.67 -0.59
CA ARG E 207 11.03 -2.80 -1.27
C ARG E 207 11.19 -1.51 -0.47
N ASN E 208 12.40 -0.96 -0.51
CA ASN E 208 12.66 0.31 0.15
C ASN E 208 13.58 1.17 -0.70
N ASN E 209 13.59 2.45 -0.41
CA ASN E 209 14.51 3.41 -1.01
C ASN E 209 15.49 3.88 0.06
N LEU E 210 16.78 3.73 -0.20
CA LEU E 210 17.82 4.03 0.76
C LEU E 210 18.52 5.32 0.36
N GLU E 211 18.42 6.34 1.22
CA GLU E 211 19.11 7.62 1.03
C GLU E 211 20.33 7.62 1.93
N ASN E 212 21.51 7.45 1.33
CA ASN E 212 22.77 7.39 2.07
C ASN E 212 22.74 6.29 3.14
N GLY E 213 22.17 5.14 2.79
CA GLY E 213 22.10 4.03 3.69
C GLY E 213 20.97 4.08 4.69
N GLN E 214 20.17 5.13 4.69
CA GLN E 214 19.05 5.28 5.60
C GLN E 214 17.75 5.11 4.83
N SER E 215 16.81 4.37 5.41
CA SER E 215 15.58 4.03 4.72
C SER E 215 14.71 5.27 4.56
N ALA E 216 14.43 5.64 3.32
CA ALA E 216 13.61 6.80 3.00
C ALA E 216 12.14 6.44 2.77
N ASN E 217 11.89 5.37 2.01
CA ASN E 217 10.53 4.93 1.73
C ASN E 217 10.45 3.42 1.89
N LEU E 218 9.23 2.93 2.05
CA LEU E 218 8.97 1.50 2.15
C LEU E 218 7.62 1.20 1.51
N TRP E 219 7.56 0.17 0.68
CA TRP E 219 6.30 -0.21 0.05
C TRP E 219 6.34 -1.69 -0.31
N TYR E 220 5.15 -2.24 -0.53
CA TYR E 220 4.98 -3.65 -0.86
C TYR E 220 4.41 -3.79 -2.26
N GLU E 221 5.04 -4.64 -3.07
CA GLU E 221 4.60 -4.94 -4.41
C GLU E 221 4.18 -6.40 -4.49
N GLN E 222 3.05 -6.64 -5.14
CA GLN E 222 2.62 -8.00 -5.45
C GLN E 222 2.87 -8.27 -6.92
N VAL E 223 3.29 -9.49 -7.24
CA VAL E 223 3.70 -9.84 -8.59
C VAL E 223 3.03 -11.15 -9.00
N LEU E 224 2.96 -11.34 -10.30
CA LEU E 224 2.54 -12.62 -10.87
C LEU E 224 3.71 -13.59 -10.86
N PRO E 225 3.53 -14.81 -10.35
CA PRO E 225 4.67 -15.72 -10.24
C PRO E 225 5.29 -16.03 -11.59
N ARG E 226 6.60 -16.27 -11.57
CA ARG E 226 7.32 -16.63 -12.76
C ARG E 226 6.79 -17.95 -13.32
N TYR E 227 6.93 -18.13 -14.64
CA TYR E 227 6.48 -19.29 -15.40
C TYR E 227 4.96 -19.37 -15.51
N SER E 228 4.25 -18.30 -15.18
CA SER E 228 2.81 -18.26 -15.36
C SER E 228 2.47 -18.21 -16.84
N ARG E 229 1.28 -18.72 -17.17
CA ARG E 229 0.83 -18.80 -18.56
C ARG E 229 -0.44 -17.97 -18.73
N LEU E 230 -0.47 -17.16 -19.78
CA LEU E 230 -1.62 -16.35 -20.12
C LEU E 230 -1.93 -16.53 -21.60
N TYR E 231 -3.21 -16.40 -21.94
CA TYR E 231 -3.66 -16.58 -23.32
C TYR E 231 -4.47 -15.38 -23.77
N PHE E 232 -4.33 -15.02 -25.05
CA PHE E 232 -5.07 -13.92 -25.64
C PHE E 232 -5.36 -14.24 -27.10
N MET E 233 -6.25 -13.46 -27.68
CA MET E 233 -6.72 -13.66 -29.05
C MET E 233 -6.26 -12.51 -29.94
N LEU E 234 -5.79 -12.85 -31.12
CA LEU E 234 -5.35 -11.86 -32.10
C LEU E 234 -6.21 -12.01 -33.35
N MET E 235 -6.92 -10.94 -33.71
CA MET E 235 -7.73 -10.93 -34.92
C MET E 235 -7.01 -10.10 -35.98
N ASP E 236 -6.91 -10.67 -37.18
CA ASP E 236 -6.22 -10.03 -38.31
C ASP E 236 -7.25 -9.23 -39.10
N GLY E 237 -7.36 -7.95 -38.79
CA GLY E 237 -8.34 -7.14 -39.49
C GLY E 237 -7.81 -6.57 -40.77
N ASN E 238 -8.12 -7.24 -41.88
CA ASN E 238 -7.74 -6.82 -43.25
C ASN E 238 -6.31 -6.28 -43.30
N ALA E 239 -5.41 -6.95 -42.60
CA ALA E 239 -4.01 -6.57 -42.59
C ALA E 239 -3.26 -7.25 -43.72
N GLN E 240 -2.23 -6.59 -44.23
CA GLN E 240 -1.43 -7.15 -45.30
C GLN E 240 -0.82 -8.47 -44.88
N SER E 241 -0.91 -9.46 -45.78
CA SER E 241 -0.47 -10.81 -45.43
C SER E 241 1.03 -10.88 -45.20
N GLU E 242 1.82 -10.08 -45.90
CA GLU E 242 3.27 -10.15 -45.74
C GLU E 242 3.71 -9.52 -44.41
N TYR E 243 3.16 -8.36 -44.07
CA TYR E 243 3.44 -7.78 -42.76
C TYR E 243 2.93 -8.68 -41.64
N LEU E 244 1.76 -9.29 -41.84
CA LEU E 244 1.23 -10.23 -40.87
C LEU E 244 2.16 -11.42 -40.68
N LYS E 245 2.69 -11.96 -41.78
CA LYS E 245 3.60 -13.09 -41.69
C LYS E 245 4.87 -12.72 -40.97
N LYS E 246 5.43 -11.54 -41.29
CA LYS E 246 6.62 -11.09 -40.57
C LYS E 246 6.34 -10.93 -39.08
N PHE E 247 5.20 -10.33 -38.73
CA PHE E 247 4.85 -10.13 -37.33
C PHE E 247 4.72 -11.45 -36.60
N ARG E 248 4.00 -12.42 -37.21
CA ARG E 248 3.79 -13.70 -36.55
C ARG E 248 5.09 -14.48 -36.42
N ASP E 249 5.92 -14.47 -37.47
CA ASP E 249 7.17 -15.22 -37.41
C ASP E 249 8.13 -14.62 -36.39
N THR E 250 8.19 -13.28 -36.31
CA THR E 250 9.04 -12.64 -35.31
C THR E 250 8.51 -12.89 -33.90
N LEU E 251 7.18 -12.89 -33.73
CA LEU E 251 6.61 -13.09 -32.40
C LEU E 251 6.83 -14.51 -31.90
N CYS E 252 6.62 -15.50 -32.75
CA CYS E 252 6.76 -16.90 -32.35
C CYS E 252 8.19 -17.42 -32.47
N THR E 253 9.13 -16.58 -32.88
CA THR E 253 10.53 -16.97 -32.91
C THR E 253 11.01 -17.23 -31.48
N PRO E 254 11.76 -18.31 -31.24
CA PRO E 254 12.19 -18.61 -29.86
C PRO E 254 13.03 -17.51 -29.24
N SER E 255 13.85 -16.80 -30.01
CA SER E 255 14.74 -15.79 -29.46
C SER E 255 14.04 -14.49 -29.10
N THR E 256 12.75 -14.37 -29.39
CA THR E 256 12.02 -13.14 -29.12
C THR E 256 11.54 -13.13 -27.68
N ILE E 257 11.89 -12.08 -26.95
CA ILE E 257 11.45 -11.89 -25.58
C ILE E 257 10.85 -10.49 -25.47
N ILE E 258 9.63 -10.41 -24.96
CA ILE E 258 8.89 -9.16 -24.88
C ILE E 258 8.68 -8.80 -23.42
N GLN E 259 8.86 -7.52 -23.09
CA GLN E 259 8.65 -7.03 -21.75
C GLN E 259 7.24 -6.46 -21.63
N ILE E 260 6.44 -7.05 -20.74
CA ILE E 260 5.08 -6.59 -20.50
C ILE E 260 4.98 -6.16 -19.04
N GLY E 261 4.63 -4.90 -18.82
CA GLY E 261 4.40 -4.43 -17.47
C GLY E 261 5.42 -3.41 -16.99
N ALA E 262 5.60 -3.35 -15.68
CA ALA E 262 6.45 -2.35 -15.04
C ALA E 262 7.76 -2.98 -14.58
N ASN E 263 8.62 -2.14 -14.00
CA ASN E 263 9.91 -2.55 -13.45
C ASN E 263 10.74 -3.30 -14.50
N ALA E 264 10.91 -2.63 -15.64
CA ALA E 264 11.67 -3.23 -16.73
C ALA E 264 13.16 -3.28 -16.42
N SER E 265 13.67 -2.29 -15.70
CA SER E 265 15.11 -2.25 -15.41
C SER E 265 15.53 -3.44 -14.57
N ILE E 266 14.71 -3.82 -13.61
CA ILE E 266 14.89 -5.11 -12.94
C ILE E 266 14.17 -6.16 -13.76
N GLY E 267 14.49 -7.42 -13.53
CA GLY E 267 13.98 -8.47 -14.39
C GLY E 267 12.51 -8.78 -14.19
N TYR E 268 11.62 -7.87 -14.59
CA TYR E 268 10.19 -8.06 -14.42
C TYR E 268 9.47 -8.10 -15.76
N GLY E 269 8.48 -8.96 -15.85
CA GLY E 269 7.57 -8.98 -16.98
C GLY E 269 8.19 -9.35 -18.30
N TYR E 270 9.19 -10.23 -18.30
CA TYR E 270 9.79 -10.69 -19.53
C TYR E 270 9.11 -11.99 -19.96
N CYS E 271 8.60 -12.01 -21.18
CA CYS E 271 7.65 -13.03 -21.59
C CYS E 271 8.01 -13.59 -22.96
N GLN E 272 7.58 -14.82 -23.20
CA GLN E 272 7.65 -15.45 -24.51
C GLN E 272 6.24 -15.72 -25.00
N ILE E 273 5.97 -15.37 -26.25
CA ILE E 273 4.65 -15.56 -26.86
C ILE E 273 4.77 -16.68 -27.89
N SER E 274 3.88 -17.66 -27.79
CA SER E 274 3.85 -18.77 -28.73
C SER E 274 2.45 -18.90 -29.30
N GLU E 275 2.38 -19.38 -30.52
CA GLU E 275 1.10 -19.60 -31.20
C GLU E 275 0.53 -20.95 -30.82
N LEU E 276 -0.79 -21.07 -30.88
CA LEU E 276 -1.45 -22.33 -30.61
C LEU E 276 -1.10 -23.32 -31.72
N SER E 277 -0.50 -24.43 -31.35
CA SER E 277 -0.08 -25.43 -32.32
C SER E 277 -1.25 -26.33 -32.69
N PRO E 278 -1.21 -26.93 -33.87
CA PRO E 278 -2.21 -27.95 -34.21
C PRO E 278 -2.17 -29.11 -33.23
N PHE E 279 -3.35 -29.61 -32.88
CA PHE E 279 -3.46 -30.69 -31.91
C PHE E 279 -2.87 -31.99 -32.47
N MET F 1 25.78 -10.99 -26.93
CA MET F 1 26.13 -9.61 -26.62
C MET F 1 25.05 -9.06 -25.71
N THR F 2 23.80 -9.30 -26.07
CA THR F 2 22.68 -8.78 -25.30
C THR F 2 22.67 -9.35 -23.89
N THR F 3 22.49 -10.66 -23.76
CA THR F 3 22.33 -11.29 -22.47
C THR F 3 23.63 -11.95 -22.04
N ARG F 4 23.98 -11.74 -20.77
CA ARG F 4 25.14 -12.37 -20.16
C ARG F 4 24.74 -12.93 -18.81
N MET F 5 25.43 -13.99 -18.40
CA MET F 5 25.17 -14.64 -17.11
C MET F 5 26.34 -14.39 -16.19
N TYR F 6 26.05 -13.90 -14.99
CA TYR F 6 27.06 -13.64 -13.97
C TYR F 6 26.80 -14.53 -12.76
N VAL F 7 27.88 -14.93 -12.11
CA VAL F 7 27.83 -15.82 -10.95
C VAL F 7 28.35 -15.06 -9.73
N ILE F 8 27.59 -15.09 -8.65
CA ILE F 8 27.93 -14.36 -7.43
C ILE F 8 28.58 -15.35 -6.46
N ASN F 9 29.87 -15.16 -6.23
CA ASN F 9 30.59 -15.91 -5.20
C ASN F 9 30.53 -15.11 -3.91
N THR F 10 30.00 -15.73 -2.86
CA THR F 10 29.81 -15.05 -1.59
C THR F 10 31.05 -15.26 -0.72
N LEU F 11 31.64 -14.16 -0.25
CA LEU F 11 32.84 -14.24 0.57
C LEU F 11 32.54 -14.27 2.05
N SER F 12 31.32 -13.96 2.46
CA SER F 12 30.93 -13.96 3.86
C SER F 12 29.51 -14.50 3.94
N ASN F 13 28.84 -14.29 5.07
CA ASN F 13 27.51 -14.83 5.30
C ASN F 13 26.46 -13.85 4.79
N MET F 14 25.69 -14.26 3.79
CA MET F 14 24.71 -13.38 3.17
C MET F 14 23.41 -13.33 3.96
N HIS F 15 22.87 -12.12 4.11
CA HIS F 15 21.51 -11.93 4.62
C HIS F 15 20.81 -10.91 3.75
N VAL F 16 19.85 -11.37 2.97
CA VAL F 16 18.94 -10.50 2.24
C VAL F 16 17.56 -10.69 2.86
N GLY F 17 17.09 -9.66 3.57
CA GLY F 17 15.88 -9.81 4.36
C GLY F 17 14.64 -9.75 3.50
N SER F 18 13.72 -10.68 3.74
CA SER F 18 12.40 -10.58 3.12
C SER F 18 11.54 -9.55 3.82
N GLY F 19 11.77 -9.32 5.11
CA GLY F 19 10.99 -8.40 5.89
C GLY F 19 9.74 -8.99 6.49
N GLU F 20 9.33 -10.19 6.09
CA GLU F 20 8.13 -10.79 6.66
C GLU F 20 8.35 -11.13 8.13
N VAL F 21 7.28 -11.05 8.90
CA VAL F 21 7.34 -11.32 10.33
C VAL F 21 7.23 -12.83 10.54
N ASN F 22 8.22 -13.38 11.22
CA ASN F 22 8.20 -14.78 11.63
C ASN F 22 8.04 -14.84 13.14
N TYR F 23 7.07 -15.60 13.60
CA TYR F 23 6.79 -15.74 15.02
C TYR F 23 7.36 -17.01 15.60
N GLY F 24 8.21 -17.70 14.85
CA GLY F 24 8.89 -18.88 15.34
C GLY F 24 10.22 -18.56 15.98
N VAL F 25 11.23 -19.39 15.73
CA VAL F 25 12.53 -19.18 16.35
C VAL F 25 13.28 -18.04 15.66
N ILE F 26 13.41 -18.12 14.34
CA ILE F 26 14.18 -17.13 13.59
C ILE F 26 13.30 -15.90 13.36
N ALA F 27 13.71 -14.77 13.92
CA ALA F 27 12.97 -13.53 13.70
C ALA F 27 13.16 -13.02 12.27
N ASN F 28 14.39 -13.01 11.79
CA ASN F 28 14.72 -12.46 10.48
C ASN F 28 15.08 -13.60 9.54
N LEU F 29 14.27 -13.80 8.50
CA LEU F 29 14.49 -14.81 7.49
C LEU F 29 15.01 -14.15 6.20
N ILE F 30 15.57 -14.97 5.32
CA ILE F 30 16.15 -14.50 4.08
C ILE F 30 15.13 -14.63 2.96
N GLN F 31 15.37 -13.88 1.89
CA GLN F 31 14.47 -13.89 0.75
C GLN F 31 14.51 -15.24 0.05
N ARG F 32 13.34 -15.68 -0.40
CA ARG F 32 13.20 -16.93 -1.13
C ARG F 32 12.49 -16.68 -2.45
N ASP F 33 12.73 -17.57 -3.39
CA ASP F 33 12.09 -17.47 -4.70
C ASP F 33 10.60 -17.72 -4.59
N SER F 34 9.83 -16.99 -5.39
CA SER F 34 8.38 -17.16 -5.39
C SER F 34 7.99 -18.55 -5.88
N VAL F 35 8.72 -19.07 -6.86
CA VAL F 35 8.33 -20.32 -7.52
C VAL F 35 9.05 -21.50 -6.87
N THR F 36 10.39 -21.48 -6.88
CA THR F 36 11.16 -22.62 -6.43
C THR F 36 11.33 -22.70 -4.92
N ASN F 37 11.05 -21.61 -4.19
CA ASN F 37 11.28 -21.52 -2.76
C ASN F 37 12.71 -21.85 -2.38
N LEU F 38 13.64 -21.29 -3.14
CA LEU F 38 15.06 -21.36 -2.82
C LEU F 38 15.55 -19.96 -2.50
N PRO F 39 16.61 -19.82 -1.70
CA PRO F 39 17.15 -18.49 -1.41
C PRO F 39 17.52 -17.75 -2.68
N ASN F 40 17.24 -16.45 -2.69
CA ASN F 40 17.46 -15.65 -3.89
C ASN F 40 17.69 -14.20 -3.48
N ILE F 41 18.24 -13.43 -4.40
CA ILE F 41 18.38 -11.99 -4.26
C ILE F 41 17.45 -11.34 -5.26
N ASN F 42 16.51 -10.53 -4.77
CA ASN F 42 15.62 -9.82 -5.67
C ASN F 42 16.42 -8.87 -6.54
N SER F 43 15.98 -8.72 -7.79
CA SER F 43 16.74 -7.93 -8.75
C SER F 43 16.86 -6.48 -8.31
N SER F 44 15.87 -5.98 -7.54
CA SER F 44 15.96 -4.62 -7.02
C SER F 44 17.13 -4.47 -6.06
N GLY F 45 17.35 -5.46 -5.20
CA GLY F 45 18.51 -5.42 -4.31
C GLY F 45 19.82 -5.49 -5.07
N LEU F 46 19.88 -6.33 -6.10
CA LEU F 46 21.08 -6.40 -6.92
C LEU F 46 21.37 -5.06 -7.58
N LYS F 47 20.35 -4.45 -8.17
CA LYS F 47 20.54 -3.16 -8.83
C LYS F 47 20.97 -2.10 -7.82
N GLY F 48 20.34 -2.08 -6.64
CA GLY F 48 20.72 -1.09 -5.64
C GLY F 48 22.16 -1.24 -5.19
N ALA F 49 22.59 -2.49 -4.93
CA ALA F 49 23.95 -2.72 -4.49
C ALA F 49 24.97 -2.33 -5.56
N ILE F 50 24.71 -2.72 -6.80
CA ILE F 50 25.67 -2.41 -7.86
C ILE F 50 25.66 -0.92 -8.19
N ARG F 51 24.51 -0.26 -8.06
CA ARG F 51 24.46 1.20 -8.20
C ARG F 51 25.26 1.87 -7.09
N GLU F 52 25.19 1.34 -5.87
CA GLU F 52 25.98 1.88 -4.78
C GLU F 52 27.47 1.73 -5.05
N TYR F 53 27.88 0.57 -5.59
CA TYR F 53 29.29 0.40 -5.93
C TYR F 53 29.76 1.42 -6.96
N PHE F 54 28.94 1.69 -7.96
CA PHE F 54 29.32 2.53 -9.09
C PHE F 54 28.90 3.98 -8.91
N LYS F 55 28.40 4.35 -7.73
CA LYS F 55 27.84 5.68 -7.53
C LYS F 55 28.83 6.81 -7.77
N GLU F 56 30.14 6.52 -7.68
CA GLU F 56 31.13 7.57 -7.88
C GLU F 56 31.19 8.04 -9.34
N ASN F 57 31.01 7.13 -10.29
CA ASN F 57 30.97 7.50 -11.71
C ASN F 57 29.52 7.89 -12.02
N GLU F 58 29.25 9.19 -11.96
CA GLU F 58 27.89 9.68 -12.14
C GLU F 58 27.40 9.42 -13.56
N ASP F 59 28.27 9.63 -14.55
CA ASP F 59 27.88 9.42 -15.94
C ASP F 59 27.51 7.96 -16.19
N LEU F 60 28.31 7.02 -15.67
CA LEU F 60 28.06 5.62 -15.89
C LEU F 60 26.76 5.17 -15.22
N VAL F 61 26.51 5.63 -13.99
CA VAL F 61 25.27 5.28 -13.31
C VAL F 61 24.07 5.87 -14.04
N ARG F 62 24.18 7.12 -14.48
CA ARG F 62 23.08 7.77 -15.17
C ARG F 62 22.76 7.06 -16.48
N GLU F 63 23.79 6.64 -17.22
CA GLU F 63 23.57 5.94 -18.47
C GLU F 63 22.99 4.55 -18.24
N LEU F 64 23.60 3.78 -17.33
CA LEU F 64 23.27 2.37 -17.20
C LEU F 64 22.11 2.11 -16.25
N PHE F 65 22.12 2.75 -15.09
CA PHE F 65 21.12 2.47 -14.06
C PHE F 65 19.91 3.40 -14.16
N GLY F 66 20.12 4.65 -14.54
CA GLY F 66 19.06 5.60 -14.67
C GLY F 66 19.34 6.83 -13.83
N SER F 67 18.30 7.64 -13.63
CA SER F 67 18.43 8.84 -12.84
C SER F 67 18.19 8.55 -11.37
N ALA F 68 18.75 9.40 -10.51
CA ALA F 68 18.52 9.27 -9.09
C ALA F 68 17.04 9.55 -8.79
N PRO F 69 16.48 8.92 -7.75
CA PRO F 69 15.05 9.12 -7.46
C PRO F 69 14.68 10.56 -7.16
N ARG F 70 15.65 11.41 -6.80
CA ARG F 70 15.34 12.78 -6.45
C ARG F 70 15.39 13.73 -7.64
N ASP F 71 15.96 13.32 -8.77
CA ASP F 71 16.14 14.23 -9.89
C ASP F 71 14.79 14.69 -10.45
N GLU F 72 14.75 15.95 -10.86
CA GLU F 72 13.52 16.50 -11.43
C GLU F 72 13.16 15.81 -12.74
N LYS F 73 14.15 15.49 -13.55
CA LYS F 73 13.95 14.78 -14.80
C LYS F 73 14.40 13.33 -14.63
N THR F 74 13.52 12.40 -14.94
CA THR F 74 13.78 10.98 -14.73
C THR F 74 14.27 10.33 -16.03
N LEU F 75 15.36 9.58 -15.92
CA LEU F 75 15.94 8.86 -17.04
C LEU F 75 15.76 7.37 -16.83
N PRO F 76 15.17 6.65 -17.77
CA PRO F 76 15.05 5.20 -17.64
C PRO F 76 16.43 4.53 -17.71
N GLY F 77 16.53 3.39 -17.02
CA GLY F 77 17.77 2.62 -17.07
C GLY F 77 17.83 1.76 -18.32
N LYS F 78 19.05 1.54 -18.79
CA LYS F 78 19.25 0.77 -20.01
C LYS F 78 19.54 -0.70 -19.74
N VAL F 79 20.39 -1.00 -18.77
CA VAL F 79 20.75 -2.39 -18.49
C VAL F 79 19.67 -3.00 -17.59
N ARG F 80 19.40 -4.29 -17.82
CA ARG F 80 18.34 -5.00 -17.11
C ARG F 80 18.95 -6.03 -16.17
N PHE F 81 18.59 -5.94 -14.90
CA PHE F 81 19.08 -6.84 -13.86
C PHE F 81 18.02 -7.88 -13.57
N PHE F 82 18.38 -9.15 -13.69
CA PHE F 82 17.48 -10.23 -13.35
C PHE F 82 17.87 -10.81 -11.99
N GLU F 83 16.88 -11.34 -11.29
CA GLU F 83 17.09 -11.76 -9.91
C GLU F 83 18.11 -12.88 -9.84
N ALA F 84 18.89 -12.86 -8.75
CA ALA F 84 19.91 -13.86 -8.54
C ALA F 84 19.30 -15.11 -7.92
N ASN F 85 19.43 -16.23 -8.60
CA ASN F 85 18.91 -17.51 -8.12
C ASN F 85 20.06 -18.37 -7.61
N LEU F 86 19.74 -19.26 -6.68
CA LEU F 86 20.77 -20.03 -6.00
C LEU F 86 21.32 -21.11 -6.93
N LEU F 87 22.64 -21.16 -7.05
CA LEU F 87 23.31 -22.18 -7.85
C LEU F 87 23.88 -23.31 -6.99
N SER F 88 24.77 -22.97 -6.05
CA SER F 88 25.41 -23.97 -5.22
C SER F 88 25.43 -23.49 -3.78
N MET F 89 25.23 -24.42 -2.85
CA MET F 89 25.23 -24.13 -1.43
C MET F 89 26.19 -25.09 -0.72
N PRO F 90 27.06 -24.59 0.15
CA PRO F 90 27.95 -25.49 0.88
C PRO F 90 27.21 -26.32 1.92
N VAL F 91 27.55 -27.60 1.99
CA VAL F 91 27.00 -28.53 2.97
C VAL F 91 28.14 -29.15 3.75
N ARG F 92 27.97 -29.27 5.06
CA ARG F 92 29.01 -29.78 5.93
C ARG F 92 29.04 -31.31 5.93
N SER F 93 30.23 -31.88 5.91
CA SER F 93 30.41 -33.32 5.83
C SER F 93 31.48 -33.77 6.83
N ASP F 94 31.57 -35.09 6.98
CA ASP F 94 32.58 -35.67 7.87
C ASP F 94 33.89 -35.98 7.17
N LYS F 95 33.88 -36.19 5.86
CA LYS F 95 35.12 -36.43 5.13
C LYS F 95 35.77 -35.15 4.67
N VAL F 96 34.99 -34.09 4.48
CA VAL F 96 35.52 -32.81 4.01
C VAL F 96 34.78 -31.69 4.72
N PRO F 97 35.45 -30.56 4.94
CA PRO F 97 34.79 -29.44 5.64
C PRO F 97 33.47 -29.03 5.02
N PHE F 98 33.43 -28.79 3.72
CA PHE F 98 32.16 -28.48 3.06
C PHE F 98 32.20 -28.95 1.62
N LEU F 99 31.06 -29.44 1.14
CA LEU F 99 30.87 -29.80 -0.25
C LEU F 99 29.93 -28.81 -0.91
N MET F 100 30.08 -28.68 -2.23
CA MET F 100 29.19 -27.82 -3.00
C MET F 100 27.94 -28.60 -3.39
N ALA F 101 26.79 -28.18 -2.89
CA ALA F 101 25.55 -28.92 -3.06
C ALA F 101 24.67 -28.24 -4.12
N ILE F 102 24.23 -29.04 -5.09
CA ILE F 102 23.28 -28.60 -6.11
C ILE F 102 22.29 -29.73 -6.35
N SER F 103 21.12 -29.37 -6.84
CA SER F 103 20.06 -30.32 -7.10
C SER F 103 19.85 -30.48 -8.60
N ASP F 104 19.23 -31.61 -8.98
CA ASP F 104 18.90 -31.83 -10.38
C ASP F 104 17.86 -30.83 -10.87
N GLU F 105 16.93 -30.43 -9.99
CA GLU F 105 15.94 -29.42 -10.37
C GLU F 105 16.60 -28.06 -10.57
N VAL F 106 17.60 -27.73 -9.76
CA VAL F 106 18.34 -26.49 -9.97
C VAL F 106 19.08 -26.52 -11.29
N LEU F 107 19.70 -27.66 -11.61
CA LEU F 107 20.38 -27.81 -12.90
C LEU F 107 19.40 -27.66 -14.05
N GLN F 108 18.22 -28.27 -13.94
CA GLN F 108 17.21 -28.15 -14.99
C GLN F 108 16.74 -26.71 -15.14
N GLU F 109 16.56 -26.01 -14.02
CA GLU F 109 16.17 -24.60 -14.06
C GLU F 109 17.23 -23.76 -14.75
N LEU F 110 18.51 -24.03 -14.47
CA LEU F 110 19.59 -23.30 -15.11
C LEU F 110 19.61 -23.58 -16.62
N ILE F 111 19.41 -24.83 -17.00
CA ILE F 111 19.39 -25.19 -18.41
C ILE F 111 18.25 -24.47 -19.13
N THR F 112 17.06 -24.48 -18.52
CA THR F 112 15.91 -23.80 -19.10
C THR F 112 16.15 -22.29 -19.19
N LYS F 113 16.74 -21.70 -18.16
CA LYS F 113 17.02 -20.26 -18.19
C LYS F 113 18.01 -19.91 -19.29
N MET F 114 19.05 -20.71 -19.45
CA MET F 114 20.01 -20.45 -20.51
C MET F 114 19.39 -20.63 -21.89
N LYS F 115 18.53 -21.62 -22.04
CA LYS F 115 17.84 -21.82 -23.32
C LYS F 115 16.93 -20.64 -23.64
N PHE F 116 16.21 -20.13 -22.64
CA PHE F 116 15.25 -19.06 -22.90
C PHE F 116 15.95 -17.72 -23.17
N PHE F 117 16.98 -17.40 -22.39
CA PHE F 117 17.59 -16.09 -22.43
C PHE F 117 18.70 -15.97 -23.48
N ASN F 118 19.34 -17.07 -23.84
CA ASN F 118 20.42 -17.09 -24.83
C ASN F 118 21.59 -16.21 -24.39
N CYS F 119 22.18 -16.57 -23.26
CA CYS F 119 23.37 -15.90 -22.81
C CYS F 119 24.54 -16.24 -23.74
N GLU F 120 25.65 -15.52 -23.57
CA GLU F 120 26.71 -15.55 -24.57
C GLU F 120 27.27 -16.95 -24.78
N GLU F 121 27.69 -17.61 -23.70
CA GLU F 121 28.32 -18.91 -23.79
C GLU F 121 27.34 -20.05 -23.53
N ALA F 122 26.08 -19.87 -23.93
CA ALA F 122 25.03 -20.78 -23.52
C ALA F 122 25.12 -22.14 -24.18
N THR F 123 25.56 -22.21 -25.44
CA THR F 123 25.39 -23.44 -26.22
C THR F 123 26.18 -24.59 -25.61
N GLN F 124 27.48 -24.39 -25.38
CA GLN F 124 28.32 -25.46 -24.84
C GLN F 124 27.86 -25.86 -23.45
N TYR F 125 27.54 -24.88 -22.61
CA TYR F 125 27.11 -25.18 -21.25
C TYR F 125 25.80 -25.96 -21.26
N ILE F 126 24.85 -25.58 -22.11
CA ILE F 126 23.59 -26.30 -22.20
C ILE F 126 23.82 -27.73 -22.65
N SER F 127 24.66 -27.91 -23.68
CA SER F 127 24.92 -29.26 -24.19
C SER F 127 25.51 -30.15 -23.10
N HIS F 128 26.54 -29.67 -22.42
CA HIS F 128 27.22 -30.51 -21.44
C HIS F 128 26.39 -30.69 -20.17
N LEU F 129 25.63 -29.66 -19.76
CA LEU F 129 24.76 -29.79 -18.60
C LEU F 129 23.60 -30.75 -18.87
N SER F 130 23.06 -30.71 -20.09
CA SER F 130 22.02 -31.67 -20.46
C SER F 130 22.57 -33.09 -20.48
N THR F 131 23.78 -33.26 -20.99
CA THR F 131 24.42 -34.57 -20.93
C THR F 131 24.56 -35.04 -19.49
N LEU F 132 25.01 -34.15 -18.60
CA LEU F 132 25.17 -34.50 -17.20
C LEU F 132 23.85 -34.89 -16.56
N LEU F 133 22.79 -34.11 -16.83
CA LEU F 133 21.49 -34.40 -16.25
C LEU F 133 20.94 -35.72 -16.76
N ASP F 134 21.12 -35.99 -18.05
CA ASP F 134 20.65 -37.26 -18.61
C ASP F 134 21.39 -38.44 -17.99
N ASN F 135 22.71 -38.33 -17.83
CA ASN F 135 23.46 -39.40 -17.18
C ASN F 135 23.00 -39.61 -15.75
N ILE F 136 22.78 -38.51 -15.02
CA ILE F 136 22.37 -38.58 -13.62
C ILE F 136 21.01 -39.25 -13.50
N LYS F 137 20.07 -38.90 -14.38
CA LYS F 137 18.75 -39.50 -14.31
C LYS F 137 18.78 -40.97 -14.74
N THR F 138 19.62 -41.31 -15.71
CA THR F 138 19.74 -42.70 -16.11
C THR F 138 20.29 -43.55 -14.98
N GLN F 139 21.27 -43.03 -14.23
CA GLN F 139 21.84 -43.80 -13.14
C GLN F 139 20.89 -43.85 -11.94
N ALA F 140 20.22 -42.74 -11.63
CA ALA F 140 19.37 -42.68 -10.45
C ALA F 140 18.18 -43.64 -10.55
N GLN F 141 17.57 -43.73 -11.73
CA GLN F 141 16.41 -44.58 -11.97
C GLN F 141 15.25 -44.25 -11.03
N GLY F 142 15.02 -42.95 -10.81
CA GLY F 142 13.88 -42.51 -10.03
C GLY F 142 14.05 -42.56 -8.53
N THR F 143 15.20 -43.01 -8.03
CA THR F 143 15.42 -43.09 -6.60
C THR F 143 16.12 -41.83 -6.09
N ASP F 144 16.35 -41.78 -4.78
CA ASP F 144 17.08 -40.69 -4.17
C ASP F 144 18.57 -40.92 -4.37
N PHE F 145 19.32 -39.83 -4.51
CA PHE F 145 20.74 -39.95 -4.78
C PHE F 145 21.50 -38.79 -4.18
N ALA F 146 22.80 -39.02 -3.98
CA ALA F 146 23.76 -37.96 -3.64
C ALA F 146 25.06 -38.37 -4.32
N TYR F 147 25.35 -37.76 -5.47
CA TYR F 147 26.42 -38.20 -6.34
C TYR F 147 27.62 -37.29 -6.20
N VAL F 148 28.77 -37.89 -5.91
CA VAL F 148 30.05 -37.19 -5.85
C VAL F 148 30.90 -37.65 -7.01
N PHE F 149 31.81 -36.78 -7.45
CA PHE F 149 32.63 -37.05 -8.61
C PHE F 149 34.10 -37.25 -8.28
N ASP F 150 34.54 -36.88 -7.08
CA ASP F 150 35.83 -37.28 -6.58
C ASP F 150 35.67 -38.61 -5.84
N PRO F 151 36.36 -39.67 -6.24
CA PRO F 151 36.17 -40.97 -5.58
C PRO F 151 36.55 -40.95 -4.10
N LEU F 152 37.38 -39.98 -3.68
CA LEU F 152 37.78 -39.90 -2.29
C LEU F 152 36.61 -39.53 -1.39
N LEU F 153 35.61 -38.83 -1.93
CA LEU F 153 34.45 -38.43 -1.13
C LEU F 153 33.33 -39.46 -1.20
N GLN F 154 33.65 -40.72 -0.97
CA GLN F 154 32.66 -41.79 -0.98
C GLN F 154 32.18 -42.04 0.44
N GLY F 155 30.89 -42.27 0.59
CA GLY F 155 30.31 -42.47 1.90
C GLY F 155 30.21 -41.23 2.76
N ALA F 156 30.53 -40.07 2.20
CA ALA F 156 30.47 -38.83 2.97
C ALA F 156 29.05 -38.53 3.40
N ILE F 157 28.92 -37.95 4.59
CA ILE F 157 27.61 -37.60 5.13
C ILE F 157 27.29 -36.17 4.71
N ILE F 158 26.20 -36.00 3.98
CA ILE F 158 25.77 -34.68 3.51
C ILE F 158 24.90 -34.11 4.62
N GLU F 159 25.54 -33.49 5.60
CA GLU F 159 24.90 -32.97 6.80
C GLU F 159 24.17 -34.06 7.55
N GLU F 160 22.99 -34.45 7.06
CA GLU F 160 22.19 -35.46 7.74
C GLU F 160 22.73 -36.85 7.47
N VAL F 161 22.68 -37.71 8.49
CA VAL F 161 23.23 -39.05 8.37
C VAL F 161 22.47 -39.89 7.34
N SER F 162 21.21 -39.54 7.04
CA SER F 162 20.45 -40.32 6.08
C SER F 162 20.96 -40.10 4.66
N ILE F 163 21.66 -39.00 4.42
CA ILE F 163 22.17 -38.67 3.09
C ILE F 163 23.65 -39.02 3.07
N ARG F 164 24.00 -40.09 2.36
CA ARG F 164 25.38 -40.52 2.18
C ARG F 164 25.71 -40.53 0.70
N ALA F 165 26.94 -40.16 0.37
CA ALA F 165 27.34 -39.91 -1.01
C ALA F 165 27.91 -41.17 -1.64
N THR F 166 27.48 -41.45 -2.86
CA THR F 166 28.02 -42.52 -3.68
C THR F 166 28.70 -41.91 -4.89
N CYS F 167 29.79 -42.54 -5.32
CA CYS F 167 30.50 -42.06 -6.49
C CYS F 167 30.14 -42.93 -7.68
N PRO F 168 29.31 -42.47 -8.60
CA PRO F 168 29.06 -43.25 -9.81
C PRO F 168 30.05 -42.92 -10.91
N SER F 169 30.73 -43.93 -11.43
CA SER F 169 31.57 -43.75 -12.60
C SER F 169 30.66 -43.64 -13.82
N HIS F 170 31.26 -43.57 -15.01
CA HIS F 170 30.60 -43.36 -16.30
C HIS F 170 29.99 -41.96 -16.41
N ILE F 171 30.06 -41.15 -15.37
CA ILE F 171 29.48 -39.82 -15.34
C ILE F 171 30.62 -38.82 -15.23
N PRO F 172 31.05 -38.22 -16.34
CA PRO F 172 32.16 -37.26 -16.27
C PRO F 172 31.66 -35.87 -15.92
N LEU F 173 32.45 -35.18 -15.10
CA LEU F 173 32.25 -33.77 -14.83
C LEU F 173 33.35 -32.98 -15.53
N GLN F 174 32.96 -32.09 -16.43
CA GLN F 174 33.93 -31.32 -17.17
C GLN F 174 34.61 -30.30 -16.25
N PRO F 175 35.86 -29.93 -16.55
CA PRO F 175 36.52 -28.89 -15.73
C PRO F 175 35.77 -27.58 -15.72
N SER F 176 35.15 -27.20 -16.84
CA SER F 176 34.41 -25.95 -16.89
C SER F 176 33.15 -26.01 -16.03
N LEU F 177 32.49 -27.18 -15.99
CA LEU F 177 31.35 -27.34 -15.10
C LEU F 177 31.78 -27.33 -13.64
N LYS F 178 32.97 -27.85 -13.35
CA LYS F 178 33.52 -27.73 -12.00
C LYS F 178 33.78 -26.27 -11.64
N LYS F 179 34.29 -25.50 -12.60
CA LYS F 179 34.51 -24.08 -12.35
C LYS F 179 33.20 -23.35 -12.10
N LEU F 180 32.16 -23.68 -12.86
CA LEU F 180 30.88 -23.01 -12.68
C LEU F 180 30.21 -23.41 -11.37
N LEU F 181 30.15 -24.70 -11.08
CA LEU F 181 29.37 -25.19 -9.95
C LEU F 181 30.17 -25.20 -8.64
N GLY F 182 31.42 -25.61 -8.68
CA GLY F 182 32.25 -25.59 -7.48
C GLY F 182 33.07 -26.84 -7.26
N ASP F 183 34.17 -26.70 -6.54
CA ASP F 183 35.01 -27.83 -6.19
C ASP F 183 34.36 -28.66 -5.09
N ARG F 184 34.61 -29.96 -5.13
CA ARG F 184 33.97 -30.92 -4.23
C ARG F 184 32.45 -30.81 -4.33
N LEU F 185 31.94 -31.11 -5.53
CA LEU F 185 30.53 -30.95 -5.85
C LEU F 185 29.77 -32.24 -5.58
N VAL F 186 28.58 -32.10 -5.01
CA VAL F 186 27.66 -33.21 -4.80
C VAL F 186 26.34 -32.88 -5.49
N ILE F 187 25.83 -33.81 -6.27
CA ILE F 187 24.58 -33.64 -7.00
C ILE F 187 23.48 -34.31 -6.20
N LEU F 188 22.53 -33.52 -5.72
CA LEU F 188 21.52 -34.00 -4.80
C LEU F 188 20.16 -34.12 -5.49
N SER F 189 19.34 -35.01 -4.96
CA SER F 189 17.95 -35.09 -5.40
C SER F 189 17.19 -33.88 -4.86
N HIS F 190 15.99 -33.67 -5.43
CA HIS F 190 15.20 -32.51 -5.02
C HIS F 190 14.80 -32.61 -3.56
N LYS F 191 14.44 -33.81 -3.10
CA LYS F 191 14.05 -33.98 -1.70
C LYS F 191 15.18 -33.62 -0.76
N TYR F 192 16.39 -34.10 -1.05
CA TYR F 192 17.54 -33.82 -0.19
C TYR F 192 17.88 -32.33 -0.20
N PHE F 193 17.86 -31.70 -1.36
CA PHE F 193 18.22 -30.28 -1.44
C PHE F 193 17.16 -29.41 -0.78
N SER F 194 15.89 -29.82 -0.88
CA SER F 194 14.83 -29.11 -0.16
C SER F 194 15.01 -29.26 1.35
N ILE F 195 15.37 -30.45 1.80
CA ILE F 195 15.61 -30.66 3.24
C ILE F 195 16.77 -29.80 3.71
N LEU F 196 17.86 -29.78 2.95
CA LEU F 196 19.06 -29.08 3.40
C LEU F 196 18.94 -27.57 3.32
N SER F 197 18.03 -27.06 2.49
CA SER F 197 17.91 -25.62 2.28
C SER F 197 16.61 -25.05 2.85
N ASP F 198 15.87 -25.82 3.65
CA ASP F 198 14.65 -25.29 4.23
C ASP F 198 14.99 -24.46 5.48
N ASP F 199 13.93 -23.95 6.13
CA ASP F 199 14.15 -23.01 7.22
C ASP F 199 14.75 -23.67 8.45
N ASN F 200 14.52 -24.97 8.64
CA ASN F 200 15.07 -25.66 9.79
C ASN F 200 16.52 -26.07 9.63
N HIS F 201 17.06 -26.03 8.41
CA HIS F 201 18.42 -26.50 8.16
C HIS F 201 19.37 -25.41 7.68
N LEU F 202 18.88 -24.25 7.27
CA LEU F 202 19.77 -23.17 6.89
C LEU F 202 20.48 -22.62 8.12
N PRO F 203 21.71 -22.10 7.97
CA PRO F 203 22.44 -21.59 9.13
C PRO F 203 21.71 -20.46 9.82
N VAL F 204 21.77 -20.46 11.14
CA VAL F 204 21.20 -19.40 11.96
C VAL F 204 22.29 -18.85 12.87
N LEU F 205 22.31 -17.53 13.02
CA LEU F 205 23.26 -16.86 13.88
C LEU F 205 22.50 -16.19 15.02
N SER F 206 22.96 -16.41 16.25
CA SER F 206 22.32 -15.84 17.41
C SER F 206 22.90 -14.46 17.71
N ARG F 207 22.01 -13.53 18.04
CA ARG F 207 22.42 -12.16 18.32
C ARG F 207 21.63 -11.64 19.52
N ASN F 208 22.27 -10.82 20.35
CA ASN F 208 21.61 -10.21 21.49
C ASN F 208 22.02 -8.74 21.59
N ASN F 209 21.28 -8.01 22.41
CA ASN F 209 21.54 -6.60 22.68
C ASN F 209 21.92 -6.45 24.14
N LEU F 210 23.03 -5.75 24.39
CA LEU F 210 23.55 -5.58 25.73
C LEU F 210 23.42 -4.12 26.15
N GLU F 211 22.95 -3.91 27.38
CA GLU F 211 22.84 -2.58 27.98
C GLU F 211 23.65 -2.59 29.28
N ASN F 212 24.77 -1.88 29.27
CA ASN F 212 25.71 -1.89 30.39
C ASN F 212 26.15 -3.32 30.72
N GLY F 213 26.43 -4.10 29.67
CA GLY F 213 26.90 -5.45 29.85
C GLY F 213 25.85 -6.47 30.21
N GLN F 214 24.57 -6.11 30.20
CA GLN F 214 23.48 -7.03 30.53
C GLN F 214 22.54 -7.15 29.34
N SER F 215 22.08 -8.37 29.09
CA SER F 215 21.32 -8.66 27.88
C SER F 215 19.94 -8.02 27.93
N ALA F 216 19.61 -7.30 26.86
CA ALA F 216 18.32 -6.63 26.72
C ALA F 216 17.40 -7.35 25.74
N ASN F 217 17.88 -7.62 24.53
CA ASN F 217 17.11 -8.34 23.52
C ASN F 217 17.85 -9.61 23.12
N LEU F 218 17.19 -10.38 22.26
CA LEU F 218 17.74 -11.63 21.74
C LEU F 218 16.97 -12.01 20.49
N TRP F 219 17.68 -12.37 19.43
CA TRP F 219 17.02 -12.82 18.22
C TRP F 219 17.97 -13.68 17.41
N TYR F 220 17.40 -14.44 16.48
CA TYR F 220 18.15 -15.29 15.57
C TYR F 220 17.97 -14.79 14.15
N GLU F 221 19.04 -14.86 13.36
CA GLU F 221 19.01 -14.42 11.98
C GLU F 221 19.41 -15.55 11.06
N GLN F 222 18.59 -15.82 10.05
CA GLN F 222 18.93 -16.80 9.03
C GLN F 222 19.88 -16.17 8.02
N VAL F 223 20.93 -16.90 7.68
CA VAL F 223 21.93 -16.40 6.74
C VAL F 223 22.20 -17.46 5.68
N LEU F 224 22.68 -17.00 4.56
CA LEU F 224 23.13 -17.85 3.48
C LEU F 224 24.59 -18.20 3.69
N PRO F 225 24.94 -19.49 3.73
CA PRO F 225 26.30 -19.88 4.13
C PRO F 225 27.36 -19.29 3.21
N ARG F 226 28.54 -19.10 3.79
CA ARG F 226 29.66 -18.49 3.07
C ARG F 226 30.07 -19.37 1.89
N TYR F 227 30.55 -18.72 0.83
CA TYR F 227 31.01 -19.37 -0.41
C TYR F 227 29.85 -19.96 -1.20
N SER F 228 28.64 -19.50 -0.97
CA SER F 228 27.50 -19.88 -1.79
C SER F 228 27.60 -19.20 -3.15
N ARG F 229 27.02 -19.85 -4.16
CA ARG F 229 27.06 -19.35 -5.53
C ARG F 229 25.66 -19.07 -6.03
N LEU F 230 25.46 -17.89 -6.60
CA LEU F 230 24.19 -17.47 -7.17
C LEU F 230 24.43 -16.94 -8.58
N TYR F 231 23.47 -17.14 -9.47
CA TYR F 231 23.59 -16.70 -10.85
C TYR F 231 22.45 -15.73 -11.19
N PHE F 232 22.78 -14.70 -11.96
CA PHE F 232 21.81 -13.75 -12.45
C PHE F 232 22.17 -13.36 -13.88
N MET F 233 21.18 -12.86 -14.60
CA MET F 233 21.33 -12.53 -16.01
C MET F 233 21.21 -11.03 -16.20
N LEU F 234 22.11 -10.48 -17.02
CA LEU F 234 22.18 -9.04 -17.26
C LEU F 234 22.06 -8.79 -18.76
N MET F 235 21.00 -8.09 -19.16
CA MET F 235 20.82 -7.70 -20.56
C MET F 235 21.13 -6.22 -20.70
N ASP F 236 22.03 -5.90 -21.62
CA ASP F 236 22.29 -4.51 -21.94
C ASP F 236 21.27 -4.02 -22.97
N GLY F 237 20.66 -2.89 -22.68
CA GLY F 237 19.45 -2.46 -23.35
C GLY F 237 19.66 -1.30 -24.31
N ASN F 238 20.67 -1.42 -25.16
CA ASN F 238 21.13 -0.36 -26.06
C ASN F 238 21.94 0.66 -25.28
N ALA F 239 22.55 0.21 -24.19
CA ALA F 239 23.44 1.06 -23.43
C ALA F 239 24.71 1.35 -24.23
N GLN F 240 25.38 2.43 -23.86
CA GLN F 240 26.56 2.86 -24.59
C GLN F 240 27.68 1.85 -24.43
N SER F 241 28.53 1.76 -25.47
CA SER F 241 29.50 0.67 -25.56
C SER F 241 30.59 0.78 -24.49
N GLU F 242 31.21 1.96 -24.34
CA GLU F 242 32.34 2.05 -23.44
C GLU F 242 31.91 2.08 -21.98
N TYR F 243 30.74 2.65 -21.70
CA TYR F 243 30.20 2.55 -20.35
C TYR F 243 29.91 1.11 -19.98
N LEU F 244 29.34 0.35 -20.92
CA LEU F 244 29.10 -1.07 -20.69
C LEU F 244 30.42 -1.81 -20.47
N LYS F 245 31.43 -1.49 -21.26
CA LYS F 245 32.74 -2.13 -21.10
C LYS F 245 33.34 -1.83 -19.73
N LYS F 246 33.26 -0.57 -19.29
CA LYS F 246 33.78 -0.23 -17.97
C LYS F 246 33.02 -0.94 -16.88
N PHE F 247 31.70 -1.03 -17.01
CA PHE F 247 30.89 -1.79 -16.06
C PHE F 247 31.32 -3.25 -16.00
N ARG F 248 31.53 -3.86 -17.18
CA ARG F 248 31.92 -5.26 -17.23
C ARG F 248 33.29 -5.49 -16.61
N ASP F 249 34.26 -4.62 -16.91
CA ASP F 249 35.60 -4.79 -16.37
C ASP F 249 35.62 -4.58 -14.86
N THR F 250 35.01 -3.49 -14.39
CA THR F 250 35.02 -3.20 -12.96
C THR F 250 34.28 -4.27 -12.18
N LEU F 251 33.15 -4.76 -12.72
CA LEU F 251 32.37 -5.78 -12.03
C LEU F 251 33.15 -7.07 -11.90
N CYS F 252 33.84 -7.49 -12.96
CA CYS F 252 34.47 -8.80 -13.00
C CYS F 252 35.94 -8.79 -12.59
N THR F 253 36.50 -7.63 -12.24
CA THR F 253 37.91 -7.59 -11.86
C THR F 253 38.10 -8.34 -10.54
N PRO F 254 39.27 -8.96 -10.34
CA PRO F 254 39.47 -9.76 -9.11
C PRO F 254 39.30 -8.97 -7.82
N SER F 255 39.67 -7.70 -7.82
CA SER F 255 39.70 -6.90 -6.60
C SER F 255 38.35 -6.29 -6.25
N THR F 256 37.29 -6.60 -6.99
CA THR F 256 35.97 -6.05 -6.73
C THR F 256 35.23 -6.92 -5.73
N ILE F 257 34.89 -6.35 -4.58
CA ILE F 257 34.05 -7.00 -3.58
C ILE F 257 32.82 -6.12 -3.39
N ILE F 258 31.65 -6.70 -3.59
CA ILE F 258 30.40 -5.95 -3.60
C ILE F 258 29.55 -6.41 -2.42
N GLN F 259 28.95 -5.46 -1.73
CA GLN F 259 28.10 -5.75 -0.57
C GLN F 259 26.65 -5.82 -1.02
N ILE F 260 26.04 -6.99 -0.87
CA ILE F 260 24.64 -7.21 -1.17
C ILE F 260 23.94 -7.68 0.09
N GLY F 261 22.81 -7.06 0.41
CA GLY F 261 22.04 -7.48 1.55
C GLY F 261 22.11 -6.56 2.75
N ALA F 262 21.91 -7.11 3.94
CA ALA F 262 21.85 -6.34 5.17
C ALA F 262 23.10 -6.56 5.99
N ASN F 263 23.18 -5.83 7.11
CA ASN F 263 24.26 -5.99 8.09
C ASN F 263 25.62 -5.83 7.44
N ALA F 264 25.77 -4.75 6.67
CA ALA F 264 27.02 -4.48 5.97
C ALA F 264 28.16 -4.20 6.94
N SER F 265 27.89 -3.43 8.00
CA SER F 265 28.94 -3.00 8.91
C SER F 265 29.52 -4.15 9.72
N ILE F 266 28.79 -5.25 9.84
CA ILE F 266 29.30 -6.44 10.53
C ILE F 266 29.73 -7.51 9.55
N GLY F 267 30.00 -7.12 8.30
CA GLY F 267 30.70 -7.97 7.35
C GLY F 267 29.87 -9.01 6.63
N TYR F 268 28.55 -8.89 6.62
CA TYR F 268 27.71 -9.99 6.14
C TYR F 268 27.78 -10.23 4.63
N GLY F 269 27.32 -9.28 3.83
CA GLY F 269 27.00 -9.60 2.44
C GLY F 269 28.04 -9.29 1.39
N TYR F 270 29.29 -9.70 1.60
CA TYR F 270 30.38 -9.34 0.70
C TYR F 270 30.60 -10.43 -0.33
N CYS F 271 30.60 -10.05 -1.61
CA CYS F 271 30.53 -11.00 -2.71
C CYS F 271 31.50 -10.62 -3.81
N GLN F 272 31.83 -11.61 -4.64
CA GLN F 272 32.59 -11.44 -5.86
C GLN F 272 31.72 -11.87 -7.04
N ILE F 273 31.65 -11.02 -8.06
CA ILE F 273 30.80 -11.27 -9.23
C ILE F 273 31.71 -11.59 -10.42
N SER F 274 31.48 -12.74 -11.03
CA SER F 274 32.29 -13.21 -12.14
C SER F 274 31.41 -13.54 -13.33
N GLU F 275 31.97 -13.41 -14.52
CA GLU F 275 31.24 -13.65 -15.75
C GLU F 275 31.44 -15.08 -16.23
N LEU F 276 30.44 -15.59 -16.95
CA LEU F 276 30.45 -16.95 -17.44
C LEU F 276 31.59 -17.12 -18.44
N SER F 277 32.62 -17.86 -18.06
CA SER F 277 33.78 -18.03 -18.90
C SER F 277 33.46 -18.92 -20.09
N PRO F 278 34.15 -18.74 -21.21
CA PRO F 278 33.98 -19.65 -22.34
C PRO F 278 34.32 -21.08 -21.96
N PHE F 279 33.53 -22.02 -22.46
CA PHE F 279 33.73 -23.43 -22.17
C PHE F 279 35.00 -23.94 -22.84
N MET G 1 -9.47 1.25 -3.57
CA MET G 1 -10.70 1.61 -2.86
C MET G 1 -10.57 3.00 -2.23
N LYS G 2 -11.70 3.63 -1.96
CA LYS G 2 -11.74 4.95 -1.36
C LYS G 2 -11.57 4.83 0.16
N ILE G 3 -11.64 5.97 0.83
CA ILE G 3 -11.56 6.02 2.28
C ILE G 3 -12.97 6.12 2.83
N SER G 4 -13.32 5.20 3.73
CA SER G 4 -14.64 5.21 4.34
C SER G 4 -14.66 6.21 5.49
N LYS G 5 -15.48 7.26 5.33
CA LYS G 5 -15.54 8.31 6.35
C LYS G 5 -16.07 7.79 7.67
N LYS G 6 -17.08 6.92 7.63
CA LYS G 6 -17.66 6.38 8.86
C LYS G 6 -16.63 5.57 9.63
N GLN G 7 -15.81 4.79 8.94
CA GLN G 7 -14.78 4.01 9.60
C GLN G 7 -13.71 4.91 10.21
N ILE G 8 -13.39 6.02 9.54
CA ILE G 8 -12.45 6.98 10.11
C ILE G 8 -13.03 7.60 11.38
N GLU G 9 -14.34 7.88 11.38
CA GLU G 9 -14.98 8.41 12.57
C GLU G 9 -14.93 7.41 13.71
N TYR G 10 -15.22 6.13 13.42
CA TYR G 10 -15.09 5.10 14.44
C TYR G 10 -13.67 5.01 14.95
N ALA G 11 -12.69 5.16 14.06
CA ALA G 11 -11.29 5.14 14.47
C ALA G 11 -10.97 6.28 15.43
N ILE G 12 -11.48 7.47 15.13
CA ILE G 12 -11.26 8.62 16.01
C ILE G 12 -11.82 8.34 17.39
N GLU G 13 -13.07 7.89 17.44
CA GLU G 13 -13.71 7.60 18.73
C GLU G 13 -12.95 6.53 19.49
N ALA G 14 -12.53 5.46 18.80
CA ALA G 14 -11.86 4.35 19.46
C ALA G 14 -10.47 4.76 19.94
N LEU G 15 -9.77 5.60 19.16
CA LEU G 15 -8.46 6.08 19.58
C LEU G 15 -8.57 6.95 20.82
N ARG G 16 -9.63 7.77 20.90
CA ARG G 16 -9.81 8.57 22.11
C ARG G 16 -10.21 7.71 23.30
N ALA G 17 -11.09 6.72 23.08
CA ALA G 17 -11.61 5.93 24.19
C ALA G 17 -10.55 5.00 24.77
N ASN G 18 -9.71 4.43 23.91
CA ASN G 18 -8.72 3.44 24.33
C ASN G 18 -7.43 4.07 24.80
N ASN G 19 -7.40 5.39 24.97
CA ASN G 19 -6.30 6.10 25.63
C ASN G 19 -5.01 6.03 24.85
N ILE G 20 -5.10 6.11 23.52
CA ILE G 20 -3.90 6.26 22.70
C ILE G 20 -3.62 7.74 22.45
N ILE G 21 -4.66 8.53 22.24
CA ILE G 21 -4.53 9.97 22.03
C ILE G 21 -4.77 10.66 23.36
N THR G 22 -3.82 11.49 23.78
CA THR G 22 -3.94 12.23 25.02
C THR G 22 -4.87 13.42 24.84
N ASN G 23 -5.11 14.15 25.92
CA ASN G 23 -6.03 15.28 25.84
C ASN G 23 -5.49 16.39 24.96
N ASP G 24 -4.17 16.52 24.85
CA ASP G 24 -3.61 17.51 23.93
C ASP G 24 -3.25 16.80 22.62
N ASN G 25 -4.23 16.05 22.11
CA ASN G 25 -4.21 15.41 20.79
C ASN G 25 -2.84 14.85 20.39
N GLN G 26 -2.28 13.96 21.19
CA GLN G 26 -0.94 13.45 20.95
C GLN G 26 -0.86 11.97 21.32
N TYR G 27 0.08 11.27 20.71
CA TYR G 27 0.30 9.85 20.93
C TYR G 27 1.79 9.56 21.07
N PRO G 28 2.15 8.43 21.70
CA PRO G 28 3.57 8.20 22.06
C PRO G 28 4.50 7.82 20.91
N LYS G 29 4.08 8.00 19.66
CA LYS G 29 4.94 7.96 18.49
C LYS G 29 5.37 6.55 18.09
N VAL G 30 5.13 5.55 18.94
CA VAL G 30 5.37 4.16 18.56
C VAL G 30 4.12 3.52 17.97
N PHE G 31 2.96 4.15 18.14
CA PHE G 31 1.71 3.52 17.73
C PHE G 31 1.50 3.53 16.22
N LYS G 32 2.06 4.52 15.51
CA LYS G 32 1.94 4.50 14.06
C LYS G 32 2.68 3.30 13.47
N GLY G 33 3.88 3.03 13.98
CA GLY G 33 4.57 1.81 13.63
C GLY G 33 3.79 0.58 14.04
N TYR G 34 3.14 0.66 15.21
CA TYR G 34 2.32 -0.48 15.65
C TYR G 34 1.22 -0.81 14.64
N ILE G 35 0.49 0.21 14.17
CA ILE G 35 -0.60 -0.04 13.23
C ILE G 35 -0.09 -0.52 11.89
N SER G 36 0.96 0.12 11.36
CA SER G 36 1.49 -0.31 10.07
C SER G 36 2.02 -1.74 10.14
N SER G 37 2.76 -2.06 11.20
CA SER G 37 3.24 -3.41 11.42
C SER G 37 2.09 -4.38 11.60
N PHE G 38 0.99 -3.96 12.22
CA PHE G 38 -0.16 -4.85 12.35
C PHE G 38 -0.72 -5.23 10.99
N GLY G 39 -0.88 -4.25 10.11
CA GLY G 39 -1.36 -4.56 8.77
C GLY G 39 -0.42 -5.51 8.05
N ALA G 40 0.88 -5.19 8.07
CA ALA G 40 1.86 -6.04 7.38
C ALA G 40 1.88 -7.44 7.96
N ALA G 41 1.79 -7.56 9.28
CA ALA G 41 1.84 -8.86 9.93
C ALA G 41 0.60 -9.68 9.64
N VAL G 42 -0.56 -9.03 9.58
CA VAL G 42 -1.78 -9.74 9.22
C VAL G 42 -1.67 -10.31 7.81
N ILE G 43 -1.08 -9.53 6.90
CA ILE G 43 -0.89 -10.05 5.55
C ILE G 43 0.12 -11.19 5.53
N GLN G 44 1.23 -11.05 6.26
CA GLN G 44 2.36 -11.95 6.08
C GLN G 44 2.30 -13.21 6.93
N SER G 45 1.65 -13.18 8.08
CA SER G 45 1.68 -14.30 9.01
C SER G 45 0.32 -14.87 9.36
N GLY G 46 -0.76 -14.17 9.08
CA GLY G 46 -2.09 -14.65 9.41
C GLY G 46 -2.72 -13.84 10.53
N LEU G 47 -4.05 -13.90 10.57
CA LEU G 47 -4.80 -13.08 11.51
C LEU G 47 -4.53 -13.46 12.95
N ILE G 48 -4.66 -14.75 13.27
CA ILE G 48 -4.57 -15.19 14.66
C ILE G 48 -3.18 -14.93 15.25
N PRO G 49 -2.08 -15.31 14.61
CA PRO G 49 -0.76 -15.02 15.22
C PRO G 49 -0.48 -13.53 15.38
N ALA G 50 -0.88 -12.72 14.40
CA ALA G 50 -0.67 -11.27 14.53
C ALA G 50 -1.48 -10.69 15.67
N ILE G 51 -2.73 -11.13 15.82
CA ILE G 51 -3.57 -10.65 16.90
C ILE G 51 -2.99 -11.08 18.25
N ILE G 52 -2.49 -12.31 18.33
CA ILE G 52 -1.89 -12.78 19.58
C ILE G 52 -0.63 -11.97 19.90
N PHE G 53 0.18 -11.68 18.88
CA PHE G 53 1.40 -10.91 19.10
C PHE G 53 1.11 -9.50 19.59
N PHE G 54 0.19 -8.82 18.92
CA PHE G 54 -0.08 -7.43 19.29
C PHE G 54 -0.99 -7.30 20.50
N GLU G 55 -1.69 -8.37 20.88
CA GLU G 55 -2.55 -8.36 22.05
C GLU G 55 -1.84 -8.82 23.32
N ASN G 56 -0.62 -9.32 23.19
CA ASN G 56 0.14 -9.78 24.35
C ASN G 56 0.49 -8.60 25.25
N GLU G 57 0.32 -8.79 26.56
CA GLU G 57 0.58 -7.74 27.52
C GLU G 57 1.89 -7.91 28.26
N ASP G 58 2.49 -9.10 28.24
CA ASP G 58 3.79 -9.34 28.86
C ASP G 58 4.93 -9.12 27.87
N ASN G 59 4.93 -7.97 27.22
CA ASN G 59 5.90 -7.66 26.17
C ASN G 59 6.91 -6.63 26.65
N ASP G 60 8.10 -6.70 26.07
CA ASP G 60 9.14 -5.70 26.33
C ASP G 60 9.02 -4.64 25.24
N ALA G 61 7.87 -4.00 25.18
CA ALA G 61 7.57 -2.98 24.20
C ALA G 61 7.71 -1.60 24.83
N ASN G 62 7.93 -0.60 23.97
CA ASN G 62 8.10 0.77 24.45
C ASN G 62 6.84 1.28 25.13
N ALA G 63 5.67 0.97 24.60
CA ALA G 63 4.42 1.48 25.15
C ALA G 63 3.42 0.33 25.21
N ASP G 64 2.16 0.66 25.47
CA ASP G 64 1.10 -0.34 25.62
C ASP G 64 0.60 -0.72 24.23
N ARG G 65 1.26 -1.70 23.63
CA ARG G 65 0.95 -2.13 22.28
C ARG G 65 -0.42 -2.78 22.20
N HIS G 66 -0.90 -3.37 23.30
CA HIS G 66 -2.18 -4.06 23.30
C HIS G 66 -3.37 -3.13 23.17
N LYS G 67 -3.16 -1.81 23.25
CA LYS G 67 -4.25 -0.86 23.08
C LYS G 67 -4.74 -0.81 21.64
N ILE G 68 -3.89 -1.15 20.67
CA ILE G 68 -4.34 -1.13 19.29
C ILE G 68 -5.36 -2.23 19.03
N ILE G 69 -5.27 -3.34 19.76
CA ILE G 69 -6.30 -4.37 19.64
C ILE G 69 -7.62 -3.89 20.25
N GLY G 70 -7.57 -3.12 21.32
CA GLY G 70 -8.78 -2.51 21.84
C GLY G 70 -9.41 -1.54 20.86
N VAL G 71 -8.58 -0.76 20.18
CA VAL G 71 -9.09 0.14 19.15
C VAL G 71 -9.72 -0.65 18.01
N LEU G 72 -9.07 -1.74 17.60
CA LEU G 72 -9.62 -2.62 16.58
C LEU G 72 -10.98 -3.17 17.01
N LYS G 73 -11.07 -3.63 18.25
CA LYS G 73 -12.32 -4.17 18.77
C LYS G 73 -13.42 -3.11 18.75
N ASP G 74 -13.09 -1.89 19.18
CA ASP G 74 -14.11 -0.83 19.21
C ASP G 74 -14.57 -0.49 17.81
N ILE G 75 -13.65 -0.41 16.85
CA ILE G 75 -14.03 -0.10 15.48
C ILE G 75 -14.92 -1.20 14.91
N ILE G 76 -14.57 -2.46 15.17
CA ILE G 76 -15.36 -3.57 14.64
C ILE G 76 -16.74 -3.59 15.26
N ASN G 77 -16.83 -3.33 16.57
CA ASN G 77 -18.12 -3.26 17.22
C ASN G 77 -18.96 -2.12 16.65
N ALA G 78 -18.34 -0.96 16.42
CA ALA G 78 -19.07 0.18 15.87
C ALA G 78 -19.58 -0.10 14.47
N MET G 79 -18.77 -0.75 13.63
CA MET G 79 -19.21 -1.03 12.27
C MET G 79 -20.20 -2.19 12.21
N ARG G 80 -20.11 -3.13 13.15
CA ARG G 80 -21.13 -4.17 13.24
C ARG G 80 -22.47 -3.60 13.70
N GLN G 81 -22.43 -2.59 14.56
CA GLN G 81 -23.58 -1.71 14.71
C GLN G 81 -23.79 -0.94 13.41
N GLN G 82 -25.03 -0.60 13.13
CA GLN G 82 -25.48 0.00 11.87
C GLN G 82 -25.25 -0.90 10.66
N TYR G 83 -24.94 -2.18 10.87
CA TYR G 83 -25.08 -3.17 9.81
C TYR G 83 -26.56 -3.35 9.50
N THR G 84 -26.91 -3.29 8.22
CA THR G 84 -28.31 -3.48 7.85
C THR G 84 -28.74 -4.92 8.14
N VAL G 85 -29.99 -5.07 8.52
CA VAL G 85 -30.51 -6.40 8.87
C VAL G 85 -31.49 -6.85 7.80
N THR G 86 -30.99 -7.56 6.80
CA THR G 86 -31.81 -8.20 5.79
C THR G 86 -31.46 -9.67 5.76
N ASP G 87 -32.44 -10.51 5.42
CA ASP G 87 -32.23 -11.95 5.43
C ASP G 87 -31.31 -12.42 4.32
N ALA G 88 -30.74 -11.50 3.54
CA ALA G 88 -29.77 -11.83 2.50
C ALA G 88 -28.37 -11.37 2.87
N THR G 89 -28.14 -10.99 4.12
CA THR G 89 -26.88 -10.39 4.53
C THR G 89 -25.94 -11.44 5.10
N ILE G 90 -24.69 -11.43 4.62
CA ILE G 90 -23.70 -12.41 5.07
C ILE G 90 -23.05 -12.04 6.39
N LEU G 91 -23.34 -10.84 6.90
CA LEU G 91 -22.65 -10.34 8.09
C LEU G 91 -23.35 -10.82 9.35
N VAL G 92 -22.56 -11.02 10.41
CA VAL G 92 -23.09 -11.55 11.66
C VAL G 92 -23.79 -10.47 12.48
N SER G 93 -23.16 -9.30 12.60
CA SER G 93 -23.65 -8.14 13.34
C SER G 93 -23.64 -8.35 14.85
N SER G 94 -23.27 -9.54 15.33
CA SER G 94 -23.20 -9.78 16.76
C SER G 94 -22.01 -9.05 17.36
N GLN G 95 -22.22 -8.37 18.48
CA GLN G 95 -21.21 -7.50 19.07
C GLN G 95 -20.23 -8.32 19.90
N ILE G 96 -18.94 -8.03 19.73
CA ILE G 96 -17.88 -8.72 20.46
C ILE G 96 -17.92 -8.28 21.91
N PRO G 97 -18.02 -9.20 22.86
CA PRO G 97 -18.10 -8.79 24.27
C PRO G 97 -16.81 -8.17 24.77
N ALA G 98 -16.95 -7.23 25.71
CA ALA G 98 -15.77 -6.65 26.34
C ALA G 98 -15.04 -7.64 27.24
N ASN G 99 -15.74 -8.66 27.73
CA ASN G 99 -15.08 -9.73 28.47
C ASN G 99 -14.13 -10.49 27.56
N TYR G 100 -14.57 -10.78 26.34
CA TYR G 100 -13.78 -11.58 25.42
C TYR G 100 -12.53 -10.84 24.97
N SER G 101 -11.41 -11.56 24.92
CA SER G 101 -10.25 -11.08 24.21
C SER G 101 -10.41 -11.40 22.72
N MET G 102 -9.72 -10.63 21.90
CA MET G 102 -9.90 -10.77 20.45
C MET G 102 -9.47 -12.14 19.96
N ALA G 103 -8.36 -12.67 20.50
CA ALA G 103 -7.83 -13.94 20.01
C ALA G 103 -8.78 -15.09 20.30
N GLN G 104 -9.30 -15.17 21.53
CA GLN G 104 -10.27 -16.22 21.82
C GLN G 104 -11.55 -16.04 21.01
N TYR G 105 -11.96 -14.79 20.76
CA TYR G 105 -13.15 -14.56 19.96
C TYR G 105 -12.97 -15.08 18.55
N ILE G 106 -11.81 -14.83 17.94
CA ILE G 106 -11.58 -15.35 16.60
C ILE G 106 -11.42 -16.88 16.63
N ILE G 107 -10.92 -17.42 17.75
CA ILE G 107 -10.75 -18.87 17.84
C ILE G 107 -12.10 -19.57 17.89
N GLU G 108 -13.01 -19.09 18.72
CA GLU G 108 -14.31 -19.75 18.88
C GLU G 108 -15.36 -19.27 17.88
N HIS G 109 -15.16 -18.12 17.24
CA HIS G 109 -16.00 -17.68 16.15
C HIS G 109 -15.11 -17.17 15.02
N GLY G 110 -14.62 -18.05 14.16
CA GLY G 110 -13.64 -17.64 13.18
C GLY G 110 -13.70 -18.35 11.85
N ASN G 111 -14.82 -18.96 11.53
CA ASN G 111 -14.93 -19.82 10.36
C ASN G 111 -15.16 -19.06 9.06
N THR G 112 -15.23 -17.73 9.10
CA THR G 112 -15.55 -16.94 7.92
C THR G 112 -14.61 -15.74 7.86
N ASP G 113 -14.29 -15.32 6.64
CA ASP G 113 -13.37 -14.21 6.37
C ASP G 113 -13.97 -12.83 6.66
N GLN G 114 -15.16 -12.81 7.27
CA GLN G 114 -15.75 -11.54 7.69
C GLN G 114 -14.86 -10.81 8.68
N LEU G 115 -14.33 -11.53 9.67
CA LEU G 115 -13.42 -10.93 10.63
C LEU G 115 -12.14 -10.42 9.97
N LEU G 116 -11.60 -11.18 9.02
CA LEU G 116 -10.40 -10.74 8.32
C LEU G 116 -10.65 -9.45 7.56
N LYS G 117 -11.77 -9.37 6.82
CA LYS G 117 -12.10 -8.17 6.08
C LYS G 117 -12.30 -6.98 7.01
N GLU G 118 -13.08 -7.18 8.08
CA GLU G 118 -13.33 -6.09 9.02
C GLU G 118 -12.04 -5.62 9.69
N ILE G 119 -11.14 -6.55 10.01
CA ILE G 119 -9.89 -6.18 10.65
C ILE G 119 -9.00 -5.40 9.68
N THR G 120 -8.97 -5.82 8.40
CA THR G 120 -8.19 -5.08 7.43
C THR G 120 -8.70 -3.65 7.28
N GLU G 121 -10.01 -3.48 7.14
CA GLU G 121 -10.57 -2.13 7.04
C GLU G 121 -10.33 -1.32 8.31
N ALA G 122 -10.46 -1.94 9.47
CA ALA G 122 -10.23 -1.23 10.72
C ALA G 122 -8.79 -0.79 10.86
N ALA G 123 -7.84 -1.65 10.45
CA ALA G 123 -6.43 -1.26 10.50
C ALA G 123 -6.14 -0.10 9.56
N VAL G 124 -6.72 -0.13 8.36
CA VAL G 124 -6.52 0.98 7.43
C VAL G 124 -7.11 2.27 8.00
N ALA G 125 -8.29 2.17 8.60
CA ALA G 125 -8.92 3.34 9.20
C ALA G 125 -8.08 3.90 10.33
N MET G 126 -7.53 3.02 11.17
CA MET G 126 -6.63 3.46 12.24
C MET G 126 -5.43 4.21 11.66
N LYS G 127 -4.82 3.63 10.62
CA LYS G 127 -3.64 4.25 10.01
C LYS G 127 -3.95 5.64 9.50
N LEU G 128 -5.08 5.79 8.80
CA LEU G 128 -5.42 7.08 8.22
C LEU G 128 -5.90 8.09 9.26
N ALA G 129 -6.54 7.63 10.32
CA ALA G 129 -7.02 8.53 11.36
C ALA G 129 -5.90 9.00 12.28
N LEU G 130 -4.88 8.17 12.50
CA LEU G 130 -3.79 8.58 13.37
C LEU G 130 -2.97 9.71 12.78
N ARG G 131 -3.05 9.93 11.46
CA ARG G 131 -2.33 11.02 10.83
C ARG G 131 -2.89 12.38 11.18
N MET G 132 -4.06 12.43 11.82
CA MET G 132 -4.68 13.68 12.23
C MET G 132 -4.14 14.19 13.56
N TYR G 133 -3.27 13.44 14.22
CA TYR G 133 -2.74 13.78 15.53
C TYR G 133 -1.22 13.93 15.45
N LYS G 134 -0.62 14.35 16.56
CA LYS G 134 0.81 14.59 16.63
C LYS G 134 1.47 13.57 17.56
N SER G 135 2.76 13.35 17.33
CA SER G 135 3.52 12.35 18.06
C SER G 135 4.43 13.03 19.06
N GLU G 136 4.31 12.64 20.33
CA GLU G 136 5.16 13.19 21.38
C GLU G 136 6.60 12.69 21.23
N MET H 1 5.36 -21.27 6.61
CA MET H 1 4.95 -21.85 7.87
C MET H 1 3.94 -20.97 8.58
N LYS H 2 2.66 -21.16 8.25
CA LYS H 2 1.57 -20.42 8.87
C LYS H 2 0.88 -21.31 9.89
N ILE H 3 0.69 -20.78 11.09
CA ILE H 3 0.05 -21.52 12.17
C ILE H 3 -1.46 -21.32 12.03
N SER H 4 -2.16 -22.40 11.69
CA SER H 4 -3.61 -22.34 11.58
C SER H 4 -4.24 -22.20 12.96
N LYS H 5 -5.49 -21.73 12.98
CA LYS H 5 -6.18 -21.57 14.26
C LYS H 5 -6.49 -22.92 14.90
N LYS H 6 -6.63 -23.97 14.09
CA LYS H 6 -6.87 -25.29 14.64
C LYS H 6 -5.66 -25.80 15.42
N GLN H 7 -4.46 -25.52 14.92
CA GLN H 7 -3.25 -25.89 15.66
C GLN H 7 -3.17 -25.15 16.98
N ILE H 8 -3.56 -23.87 16.99
CA ILE H 8 -3.55 -23.09 18.22
C ILE H 8 -4.61 -23.60 19.20
N GLU H 9 -5.76 -24.04 18.68
CA GLU H 9 -6.76 -24.68 19.54
C GLU H 9 -6.20 -25.95 20.16
N TYR H 10 -5.52 -26.76 19.34
CA TYR H 10 -4.87 -27.96 19.87
C TYR H 10 -3.87 -27.60 20.96
N ALA H 11 -3.10 -26.53 20.74
CA ALA H 11 -2.10 -26.11 21.72
C ALA H 11 -2.76 -25.67 23.02
N ILE H 12 -3.85 -24.91 22.94
CA ILE H 12 -4.53 -24.47 24.16
C ILE H 12 -5.09 -25.65 24.93
N GLU H 13 -5.75 -26.58 24.21
CA GLU H 13 -6.32 -27.74 24.89
C GLU H 13 -5.22 -28.61 25.49
N ALA H 14 -4.10 -28.77 24.80
CA ALA H 14 -2.99 -29.55 25.31
C ALA H 14 -2.35 -28.90 26.53
N LEU H 15 -2.22 -27.57 26.51
CA LEU H 15 -1.62 -26.87 27.64
C LEU H 15 -2.53 -26.94 28.86
N ARG H 16 -3.85 -26.92 28.65
CA ARG H 16 -4.76 -27.10 29.77
C ARG H 16 -4.74 -28.53 30.28
N ALA H 17 -4.71 -29.51 29.37
CA ALA H 17 -4.77 -30.91 29.76
C ALA H 17 -3.54 -31.34 30.54
N ASN H 18 -2.38 -30.76 30.23
CA ASN H 18 -1.14 -31.10 30.90
C ASN H 18 -0.86 -30.23 32.11
N ASN H 19 -1.87 -29.51 32.60
CA ASN H 19 -1.78 -28.74 33.84
C ASN H 19 -0.62 -27.73 33.81
N ILE H 20 -0.54 -27.00 32.70
CA ILE H 20 0.32 -25.85 32.61
C ILE H 20 -0.46 -24.55 32.80
N ILE H 21 -1.63 -24.45 32.17
CA ILE H 21 -2.52 -23.31 32.33
C ILE H 21 -3.64 -23.73 33.27
N THR H 22 -3.69 -23.12 34.44
CA THR H 22 -4.64 -23.49 35.47
C THR H 22 -6.03 -22.96 35.11
N ASN H 23 -7.01 -23.28 35.96
CA ASN H 23 -8.37 -22.78 35.76
C ASN H 23 -8.44 -21.27 35.89
N ASP H 24 -7.47 -20.65 36.54
CA ASP H 24 -7.38 -19.20 36.64
C ASP H 24 -6.91 -18.54 35.35
N ASN H 25 -6.56 -19.33 34.34
CA ASN H 25 -6.04 -18.84 33.06
C ASN H 25 -4.70 -18.14 33.26
N GLN H 26 -3.86 -18.71 34.12
CA GLN H 26 -2.50 -18.25 34.33
C GLN H 26 -1.56 -19.45 34.24
N TYR H 27 -0.29 -19.17 33.95
CA TYR H 27 0.71 -20.21 33.87
C TYR H 27 1.97 -19.77 34.61
N PRO H 28 2.78 -20.71 35.09
CA PRO H 28 4.09 -20.35 35.65
C PRO H 28 4.95 -19.68 34.59
N LYS H 29 5.58 -18.57 34.98
CA LYS H 29 6.26 -17.70 34.03
C LYS H 29 7.48 -18.36 33.39
N VAL H 30 8.04 -19.39 34.01
CA VAL H 30 9.24 -20.03 33.48
C VAL H 30 8.94 -20.86 32.24
N PHE H 31 7.67 -21.15 31.98
CA PHE H 31 7.33 -22.02 30.85
C PHE H 31 7.49 -21.33 29.52
N LYS H 32 7.35 -20.00 29.47
CA LYS H 32 7.62 -19.29 28.22
C LYS H 32 9.09 -19.39 27.86
N GLY H 33 9.98 -19.27 28.85
CA GLY H 33 11.39 -19.50 28.61
C GLY H 33 11.66 -20.93 28.20
N TYR H 34 10.97 -21.89 28.81
CA TYR H 34 11.12 -23.29 28.42
C TYR H 34 10.78 -23.50 26.95
N ILE H 35 9.66 -22.93 26.51
CA ILE H 35 9.21 -23.13 25.13
C ILE H 35 10.15 -22.44 24.15
N SER H 36 10.57 -21.22 24.46
CA SER H 36 11.53 -20.53 23.59
C SER H 36 12.85 -21.30 23.51
N SER H 37 13.33 -21.80 24.65
CA SER H 37 14.58 -22.54 24.67
C SER H 37 14.47 -23.83 23.86
N PHE H 38 13.33 -24.51 23.95
CA PHE H 38 13.13 -25.70 23.14
C PHE H 38 13.12 -25.38 21.65
N GLY H 39 12.45 -24.28 21.28
CA GLY H 39 12.47 -23.87 19.89
C GLY H 39 13.87 -23.62 19.38
N ALA H 40 14.69 -22.93 20.18
CA ALA H 40 16.07 -22.68 19.77
C ALA H 40 16.90 -23.95 19.74
N ALA H 41 16.65 -24.86 20.69
CA ALA H 41 17.44 -26.09 20.76
C ALA H 41 17.17 -26.99 19.57
N VAL H 42 15.92 -27.03 19.10
CA VAL H 42 15.60 -27.86 17.95
C VAL H 42 16.36 -27.40 16.72
N ILE H 43 16.52 -26.09 16.55
CA ILE H 43 17.17 -25.59 15.33
C ILE H 43 18.69 -25.61 15.48
N GLN H 44 19.22 -25.48 16.68
CA GLN H 44 20.68 -25.48 16.82
C GLN H 44 21.24 -26.88 17.00
N SER H 45 20.81 -27.58 18.06
CA SER H 45 21.35 -28.91 18.33
C SER H 45 20.69 -29.97 17.46
N GLY H 46 19.39 -30.08 17.55
CA GLY H 46 18.65 -31.08 16.79
C GLY H 46 17.45 -31.56 17.56
N LEU H 47 16.57 -32.26 16.85
CA LEU H 47 15.34 -32.75 17.45
C LEU H 47 15.62 -33.73 18.58
N ILE H 48 16.48 -34.71 18.33
CA ILE H 48 16.81 -35.71 19.35
C ILE H 48 17.44 -35.07 20.58
N PRO H 49 18.51 -34.27 20.47
CA PRO H 49 19.07 -33.67 21.69
C PRO H 49 18.10 -32.80 22.45
N ALA H 50 17.32 -31.98 21.75
CA ALA H 50 16.39 -31.08 22.41
C ALA H 50 15.32 -31.87 23.16
N ILE H 51 14.76 -32.90 22.53
CA ILE H 51 13.71 -33.66 23.19
C ILE H 51 14.27 -34.46 24.36
N ILE H 52 15.50 -34.98 24.23
CA ILE H 52 16.11 -35.68 25.35
C ILE H 52 16.30 -34.72 26.53
N PHE H 53 16.79 -33.52 26.26
CA PHE H 53 17.03 -32.57 27.33
C PHE H 53 15.73 -32.16 28.01
N PHE H 54 14.68 -31.89 27.23
CA PHE H 54 13.44 -31.39 27.80
C PHE H 54 12.50 -32.50 28.27
N GLU H 55 12.85 -33.76 28.04
CA GLU H 55 11.99 -34.88 28.38
C GLU H 55 12.36 -35.55 29.70
N ASN H 56 13.58 -35.40 30.18
CA ASN H 56 13.96 -36.03 31.42
C ASN H 56 13.25 -35.38 32.61
N GLU H 57 13.09 -36.15 33.68
CA GLU H 57 12.33 -35.72 34.84
C GLU H 57 13.18 -35.56 36.10
N ASP H 58 14.45 -35.92 36.06
CA ASP H 58 15.34 -35.77 37.20
C ASP H 58 16.14 -34.48 37.16
N ASN H 59 15.58 -33.43 36.56
CA ASN H 59 16.25 -32.15 36.44
C ASN H 59 16.06 -31.32 37.70
N ASP H 60 17.01 -30.41 37.93
CA ASP H 60 16.89 -29.44 39.03
C ASP H 60 16.37 -28.10 38.50
N ALA H 61 15.15 -28.14 37.99
CA ALA H 61 14.48 -26.95 37.46
C ALA H 61 13.39 -26.49 38.40
N ASN H 62 12.99 -25.23 38.23
CA ASN H 62 11.95 -24.65 39.09
C ASN H 62 10.63 -25.38 38.93
N ALA H 63 10.25 -25.69 37.69
CA ALA H 63 8.95 -26.28 37.38
C ALA H 63 9.14 -27.57 36.60
N ASP H 64 8.02 -28.19 36.23
CA ASP H 64 8.02 -29.45 35.50
C ASP H 64 8.13 -29.14 34.02
N ARG H 65 9.36 -28.90 33.56
CA ARG H 65 9.57 -28.59 32.15
C ARG H 65 9.38 -29.81 31.25
N HIS H 66 9.28 -31.02 31.82
CA HIS H 66 8.96 -32.19 31.01
C HIS H 66 7.52 -32.19 30.52
N LYS H 67 6.68 -31.29 31.01
CA LYS H 67 5.29 -31.21 30.57
C LYS H 67 5.14 -30.57 29.20
N ILE H 68 6.13 -29.80 28.75
CA ILE H 68 6.05 -29.26 27.41
C ILE H 68 6.19 -30.36 26.37
N ILE H 69 6.87 -31.45 26.73
CA ILE H 69 6.94 -32.60 25.82
C ILE H 69 5.59 -33.30 25.74
N GLY H 70 4.88 -33.41 26.86
CA GLY H 70 3.53 -33.94 26.82
C GLY H 70 2.60 -33.06 26.00
N VAL H 71 2.76 -31.74 26.11
CA VAL H 71 1.96 -30.82 25.29
C VAL H 71 2.27 -31.01 23.82
N LEU H 72 3.55 -31.18 23.49
CA LEU H 72 3.94 -31.48 22.11
C LEU H 72 3.30 -32.76 21.62
N LYS H 73 3.32 -33.80 22.45
CA LYS H 73 2.72 -35.07 22.08
C LYS H 73 1.23 -34.92 21.82
N ASP H 74 0.53 -34.17 22.67
CA ASP H 74 -0.90 -33.97 22.47
C ASP H 74 -1.18 -33.18 21.19
N ILE H 75 -0.40 -32.15 20.92
CA ILE H 75 -0.61 -31.36 19.71
C ILE H 75 -0.37 -32.21 18.47
N ILE H 76 0.68 -33.04 18.50
CA ILE H 76 1.00 -33.86 17.35
C ILE H 76 -0.05 -34.95 17.15
N ASN H 77 -0.56 -35.52 18.24
CA ASN H 77 -1.65 -36.49 18.13
C ASN H 77 -2.89 -35.84 17.56
N ALA H 78 -3.22 -34.62 17.99
CA ALA H 78 -4.39 -33.93 17.48
C ALA H 78 -4.22 -33.60 15.99
N MET H 79 -3.02 -33.19 15.58
CA MET H 79 -2.78 -32.94 14.17
C MET H 79 -2.90 -34.22 13.34
N ARG H 80 -2.35 -35.33 13.84
CA ARG H 80 -2.43 -36.60 13.13
C ARG H 80 -3.84 -37.15 13.09
N GLN H 81 -4.69 -36.78 14.05
CA GLN H 81 -6.08 -37.22 14.03
C GLN H 81 -6.86 -36.64 12.87
N GLN H 82 -6.43 -35.51 12.32
CA GLN H 82 -7.14 -34.85 11.23
C GLN H 82 -6.43 -35.01 9.89
N TYR H 83 -5.55 -35.99 9.76
CA TYR H 83 -4.90 -36.28 8.49
C TYR H 83 -5.88 -37.01 7.58
N THR H 84 -5.98 -36.57 6.33
CA THR H 84 -6.88 -37.20 5.40
C THR H 84 -6.32 -38.53 4.92
N VAL H 85 -7.15 -39.29 4.19
CA VAL H 85 -6.73 -40.59 3.69
C VAL H 85 -5.59 -40.42 2.69
N THR H 86 -5.62 -39.35 1.90
CA THR H 86 -4.54 -39.09 0.95
C THR H 86 -3.24 -38.77 1.67
N ASP H 87 -3.32 -38.03 2.78
CA ASP H 87 -2.14 -37.78 3.59
C ASP H 87 -1.58 -39.07 4.18
N ALA H 88 -2.46 -39.99 4.59
CA ALA H 88 -2.03 -41.20 5.26
C ALA H 88 -1.18 -42.10 4.36
N THR H 89 -1.21 -41.87 3.05
CA THR H 89 -0.37 -42.66 2.14
C THR H 89 1.10 -42.24 2.23
N ILE H 90 1.37 -40.96 2.44
CA ILE H 90 2.74 -40.47 2.53
C ILE H 90 3.11 -40.21 3.99
N LEU H 91 2.15 -39.70 4.75
CA LEU H 91 2.40 -39.25 6.12
C LEU H 91 1.95 -40.33 7.10
N VAL H 92 2.76 -40.53 8.14
CA VAL H 92 2.44 -41.52 9.16
C VAL H 92 1.33 -40.97 10.04
N SER H 93 0.10 -41.37 9.77
CA SER H 93 -1.06 -40.91 10.52
C SER H 93 -1.39 -41.95 11.59
N SER H 94 -0.46 -42.11 12.53
CA SER H 94 -0.64 -43.05 13.63
C SER H 94 -0.42 -42.30 14.93
N GLN H 95 -1.37 -42.47 15.86
CA GLN H 95 -1.30 -41.78 17.13
C GLN H 95 -0.04 -42.20 17.89
N ILE H 96 0.68 -41.22 18.43
CA ILE H 96 1.82 -41.54 19.29
C ILE H 96 1.29 -42.27 20.53
N PRO H 97 1.87 -43.41 20.91
CA PRO H 97 1.17 -44.34 21.80
C PRO H 97 0.76 -43.78 23.15
N ALA H 98 1.47 -42.77 23.67
CA ALA H 98 1.27 -42.24 25.02
C ALA H 98 1.75 -43.26 26.05
N ASN H 99 2.39 -42.77 27.12
CA ASN H 99 3.25 -43.52 28.02
C ASN H 99 4.52 -43.97 27.30
N TYR H 100 4.68 -43.64 26.03
CA TYR H 100 5.88 -43.90 25.26
C TYR H 100 6.80 -42.69 25.32
N SER H 101 8.09 -42.93 25.42
CA SER H 101 9.05 -41.83 25.34
C SER H 101 9.01 -41.21 23.96
N MET H 102 8.91 -39.88 23.91
CA MET H 102 8.86 -39.20 22.63
C MET H 102 10.19 -39.34 21.89
N ALA H 103 11.30 -39.27 22.63
CA ALA H 103 12.60 -39.49 22.04
C ALA H 103 12.71 -40.91 21.47
N GLN H 104 12.19 -41.89 22.20
CA GLN H 104 12.18 -43.26 21.71
C GLN H 104 11.36 -43.37 20.43
N TYR H 105 10.21 -42.70 20.38
CA TYR H 105 9.38 -42.72 19.17
C TYR H 105 10.13 -42.13 17.99
N ILE H 106 10.79 -40.99 18.19
CA ILE H 106 11.47 -40.35 17.07
C ILE H 106 12.66 -41.18 16.62
N ILE H 107 13.36 -41.81 17.57
CA ILE H 107 14.48 -42.70 17.21
C ILE H 107 13.98 -43.88 16.41
N GLU H 108 12.87 -44.49 16.83
CA GLU H 108 12.36 -45.66 16.14
C GLU H 108 11.78 -45.33 14.78
N HIS H 109 11.31 -44.11 14.58
CA HIS H 109 10.68 -43.73 13.32
C HIS H 109 11.66 -43.03 12.39
N GLY H 110 12.92 -43.47 12.40
CA GLY H 110 13.95 -42.85 11.60
C GLY H 110 14.32 -41.49 12.16
N ASN H 111 14.50 -40.52 11.28
CA ASN H 111 14.52 -39.12 11.69
C ASN H 111 13.81 -38.29 10.65
N THR H 112 12.64 -38.76 10.24
CA THR H 112 11.97 -38.22 9.06
C THR H 112 11.68 -36.73 9.22
N ASP H 113 11.72 -36.02 8.09
CA ASP H 113 11.38 -34.61 8.09
C ASP H 113 9.97 -34.37 8.61
N GLN H 114 9.07 -35.34 8.47
CA GLN H 114 7.71 -35.19 8.93
C GLN H 114 7.65 -34.81 10.40
N LEU H 115 8.37 -35.57 11.24
CA LEU H 115 8.37 -35.30 12.67
C LEU H 115 9.00 -33.94 12.96
N LEU H 116 10.04 -33.57 12.23
CA LEU H 116 10.68 -32.28 12.46
C LEU H 116 9.74 -31.12 12.17
N LYS H 117 9.05 -31.16 11.02
CA LYS H 117 8.08 -30.10 10.73
C LYS H 117 6.94 -30.11 11.73
N GLU H 118 6.45 -31.29 12.10
CA GLU H 118 5.35 -31.37 13.06
C GLU H 118 5.74 -30.75 14.38
N ILE H 119 6.94 -31.08 14.88
CA ILE H 119 7.38 -30.58 16.18
C ILE H 119 7.65 -29.08 16.12
N THR H 120 8.24 -28.61 15.01
CA THR H 120 8.47 -27.17 14.88
C THR H 120 7.16 -26.40 14.89
N GLU H 121 6.19 -26.85 14.09
CA GLU H 121 4.89 -26.19 14.06
C GLU H 121 4.20 -26.24 15.41
N ALA H 122 4.25 -27.40 16.07
CA ALA H 122 3.63 -27.54 17.38
C ALA H 122 4.29 -26.65 18.42
N ALA H 123 5.61 -26.50 18.37
CA ALA H 123 6.29 -25.62 19.32
C ALA H 123 5.92 -24.16 19.09
N VAL H 124 5.82 -23.74 17.82
CA VAL H 124 5.39 -22.37 17.54
C VAL H 124 3.96 -22.15 18.02
N ALA H 125 3.09 -23.16 17.81
CA ALA H 125 1.71 -23.05 18.26
C ALA H 125 1.63 -22.97 19.78
N MET H 126 2.45 -23.76 20.47
CA MET H 126 2.49 -23.69 21.94
C MET H 126 2.95 -22.32 22.41
N LYS H 127 3.96 -21.76 21.74
CA LYS H 127 4.45 -20.42 22.07
C LYS H 127 3.33 -19.39 21.93
N LEU H 128 2.61 -19.43 20.81
CA LEU H 128 1.53 -18.47 20.60
C LEU H 128 0.40 -18.67 21.60
N ALA H 129 0.05 -19.93 21.88
CA ALA H 129 -1.01 -20.22 22.83
C ALA H 129 -0.65 -19.73 24.23
N LEU H 130 0.60 -19.92 24.64
CA LEU H 130 1.04 -19.37 25.91
C LEU H 130 0.97 -17.86 25.92
N ARG H 131 1.31 -17.22 24.80
CA ARG H 131 1.18 -15.77 24.72
C ARG H 131 -0.27 -15.31 24.73
N MET H 132 -1.23 -16.20 24.45
CA MET H 132 -2.63 -15.87 24.66
C MET H 132 -2.98 -15.60 26.12
N TYR H 133 -2.18 -16.08 27.07
CA TYR H 133 -2.53 -16.07 28.48
C TYR H 133 -1.52 -15.25 29.28
N LYS H 134 -1.67 -15.27 30.60
CA LYS H 134 -0.94 -14.38 31.50
C LYS H 134 -0.03 -15.17 32.44
N SER H 135 1.14 -14.60 32.73
CA SER H 135 2.06 -15.23 33.67
C SER H 135 1.57 -15.07 35.10
N GLU H 136 1.85 -16.07 35.91
CA GLU H 136 1.45 -16.05 37.32
C GLU H 136 2.30 -15.04 38.09
N MET I 1 43.90 -36.35 8.68
CA MET I 1 42.58 -36.67 9.20
C MET I 1 42.38 -36.15 10.64
N PRO I 2 43.22 -36.57 11.61
CA PRO I 2 42.98 -36.11 12.98
C PRO I 2 43.51 -34.71 13.25
N LYS I 3 44.64 -34.36 12.65
CA LYS I 3 45.29 -33.07 12.84
C LYS I 3 45.45 -32.39 11.49
N ASN I 4 45.86 -31.12 11.53
CA ASN I 4 46.07 -30.32 10.32
C ASN I 4 44.76 -30.23 9.51
N TYR I 5 43.85 -29.42 10.07
CA TYR I 5 42.46 -29.34 9.64
C TYR I 5 42.28 -29.41 8.12
N THR I 6 42.80 -28.42 7.39
CA THR I 6 42.79 -28.34 5.92
C THR I 6 41.42 -28.57 5.28
N LEU I 7 41.33 -28.38 3.96
CA LEU I 7 40.08 -28.52 3.23
C LEU I 7 39.90 -29.90 2.61
N GLN I 8 40.97 -30.66 2.45
CA GLN I 8 40.90 -31.96 1.79
C GLN I 8 40.65 -33.12 2.76
N ASN I 9 41.09 -33.00 4.00
CA ASN I 9 40.94 -34.09 4.98
C ASN I 9 40.54 -33.47 6.32
N ALA I 10 39.23 -33.37 6.55
CA ALA I 10 38.72 -32.84 7.80
C ALA I 10 37.25 -33.18 7.92
N SER I 11 36.74 -33.08 9.15
CA SER I 11 35.32 -33.04 9.41
C SER I 11 34.95 -31.64 9.86
N ASN I 12 33.80 -31.15 9.41
CA ASN I 12 33.36 -29.82 9.81
C ASN I 12 33.22 -29.77 11.32
N LEU I 13 33.97 -28.84 11.95
CA LEU I 13 33.95 -28.76 13.41
C LEU I 13 32.57 -28.41 13.93
N GLY I 14 31.85 -27.53 13.23
CA GLY I 14 30.49 -27.23 13.63
C GLY I 14 29.56 -28.42 13.47
N TRP I 15 29.72 -29.16 12.38
CA TRP I 15 28.95 -30.37 12.19
C TRP I 15 29.22 -31.38 13.30
N LEU I 16 30.51 -31.60 13.59
CA LEU I 16 30.89 -32.50 14.67
C LEU I 16 30.29 -32.06 16.00
N PHE I 17 30.27 -30.75 16.26
CA PHE I 17 29.82 -30.26 17.55
C PHE I 17 28.30 -30.31 17.69
N TYR I 18 27.57 -30.05 16.61
CA TYR I 18 26.13 -29.87 16.73
C TYR I 18 25.31 -31.03 16.18
N LYS I 19 25.62 -31.54 14.99
CA LYS I 19 24.77 -32.57 14.42
C LYS I 19 25.25 -33.98 14.72
N ASP I 20 26.55 -34.23 14.58
CA ASP I 20 27.09 -35.56 14.81
C ASP I 20 27.36 -35.86 16.28
N TYR I 21 27.26 -34.86 17.16
CA TYR I 21 27.59 -35.08 18.56
C TYR I 21 26.69 -36.15 19.18
N TYR I 22 25.39 -35.98 19.07
CA TYR I 22 24.43 -36.94 19.63
C TYR I 22 23.93 -37.89 18.56
N ARG I 23 24.88 -38.55 17.89
CA ARG I 23 24.53 -39.59 16.93
C ARG I 23 24.15 -40.86 17.67
N GLN I 24 23.14 -41.54 17.16
CA GLN I 24 22.60 -42.71 17.86
C GLN I 24 23.39 -43.94 17.46
N GLU I 25 24.27 -44.38 18.33
CA GLU I 25 25.11 -45.54 18.12
C GLU I 25 24.38 -46.79 18.58
N PRO I 26 24.79 -47.97 18.09
CA PRO I 26 24.03 -49.19 18.41
C PRO I 26 23.88 -49.45 19.90
N ASN I 27 24.90 -49.15 20.72
CA ASN I 27 24.78 -49.37 22.16
C ASN I 27 25.34 -48.14 22.90
N VAL I 28 24.50 -47.13 23.09
CA VAL I 28 24.90 -45.97 23.87
C VAL I 28 23.87 -45.61 24.94
N ASP I 29 22.60 -45.44 24.57
CA ASP I 29 21.49 -45.27 25.51
C ASP I 29 21.72 -44.09 26.47
N PHE I 30 21.67 -42.87 25.91
CA PHE I 30 21.56 -41.71 26.78
C PHE I 30 20.13 -41.18 26.87
N ILE I 31 19.14 -41.95 26.39
CA ILE I 31 17.75 -41.56 26.57
C ILE I 31 17.33 -41.71 28.03
N SER I 32 17.66 -42.85 28.63
CA SER I 32 17.20 -43.16 29.97
C SER I 32 18.05 -42.44 31.02
N THR I 33 17.46 -42.27 32.20
CA THR I 33 18.19 -41.66 33.31
C THR I 33 19.40 -42.50 33.71
N GLN I 34 19.23 -43.82 33.73
CA GLN I 34 20.34 -44.70 34.06
C GLN I 34 21.46 -44.59 33.03
N GLY I 35 21.10 -44.53 31.74
CA GLY I 35 22.10 -44.46 30.71
C GLY I 35 22.79 -43.12 30.57
N LYS I 36 22.15 -42.05 31.01
CA LYS I 36 22.79 -40.74 30.99
C LYS I 36 24.00 -40.67 31.91
N GLU I 37 24.02 -41.47 32.97
CA GLU I 37 25.07 -41.46 33.96
C GLU I 37 26.07 -42.59 33.77
N SER I 38 25.88 -43.45 32.78
CA SER I 38 26.67 -44.65 32.64
C SER I 38 28.08 -44.35 32.13
N ASP I 39 28.95 -45.34 32.27
CA ASP I 39 30.31 -45.21 31.75
C ASP I 39 30.34 -45.34 30.23
N THR I 40 29.39 -46.07 29.65
CA THR I 40 29.34 -46.16 28.19
C THR I 40 29.04 -44.81 27.56
N THR I 41 28.10 -44.07 28.13
CA THR I 41 27.80 -42.73 27.64
C THR I 41 28.98 -41.79 27.82
N ALA I 42 29.65 -41.88 28.97
CA ALA I 42 30.82 -41.04 29.21
C ALA I 42 31.93 -41.36 28.22
N ASP I 43 32.16 -42.64 27.93
CA ASP I 43 33.17 -43.03 26.96
C ASP I 43 32.80 -42.53 25.56
N PHE I 44 31.54 -42.65 25.18
CA PHE I 44 31.08 -42.14 23.89
C PHE I 44 31.38 -40.65 23.75
N PHE I 45 30.99 -39.88 24.76
CA PHE I 45 31.20 -38.44 24.68
C PHE I 45 32.67 -38.08 24.79
N ARG I 46 33.46 -38.88 25.50
CA ARG I 46 34.90 -38.66 25.56
C ARG I 46 35.54 -38.85 24.19
N LYS I 47 35.13 -39.90 23.47
CA LYS I 47 35.66 -40.11 22.12
C LYS I 47 35.25 -38.97 21.19
N THR I 48 34.00 -38.53 21.27
CA THR I 48 33.56 -37.42 20.44
C THR I 48 34.36 -36.15 20.76
N ASN I 49 34.57 -35.88 22.04
CA ASN I 49 35.34 -34.71 22.45
C ASN I 49 36.77 -34.79 21.97
N GLN I 50 37.39 -35.97 22.05
CA GLN I 50 38.75 -36.13 21.56
C GLN I 50 38.81 -35.87 20.06
N ARG I 51 37.82 -36.35 19.31
CA ARG I 51 37.79 -36.06 17.89
C ARG I 51 37.70 -34.56 17.63
N ILE I 52 36.88 -33.86 18.42
CA ILE I 52 36.72 -32.42 18.19
C ILE I 52 37.99 -31.66 18.54
N THR I 53 38.68 -32.06 19.61
CA THR I 53 39.82 -31.31 20.11
C THR I 53 41.14 -31.72 19.49
N ALA I 54 41.14 -32.60 18.49
CA ALA I 54 42.37 -33.12 17.92
C ALA I 54 42.87 -32.33 16.71
N TYR I 55 42.15 -31.30 16.29
CA TYR I 55 42.51 -30.56 15.08
C TYR I 55 43.41 -29.38 15.41
N GLN I 56 44.49 -29.22 14.65
CA GLN I 56 45.33 -28.04 14.70
C GLN I 56 45.23 -27.28 13.39
N LEU I 57 45.78 -26.06 13.38
CA LEU I 57 45.72 -25.19 12.23
C LEU I 57 47.12 -24.66 11.91
N ASN I 58 47.52 -24.78 10.66
CA ASN I 58 48.79 -24.29 10.19
C ASN I 58 48.68 -22.83 9.77
N SER I 59 49.77 -22.09 9.96
CA SER I 59 49.77 -20.68 9.59
C SER I 59 49.55 -20.50 8.10
N GLU I 60 50.19 -21.33 7.29
CA GLU I 60 50.04 -21.27 5.83
C GLU I 60 48.84 -22.09 5.35
N SER I 61 47.68 -21.83 5.93
CA SER I 61 46.47 -22.53 5.55
C SER I 61 45.81 -21.81 4.38
N PRO I 62 45.41 -22.51 3.33
CA PRO I 62 44.69 -21.84 2.23
C PRO I 62 43.41 -21.18 2.67
N LEU I 63 42.74 -21.70 3.71
CA LEU I 63 41.54 -21.06 4.23
C LEU I 63 41.84 -19.66 4.76
N VAL I 64 42.77 -19.57 5.69
CA VAL I 64 43.13 -18.28 6.28
C VAL I 64 43.78 -17.37 5.24
N ALA I 65 44.54 -17.95 4.32
CA ALA I 65 45.11 -17.15 3.24
C ALA I 65 44.03 -16.52 2.38
N ALA I 66 42.97 -17.29 2.08
CA ALA I 66 41.83 -16.74 1.35
C ALA I 66 41.15 -15.64 2.16
N PHE I 67 41.03 -15.83 3.48
CA PHE I 67 40.48 -14.77 4.32
C PHE I 67 41.32 -13.50 4.22
N ASN I 68 42.65 -13.65 4.25
CA ASN I 68 43.52 -12.48 4.16
C ASN I 68 43.40 -11.81 2.80
N ASN I 69 43.25 -12.60 1.74
CA ASN I 69 43.12 -12.03 0.41
C ASN I 69 41.79 -11.31 0.24
N HIS I 70 40.73 -11.80 0.89
CA HIS I 70 39.42 -11.19 0.71
C HIS I 70 39.22 -9.97 1.61
N PHE I 71 39.54 -10.09 2.90
CA PHE I 71 39.19 -9.08 3.87
C PHE I 71 40.31 -8.11 4.21
N GLY I 72 41.53 -8.36 3.73
CA GLY I 72 42.63 -7.45 3.96
C GLY I 72 43.62 -8.01 4.96
N THR I 73 44.60 -7.16 5.31
CA THR I 73 45.62 -7.57 6.26
C THR I 73 45.01 -7.77 7.64
N PRO I 74 45.20 -8.92 8.26
CA PRO I 74 44.61 -9.16 9.59
C PRO I 74 45.35 -8.42 10.69
N LEU I 75 44.62 -8.10 11.75
CA LEU I 75 45.21 -7.68 13.00
C LEU I 75 45.40 -8.92 13.86
N GLN I 76 46.65 -9.27 14.15
CA GLN I 76 46.98 -10.55 14.75
C GLN I 76 47.19 -10.38 16.25
N LEU I 77 46.41 -11.11 17.03
CA LEU I 77 46.52 -11.13 18.49
C LEU I 77 46.55 -12.59 18.96
N LYS I 78 46.98 -12.78 20.21
CA LYS I 78 47.16 -14.10 20.79
C LYS I 78 46.24 -14.25 22.00
N THR I 79 45.71 -15.46 22.16
CA THR I 79 44.89 -15.79 23.32
C THR I 79 45.78 -16.24 24.46
N ILE I 80 45.50 -15.73 25.66
CA ILE I 80 46.22 -16.14 26.85
C ILE I 80 45.29 -17.00 27.69
N TYR I 81 45.87 -17.70 28.66
CA TYR I 81 45.11 -18.61 29.50
C TYR I 81 44.09 -17.83 30.31
N PRO I 82 42.86 -18.34 30.49
CA PRO I 82 42.34 -19.66 30.12
C PRO I 82 41.98 -19.83 28.66
N GLY I 83 41.73 -18.78 27.89
CA GLY I 83 41.39 -18.98 26.50
C GLY I 83 40.29 -18.04 26.05
N LEU I 84 39.51 -18.50 25.08
CA LEU I 84 38.47 -17.68 24.46
C LEU I 84 37.20 -18.50 24.32
N ILE I 85 36.08 -17.93 24.75
CA ILE I 85 34.76 -18.54 24.60
C ILE I 85 33.91 -17.58 23.78
N THR I 86 33.24 -18.11 22.77
CA THR I 86 32.26 -17.34 22.02
C THR I 86 31.08 -18.24 21.68
N GLY I 87 29.90 -17.62 21.57
CA GLY I 87 28.68 -18.36 21.36
C GLY I 87 28.27 -19.22 22.53
N SER I 88 28.53 -18.77 23.75
CA SER I 88 28.30 -19.60 24.94
C SER I 88 26.82 -19.91 25.17
N GLY I 89 25.92 -19.08 24.65
CA GLY I 89 24.50 -19.27 24.87
C GLY I 89 23.81 -20.20 23.92
N LEU I 90 24.52 -20.75 22.94
CA LEU I 90 23.89 -21.63 21.96
C LEU I 90 23.49 -22.94 22.63
N PRO I 91 22.27 -23.43 22.40
CA PRO I 91 21.80 -24.61 23.12
C PRO I 91 22.48 -25.91 22.68
N HIS I 92 23.35 -26.44 23.53
CA HIS I 92 24.03 -27.70 23.29
C HIS I 92 24.06 -28.44 24.63
N GLN I 93 23.02 -29.24 24.89
CA GLN I 93 22.88 -29.86 26.20
C GLN I 93 21.80 -30.93 26.14
N THR I 94 22.06 -32.06 26.80
CA THR I 94 21.06 -33.12 26.94
C THR I 94 20.92 -33.66 28.36
N GLY I 95 21.87 -33.44 29.23
CA GLY I 95 21.82 -34.00 30.57
C GLY I 95 22.69 -35.21 30.81
N SER I 96 23.73 -35.41 30.00
CA SER I 96 24.59 -36.58 30.08
C SER I 96 25.91 -36.19 30.74
N LYS I 97 26.75 -37.20 30.95
CA LYS I 97 28.03 -37.04 31.64
C LYS I 97 29.16 -37.08 30.62
N GLY I 98 30.11 -36.16 30.76
CA GLY I 98 31.18 -36.02 29.80
C GLY I 98 30.83 -35.19 28.58
N GLU I 99 29.63 -34.61 28.56
CA GLU I 99 29.11 -33.87 27.42
C GLU I 99 29.47 -32.40 27.51
N PHE I 100 29.68 -31.78 26.34
CA PHE I 100 29.86 -30.34 26.26
C PHE I 100 28.51 -29.66 26.46
N LYS I 101 28.42 -28.78 27.45
CA LYS I 101 27.15 -28.22 27.86
C LYS I 101 27.01 -26.73 27.53
N LEU I 102 28.00 -26.15 26.86
CA LEU I 102 27.93 -24.77 26.43
C LEU I 102 28.13 -24.72 24.92
N GLY I 103 27.45 -23.77 24.28
CA GLY I 103 27.59 -23.62 22.85
C GLY I 103 28.93 -23.03 22.45
N PHE I 104 29.25 -23.20 21.18
CA PHE I 104 30.47 -22.65 20.60
C PHE I 104 30.15 -22.09 19.22
N GLN I 105 30.76 -20.96 18.89
CA GLN I 105 30.50 -20.28 17.63
C GLN I 105 31.41 -20.86 16.56
N PHE I 106 30.83 -21.62 15.64
CA PHE I 106 31.55 -22.23 14.53
C PHE I 106 31.05 -21.64 13.22
N ASP I 107 31.99 -21.32 12.33
CA ASP I 107 31.60 -20.95 10.98
C ASP I 107 30.94 -22.12 10.29
N TYR I 108 29.86 -21.84 9.57
CA TYR I 108 29.10 -22.93 8.94
C TYR I 108 29.90 -23.57 7.81
N THR I 109 30.36 -22.76 6.85
CA THR I 109 31.02 -23.32 5.68
C THR I 109 32.36 -23.95 6.03
N THR I 110 33.20 -23.22 6.76
CA THR I 110 34.56 -23.68 6.99
C THR I 110 34.69 -24.53 8.25
N GLY I 111 33.80 -24.35 9.22
CA GLY I 111 33.92 -25.04 10.49
C GLY I 111 34.91 -24.43 11.44
N LEU I 112 35.67 -23.43 11.01
CA LEU I 112 36.67 -22.83 11.87
C LEU I 112 35.98 -22.08 13.01
N PRO I 113 36.54 -22.14 14.21
CA PRO I 113 36.05 -21.26 15.28
C PRO I 113 36.24 -19.81 14.88
N TYR I 114 35.21 -18.99 15.13
CA TYR I 114 35.27 -17.60 14.71
C TYR I 114 34.46 -16.74 15.67
N ILE I 115 34.83 -15.47 15.71
CA ILE I 115 34.12 -14.44 16.45
C ILE I 115 33.37 -13.59 15.44
N PRO I 116 32.03 -13.59 15.45
CA PRO I 116 31.29 -12.83 14.44
C PRO I 116 31.58 -11.33 14.57
N GLY I 117 31.49 -10.65 13.42
CA GLY I 117 31.81 -9.23 13.39
C GLY I 117 30.90 -8.40 14.27
N SER I 118 29.68 -8.86 14.50
CA SER I 118 28.78 -8.14 15.39
C SER I 118 29.30 -8.16 16.83
N SER I 119 29.88 -9.30 17.25
CA SER I 119 30.48 -9.37 18.58
C SER I 119 31.63 -8.39 18.72
N ILE I 120 32.49 -8.31 17.71
CA ILE I 120 33.62 -7.38 17.75
C ILE I 120 33.12 -5.95 17.79
N LYS I 121 32.13 -5.64 16.94
CA LYS I 121 31.59 -4.28 16.91
C LYS I 121 30.98 -3.89 18.26
N GLY I 122 30.20 -4.80 18.86
CA GLY I 122 29.60 -4.49 20.15
C GLY I 122 30.64 -4.36 21.26
N THR I 123 31.65 -5.24 21.25
CA THR I 123 32.69 -5.16 22.27
C THR I 123 33.50 -3.88 22.15
N LEU I 124 33.70 -3.39 20.93
CA LEU I 124 34.41 -2.12 20.76
C LEU I 124 33.52 -0.94 21.13
N ARG I 125 32.23 -1.00 20.79
CA ARG I 125 31.33 0.10 21.11
C ARG I 125 31.06 0.19 22.61
N SER I 126 31.16 -0.93 23.33
CA SER I 126 30.80 -0.93 24.74
C SER I 126 31.64 0.04 25.55
N MET I 127 32.88 0.27 25.15
CA MET I 127 33.73 1.23 25.84
C MET I 127 33.69 2.61 25.24
N PHE I 128 32.81 2.85 24.28
CA PHE I 128 32.52 4.21 23.85
C PHE I 128 31.31 4.74 24.61
N PRO I 129 31.30 6.03 24.94
CA PRO I 129 30.24 6.55 25.82
C PRO I 129 28.83 6.39 25.29
N PHE I 130 28.63 6.57 23.99
CA PHE I 130 27.26 6.58 23.45
C PHE I 130 26.84 5.22 22.92
N SER I 131 27.01 4.19 23.74
CA SER I 131 26.58 2.84 23.40
C SER I 131 25.34 2.40 24.17
N LEU I 132 25.09 3.01 25.32
CA LEU I 132 23.89 2.71 26.10
C LEU I 132 22.74 3.57 25.60
N LYS I 133 21.63 2.94 25.26
CA LYS I 133 20.49 3.66 24.72
C LYS I 133 19.83 4.50 25.81
N ASP I 134 19.43 5.71 25.44
CA ASP I 134 18.67 6.57 26.34
C ASP I 134 17.26 6.01 26.49
N LYS I 135 17.02 5.30 27.58
CA LYS I 135 15.73 4.71 27.87
C LYS I 135 15.31 5.10 29.28
N GLY I 136 14.02 4.91 29.56
CA GLY I 136 13.55 5.13 30.91
C GLY I 136 14.24 4.26 31.93
N SER I 137 14.46 2.99 31.59
CA SER I 137 15.11 2.07 32.50
C SER I 137 16.59 2.43 32.69
N THR I 138 17.27 2.82 31.62
CA THR I 138 18.70 3.09 31.66
C THR I 138 19.02 4.52 32.04
N LYS I 139 18.01 5.33 32.37
CA LYS I 139 18.24 6.74 32.64
C LYS I 139 19.05 6.97 33.91
N ARG I 140 18.93 6.07 34.89
CA ARG I 140 19.62 6.29 36.16
C ARG I 140 21.11 6.02 36.06
N ILE I 141 21.54 5.14 35.15
CA ILE I 141 22.96 4.82 35.00
C ILE I 141 23.59 5.49 33.79
N LEU I 142 22.81 6.23 33.00
CA LEU I 142 23.35 6.86 31.79
C LEU I 142 24.46 7.86 32.06
N PRO I 143 24.36 8.78 33.04
CA PRO I 143 25.39 9.82 33.14
C PRO I 143 26.76 9.29 33.56
N GLU I 144 26.82 8.43 34.58
CA GLU I 144 28.09 7.89 35.02
C GLU I 144 28.74 7.05 33.94
N TYR I 145 27.93 6.24 33.25
CA TYR I 145 28.41 5.43 32.14
C TYR I 145 29.11 6.31 31.10
N ARG I 146 28.43 7.37 30.67
CA ARG I 146 29.00 8.25 29.65
C ARG I 146 30.24 8.96 30.14
N LYS I 147 30.24 9.42 31.40
CA LYS I 147 31.40 10.11 31.93
C LYS I 147 32.64 9.21 31.94
N GLU I 148 32.50 8.02 32.52
CA GLU I 148 33.61 7.08 32.59
C GLU I 148 34.13 6.74 31.20
N ARG I 149 33.22 6.35 30.31
CA ARG I 149 33.65 5.90 28.99
C ARG I 149 34.24 7.04 28.18
N MET I 150 33.74 8.26 28.38
CA MET I 150 34.27 9.40 27.63
C MET I 150 35.67 9.75 28.09
N GLU I 151 35.94 9.70 29.40
CA GLU I 151 37.31 9.91 29.84
C GLU I 151 38.24 8.84 29.30
N TYR I 152 37.81 7.57 29.32
CA TYR I 152 38.63 6.48 28.80
C TYR I 152 38.93 6.70 27.31
N ILE I 153 37.90 7.04 26.54
CA ILE I 153 38.06 7.23 25.10
C ILE I 153 38.94 8.43 24.80
N ARG I 154 38.79 9.50 25.58
CA ARG I 154 39.63 10.68 25.39
C ARG I 154 41.10 10.35 25.60
N ASP I 155 41.40 9.62 26.67
CA ASP I 155 42.78 9.21 26.90
C ASP I 155 43.30 8.34 25.76
N LEU I 156 42.46 7.41 25.28
CA LEU I 156 42.89 6.52 24.21
C LEU I 156 43.15 7.30 22.92
N ILE I 157 42.31 8.27 22.60
CA ILE I 157 42.49 9.04 21.36
C ILE I 157 43.75 9.90 21.45
N ILE I 158 43.98 10.53 22.60
CA ILE I 158 45.19 11.32 22.76
C ILE I 158 46.42 10.44 22.67
N GLU I 159 46.34 9.21 23.19
CA GLU I 159 47.48 8.30 23.15
C GLU I 159 47.76 7.82 21.73
N VAL I 160 46.71 7.48 20.98
CA VAL I 160 46.90 6.85 19.68
C VAL I 160 47.22 7.90 18.61
N THR I 161 46.41 8.95 18.53
CA THR I 161 46.59 9.95 17.49
C THR I 161 47.43 11.10 18.01
N ASN I 162 47.75 12.04 17.12
CA ASN I 162 48.45 13.26 17.50
C ASN I 162 47.49 14.40 17.78
N ILE I 163 46.29 14.08 18.24
CA ILE I 163 45.31 15.07 18.65
C ILE I 163 45.61 15.47 20.10
N ASN I 164 45.63 16.77 20.35
CA ASN I 164 45.97 17.26 21.68
C ASN I 164 44.73 17.46 22.55
N GLU I 165 43.66 18.00 22.00
CA GLU I 165 42.40 18.17 22.72
C GLU I 165 41.26 17.57 21.90
N ILE I 166 40.38 16.84 22.59
CA ILE I 166 39.16 16.33 21.99
C ILE I 166 38.01 16.63 22.93
N SER I 167 36.90 17.11 22.39
CA SER I 167 35.76 17.52 23.18
C SER I 167 34.72 16.40 23.25
N ASP I 168 33.80 16.53 24.20
CA ASP I 168 32.76 15.53 24.36
C ASP I 168 31.88 15.43 23.12
N THR I 169 31.55 16.58 22.51
CA THR I 169 30.79 16.57 21.27
C THR I 169 31.60 15.93 20.15
N GLU I 170 32.90 16.17 20.12
CA GLU I 170 33.76 15.53 19.14
C GLU I 170 33.78 14.01 19.32
N ILE I 171 33.81 13.54 20.57
CA ILE I 171 33.79 12.11 20.83
C ILE I 171 32.46 11.51 20.40
N GLN I 172 31.36 12.22 20.68
CA GLN I 172 30.05 11.76 20.23
C GLN I 172 30.01 11.62 18.72
N ALA I 173 30.47 12.65 18.00
CA ALA I 173 30.46 12.62 16.54
C ALA I 173 31.35 11.51 16.01
N LEU I 174 32.53 11.34 16.59
CA LEU I 174 33.44 10.30 16.12
C LEU I 174 32.86 8.91 16.32
N GLU I 175 32.26 8.66 17.49
CA GLU I 175 31.68 7.35 17.73
C GLU I 175 30.52 7.07 16.79
N TYR I 176 29.65 8.07 16.57
CA TYR I 176 28.52 7.85 15.69
C TYR I 176 28.97 7.70 14.23
N ALA I 177 30.05 8.36 13.84
CA ALA I 177 30.59 8.15 12.50
C ALA I 177 31.18 6.76 12.35
N ILE I 178 31.90 6.28 13.36
CA ILE I 178 32.53 4.96 13.25
C ILE I 178 31.50 3.86 13.22
N PHE I 179 30.54 3.90 14.15
CA PHE I 179 29.68 2.74 14.36
C PHE I 179 28.32 2.84 13.66
N THR I 180 27.83 4.04 13.40
CA THR I 180 26.54 4.23 12.76
C THR I 180 26.64 4.84 11.37
N ASN I 181 27.79 5.43 11.01
CA ASN I 181 27.96 6.16 9.76
C ASN I 181 26.93 7.27 9.62
N SER I 182 26.63 7.94 10.74
CA SER I 182 25.56 8.92 10.78
C SER I 182 25.92 10.02 11.77
N THR I 183 25.12 11.07 11.77
CA THR I 183 25.17 12.14 12.74
C THR I 183 24.56 11.66 14.05
N PRO I 184 25.01 12.17 15.19
CA PRO I 184 24.36 11.82 16.46
C PRO I 184 22.87 12.08 16.49
N SER I 185 22.38 13.01 15.67
CA SER I 185 20.95 13.28 15.62
C SER I 185 20.21 12.21 14.82
N GLY I 186 20.92 11.43 14.02
CA GLY I 186 20.31 10.46 13.12
C GLY I 186 20.42 10.82 11.67
N LYS I 187 20.91 12.01 11.33
CA LYS I 187 21.06 12.42 9.94
C LYS I 187 22.15 11.60 9.27
N THR I 188 22.18 11.69 7.95
CA THR I 188 23.15 10.96 7.14
C THR I 188 24.15 11.93 6.52
N ILE I 189 25.40 11.50 6.45
CA ILE I 189 26.46 12.25 5.79
C ILE I 189 26.74 11.56 4.46
N GLU I 190 26.77 12.33 3.38
CA GLU I 190 27.00 11.73 2.07
C GLU I 190 28.43 11.21 2.03
N PHE I 191 28.57 9.90 2.18
CA PHE I 191 29.85 9.23 2.26
C PHE I 191 30.11 8.46 0.97
N SER I 192 31.38 8.27 0.65
CA SER I 192 31.74 7.43 -0.47
C SER I 192 31.71 5.97 -0.06
N LEU I 193 31.94 5.08 -1.03
CA LEU I 193 31.96 3.65 -0.73
C LEU I 193 33.10 3.30 0.21
N GLU I 194 34.28 3.87 -0.01
CA GLU I 194 35.45 3.53 0.79
C GLU I 194 35.41 4.14 2.18
N GLU I 195 34.40 4.95 2.50
CA GLU I 195 34.32 5.66 3.76
C GLU I 195 33.35 5.00 4.73
N LYS I 196 33.31 3.67 4.75
CA LYS I 196 32.47 2.91 5.65
C LYS I 196 33.35 2.07 6.56
N ASP I 197 33.02 2.03 7.85
CA ASP I 197 33.76 1.26 8.82
C ASP I 197 33.11 -0.11 8.97
N VAL I 198 33.83 -1.15 8.58
CA VAL I 198 33.28 -2.51 8.50
C VAL I 198 34.02 -3.39 9.50
N PHE I 199 33.27 -4.22 10.20
CA PHE I 199 33.82 -5.14 11.20
C PHE I 199 33.56 -6.56 10.73
N TYR I 200 34.57 -7.17 10.11
CA TYR I 200 34.42 -8.53 9.60
C TYR I 200 34.48 -9.53 10.75
N ASP I 201 34.32 -10.80 10.42
CA ASP I 201 34.37 -11.85 11.42
C ASP I 201 35.82 -12.23 11.70
N ALA I 202 36.18 -12.29 12.98
CA ALA I 202 37.51 -12.74 13.37
C ALA I 202 37.60 -14.25 13.25
N PHE I 203 38.78 -14.74 12.91
CA PHE I 203 38.99 -16.16 12.68
C PHE I 203 40.23 -16.64 13.42
N VAL I 204 40.24 -17.92 13.73
CA VAL I 204 41.44 -18.57 14.26
C VAL I 204 42.40 -18.80 13.10
N ALA I 205 43.64 -18.33 13.27
CA ALA I 205 44.61 -18.33 12.18
C ALA I 205 45.75 -19.30 12.37
N ASP I 206 46.22 -19.51 13.61
CA ASP I 206 47.38 -20.33 13.84
C ASP I 206 47.27 -21.00 15.20
N SER I 207 47.46 -22.31 15.24
CA SER I 207 47.57 -23.05 16.48
C SER I 207 49.01 -23.33 16.87
N LYS I 208 49.95 -23.22 15.92
CA LYS I 208 51.37 -23.46 16.12
C LYS I 208 51.64 -24.94 16.38
N ASP I 209 52.13 -25.26 17.57
CA ASP I 209 52.50 -26.63 17.89
C ASP I 209 51.40 -27.40 18.61
N GLY I 210 50.27 -26.77 18.89
CA GLY I 210 49.19 -27.45 19.58
C GLY I 210 47.88 -27.43 18.83
N VAL I 211 46.82 -27.87 19.48
CA VAL I 211 45.49 -27.82 18.89
C VAL I 211 44.87 -26.47 19.17
N MET I 212 43.80 -26.16 18.44
CA MET I 212 43.12 -24.88 18.61
C MET I 212 41.88 -24.96 19.50
N LEU I 213 41.51 -26.15 19.96
CA LEU I 213 40.34 -26.32 20.81
C LEU I 213 40.70 -27.19 22.02
N SER I 214 40.09 -26.88 23.16
CA SER I 214 40.33 -27.61 24.38
C SER I 214 39.05 -27.63 25.21
N ASP I 215 39.07 -28.39 26.30
CA ASP I 215 37.93 -28.51 27.19
C ASP I 215 38.26 -27.88 28.53
N ASP I 216 37.26 -27.23 29.13
CA ASP I 216 37.43 -26.51 30.38
C ASP I 216 36.24 -26.77 31.28
N TYR I 217 36.42 -26.49 32.56
CA TYR I 217 35.43 -26.77 33.59
C TYR I 217 35.06 -25.49 34.34
N ILE I 218 33.77 -25.32 34.60
CA ILE I 218 33.28 -24.42 35.63
C ILE I 218 32.46 -25.25 36.61
N THR I 219 32.80 -25.16 37.89
CA THR I 219 32.11 -25.92 38.93
C THR I 219 31.39 -24.93 39.84
N PRO I 220 30.12 -24.63 39.58
CA PRO I 220 29.37 -23.74 40.46
C PRO I 220 29.01 -24.42 41.77
N HIS I 221 29.70 -24.05 42.84
CA HIS I 221 29.28 -24.45 44.17
C HIS I 221 28.09 -23.60 44.59
N GLY I 222 27.04 -24.25 45.07
CA GLY I 222 25.79 -23.57 45.30
C GLY I 222 25.82 -22.65 46.49
N GLU I 223 24.66 -22.04 46.77
CA GLU I 223 24.51 -21.24 47.97
C GLU I 223 24.58 -22.11 49.22
N ASN I 224 24.17 -23.37 49.11
CA ASN I 224 24.28 -24.30 50.22
C ASN I 224 25.66 -24.94 50.17
N PRO I 225 26.54 -24.68 51.15
CA PRO I 225 27.89 -25.26 51.10
C PRO I 225 27.93 -26.75 51.42
N LEU I 226 26.83 -27.32 51.87
CA LEU I 226 26.78 -28.74 52.24
C LEU I 226 26.30 -29.63 51.10
N LYS I 227 26.07 -29.08 49.92
CA LYS I 227 25.56 -29.86 48.80
C LYS I 227 26.61 -29.93 47.69
N ASP I 228 26.54 -31.00 46.92
CA ASP I 228 27.58 -31.32 45.94
C ASP I 228 27.52 -30.36 44.75
N PRO I 229 28.65 -29.83 44.31
CA PRO I 229 28.65 -28.93 43.14
C PRO I 229 28.47 -29.71 41.85
N LYS I 230 28.05 -29.00 40.81
CA LYS I 230 27.82 -29.59 39.51
C LYS I 230 28.92 -29.19 38.54
N PRO I 231 29.72 -30.12 38.04
CA PRO I 231 30.72 -29.78 37.03
C PRO I 231 30.08 -29.53 35.67
N ILE I 232 30.45 -28.42 35.06
CA ILE I 232 30.03 -28.08 33.71
C ILE I 232 31.26 -28.05 32.81
N LEU I 233 31.19 -28.79 31.71
CA LEU I 233 32.28 -28.92 30.76
C LEU I 233 31.92 -28.17 29.50
N PHE I 234 32.86 -27.37 28.99
CA PHE I 234 32.63 -26.57 27.80
C PHE I 234 33.88 -26.54 26.94
N LEU I 235 33.73 -25.98 25.76
CA LEU I 235 34.78 -25.97 24.74
C LEU I 235 35.35 -24.57 24.62
N LYS I 236 36.68 -24.47 24.62
CA LYS I 236 37.36 -23.19 24.57
C LYS I 236 38.45 -23.23 23.50
N ILE I 237 38.83 -22.05 23.05
CA ILE I 237 39.98 -21.90 22.16
C ILE I 237 41.24 -21.87 23.01
N ARG I 238 42.22 -22.69 22.64
CA ARG I 238 43.40 -22.89 23.48
C ARG I 238 44.20 -21.61 23.64
N PRO I 239 44.91 -21.46 24.75
CA PRO I 239 45.84 -20.34 24.88
C PRO I 239 46.95 -20.41 23.85
N ASP I 240 47.47 -19.25 23.47
CA ASP I 240 48.50 -19.11 22.44
C ASP I 240 47.97 -19.58 21.09
N VAL I 241 46.79 -19.08 20.73
CA VAL I 241 46.19 -19.31 19.42
C VAL I 241 46.02 -17.95 18.76
N THR I 242 46.50 -17.83 17.53
CA THR I 242 46.46 -16.55 16.83
C THR I 242 45.06 -16.28 16.30
N ILE I 243 44.54 -15.09 16.57
CA ILE I 243 43.23 -14.66 16.12
C ILE I 243 43.40 -13.53 15.13
N ASN I 244 42.84 -13.70 13.93
CA ASN I 244 42.94 -12.70 12.88
C ASN I 244 41.71 -11.80 12.93
N PHE I 245 41.91 -10.51 13.20
CA PHE I 245 40.84 -9.53 13.25
C PHE I 245 40.85 -8.72 11.97
N TYR I 246 39.80 -8.85 11.18
CA TYR I 246 39.71 -8.18 9.88
C TYR I 246 38.80 -6.97 9.98
N PHE I 247 39.31 -5.81 9.56
CA PHE I 247 38.55 -4.58 9.56
C PHE I 247 38.67 -3.91 8.20
N LYS I 248 37.70 -3.05 7.90
CA LYS I 248 37.78 -2.12 6.78
C LYS I 248 37.46 -0.74 7.35
N LEU I 249 38.50 0.03 7.65
CA LEU I 249 38.35 1.31 8.31
C LEU I 249 38.81 2.44 7.41
N CYS I 250 38.18 3.58 7.56
CA CYS I 250 38.48 4.77 6.76
C CYS I 250 39.05 5.86 7.65
N THR I 251 39.30 7.02 7.05
CA THR I 251 39.77 8.19 7.76
C THR I 251 38.59 9.08 8.11
N THR I 252 38.49 9.46 9.37
CA THR I 252 37.38 10.28 9.85
C THR I 252 37.86 11.72 10.00
N HIS I 253 37.18 12.63 9.31
CA HIS I 253 37.51 14.04 9.35
C HIS I 253 36.51 14.77 10.23
N LEU I 254 37.02 15.59 11.14
CA LEU I 254 36.19 16.33 12.10
C LEU I 254 36.51 17.81 11.93
N TYR I 255 35.53 18.59 11.50
CA TYR I 255 35.68 20.03 11.35
C TYR I 255 34.59 20.73 12.15
N LYS I 256 35.00 21.52 13.15
CA LYS I 256 34.08 22.24 14.02
C LYS I 256 33.11 21.29 14.72
N GLU I 257 33.66 20.21 15.28
CA GLU I 257 32.94 19.25 16.10
C GLU I 257 31.86 18.50 15.32
N LYS I 258 31.92 18.54 13.99
CA LYS I 258 31.03 17.75 13.14
C LYS I 258 31.88 16.92 12.21
N VAL I 259 31.33 15.78 11.78
CA VAL I 259 32.05 14.85 10.94
C VAL I 259 31.84 15.22 9.48
N CYS I 260 32.93 15.35 8.73
CA CYS I 260 32.89 15.78 7.35
C CYS I 260 33.37 14.66 6.44
N SER I 261 32.83 14.64 5.23
CA SER I 261 33.26 13.72 4.20
C SER I 261 34.56 14.22 3.57
N SER I 262 35.14 13.39 2.68
CA SER I 262 36.42 13.75 2.08
C SER I 262 36.27 14.93 1.13
N LYS I 263 35.28 14.89 0.25
CA LYS I 263 35.06 16.03 -0.64
C LYS I 263 34.65 17.27 0.14
N GLN I 264 33.84 17.07 1.19
CA GLN I 264 33.47 18.17 2.07
C GLN I 264 34.71 18.78 2.72
N ILE I 265 35.62 17.93 3.21
CA ILE I 265 36.76 18.47 3.93
C ILE I 265 37.75 19.13 2.98
N GLU I 266 37.87 18.63 1.74
CA GLU I 266 38.72 19.31 0.77
C GLU I 266 38.14 20.66 0.37
N GLU I 267 36.82 20.73 0.17
CA GLU I 267 36.18 22.01 -0.10
C GLU I 267 36.38 22.97 1.06
N ILE I 268 36.30 22.48 2.29
CA ILE I 268 36.51 23.32 3.46
C ILE I 268 37.96 23.80 3.52
N LYS I 269 38.90 22.93 3.15
CA LYS I 269 40.31 23.32 3.11
C LYS I 269 40.52 24.46 2.11
N LYS I 270 39.91 24.37 0.93
CA LYS I 270 40.11 25.42 -0.06
C LYS I 270 39.46 26.74 0.34
N GLN I 271 38.55 26.72 1.31
CA GLN I 271 37.95 27.97 1.79
C GLN I 271 38.97 28.81 2.55
N ASN I 272 38.83 30.13 2.45
CA ASN I 272 39.75 31.03 3.13
C ASN I 272 39.42 31.17 4.61
N ASP I 273 38.22 30.80 5.04
CA ASP I 273 37.88 30.76 6.46
C ASP I 273 38.15 29.38 7.06
N PHE I 274 39.35 28.88 6.87
CA PHE I 274 39.75 27.56 7.32
C PHE I 274 40.81 27.69 8.40
N SER I 275 40.59 27.01 9.53
CA SER I 275 41.55 26.99 10.61
C SER I 275 41.93 25.55 10.94
N SER I 276 43.21 25.34 11.22
CA SER I 276 43.67 24.03 11.67
C SER I 276 43.30 23.74 13.12
N SER I 277 42.84 24.75 13.86
CA SER I 277 42.47 24.53 15.25
C SER I 277 41.26 23.61 15.38
N ASP I 278 40.28 23.76 14.50
CA ASP I 278 39.05 22.97 14.58
C ASP I 278 38.96 21.90 13.51
N TYR I 279 40.07 21.52 12.90
CA TYR I 279 40.13 20.37 12.00
C TYR I 279 40.89 19.25 12.69
N LYS I 280 40.29 18.06 12.70
CA LYS I 280 40.87 16.90 13.35
C LYS I 280 40.79 15.70 12.42
N MET I 281 41.81 14.84 12.51
CA MET I 281 41.91 13.68 11.63
C MET I 281 42.35 12.48 12.44
N ILE I 282 41.64 11.36 12.27
CA ILE I 282 42.07 10.07 12.79
C ILE I 282 42.04 9.09 11.63
N THR I 283 43.19 8.50 11.33
CA THR I 283 43.32 7.67 10.14
C THR I 283 42.97 6.22 10.44
N ALA I 284 42.91 5.42 9.37
CA ALA I 284 42.57 4.01 9.52
C ALA I 284 43.58 3.29 10.39
N HIS I 285 44.87 3.61 10.23
CA HIS I 285 45.89 3.02 11.08
C HIS I 285 45.68 3.40 12.54
N GLN I 286 45.36 4.66 12.80
CA GLN I 286 45.13 5.09 14.18
C GLN I 286 43.85 4.48 14.74
N LYS I 287 42.80 4.36 13.92
CA LYS I 287 41.59 3.68 14.36
C LYS I 287 41.86 2.22 14.70
N ARG I 288 42.67 1.54 13.89
CA ARG I 288 43.03 0.17 14.16
C ARG I 288 43.83 0.05 15.45
N ASN I 289 44.74 1.00 15.68
CA ASN I 289 45.49 1.00 16.94
C ASN I 289 44.57 1.20 18.14
N LEU I 290 43.60 2.11 18.00
CA LEU I 290 42.63 2.33 19.08
C LEU I 290 41.81 1.06 19.37
N PHE I 291 41.33 0.41 18.31
CA PHE I 291 40.59 -0.84 18.48
C PHE I 291 41.46 -1.91 19.13
N GLU I 292 42.74 -1.97 18.73
CA GLU I 292 43.68 -2.90 19.33
C GLU I 292 43.84 -2.66 20.83
N LYS I 293 43.95 -1.39 21.22
CA LYS I 293 44.08 -1.06 22.63
C LYS I 293 42.82 -1.43 23.41
N ILE I 294 41.64 -1.18 22.83
CA ILE I 294 40.40 -1.57 23.49
C ILE I 294 40.35 -3.08 23.67
N LEU I 295 40.73 -3.83 22.63
CA LEU I 295 40.69 -5.29 22.71
C LEU I 295 41.68 -5.81 23.74
N LEU I 296 42.87 -5.21 23.80
CA LEU I 296 43.85 -5.62 24.79
C LEU I 296 43.43 -5.23 26.21
N CYS I 297 42.56 -4.24 26.34
CA CYS I 297 42.09 -3.86 27.67
C CYS I 297 40.97 -4.77 28.16
N ILE I 298 39.90 -4.93 27.37
CA ILE I 298 38.73 -5.64 27.86
C ILE I 298 38.61 -7.07 27.33
N GLY I 299 39.24 -7.41 26.22
CA GLY I 299 39.10 -8.73 25.66
C GLY I 299 37.79 -8.91 24.93
N ILE I 300 37.57 -10.14 24.45
CA ILE I 300 36.42 -10.45 23.61
C ILE I 300 35.86 -11.80 23.98
N GLY I 301 34.55 -11.96 23.81
CA GLY I 301 33.91 -13.24 24.01
C GLY I 301 33.04 -13.32 25.24
N ALA I 302 32.90 -14.53 25.79
CA ALA I 302 32.06 -14.78 26.95
C ALA I 302 32.92 -14.95 28.19
N LYS I 303 32.32 -14.64 29.34
CA LYS I 303 32.98 -14.75 30.65
C LYS I 303 34.27 -13.95 30.69
N THR I 304 34.25 -12.76 30.09
CA THR I 304 35.42 -11.90 30.10
C THR I 304 35.66 -11.27 31.46
N ASN I 305 34.65 -11.28 32.34
CA ASN I 305 34.87 -10.78 33.69
C ASN I 305 35.75 -11.70 34.52
N ILE I 306 35.89 -12.95 34.12
CA ILE I 306 36.69 -13.93 34.85
C ILE I 306 37.86 -14.43 34.00
N GLY I 307 38.37 -13.62 33.08
CA GLY I 307 39.62 -13.86 32.40
C GLY I 307 39.50 -14.57 31.06
N TYR I 308 38.30 -14.97 30.65
CA TYR I 308 38.15 -15.70 29.40
C TYR I 308 38.08 -14.71 28.25
N GLY I 309 39.01 -14.83 27.30
CA GLY I 309 38.92 -14.03 26.09
C GLY I 309 39.86 -12.84 26.06
N GLN I 310 40.97 -12.93 26.79
CA GLN I 310 41.93 -11.84 26.84
C GLN I 310 43.03 -12.06 25.83
N LEU I 311 43.43 -10.99 25.15
CA LEU I 311 44.28 -11.09 23.97
C LEU I 311 45.62 -10.39 24.21
N LYS I 312 46.62 -10.84 23.46
CA LYS I 312 47.99 -10.37 23.60
C LYS I 312 48.60 -10.14 22.22
N LYS I 313 49.58 -9.25 22.16
CA LYS I 313 50.27 -8.98 20.91
C LYS I 313 51.14 -10.17 20.50
N LEU I 314 51.21 -10.42 19.21
CA LEU I 314 52.03 -11.51 18.69
C LEU I 314 53.49 -11.32 19.05
PG ATP L . -29.94 42.09 -9.18
O1G ATP L . -29.44 41.22 -10.27
O2G ATP L . -28.91 42.39 -8.08
O3G ATP L . -31.23 41.59 -8.53
PB ATP L . -30.22 45.06 -9.35
O1B ATP L . -31.00 45.38 -8.15
O2B ATP L . -28.74 45.42 -9.30
O3B ATP L . -30.33 43.53 -9.75
PA ATP L . -30.79 45.52 -12.22
O1A ATP L . -31.39 44.23 -12.59
O2A ATP L . -29.34 45.69 -12.67
O3A ATP L . -30.82 45.76 -10.65
O5' ATP L . -31.62 46.74 -12.77
C5' ATP L . -31.04 48.05 -12.89
C4' ATP L . -31.07 48.76 -11.55
O4' ATP L . -29.88 49.57 -11.41
C3' ATP L . -32.26 49.70 -11.33
O3' ATP L . -32.76 49.60 -10.00
C2' ATP L . -31.69 51.08 -11.66
O2' ATP L . -32.31 52.08 -10.86
C1' ATP L . -30.23 50.94 -11.27
N9 ATP L . -29.31 51.71 -12.11
C8 ATP L . -28.75 51.29 -13.28
N7 ATP L . -27.97 52.18 -13.85
C5 ATP L . -28.01 53.25 -12.97
C6 ATP L . -27.40 54.52 -12.99
N6 ATP L . -26.58 54.94 -13.95
N1 ATP L . -27.66 55.36 -11.96
C2 ATP L . -28.48 54.95 -10.99
N3 ATP L . -29.12 53.78 -10.87
C4 ATP L . -28.84 52.98 -11.89
N SAM M . -33.67 42.34 -22.37
CA SAM M . -33.98 43.51 -21.58
C SAM M . -33.75 44.81 -22.39
O SAM M . -34.55 45.74 -22.22
OXT SAM M . -32.75 44.80 -23.14
CB SAM M . -33.13 43.56 -20.30
CG SAM M . -32.91 42.24 -19.59
SD SAM M . -31.32 41.47 -20.03
CE SAM M . -30.43 41.49 -18.46
C5' SAM M . -30.51 42.78 -20.98
C4' SAM M . -29.43 43.50 -20.21
O4' SAM M . -28.31 43.72 -21.04
C3' SAM M . -29.86 44.90 -19.76
O3' SAM M . -30.63 44.82 -18.61
C2' SAM M . -28.50 45.60 -19.60
O2' SAM M . -28.04 45.31 -18.32
C1' SAM M . -27.65 44.89 -20.67
N9 SAM M . -27.35 45.72 -21.82
C8 SAM M . -27.96 46.92 -22.06
N7 SAM M . -27.56 47.51 -23.14
C5 SAM M . -26.63 46.65 -23.66
C6 SAM M . -25.85 46.70 -24.82
N6 SAM M . -25.90 47.73 -25.67
N1 SAM M . -25.02 45.68 -25.07
C2 SAM M . -24.98 44.68 -24.22
N3 SAM M . -25.66 44.51 -23.11
C4 SAM M . -26.48 45.52 -22.86
MN MN N . -27.87 44.91 -14.27
#